data_4FDG
#
_entry.id   4FDG
#
_cell.length_a   169.663
_cell.length_b   107.737
_cell.length_c   170.205
_cell.angle_alpha   90.000
_cell.angle_beta   107.890
_cell.angle_gamma   90.000
#
_symmetry.space_group_name_H-M   'P 1 21 1'
#
loop_
_entity.id
_entity.type
_entity.pdbx_description
1 polymer 'Minichromosome maintenance protein MCM'
2 non-polymer 'ZINC ION'
#
_entity_poly.entity_id   1
_entity_poly.type   'polypeptide(L)'
_entity_poly.pdbx_seq_one_letter_code
;HHHHHHMEIPSKQIDYRDVFIEFLTTFKGNNNQNKYIERINELVAYRKKSLIIEFSDVLSFNENLAYEIINNTKIILPIL
EGALYDHILQLDPTYQRDIEKVHVRIVGIPRVIELRKIRSTDIGKLITIDGILVKVTPVKERIYKATYKHIHPDCMQEFE
WPEDEEMPEVLEMPTICPKCGKPGQFRLIPEKTKLIDWQKAVIQERPEEVPSGQLPRQLEIILEDDLVDSARPGDRVKVT
GILDIKQDSPVKRGSRAVFDIYMKVSSIEVSQKVLDEVIISEEDEKKIKDLAKDPWIRDRIISSIAPSIYGHWELKEALA
LALFGGVPKVLEDTRIRGDIHILIIGDPGTAKSQMLQFISRVAPRAVYTTGKGSTAAGLTAAVVREKGTGEYYLEAGALV
LADGGIAVIDEIDKMRDEDRVAIHEAMEQQTVSIAKAGIVAKLNARAAVIAAGNPKFGRYISERPVSDNINLPPTILSRF
DLIFILKDQPGEQDRELANYILDVHSGKSTKNIIDIDTLRKYIAYARKYVTPKITSEAKNLITDFFVEMRKKSSETPDSP
ILITPRQLEALIRISEAYAKMALKAEVTREDAERAINIMRLFLESVGVDMESGKIDIDTIMTGKPKSAREKMMKIIEIID
SLAVSSECAKVKDILKEAQQVGIEKSNIEKLLTDMRKSGIIYEAKPECYKKV
;
_entity_poly.pdbx_strand_id   B,A,C,D,E
#
loop_
_chem_comp.id
_chem_comp.type
_chem_comp.name
_chem_comp.formula
ZN non-polymer 'ZINC ION' 'Zn 2'
#
# COMPACT_ATOMS: atom_id res chain seq x y z
N GLN A 13 41.19 -19.74 -24.66
CA GLN A 13 42.52 -20.22 -25.13
C GLN A 13 43.09 -21.26 -24.16
N ILE A 14 43.62 -20.79 -23.04
CA ILE A 14 44.24 -21.67 -22.05
C ILE A 14 43.18 -22.39 -21.21
N ASP A 15 43.50 -23.61 -20.77
CA ASP A 15 42.48 -24.55 -20.29
C ASP A 15 42.81 -25.05 -18.89
N TYR A 16 41.86 -24.88 -17.97
CA TYR A 16 42.07 -25.22 -16.56
C TYR A 16 41.30 -26.45 -16.11
N ARG A 17 40.70 -27.17 -17.06
CA ARG A 17 40.10 -28.48 -16.77
C ARG A 17 41.11 -29.34 -16.03
N ASP A 18 42.34 -29.35 -16.50
CA ASP A 18 43.44 -30.03 -15.80
C ASP A 18 43.44 -29.67 -14.33
N VAL A 19 43.64 -28.39 -14.03
CA VAL A 19 43.77 -27.95 -12.64
C VAL A 19 42.50 -28.29 -11.87
N PHE A 20 41.36 -28.18 -12.54
CA PHE A 20 40.07 -28.29 -11.89
C PHE A 20 39.85 -29.68 -11.30
N ILE A 21 39.89 -30.69 -12.16
CA ILE A 21 39.65 -32.07 -11.72
C ILE A 21 40.85 -32.59 -10.92
N GLU A 22 42.03 -32.01 -11.16
CA GLU A 22 43.22 -32.36 -10.38
C GLU A 22 43.28 -31.58 -9.06
N PHE A 23 42.26 -30.76 -8.82
CA PHE A 23 42.17 -29.99 -7.58
C PHE A 23 41.10 -30.59 -6.66
N LEU A 24 39.86 -30.59 -7.12
CA LEU A 24 38.74 -31.09 -6.31
C LEU A 24 39.05 -32.48 -5.74
N THR A 25 39.65 -33.33 -6.55
CA THR A 25 39.88 -34.72 -6.16
C THR A 25 41.16 -34.87 -5.35
N THR A 26 42.17 -34.04 -5.65
CA THR A 26 43.49 -34.22 -5.05
C THR A 26 43.73 -33.30 -3.85
N PHE A 27 42.78 -32.41 -3.58
CA PHE A 27 42.95 -31.41 -2.51
C PHE A 27 42.93 -32.07 -1.13
N LYS A 28 43.85 -31.66 -0.26
CA LYS A 28 44.01 -32.26 1.05
C LYS A 28 42.91 -31.78 2.02
N GLY A 29 42.98 -30.51 2.39
CA GLY A 29 41.89 -29.88 3.14
C GLY A 29 42.16 -29.80 4.64
N ASN A 30 41.14 -29.37 5.39
CA ASN A 30 41.26 -29.16 6.83
C ASN A 30 41.86 -30.37 7.54
N ASN A 31 41.19 -31.50 7.43
CA ASN A 31 41.62 -32.72 8.11
C ASN A 31 42.80 -33.39 7.40
N ASN A 32 43.29 -32.74 6.34
CA ASN A 32 44.22 -33.40 5.40
C ASN A 32 43.61 -34.69 4.84
N GLN A 33 42.28 -34.77 4.88
CA GLN A 33 41.55 -35.86 4.28
C GLN A 33 40.77 -35.34 3.08
N ASN A 34 40.79 -36.10 1.99
CA ASN A 34 40.28 -35.61 0.71
C ASN A 34 38.90 -34.99 0.86
N LYS A 35 38.77 -33.74 0.44
CA LYS A 35 37.49 -33.03 0.42
C LYS A 35 37.19 -32.64 -1.02
N TYR A 36 35.99 -32.13 -1.28
CA TYR A 36 35.60 -31.66 -2.62
C TYR A 36 35.33 -32.83 -3.58
N ILE A 37 35.90 -34.00 -3.27
CA ILE A 37 35.36 -35.26 -3.78
C ILE A 37 34.20 -35.72 -2.90
N GLU A 38 34.30 -35.42 -1.60
CA GLU A 38 33.25 -35.79 -0.66
C GLU A 38 32.04 -34.86 -0.80
N ARG A 39 32.29 -33.57 -0.96
CA ARG A 39 31.23 -32.63 -1.32
C ARG A 39 30.55 -33.07 -2.61
N ILE A 40 31.36 -33.47 -3.59
CA ILE A 40 30.84 -34.02 -4.84
C ILE A 40 29.92 -35.21 -4.56
N ASN A 41 30.33 -36.09 -3.65
CA ASN A 41 29.55 -37.29 -3.33
C ASN A 41 28.18 -36.92 -2.75
N GLU A 42 28.17 -36.10 -1.71
CA GLU A 42 26.92 -35.61 -1.12
C GLU A 42 26.04 -34.97 -2.20
N LEU A 43 26.67 -34.21 -3.09
CA LEU A 43 25.95 -33.50 -4.14
C LEU A 43 25.25 -34.49 -5.06
N VAL A 44 26.00 -35.49 -5.54
CA VAL A 44 25.45 -36.47 -6.46
C VAL A 44 24.45 -37.38 -5.74
N ALA A 45 24.60 -37.50 -4.42
CA ALA A 45 23.72 -38.35 -3.62
C ALA A 45 22.37 -37.66 -3.37
N TYR A 46 22.41 -36.36 -3.11
CA TYR A 46 21.22 -35.63 -2.67
C TYR A 46 20.50 -34.92 -3.83
N ARG A 47 21.02 -35.06 -5.04
CA ARG A 47 20.40 -34.47 -6.23
C ARG A 47 20.37 -32.95 -6.16
N LYS A 48 21.40 -32.36 -5.57
CA LYS A 48 21.56 -30.91 -5.53
C LYS A 48 22.52 -30.47 -6.63
N LYS A 49 22.26 -29.30 -7.22
CA LYS A 49 23.21 -28.68 -8.14
C LYS A 49 23.71 -27.36 -7.58
N SER A 50 24.74 -27.44 -6.75
CA SER A 50 25.60 -26.30 -6.45
C SER A 50 26.91 -26.87 -5.96
N LEU A 51 28.02 -26.25 -6.35
CA LEU A 51 29.29 -26.62 -5.78
C LEU A 51 29.90 -25.42 -5.09
N ILE A 52 29.88 -25.44 -3.76
CA ILE A 52 30.41 -24.33 -3.00
C ILE A 52 31.88 -24.60 -2.66
N ILE A 53 32.74 -23.80 -3.26
CA ILE A 53 34.19 -23.92 -3.05
C ILE A 53 34.72 -22.64 -2.41
N GLU A 54 35.56 -22.80 -1.40
CA GLU A 54 36.18 -21.66 -0.72
C GLU A 54 37.32 -21.11 -1.57
N PHE A 55 37.45 -19.79 -1.59
CA PHE A 55 38.51 -19.13 -2.34
C PHE A 55 39.86 -19.26 -1.62
N SER A 56 39.81 -19.33 -0.30
CA SER A 56 41.02 -19.53 0.51
C SER A 56 41.62 -20.92 0.30
N ASP A 57 40.77 -21.88 -0.08
CA ASP A 57 41.25 -23.23 -0.40
C ASP A 57 41.90 -23.27 -1.78
N VAL A 58 41.48 -22.38 -2.67
CA VAL A 58 42.10 -22.26 -3.99
C VAL A 58 43.42 -21.50 -3.90
N LEU A 59 43.45 -20.44 -3.10
CA LEU A 59 44.64 -19.61 -2.97
C LEU A 59 45.74 -20.37 -2.22
N SER A 60 45.34 -21.36 -1.42
CA SER A 60 46.29 -22.25 -0.74
C SER A 60 46.76 -23.38 -1.67
N PHE A 61 46.24 -23.38 -2.90
CA PHE A 61 46.57 -24.42 -3.87
C PHE A 61 47.16 -23.80 -5.15
N ASN A 62 46.37 -22.95 -5.81
CA ASN A 62 46.83 -22.23 -7.01
C ASN A 62 46.34 -20.79 -7.00
N GLU A 63 47.28 -19.85 -7.17
CA GLU A 63 46.95 -18.42 -7.06
C GLU A 63 46.42 -17.86 -8.39
N ASN A 64 47.05 -18.23 -9.50
CA ASN A 64 46.68 -17.69 -10.81
C ASN A 64 45.23 -18.04 -11.15
N LEU A 65 44.77 -19.19 -10.66
CA LEU A 65 43.37 -19.55 -10.74
C LEU A 65 42.49 -18.37 -10.35
N ALA A 66 42.78 -17.81 -9.18
CA ALA A 66 42.04 -16.66 -8.67
C ALA A 66 41.88 -15.58 -9.75
N TYR A 67 42.99 -14.95 -10.11
CA TYR A 67 42.97 -13.79 -11.01
C TYR A 67 42.11 -14.08 -12.23
N GLU A 68 42.37 -15.23 -12.86
CA GLU A 68 41.67 -15.58 -14.09
C GLU A 68 40.17 -15.72 -13.87
N ILE A 69 39.78 -16.35 -12.77
CA ILE A 69 38.37 -16.52 -12.48
C ILE A 69 37.77 -15.16 -12.19
N ILE A 70 38.23 -14.54 -11.11
CA ILE A 70 37.63 -13.33 -10.59
C ILE A 70 37.52 -12.21 -11.64
N ASN A 71 38.55 -12.03 -12.46
CA ASN A 71 38.53 -10.96 -13.46
C ASN A 71 37.91 -11.38 -14.81
N ASN A 72 38.10 -12.63 -15.20
CA ASN A 72 37.48 -13.14 -16.45
C ASN A 72 36.20 -13.95 -16.18
N THR A 73 35.70 -13.88 -14.95
CA THR A 73 34.57 -14.71 -14.50
C THR A 73 33.51 -14.85 -15.58
N LYS A 74 33.19 -13.73 -16.22
CA LYS A 74 32.12 -13.68 -17.20
C LYS A 74 32.16 -14.93 -18.07
N ILE A 75 33.23 -15.09 -18.84
CA ILE A 75 33.33 -16.20 -19.78
C ILE A 75 33.84 -17.48 -19.13
N ILE A 76 34.75 -17.37 -18.16
CA ILE A 76 35.45 -18.56 -17.65
C ILE A 76 34.50 -19.50 -16.91
N LEU A 77 33.60 -18.96 -16.10
CA LEU A 77 32.84 -19.79 -15.16
C LEU A 77 32.00 -20.88 -15.86
N PRO A 78 31.08 -20.48 -16.77
CA PRO A 78 30.27 -21.53 -17.43
C PRO A 78 31.12 -22.66 -18.02
N ILE A 79 32.31 -22.31 -18.52
CA ILE A 79 33.23 -23.32 -19.04
C ILE A 79 33.55 -24.34 -17.96
N LEU A 80 34.00 -23.86 -16.81
CA LEU A 80 34.31 -24.73 -15.68
C LEU A 80 33.08 -25.55 -15.24
N GLU A 81 31.90 -24.94 -15.34
CA GLU A 81 30.65 -25.60 -14.90
C GLU A 81 30.35 -26.83 -15.76
N GLY A 82 30.28 -26.64 -17.08
CA GLY A 82 30.11 -27.76 -18.00
C GLY A 82 31.22 -28.80 -17.85
N ALA A 83 32.45 -28.32 -17.75
CA ALA A 83 33.61 -29.22 -17.57
C ALA A 83 33.47 -30.07 -16.30
N LEU A 84 32.77 -29.55 -15.30
CA LEU A 84 32.50 -30.31 -14.08
C LEU A 84 31.42 -31.37 -14.33
N TYR A 85 30.30 -30.96 -14.93
CA TYR A 85 29.20 -31.88 -15.19
C TYR A 85 29.69 -33.16 -15.86
N ASP A 86 30.66 -33.02 -16.76
CA ASP A 86 31.25 -34.16 -17.43
C ASP A 86 31.80 -35.17 -16.42
N HIS A 87 32.60 -34.68 -15.47
CA HIS A 87 33.13 -35.54 -14.41
C HIS A 87 32.03 -36.11 -13.55
N ILE A 88 30.92 -35.37 -13.43
CA ILE A 88 29.81 -35.79 -12.58
C ILE A 88 28.98 -36.92 -13.22
N LEU A 89 28.84 -36.90 -14.54
CA LEU A 89 28.08 -37.94 -15.23
C LEU A 89 28.77 -39.30 -15.12
N GLN A 90 30.10 -39.29 -15.00
CA GLN A 90 30.86 -40.53 -15.02
C GLN A 90 31.21 -41.03 -13.61
N LEU A 91 30.76 -40.30 -12.59
CA LEU A 91 30.59 -40.88 -11.25
C LEU A 91 29.23 -41.56 -11.12
N ASP A 92 28.19 -40.91 -11.63
CA ASP A 92 26.83 -41.42 -11.54
C ASP A 92 26.05 -41.05 -12.81
N PRO A 93 26.13 -41.89 -13.86
CA PRO A 93 25.53 -41.53 -15.15
C PRO A 93 24.02 -41.28 -15.06
N THR A 94 23.36 -41.85 -14.06
CA THR A 94 21.92 -41.62 -13.86
C THR A 94 21.64 -40.22 -13.30
N TYR A 95 22.69 -39.44 -13.09
CA TYR A 95 22.56 -38.03 -12.75
C TYR A 95 21.94 -37.22 -13.90
N GLN A 96 21.81 -37.86 -15.07
CA GLN A 96 21.10 -37.25 -16.18
C GLN A 96 19.60 -37.19 -15.89
N ARG A 97 18.86 -36.49 -16.75
CA ARG A 97 17.40 -36.37 -16.64
C ARG A 97 16.97 -35.50 -15.45
N ASP A 98 17.76 -35.52 -14.37
CA ASP A 98 17.43 -34.77 -13.17
C ASP A 98 17.95 -33.34 -13.26
N ILE A 99 19.22 -33.21 -13.65
CA ILE A 99 19.88 -31.89 -13.71
C ILE A 99 20.47 -31.68 -15.10
N GLU A 100 20.57 -30.43 -15.53
CA GLU A 100 21.20 -30.09 -16.81
C GLU A 100 22.64 -29.57 -16.61
N LYS A 101 22.79 -28.48 -15.87
CA LYS A 101 24.11 -27.93 -15.56
C LYS A 101 24.22 -27.62 -14.08
N VAL A 102 25.13 -28.30 -13.39
CA VAL A 102 25.44 -27.97 -12.01
C VAL A 102 26.16 -26.64 -11.93
N HIS A 103 26.16 -26.03 -10.75
CA HIS A 103 26.68 -24.67 -10.60
C HIS A 103 27.92 -24.63 -9.75
N VAL A 104 28.84 -23.75 -10.13
CA VAL A 104 30.06 -23.51 -9.37
C VAL A 104 29.98 -22.17 -8.69
N ARG A 105 30.13 -22.15 -7.37
CA ARG A 105 29.98 -20.93 -6.60
C ARG A 105 31.10 -20.74 -5.62
N ILE A 106 31.51 -19.49 -5.45
CA ILE A 106 32.70 -19.17 -4.68
C ILE A 106 32.28 -18.38 -3.44
N VAL A 107 32.81 -18.77 -2.29
CA VAL A 107 32.49 -18.08 -1.03
C VAL A 107 33.72 -17.35 -0.49
N GLY A 108 33.48 -16.19 0.11
CA GLY A 108 34.54 -15.45 0.79
C GLY A 108 35.72 -15.17 -0.12
N ILE A 109 35.49 -14.39 -1.18
CA ILE A 109 36.59 -13.88 -2.00
C ILE A 109 37.14 -12.58 -1.39
N PRO A 110 38.38 -12.21 -1.77
CA PRO A 110 39.05 -11.10 -1.09
C PRO A 110 38.40 -9.74 -1.33
N ARG A 111 37.79 -9.54 -2.50
CA ARG A 111 37.29 -8.20 -2.87
C ARG A 111 35.86 -8.00 -2.36
N VAL A 112 35.74 -7.22 -1.30
CA VAL A 112 34.46 -6.93 -0.68
C VAL A 112 34.23 -5.43 -0.75
N ILE A 113 33.30 -5.00 -1.61
CA ILE A 113 33.13 -3.58 -1.87
C ILE A 113 31.81 -3.10 -1.30
N GLU A 114 31.86 -2.01 -0.52
CA GLU A 114 30.66 -1.44 0.09
C GLU A 114 29.74 -0.89 -0.98
N LEU A 115 28.47 -1.27 -0.94
CA LEU A 115 27.52 -0.89 -1.97
C LEU A 115 27.44 0.63 -2.16
N ARG A 116 27.89 1.37 -1.15
CA ARG A 116 27.89 2.85 -1.23
C ARG A 116 28.85 3.33 -2.31
N LYS A 117 30.11 2.96 -2.19
CA LYS A 117 31.11 3.28 -3.21
C LYS A 117 31.26 2.09 -4.16
N ILE A 118 30.78 2.25 -5.38
CA ILE A 118 30.87 1.19 -6.38
C ILE A 118 31.44 1.75 -7.67
N ARG A 119 32.60 1.26 -8.07
CA ARG A 119 33.20 1.67 -9.34
C ARG A 119 32.29 1.27 -10.48
N SER A 120 32.15 2.16 -11.47
CA SER A 120 31.44 1.84 -12.70
C SER A 120 32.29 0.93 -13.59
N THR A 121 33.54 0.71 -13.18
CA THR A 121 34.44 -0.19 -13.91
C THR A 121 34.35 -1.62 -13.37
N ASP A 122 33.44 -1.84 -12.43
CA ASP A 122 33.32 -3.15 -11.77
C ASP A 122 32.19 -4.01 -12.37
N ILE A 123 31.52 -3.50 -13.41
CA ILE A 123 30.56 -4.31 -14.15
C ILE A 123 31.29 -5.45 -14.86
N GLY A 124 30.76 -6.67 -14.73
CA GLY A 124 31.36 -7.84 -15.37
C GLY A 124 32.47 -8.46 -14.52
N LYS A 125 32.77 -7.84 -13.38
CA LYS A 125 33.79 -8.37 -12.47
C LYS A 125 33.12 -9.05 -11.27
N LEU A 126 33.79 -10.06 -10.72
CA LEU A 126 33.27 -10.78 -9.56
C LEU A 126 33.54 -9.99 -8.30
N ILE A 127 32.49 -9.72 -7.51
CA ILE A 127 32.64 -8.95 -6.27
C ILE A 127 31.78 -9.54 -5.16
N THR A 128 32.05 -9.09 -3.93
CA THR A 128 31.22 -9.42 -2.77
C THR A 128 30.64 -8.12 -2.23
N ILE A 129 29.44 -8.19 -1.64
CA ILE A 129 28.82 -7.01 -1.02
C ILE A 129 28.21 -7.34 0.32
N ASP A 130 28.52 -6.52 1.32
CA ASP A 130 27.85 -6.59 2.61
C ASP A 130 26.61 -5.70 2.57
N GLY A 131 25.53 -6.14 3.22
CA GLY A 131 24.34 -5.31 3.35
C GLY A 131 23.16 -6.03 3.97
N ILE A 132 22.06 -5.31 4.11
CA ILE A 132 20.80 -5.88 4.57
C ILE A 132 19.82 -6.02 3.41
N LEU A 133 18.99 -7.05 3.46
CA LEU A 133 18.12 -7.41 2.36
C LEU A 133 16.67 -7.14 2.75
N VAL A 134 15.98 -6.34 1.96
CA VAL A 134 14.74 -5.70 2.42
C VAL A 134 13.52 -6.14 1.59
N LYS A 135 13.54 -5.88 0.29
CA LYS A 135 12.42 -6.23 -0.59
C LYS A 135 12.74 -7.45 -1.42
N VAL A 136 11.79 -8.36 -1.52
CA VAL A 136 11.96 -9.60 -2.30
C VAL A 136 10.67 -9.96 -3.02
N THR A 137 10.79 -10.31 -4.29
CA THR A 137 9.62 -10.62 -5.09
C THR A 137 9.35 -12.12 -5.03
N PRO A 138 8.18 -12.57 -5.51
CA PRO A 138 7.86 -13.99 -5.44
C PRO A 138 8.65 -14.80 -6.45
N VAL A 139 8.70 -16.12 -6.25
CA VAL A 139 9.29 -17.03 -7.23
C VAL A 139 8.55 -16.91 -8.56
N LYS A 140 9.31 -16.76 -9.63
CA LYS A 140 8.74 -16.75 -10.98
C LYS A 140 9.63 -17.60 -11.88
N GLU A 141 9.20 -17.83 -13.11
CA GLU A 141 10.02 -18.58 -14.06
C GLU A 141 10.44 -17.72 -15.24
N ARG A 142 11.32 -18.27 -16.06
CA ARG A 142 11.75 -17.62 -17.29
C ARG A 142 12.30 -18.69 -18.20
N ILE A 143 12.40 -18.39 -19.49
CA ILE A 143 12.97 -19.34 -20.44
C ILE A 143 14.47 -19.18 -20.51
N TYR A 144 15.18 -20.24 -20.15
CA TYR A 144 16.62 -20.26 -20.23
C TYR A 144 17.05 -20.31 -21.70
N LYS A 145 16.71 -21.42 -22.37
CA LYS A 145 16.90 -21.55 -23.81
C LYS A 145 15.59 -22.01 -24.45
N ALA A 146 15.11 -21.27 -25.44
CA ALA A 146 13.88 -21.62 -26.15
C ALA A 146 14.20 -22.38 -27.42
N THR A 147 13.49 -23.49 -27.64
CA THR A 147 13.71 -24.31 -28.83
C THR A 147 12.57 -24.09 -29.83
N TYR A 148 12.91 -23.68 -31.04
CA TYR A 148 11.91 -23.41 -32.07
C TYR A 148 12.07 -24.37 -33.24
N LYS A 149 10.97 -24.59 -33.96
CA LYS A 149 10.98 -25.39 -35.18
C LYS A 149 10.35 -24.58 -36.31
N HIS A 150 11.01 -24.58 -37.47
CA HIS A 150 10.61 -23.73 -38.59
C HIS A 150 9.69 -24.48 -39.52
N ILE A 151 8.48 -23.93 -39.72
CA ILE A 151 7.49 -24.54 -40.61
C ILE A 151 7.61 -23.97 -42.03
N HIS A 152 8.08 -24.81 -42.95
CA HIS A 152 8.18 -24.45 -44.37
C HIS A 152 8.87 -25.59 -45.09
N PRO A 153 8.76 -25.63 -46.43
CA PRO A 153 9.43 -26.73 -47.15
C PRO A 153 10.95 -26.69 -47.01
N ASP A 154 11.47 -25.52 -46.65
CA ASP A 154 12.91 -25.38 -46.37
C ASP A 154 13.12 -25.11 -44.89
N CYS A 155 12.98 -26.15 -44.08
CA CYS A 155 13.51 -26.15 -42.71
C CYS A 155 13.19 -27.46 -42.01
N MET A 156 11.95 -27.58 -41.52
CA MET A 156 11.51 -28.78 -40.80
C MET A 156 12.58 -29.30 -39.84
N GLN A 157 13.24 -28.38 -39.14
CA GLN A 157 14.22 -28.77 -38.14
C GLN A 157 14.18 -27.85 -36.92
N GLU A 158 14.85 -28.28 -35.84
CA GLU A 158 14.72 -27.62 -34.54
C GLU A 158 16.05 -26.95 -34.19
N PHE A 159 15.97 -25.88 -33.39
CA PHE A 159 17.16 -25.14 -33.00
C PHE A 159 16.92 -24.37 -31.69
N GLU A 160 18.01 -23.96 -31.04
CA GLU A 160 17.93 -23.19 -29.78
C GLU A 160 18.20 -21.72 -30.06
N TRP A 161 17.42 -20.85 -29.42
CA TRP A 161 17.40 -19.44 -29.83
C TRP A 161 18.63 -18.65 -29.38
N PRO A 162 18.95 -18.66 -28.05
CA PRO A 162 20.13 -17.85 -27.64
C PRO A 162 21.47 -18.57 -27.88
N GLU A 163 22.01 -18.43 -29.10
CA GLU A 163 23.25 -19.09 -29.47
C GLU A 163 24.47 -18.39 -28.85
N ASP A 164 25.28 -19.14 -28.12
CA ASP A 164 26.53 -18.63 -27.52
C ASP A 164 26.26 -17.58 -26.44
N GLU A 165 24.98 -17.26 -26.22
CA GLU A 165 24.58 -16.29 -25.22
C GLU A 165 23.30 -16.76 -24.54
N GLU A 166 22.70 -15.91 -23.72
CA GLU A 166 21.45 -16.26 -23.06
C GLU A 166 20.34 -15.30 -23.48
N MET A 167 19.09 -15.75 -23.37
CA MET A 167 17.94 -14.96 -23.78
C MET A 167 17.50 -14.01 -22.67
N PRO A 168 16.78 -12.92 -23.03
CA PRO A 168 16.46 -11.88 -22.05
C PRO A 168 15.09 -12.08 -21.40
N GLU A 169 14.65 -11.09 -20.63
CA GLU A 169 13.33 -11.12 -19.98
C GLU A 169 12.25 -11.38 -21.03
N VAL A 170 12.07 -10.42 -21.92
CA VAL A 170 11.12 -10.57 -23.02
C VAL A 170 11.76 -11.36 -24.14
N LEU A 171 11.06 -12.37 -24.64
CA LEU A 171 11.62 -13.28 -25.62
C LEU A 171 11.52 -12.71 -27.02
N GLU A 172 12.56 -12.94 -27.83
CA GLU A 172 12.57 -12.46 -29.21
C GLU A 172 12.16 -13.58 -30.16
N MET A 173 12.18 -13.28 -31.45
CA MET A 173 11.63 -14.19 -32.45
C MET A 173 12.27 -13.93 -33.81
N PRO A 174 11.88 -14.70 -34.83
CA PRO A 174 12.33 -14.53 -36.21
C PRO A 174 12.21 -13.11 -36.76
N THR A 175 12.84 -12.90 -37.92
CA THR A 175 12.43 -13.61 -39.13
C THR A 175 13.43 -14.72 -39.49
N ILE A 176 14.72 -14.38 -39.62
CA ILE A 176 15.69 -15.29 -40.22
C ILE A 176 16.13 -16.37 -39.23
N CYS A 177 16.31 -17.59 -39.73
CA CYS A 177 16.88 -18.67 -38.95
C CYS A 177 18.04 -19.32 -39.72
N PRO A 178 19.04 -19.85 -38.99
CA PRO A 178 20.22 -20.43 -39.64
C PRO A 178 19.92 -21.71 -40.41
N LYS A 179 19.12 -22.60 -39.83
CA LYS A 179 18.89 -23.94 -40.39
C LYS A 179 18.72 -23.89 -41.92
N CYS A 180 17.53 -23.51 -42.38
CA CYS A 180 17.27 -23.35 -43.80
C CYS A 180 17.96 -22.09 -44.33
N GLY A 181 17.80 -20.98 -43.59
CA GLY A 181 18.35 -19.70 -44.03
C GLY A 181 17.29 -18.73 -44.55
N LYS A 182 16.03 -18.95 -44.15
CA LYS A 182 14.93 -18.10 -44.61
C LYS A 182 14.04 -17.67 -43.46
N PRO A 183 13.19 -16.65 -43.69
CA PRO A 183 12.09 -16.32 -42.78
C PRO A 183 10.90 -17.26 -42.94
N GLY A 184 9.90 -17.11 -42.09
CA GLY A 184 8.68 -17.90 -42.19
C GLY A 184 8.00 -18.14 -40.86
N GLN A 185 7.23 -19.22 -40.78
CA GLN A 185 6.51 -19.60 -39.56
C GLN A 185 7.45 -20.33 -38.59
N PHE A 186 7.35 -20.01 -37.30
CA PHE A 186 8.16 -20.67 -36.27
C PHE A 186 7.28 -21.09 -35.10
N ARG A 187 7.19 -22.39 -34.87
CA ARG A 187 6.45 -22.92 -33.72
C ARG A 187 7.40 -23.19 -32.57
N LEU A 188 7.02 -22.74 -31.38
CA LEU A 188 7.78 -23.05 -30.17
C LEU A 188 7.35 -24.40 -29.62
N ILE A 189 8.31 -25.26 -29.34
CA ILE A 189 8.01 -26.57 -28.77
C ILE A 189 8.53 -26.65 -27.32
N PRO A 190 7.61 -26.56 -26.34
CA PRO A 190 8.05 -26.65 -24.95
C PRO A 190 8.69 -28.01 -24.63
N GLU A 191 8.46 -28.98 -25.48
CA GLU A 191 9.04 -30.31 -25.33
C GLU A 191 10.56 -30.25 -25.09
N LYS A 192 11.25 -29.44 -25.89
CA LYS A 192 12.72 -29.36 -25.80
C LYS A 192 13.21 -28.10 -25.06
N THR A 193 12.29 -27.20 -24.70
CA THR A 193 12.67 -25.90 -24.16
C THR A 193 13.11 -26.01 -22.69
N LYS A 194 14.16 -25.28 -22.34
CA LYS A 194 14.72 -25.33 -21.00
C LYS A 194 14.28 -24.11 -20.20
N LEU A 195 13.83 -24.35 -18.97
CA LEU A 195 13.26 -23.30 -18.12
C LEU A 195 14.13 -23.10 -16.88
N ILE A 196 13.99 -21.93 -16.25
CA ILE A 196 14.79 -21.60 -15.08
C ILE A 196 13.98 -20.81 -14.05
N ASP A 197 14.25 -21.09 -12.77
CA ASP A 197 13.59 -20.38 -11.66
C ASP A 197 14.23 -19.01 -11.44
N TRP A 198 13.47 -18.11 -10.85
CA TRP A 198 13.75 -16.69 -10.98
C TRP A 198 13.24 -15.95 -9.78
N GLN A 199 13.95 -14.88 -9.39
CA GLN A 199 13.53 -14.05 -8.27
C GLN A 199 14.39 -12.80 -8.19
N LYS A 200 13.89 -11.79 -7.49
CA LYS A 200 14.50 -10.47 -7.50
C LYS A 200 14.42 -9.88 -6.10
N ALA A 201 15.51 -9.27 -5.65
CA ALA A 201 15.57 -8.73 -4.28
C ALA A 201 16.25 -7.37 -4.25
N VAL A 202 16.13 -6.68 -3.12
CA VAL A 202 16.68 -5.33 -2.97
C VAL A 202 17.53 -5.29 -1.71
N ILE A 203 18.84 -5.11 -1.88
CA ILE A 203 19.75 -4.97 -0.76
C ILE A 203 19.91 -3.50 -0.40
N GLN A 204 19.52 -3.15 0.82
CA GLN A 204 19.67 -1.79 1.31
C GLN A 204 20.94 -1.69 2.16
N GLU A 205 21.60 -0.54 2.07
CA GLU A 205 22.81 -0.29 2.86
C GLU A 205 22.49 -0.38 4.36
N ARG A 206 23.48 -0.79 5.16
CA ARG A 206 23.26 -1.07 6.57
C ARG A 206 23.03 0.23 7.35
N PRO A 207 22.09 0.23 8.31
CA PRO A 207 21.79 1.45 9.06
C PRO A 207 23.01 2.07 9.75
N GLU A 208 24.05 1.27 9.95
CA GLU A 208 25.31 1.76 10.50
C GLU A 208 26.12 2.49 9.45
N GLU A 209 26.38 1.81 8.33
CA GLU A 209 27.12 2.40 7.20
C GLU A 209 26.56 3.77 6.77
N VAL A 210 25.25 3.95 6.94
CA VAL A 210 24.57 5.16 6.43
C VAL A 210 25.14 6.40 7.13
N PRO A 211 25.77 7.30 6.36
CA PRO A 211 26.13 8.60 6.95
C PRO A 211 24.89 9.39 7.35
N SER A 212 25.03 10.26 8.35
CA SER A 212 23.91 11.05 8.85
C SER A 212 23.20 11.77 7.70
N GLY A 213 23.94 12.09 6.65
CA GLY A 213 23.38 12.75 5.48
C GLY A 213 22.89 11.77 4.43
N GLN A 214 22.14 12.27 3.45
CA GLN A 214 21.65 11.44 2.36
C GLN A 214 20.81 10.27 2.90
N LEU A 215 20.80 9.15 2.17
CA LEU A 215 19.95 8.01 2.52
C LEU A 215 20.70 6.72 2.19
N PRO A 216 20.33 5.61 2.87
CA PRO A 216 20.91 4.33 2.52
C PRO A 216 20.73 3.97 1.04
N ARG A 217 21.84 3.57 0.41
CA ARG A 217 21.82 3.17 -0.99
C ARG A 217 21.14 1.80 -1.14
N GLN A 218 20.68 1.51 -2.35
CA GLN A 218 19.99 0.25 -2.62
C GLN A 218 20.51 -0.42 -3.88
N LEU A 219 20.49 -1.75 -3.91
CA LEU A 219 20.98 -2.51 -5.04
C LEU A 219 20.00 -3.61 -5.42
N GLU A 220 19.62 -3.65 -6.69
CA GLU A 220 18.73 -4.69 -7.19
C GLU A 220 19.54 -5.90 -7.62
N ILE A 221 19.11 -7.08 -7.19
CA ILE A 221 19.85 -8.31 -7.44
C ILE A 221 18.90 -9.40 -7.91
N ILE A 222 19.45 -10.44 -8.54
CA ILE A 222 18.64 -11.49 -9.14
C ILE A 222 19.09 -12.87 -8.64
N LEU A 223 18.18 -13.59 -8.01
CA LEU A 223 18.47 -14.92 -7.48
C LEU A 223 18.00 -15.99 -8.46
N GLU A 224 18.93 -16.82 -8.93
CA GLU A 224 18.64 -17.79 -9.98
C GLU A 224 18.71 -19.22 -9.46
N ASP A 225 17.91 -20.10 -10.05
CA ASP A 225 17.97 -21.52 -9.77
C ASP A 225 17.78 -21.75 -8.24
N ASP A 226 18.66 -22.51 -7.61
CA ASP A 226 18.42 -22.97 -6.24
C ASP A 226 18.66 -21.88 -5.19
N LEU A 227 19.17 -20.72 -5.62
CA LEU A 227 19.34 -19.58 -4.72
C LEU A 227 18.01 -18.95 -4.33
N VAL A 228 16.94 -19.41 -4.96
CA VAL A 228 15.60 -18.89 -4.68
C VAL A 228 15.17 -19.30 -3.27
N ASP A 229 14.61 -18.34 -2.52
CA ASP A 229 14.19 -18.56 -1.13
C ASP A 229 15.36 -19.01 -0.24
N SER A 230 16.58 -18.65 -0.64
CA SER A 230 17.75 -18.82 0.22
C SER A 230 17.85 -17.67 1.23
N ALA A 231 17.53 -16.46 0.76
CA ALA A 231 17.61 -15.26 1.59
C ALA A 231 16.21 -14.71 1.83
N ARG A 232 15.92 -14.35 3.07
CA ARG A 232 14.62 -13.76 3.41
C ARG A 232 14.81 -12.32 3.90
N PRO A 233 13.85 -11.44 3.59
CA PRO A 233 14.04 -10.02 3.90
C PRO A 233 14.14 -9.77 5.41
N GLY A 234 15.03 -8.86 5.80
CA GLY A 234 15.31 -8.62 7.21
C GLY A 234 16.60 -9.30 7.64
N ASP A 235 17.18 -10.11 6.76
CA ASP A 235 18.42 -10.82 7.06
C ASP A 235 19.64 -9.90 6.90
N ARG A 236 20.62 -10.08 7.77
CA ARG A 236 21.95 -9.50 7.58
C ARG A 236 22.75 -10.44 6.69
N VAL A 237 23.05 -10.02 5.47
CA VAL A 237 23.56 -10.94 4.45
C VAL A 237 24.81 -10.40 3.76
N LYS A 238 25.71 -11.32 3.40
CA LYS A 238 26.79 -11.03 2.45
C LYS A 238 26.51 -11.80 1.17
N VAL A 239 26.66 -11.13 0.04
CA VAL A 239 26.46 -11.81 -1.24
C VAL A 239 27.73 -11.74 -2.09
N THR A 240 27.83 -12.65 -3.04
CA THR A 240 28.90 -12.62 -4.02
C THR A 240 28.24 -12.71 -5.38
N GLY A 241 28.52 -11.75 -6.26
CA GLY A 241 27.82 -11.66 -7.53
C GLY A 241 28.68 -11.09 -8.63
N ILE A 242 28.11 -10.98 -9.82
CA ILE A 242 28.75 -10.30 -10.94
C ILE A 242 27.82 -9.22 -11.44
N LEU A 243 28.22 -7.96 -11.31
CA LEU A 243 27.37 -6.86 -11.69
C LEU A 243 27.18 -6.81 -13.20
N ASP A 244 26.10 -6.15 -13.60
CA ASP A 244 25.69 -6.09 -15.01
C ASP A 244 24.73 -4.91 -15.13
N ILE A 245 24.33 -4.59 -16.35
CA ILE A 245 23.25 -3.62 -16.56
C ILE A 245 22.32 -4.11 -17.66
N LYS A 246 21.04 -3.82 -17.52
CA LYS A 246 20.05 -4.21 -18.53
C LYS A 246 19.38 -2.98 -19.13
N GLN A 247 18.80 -2.15 -18.26
CA GLN A 247 17.94 -1.06 -18.69
C GLN A 247 16.83 -1.60 -19.62
N ASP A 248 16.60 -1.00 -20.78
CA ASP A 248 15.60 -1.54 -21.71
C ASP A 248 14.25 -1.51 -20.98
N SER A 249 13.51 -0.43 -21.20
CA SER A 249 14.13 0.90 -21.27
C SER A 249 13.93 1.72 -20.00
N PRO A 250 14.93 2.54 -19.64
CA PRO A 250 14.75 3.48 -18.54
C PRO A 250 13.73 4.56 -18.87
N VAL A 251 12.85 4.84 -17.92
CA VAL A 251 11.84 5.87 -18.07
C VAL A 251 11.84 6.70 -16.78
N LYS A 252 11.05 7.77 -16.74
CA LYS A 252 11.00 8.64 -15.57
C LYS A 252 12.36 9.35 -15.40
N ARG A 253 13.03 9.11 -14.29
CA ARG A 253 14.34 9.74 -14.02
C ARG A 253 15.40 9.38 -15.05
N GLY A 254 16.18 10.40 -15.43
CA GLY A 254 16.81 11.26 -14.45
C GLY A 254 17.90 10.61 -13.62
N SER A 255 17.89 10.89 -12.31
CA SER A 255 18.96 10.46 -11.42
C SER A 255 18.97 8.94 -11.33
N ARG A 256 20.13 8.39 -11.01
CA ARG A 256 21.35 8.93 -11.57
C ARG A 256 22.31 7.82 -12.01
N ALA A 257 22.44 7.64 -13.32
CA ALA A 257 23.58 6.93 -13.88
C ALA A 257 23.86 7.44 -15.33
N VAL A 258 23.23 6.84 -16.35
CA VAL A 258 21.86 6.32 -16.24
C VAL A 258 21.92 4.85 -16.66
N PHE A 259 22.07 3.98 -15.66
CA PHE A 259 22.39 2.57 -15.87
C PHE A 259 21.56 1.84 -14.84
N ASP A 260 20.60 1.05 -15.29
CA ASP A 260 19.96 0.10 -14.41
C ASP A 260 20.99 -0.95 -14.04
N ILE A 261 21.21 -1.14 -12.75
CA ILE A 261 22.20 -2.10 -12.28
C ILE A 261 21.59 -3.48 -12.10
N TYR A 262 22.39 -4.49 -12.41
CA TYR A 262 21.94 -5.86 -12.43
C TYR A 262 23.00 -6.66 -11.72
N MET A 263 22.67 -7.22 -10.56
CA MET A 263 23.57 -8.17 -9.92
C MET A 263 23.06 -9.59 -10.07
N LYS A 264 23.78 -10.39 -10.85
CA LYS A 264 23.47 -11.80 -10.97
C LYS A 264 24.23 -12.57 -9.89
N VAL A 265 23.47 -13.15 -8.96
CA VAL A 265 24.06 -13.64 -7.71
C VAL A 265 24.63 -15.05 -7.90
N SER A 266 25.92 -15.22 -7.61
CA SER A 266 26.50 -16.56 -7.54
C SER A 266 26.23 -17.23 -6.19
N SER A 267 26.41 -16.49 -5.10
CA SER A 267 26.25 -17.07 -3.77
C SER A 267 25.69 -16.07 -2.77
N ILE A 268 24.97 -16.59 -1.76
CA ILE A 268 24.59 -15.77 -0.61
C ILE A 268 24.93 -16.46 0.70
N GLU A 269 25.31 -15.66 1.68
CA GLU A 269 25.75 -16.16 2.97
C GLU A 269 25.09 -15.34 4.08
N VAL A 270 24.33 -16.01 4.94
CA VAL A 270 23.64 -15.33 6.02
C VAL A 270 24.38 -15.55 7.37
N SER A 271 25.58 -16.12 7.29
CA SER A 271 26.28 -16.59 8.49
C SER A 271 26.77 -15.43 9.36
N GLN A 272 26.24 -15.36 10.58
CA GLN A 272 26.78 -14.48 11.64
C GLN A 272 25.88 -14.58 12.89
N LYS A 273 26.35 -14.05 14.02
CA LYS A 273 25.52 -13.92 15.22
C LYS A 273 25.20 -12.46 15.54
N VAL A 274 26.21 -11.71 15.96
CA VAL A 274 26.19 -10.25 15.84
C VAL A 274 27.50 -9.79 15.21
N LEU A 275 27.48 -9.55 13.90
CA LEU A 275 28.67 -9.18 13.17
C LEU A 275 28.77 -7.65 13.10
N ASP A 276 27.78 -6.98 13.69
CA ASP A 276 27.76 -5.52 13.75
C ASP A 276 28.72 -5.02 14.83
N GLU A 277 29.28 -5.94 15.60
CA GLU A 277 30.21 -5.60 16.67
C GLU A 277 31.29 -4.66 16.12
N VAL A 278 31.35 -3.45 16.68
CA VAL A 278 32.17 -2.39 16.09
C VAL A 278 33.66 -2.63 16.35
N ILE A 279 33.97 -3.31 17.46
CA ILE A 279 35.34 -3.71 17.77
C ILE A 279 35.37 -4.47 19.09
N ILE A 280 36.41 -5.29 19.27
CA ILE A 280 36.69 -5.87 20.56
C ILE A 280 38.13 -5.47 20.98
N SER A 281 39.12 -6.13 20.38
CA SER A 281 40.49 -5.60 20.36
C SER A 281 40.92 -5.03 21.73
N GLU A 282 41.40 -3.78 21.74
CA GLU A 282 41.84 -3.15 22.97
C GLU A 282 40.68 -2.96 23.96
N GLU A 283 39.50 -2.68 23.43
CA GLU A 283 38.36 -2.28 24.27
C GLU A 283 37.94 -3.38 25.24
N ASP A 284 38.32 -4.62 24.95
CA ASP A 284 38.08 -5.72 25.87
C ASP A 284 38.66 -5.37 27.25
N GLU A 285 39.85 -4.78 27.25
CA GLU A 285 40.49 -4.36 28.50
C GLU A 285 39.65 -3.29 29.20
N LYS A 286 39.05 -2.39 28.43
CA LYS A 286 38.40 -1.21 29.00
C LYS A 286 37.05 -1.57 29.63
N LYS A 287 36.29 -2.45 28.96
CA LYS A 287 35.00 -2.87 29.49
C LYS A 287 35.16 -3.86 30.64
N ILE A 288 36.29 -4.58 30.64
CA ILE A 288 36.62 -5.44 31.77
C ILE A 288 37.14 -4.62 32.97
N LYS A 289 37.86 -3.53 32.69
CA LYS A 289 38.16 -2.57 33.75
C LYS A 289 36.86 -1.91 34.21
N ASP A 290 35.84 -1.95 33.36
CA ASP A 290 34.54 -1.39 33.69
C ASP A 290 33.64 -2.38 34.44
N LEU A 291 34.00 -3.67 34.44
CA LEU A 291 33.21 -4.67 35.18
C LEU A 291 33.59 -4.69 36.66
N ALA A 292 34.40 -3.72 37.09
CA ALA A 292 34.93 -3.67 38.44
C ALA A 292 33.80 -3.76 39.49
N LYS A 293 34.17 -4.23 40.68
CA LYS A 293 33.20 -4.65 41.69
C LYS A 293 32.27 -3.50 42.14
N ASP A 294 32.68 -2.26 41.87
CA ASP A 294 31.94 -1.10 42.38
C ASP A 294 30.46 -1.21 41.98
N PRO A 295 29.57 -0.48 42.68
CA PRO A 295 28.14 -0.56 42.35
C PRO A 295 27.88 -0.20 40.89
N TRP A 296 28.42 -1.02 39.98
CA TRP A 296 28.45 -0.69 38.58
C TRP A 296 27.07 -0.65 37.99
N ILE A 297 26.14 -1.38 38.60
CA ILE A 297 24.76 -1.40 38.14
C ILE A 297 24.15 -0.01 38.22
N ARG A 298 24.19 0.60 39.40
CA ARG A 298 23.54 1.88 39.63
C ARG A 298 24.15 2.98 38.74
N ASP A 299 25.48 2.98 38.60
CA ASP A 299 26.16 4.01 37.79
C ASP A 299 25.79 3.86 36.32
N ARG A 300 25.87 2.63 35.83
CA ARG A 300 25.48 2.36 34.44
C ARG A 300 24.05 2.83 34.19
N ILE A 301 23.20 2.69 35.20
CA ILE A 301 21.84 3.20 35.12
C ILE A 301 21.83 4.74 35.09
N ILE A 302 22.74 5.36 35.86
CA ILE A 302 22.87 6.82 35.86
C ILE A 302 23.39 7.33 34.52
N SER A 303 24.02 6.47 33.73
CA SER A 303 24.63 6.91 32.48
C SER A 303 23.58 7.17 31.37
N SER A 304 22.65 6.25 31.16
CA SER A 304 21.63 6.42 30.10
C SER A 304 20.69 7.61 30.41
N ILE A 305 20.47 7.85 31.70
CA ILE A 305 19.63 8.96 32.15
C ILE A 305 20.09 10.28 31.53
N ALA A 306 21.36 10.61 31.70
CA ALA A 306 21.85 11.98 31.46
C ALA A 306 21.33 12.52 30.12
N PRO A 307 21.56 13.81 29.88
CA PRO A 307 21.37 14.84 30.90
C PRO A 307 19.90 15.23 31.18
N SER A 308 19.15 14.37 31.87
CA SER A 308 17.85 14.75 32.44
C SER A 308 17.47 13.84 33.61
N ILE A 309 16.97 14.45 34.70
CA ILE A 309 16.43 13.67 35.81
C ILE A 309 14.99 14.11 36.13
N TYR A 310 14.02 13.25 35.80
CA TYR A 310 12.65 13.41 36.30
C TYR A 310 11.99 12.06 36.60
N GLY A 311 11.65 11.84 37.88
CA GLY A 311 10.80 10.72 38.28
C GLY A 311 11.18 9.42 37.60
N HIS A 312 12.46 9.27 37.31
CA HIS A 312 12.92 8.27 36.34
C HIS A 312 13.45 7.02 37.00
N TRP A 313 13.44 6.97 38.33
CA TRP A 313 14.09 5.88 39.07
C TRP A 313 13.68 4.52 38.57
N GLU A 314 12.41 4.38 38.18
CA GLU A 314 11.93 3.13 37.60
C GLU A 314 12.39 2.98 36.16
N LEU A 315 12.25 4.05 35.37
CA LEU A 315 12.46 3.97 33.93
C LEU A 315 13.94 3.81 33.60
N LYS A 316 14.79 4.59 34.25
CA LYS A 316 16.23 4.48 34.04
C LYS A 316 16.63 3.01 34.01
N GLU A 317 16.15 2.26 35.00
CA GLU A 317 16.34 0.81 35.03
C GLU A 317 15.77 0.22 33.74
N ALA A 318 14.44 0.29 33.61
CA ALA A 318 13.72 -0.47 32.57
C ALA A 318 14.38 -0.37 31.20
N LEU A 319 14.92 0.80 30.88
CA LEU A 319 15.66 0.98 29.63
C LEU A 319 17.00 0.25 29.68
N ALA A 320 17.78 0.52 30.74
CA ALA A 320 19.04 -0.18 30.95
C ALA A 320 18.84 -1.69 30.77
N LEU A 321 17.76 -2.19 31.35
CA LEU A 321 17.38 -3.59 31.25
C LEU A 321 17.01 -3.97 29.81
N ALA A 322 16.16 -3.17 29.19
CA ALA A 322 15.67 -3.45 27.83
C ALA A 322 16.82 -3.59 26.84
N LEU A 323 17.89 -2.80 27.04
CA LEU A 323 19.04 -2.81 26.15
C LEU A 323 19.79 -4.15 26.17
N PHE A 324 19.49 -4.99 27.16
CA PHE A 324 20.26 -6.22 27.39
C PHE A 324 19.47 -7.49 26.99
N GLY A 325 20.07 -8.66 27.22
CA GLY A 325 19.77 -9.86 26.43
C GLY A 325 18.84 -10.83 27.15
N GLY A 326 19.21 -12.12 27.12
CA GLY A 326 18.42 -13.18 27.76
C GLY A 326 17.43 -13.88 26.84
N VAL A 327 17.94 -14.80 26.02
CA VAL A 327 17.15 -15.44 24.98
C VAL A 327 17.34 -16.96 25.01
N PRO A 328 16.53 -17.67 25.83
CA PRO A 328 16.49 -19.14 25.75
C PRO A 328 15.74 -19.64 24.52
N LYS A 329 16.38 -20.51 23.76
CA LYS A 329 15.77 -21.06 22.54
C LYS A 329 15.69 -22.58 22.62
N VAL A 330 14.47 -23.11 22.61
CA VAL A 330 14.25 -24.55 22.73
C VAL A 330 13.55 -25.08 21.46
N LEU A 331 14.04 -26.19 20.95
CA LEU A 331 13.57 -26.71 19.65
C LEU A 331 12.11 -27.16 19.73
N GLU A 332 11.60 -27.32 20.95
CA GLU A 332 10.20 -27.60 21.17
C GLU A 332 9.48 -26.30 21.58
N ASP A 333 8.75 -25.70 20.64
CA ASP A 333 8.00 -24.47 20.91
C ASP A 333 8.90 -23.38 21.48
N THR A 334 9.71 -22.77 20.63
CA THR A 334 10.64 -21.72 21.08
C THR A 334 9.92 -20.65 21.87
N ARG A 335 10.42 -20.38 23.07
CA ARG A 335 9.86 -19.35 23.94
C ARG A 335 10.97 -18.40 24.36
N ILE A 336 10.85 -17.14 23.94
CA ILE A 336 11.81 -16.13 24.32
C ILE A 336 11.07 -14.90 24.85
N ARG A 337 10.42 -14.16 23.95
CA ARG A 337 9.87 -12.85 24.26
C ARG A 337 10.76 -12.11 25.26
N GLY A 338 12.06 -12.34 25.15
CA GLY A 338 13.04 -11.64 25.96
C GLY A 338 13.28 -10.27 25.34
N ASP A 339 14.43 -9.70 25.62
CA ASP A 339 14.76 -8.40 25.06
C ASP A 339 13.62 -7.42 25.38
N ILE A 340 13.55 -7.02 26.64
CA ILE A 340 12.30 -6.64 27.29
C ILE A 340 11.63 -5.46 26.56
N HIS A 341 10.33 -5.60 26.26
CA HIS A 341 9.59 -4.53 25.55
C HIS A 341 8.94 -3.61 26.54
N ILE A 342 9.37 -2.35 26.53
CA ILE A 342 8.83 -1.35 27.47
C ILE A 342 8.13 -0.22 26.71
N LEU A 343 7.09 0.34 27.31
CA LEU A 343 6.31 1.41 26.67
C LEU A 343 6.07 2.56 27.64
N ILE A 344 6.46 3.77 27.22
CA ILE A 344 6.25 4.96 28.01
C ILE A 344 5.27 5.91 27.32
N ILE A 345 4.03 5.94 27.81
CA ILE A 345 3.03 6.85 27.26
C ILE A 345 2.89 8.08 28.15
N GLY A 346 3.07 9.25 27.55
CA GLY A 346 3.03 10.50 28.29
C GLY A 346 2.52 11.61 27.42
N ASP A 347 2.14 12.72 28.02
CA ASP A 347 1.62 13.86 27.27
C ASP A 347 2.74 14.43 26.39
N PRO A 348 2.42 15.38 25.51
CA PRO A 348 3.48 15.96 24.69
C PRO A 348 4.67 16.39 25.54
N GLY A 349 5.88 16.01 25.12
CA GLY A 349 7.07 16.21 25.95
C GLY A 349 6.93 17.52 26.71
N THR A 350 7.54 17.57 27.90
CA THR A 350 7.41 16.52 28.94
C THR A 350 8.64 15.62 28.82
N ALA A 351 9.48 15.92 27.82
CA ALA A 351 10.81 15.32 27.66
C ALA A 351 10.71 13.86 27.21
N LYS A 352 9.63 13.18 27.59
CA LYS A 352 9.18 11.96 26.91
C LYS A 352 10.36 11.14 26.39
N SER A 353 10.23 10.66 25.15
CA SER A 353 11.30 9.91 24.50
C SER A 353 12.10 10.80 23.56
N GLN A 354 11.69 12.06 23.42
CA GLN A 354 12.45 13.02 22.64
C GLN A 354 13.88 13.12 23.15
N MET A 355 14.11 12.67 24.39
CA MET A 355 15.45 12.57 24.94
C MET A 355 15.85 11.10 25.10
N LEU A 356 15.06 10.35 25.86
CA LEU A 356 15.42 8.99 26.23
C LEU A 356 15.53 8.08 25.01
N GLN A 357 14.64 8.27 24.04
CA GLN A 357 14.76 7.57 22.76
C GLN A 357 16.07 7.90 22.06
N PHE A 358 16.47 9.17 22.11
CA PHE A 358 17.74 9.60 21.51
C PHE A 358 18.94 8.93 22.19
N ILE A 359 18.83 8.71 23.49
CA ILE A 359 19.86 7.97 24.25
C ILE A 359 19.80 6.47 23.89
N SER A 360 18.62 5.99 23.55
CA SER A 360 18.46 4.61 23.08
C SER A 360 18.69 4.51 21.57
N ARG A 361 19.09 5.63 20.97
CA ARG A 361 19.68 5.63 19.65
C ARG A 361 21.17 5.35 19.69
N VAL A 362 21.75 5.36 20.89
CA VAL A 362 23.12 4.93 21.06
C VAL A 362 23.16 3.53 21.64
N ALA A 363 23.43 2.58 20.76
CA ALA A 363 23.11 1.16 20.96
C ALA A 363 23.49 0.48 19.64
N PRO A 364 23.66 -0.84 19.66
CA PRO A 364 23.92 -1.53 18.42
C PRO A 364 22.60 -1.87 17.73
N ARG A 365 22.68 -2.18 16.43
CA ARG A 365 21.50 -2.59 15.67
C ARG A 365 20.23 -1.94 16.24
N ALA A 366 20.13 -0.62 16.06
CA ALA A 366 19.01 0.14 16.59
C ALA A 366 18.23 0.76 15.44
N VAL A 367 16.94 0.46 15.36
CA VAL A 367 16.07 1.02 14.34
C VAL A 367 15.17 2.06 14.98
N TYR A 368 15.37 3.32 14.60
CA TYR A 368 14.46 4.39 15.02
C TYR A 368 13.47 4.69 13.93
N THR A 369 12.21 4.35 14.18
CA THR A 369 11.14 4.65 13.23
C THR A 369 10.23 5.72 13.81
N THR A 370 10.31 6.92 13.23
CA THR A 370 9.65 8.09 13.81
C THR A 370 8.19 8.14 13.35
N GLY A 371 7.28 7.94 14.29
CA GLY A 371 5.86 7.84 13.97
C GLY A 371 5.43 6.41 13.75
N LYS A 372 4.22 6.24 13.22
CA LYS A 372 3.63 4.92 12.97
C LYS A 372 4.62 3.94 12.36
N GLY A 373 5.03 4.24 11.14
CA GLY A 373 6.01 3.43 10.43
C GLY A 373 6.36 4.09 9.11
N SER A 374 7.60 3.90 8.68
CA SER A 374 8.05 4.44 7.40
C SER A 374 8.03 3.34 6.34
N THR A 375 8.34 3.70 5.10
CA THR A 375 8.55 2.72 4.03
C THR A 375 7.30 1.86 3.75
N ALA A 376 6.12 2.42 4.00
CA ALA A 376 4.85 1.82 3.55
C ALA A 376 4.57 0.45 4.21
N ALA A 377 5.48 -0.01 5.07
CA ALA A 377 5.22 -1.18 5.92
C ALA A 377 5.01 -0.76 7.37
N GLY A 378 6.09 -0.42 8.06
CA GLY A 378 6.03 0.04 9.45
C GLY A 378 6.11 -1.09 10.46
N LEU A 379 5.61 -2.25 10.06
CA LEU A 379 5.96 -3.51 10.72
C LEU A 379 6.29 -4.55 9.65
N THR A 380 5.37 -4.74 8.71
CA THR A 380 5.59 -5.65 7.57
C THR A 380 4.37 -5.66 6.64
N ALA A 381 4.57 -6.01 5.36
CA ALA A 381 3.46 -6.12 4.39
C ALA A 381 3.95 -6.46 2.97
N ALA A 382 3.01 -6.70 2.06
CA ALA A 382 3.32 -6.86 0.63
C ALA A 382 2.76 -5.67 -0.18
N VAL A 383 3.47 -5.30 -1.26
CA VAL A 383 3.24 -3.99 -1.92
C VAL A 383 2.82 -4.16 -3.40
N VAL A 384 2.17 -3.14 -3.94
CA VAL A 384 1.67 -3.16 -5.33
C VAL A 384 2.64 -2.38 -6.25
N ARG A 385 2.41 -2.47 -7.56
CA ARG A 385 3.06 -1.58 -8.54
C ARG A 385 4.53 -1.34 -8.16
N GLU A 386 4.96 -0.09 -8.14
CA GLU A 386 6.28 0.27 -7.60
C GLU A 386 7.40 -0.52 -8.28
N LYS A 387 7.71 -0.13 -9.51
CA LYS A 387 8.75 -0.80 -10.32
C LYS A 387 8.40 -2.26 -10.65
N GLY A 388 7.14 -2.49 -10.96
CA GLY A 388 6.45 -1.69 -11.96
C GLY A 388 5.63 -2.57 -12.87
N THR A 389 4.62 -1.98 -13.50
CA THR A 389 3.70 -2.76 -14.35
C THR A 389 2.86 -3.73 -13.50
N GLY A 390 3.09 -3.73 -12.18
CA GLY A 390 2.40 -4.67 -11.30
C GLY A 390 3.29 -5.72 -10.65
N GLU A 391 4.61 -5.52 -10.69
CA GLU A 391 5.54 -6.35 -9.92
C GLU A 391 5.12 -6.36 -8.45
N TYR A 392 4.98 -7.55 -7.89
CA TYR A 392 4.66 -7.68 -6.47
C TYR A 392 5.93 -7.92 -5.66
N TYR A 393 6.22 -7.02 -4.72
CA TYR A 393 7.31 -7.22 -3.78
C TYR A 393 6.74 -7.57 -2.42
N LEU A 394 7.54 -8.26 -1.62
CA LEU A 394 7.28 -8.42 -0.20
C LEU A 394 8.34 -7.66 0.57
N GLU A 395 7.92 -6.68 1.35
CA GLU A 395 8.86 -5.81 2.03
C GLU A 395 8.38 -5.55 3.46
N ALA A 396 9.29 -5.70 4.42
CA ALA A 396 9.05 -5.24 5.79
C ALA A 396 10.23 -4.38 6.23
N GLY A 397 9.97 -3.09 6.41
CA GLY A 397 11.04 -2.10 6.52
C GLY A 397 11.24 -1.55 7.91
N ALA A 398 10.56 -2.13 8.91
CA ALA A 398 10.58 -1.54 10.26
C ALA A 398 11.07 -2.53 11.31
N LEU A 399 10.20 -3.41 11.79
CA LEU A 399 10.45 -4.12 13.04
C LEU A 399 11.27 -5.40 12.83
N VAL A 400 11.29 -5.91 11.60
CA VAL A 400 12.07 -7.11 11.27
C VAL A 400 13.45 -6.72 10.72
N LEU A 401 13.65 -5.42 10.49
CA LEU A 401 14.99 -4.89 10.23
C LEU A 401 15.78 -4.73 11.54
N ALA A 402 15.07 -4.73 12.67
CA ALA A 402 15.72 -4.60 13.98
C ALA A 402 16.07 -5.97 14.56
N ASP A 403 15.94 -7.01 13.74
CA ASP A 403 16.24 -8.38 14.16
C ASP A 403 17.58 -8.41 14.89
N GLY A 404 17.59 -8.98 16.10
CA GLY A 404 18.77 -8.94 16.95
C GLY A 404 19.19 -7.52 17.29
N GLY A 405 18.24 -6.72 17.74
CA GLY A 405 18.49 -5.32 18.05
C GLY A 405 17.26 -4.66 18.64
N ILE A 406 17.33 -3.35 18.83
CA ILE A 406 16.20 -2.61 19.40
C ILE A 406 15.53 -1.75 18.34
N ALA A 407 14.22 -1.87 18.23
CA ALA A 407 13.41 -0.98 17.41
C ALA A 407 12.77 0.07 18.29
N VAL A 408 13.28 1.30 18.23
CA VAL A 408 12.72 2.37 19.04
C VAL A 408 11.61 3.06 18.25
N ILE A 409 10.38 2.86 18.69
CA ILE A 409 9.22 3.39 17.99
C ILE A 409 8.60 4.51 18.82
N ASP A 410 8.59 5.72 18.25
CA ASP A 410 7.96 6.86 18.90
C ASP A 410 6.59 7.10 18.29
N GLU A 411 5.63 7.52 19.12
CA GLU A 411 4.28 7.81 18.64
C GLU A 411 3.64 6.55 18.07
N ILE A 412 3.41 5.57 18.95
CA ILE A 412 2.60 4.41 18.63
C ILE A 412 1.16 4.84 18.34
N ASP A 413 0.77 5.97 18.93
CA ASP A 413 -0.58 6.50 18.78
C ASP A 413 -1.04 6.42 17.33
N LYS A 414 -0.14 6.73 16.40
CA LYS A 414 -0.50 6.92 15.01
C LYS A 414 -0.42 5.61 14.21
N MET A 415 -0.15 4.50 14.89
CA MET A 415 0.10 3.24 14.23
C MET A 415 -1.00 2.91 13.22
N ARG A 416 -0.61 2.30 12.11
CA ARG A 416 -1.55 1.95 11.04
C ARG A 416 -2.62 1.00 11.57
N ASP A 417 -3.85 1.19 11.10
CA ASP A 417 -4.98 0.37 11.54
C ASP A 417 -4.74 -1.11 11.21
N GLU A 418 -4.09 -1.36 10.06
CA GLU A 418 -3.89 -2.73 9.61
C GLU A 418 -2.80 -3.46 10.41
N ASP A 419 -1.90 -2.70 11.02
CA ASP A 419 -0.69 -3.29 11.60
C ASP A 419 -0.89 -3.80 13.02
N ARG A 420 -1.90 -3.29 13.73
CA ARG A 420 -2.08 -3.68 15.13
C ARG A 420 -2.42 -5.17 15.28
N VAL A 421 -2.78 -5.82 14.17
CA VAL A 421 -3.01 -7.26 14.17
C VAL A 421 -1.72 -8.06 13.85
N ALA A 422 -0.72 -7.35 13.32
CA ALA A 422 0.57 -7.99 13.04
C ALA A 422 1.45 -8.10 14.29
N ILE A 423 1.36 -7.10 15.17
CA ILE A 423 2.26 -7.05 16.34
C ILE A 423 1.93 -8.16 17.35
N HIS A 424 0.66 -8.56 17.41
CA HIS A 424 0.28 -9.71 18.23
C HIS A 424 1.22 -10.86 17.98
N GLU A 425 1.69 -10.98 16.74
CA GLU A 425 2.61 -12.06 16.36
C GLU A 425 4.06 -11.67 16.62
N ALA A 426 4.51 -10.58 15.98
CA ALA A 426 5.93 -10.21 15.97
C ALA A 426 6.47 -9.82 17.34
N MET A 427 5.56 -9.62 18.31
CA MET A 427 5.99 -9.34 19.69
C MET A 427 5.78 -10.56 20.61
N GLU A 428 5.27 -11.66 20.06
CA GLU A 428 4.94 -12.85 20.86
C GLU A 428 6.03 -13.92 20.72
N GLN A 429 6.09 -14.56 19.55
CA GLN A 429 7.18 -15.50 19.25
C GLN A 429 8.27 -14.80 18.42
N GLN A 430 8.09 -13.51 18.18
CA GLN A 430 9.04 -12.70 17.42
C GLN A 430 9.13 -13.14 15.94
N THR A 431 8.04 -13.71 15.43
CA THR A 431 7.91 -13.97 13.99
C THR A 431 6.71 -13.24 13.41
N VAL A 432 6.78 -12.98 12.10
CA VAL A 432 5.65 -12.44 11.37
C VAL A 432 5.14 -13.49 10.39
N SER A 433 3.95 -14.00 10.64
CA SER A 433 3.27 -14.83 9.66
C SER A 433 2.69 -13.95 8.56
N ILE A 434 3.07 -14.23 7.31
CA ILE A 434 2.55 -13.48 6.18
C ILE A 434 2.10 -14.44 5.07
N ALA A 435 0.81 -14.36 4.73
CA ALA A 435 0.31 -14.92 3.48
C ALA A 435 -0.59 -13.90 2.78
N LYS A 436 -0.08 -13.26 1.73
CA LYS A 436 -0.89 -12.43 0.84
C LYS A 436 -1.09 -13.10 -0.52
N ALA A 437 -0.72 -14.38 -0.60
CA ALA A 437 -0.80 -15.14 -1.86
C ALA A 437 0.34 -14.78 -2.83
N GLY A 438 1.09 -13.72 -2.52
CA GLY A 438 2.38 -13.50 -3.15
C GLY A 438 3.39 -14.54 -2.66
N ILE A 439 3.27 -14.92 -1.40
CA ILE A 439 4.13 -15.92 -0.79
C ILE A 439 3.64 -16.16 0.63
N VAL A 440 4.03 -17.28 1.22
CA VAL A 440 3.80 -17.51 2.65
C VAL A 440 5.14 -17.65 3.36
N ALA A 441 5.46 -16.67 4.21
CA ALA A 441 6.76 -16.64 4.87
C ALA A 441 6.62 -16.30 6.35
N LYS A 442 7.53 -16.82 7.15
CA LYS A 442 7.69 -16.37 8.53
C LYS A 442 8.91 -15.47 8.63
N LEU A 443 8.68 -14.18 8.83
CA LEU A 443 9.78 -13.23 9.01
C LEU A 443 10.28 -13.26 10.45
N ASN A 444 11.60 -13.11 10.60
CA ASN A 444 12.22 -13.17 11.91
C ASN A 444 12.49 -11.77 12.44
N ALA A 445 11.65 -11.31 13.37
CA ALA A 445 11.92 -10.08 14.11
C ALA A 445 12.09 -10.38 15.60
N ARG A 446 13.34 -10.57 16.02
CA ARG A 446 13.66 -10.87 17.42
C ARG A 446 13.84 -9.57 18.21
N ALA A 447 13.55 -8.44 17.55
CA ALA A 447 13.86 -7.12 18.10
C ALA A 447 13.12 -6.85 19.42
N ALA A 448 13.81 -6.16 20.33
CA ALA A 448 13.16 -5.55 21.49
C ALA A 448 12.46 -4.27 21.04
N VAL A 449 11.28 -4.01 21.59
CA VAL A 449 10.55 -2.80 21.25
C VAL A 449 10.52 -1.86 22.44
N ILE A 450 11.12 -0.68 22.27
CA ILE A 450 10.92 0.41 23.20
C ILE A 450 10.02 1.46 22.55
N ALA A 451 8.83 1.63 23.13
CA ALA A 451 7.76 2.36 22.48
C ALA A 451 7.42 3.64 23.24
N ALA A 452 6.68 4.53 22.58
CA ALA A 452 6.16 5.73 23.22
C ALA A 452 4.85 6.08 22.52
N GLY A 453 3.98 6.82 23.20
CA GLY A 453 2.71 7.22 22.60
C GLY A 453 2.05 8.35 23.35
N ASN A 454 1.23 9.13 22.64
CA ASN A 454 0.47 10.20 23.28
C ASN A 454 -0.82 9.64 23.86
N PRO A 455 -1.37 10.30 24.88
CA PRO A 455 -2.66 9.91 25.41
C PRO A 455 -3.79 10.63 24.69
N LYS A 456 -5.04 10.27 25.00
CA LYS A 456 -6.17 10.76 24.22
C LYS A 456 -6.27 12.30 24.25
N PHE A 457 -6.45 12.88 25.45
CA PHE A 457 -6.45 14.33 25.61
C PHE A 457 -5.43 14.74 26.66
N GLY A 458 -4.34 15.35 26.21
CA GLY A 458 -3.27 15.79 27.11
C GLY A 458 -2.89 14.71 28.12
N ARG A 459 -2.76 15.11 29.37
CA ARG A 459 -2.35 14.19 30.45
C ARG A 459 -3.59 13.60 31.14
N TYR A 460 -3.96 12.38 30.79
CA TYR A 460 -5.22 11.80 31.29
C TYR A 460 -5.02 10.62 32.26
N ILE A 461 -3.78 10.22 32.49
CA ILE A 461 -3.51 8.87 33.01
C ILE A 461 -3.48 8.81 34.55
N SER A 462 -3.85 9.90 35.20
CA SER A 462 -3.97 9.91 36.67
C SER A 462 -5.20 9.13 37.12
N GLU A 463 -6.38 9.67 36.87
CA GLU A 463 -7.62 9.05 37.35
C GLU A 463 -8.06 7.89 36.45
N ARG A 464 -8.23 8.17 35.16
CA ARG A 464 -8.64 7.14 34.21
C ARG A 464 -7.64 5.99 34.21
N PRO A 465 -8.13 4.74 34.02
CA PRO A 465 -7.19 3.61 33.92
C PRO A 465 -6.17 3.82 32.82
N VAL A 466 -5.01 3.19 32.96
CA VAL A 466 -3.93 3.37 31.98
C VAL A 466 -4.27 2.71 30.65
N SER A 467 -5.32 1.89 30.64
CA SER A 467 -5.90 1.41 29.39
C SER A 467 -6.84 2.48 28.81
N ASP A 468 -7.26 2.27 27.56
CA ASP A 468 -8.17 3.21 26.88
C ASP A 468 -7.54 4.61 26.68
N ASN A 469 -6.38 4.84 27.27
CA ASN A 469 -5.66 6.12 27.14
C ASN A 469 -4.84 6.19 25.85
N ILE A 470 -4.37 5.03 25.43
CA ILE A 470 -3.43 4.93 24.31
C ILE A 470 -4.17 4.67 22.99
N ASN A 471 -5.49 4.81 23.03
CA ASN A 471 -6.32 4.63 21.83
C ASN A 471 -6.18 3.21 21.25
N LEU A 472 -5.50 3.08 20.10
CA LEU A 472 -5.59 1.86 19.28
C LEU A 472 -5.62 0.58 20.13
N PRO A 473 -4.54 0.31 20.89
CA PRO A 473 -4.43 -1.01 21.57
C PRO A 473 -5.38 -1.16 22.76
N PRO A 474 -6.20 -2.22 22.75
CA PRO A 474 -6.76 -2.74 24.00
C PRO A 474 -5.86 -3.78 24.67
N THR A 475 -5.20 -4.59 23.85
CA THR A 475 -4.50 -5.79 24.34
C THR A 475 -2.99 -5.65 24.23
N ILE A 476 -2.54 -5.10 23.10
CA ILE A 476 -1.11 -5.09 22.76
C ILE A 476 -0.29 -4.71 23.99
N LEU A 477 -0.90 -3.90 24.85
CA LEU A 477 -0.30 -3.55 26.14
C LEU A 477 0.13 -4.79 26.92
N SER A 478 -0.76 -5.80 27.00
CA SER A 478 -0.43 -7.06 27.66
C SER A 478 0.86 -7.65 27.08
N ARG A 479 1.16 -7.31 25.83
CA ARG A 479 2.36 -7.80 25.16
C ARG A 479 3.59 -6.92 25.47
N PHE A 480 3.39 -5.90 26.30
CA PHE A 480 4.52 -5.17 26.89
C PHE A 480 4.83 -5.71 28.27
N ASP A 481 6.08 -5.56 28.68
CA ASP A 481 6.52 -6.04 29.98
C ASP A 481 6.47 -4.92 31.03
N LEU A 482 7.16 -3.82 30.75
CA LEU A 482 7.15 -2.66 31.64
C LEU A 482 6.58 -1.44 30.93
N ILE A 483 5.40 -1.01 31.36
CA ILE A 483 4.78 0.21 30.84
C ILE A 483 4.79 1.29 31.92
N PHE A 484 5.35 2.45 31.59
CA PHE A 484 5.40 3.57 32.53
C PHE A 484 4.60 4.75 32.02
N ILE A 485 4.19 5.61 32.94
CA ILE A 485 3.55 6.87 32.56
C ILE A 485 4.47 8.03 32.88
N LEU A 486 4.28 9.15 32.21
CA LEU A 486 5.05 10.36 32.49
C LEU A 486 4.28 11.26 33.44
N LYS A 487 4.68 11.23 34.71
CA LYS A 487 4.10 12.10 35.72
C LYS A 487 4.07 13.54 35.23
N ASP A 488 2.99 14.24 35.55
CA ASP A 488 2.84 15.64 35.14
C ASP A 488 3.82 16.54 35.90
N GLN A 489 4.51 15.95 36.88
CA GLN A 489 5.51 16.66 37.69
C GLN A 489 4.89 17.79 38.51
N PRO A 490 3.84 17.48 39.31
CA PRO A 490 3.32 18.48 40.23
C PRO A 490 4.22 18.68 41.44
N GLY A 491 4.86 17.61 41.89
CA GLY A 491 5.57 17.61 43.17
C GLY A 491 7.08 17.57 43.04
N GLU A 492 7.60 18.06 41.92
CA GLU A 492 9.02 17.90 41.60
C GLU A 492 9.92 18.33 42.77
N GLN A 493 10.09 19.66 42.91
CA GLN A 493 10.75 20.26 44.09
C GLN A 493 12.26 19.97 44.20
N ASP A 494 12.76 18.96 43.49
CA ASP A 494 14.15 18.51 43.66
C ASP A 494 15.11 19.17 42.66
N ARG A 495 14.60 20.14 41.90
CA ARG A 495 15.12 20.41 40.56
C ARG A 495 16.30 21.40 40.53
N GLU A 496 16.79 21.81 41.70
CA GLU A 496 17.87 22.79 41.76
C GLU A 496 19.14 22.21 41.16
N LEU A 497 19.79 21.32 41.90
CA LEU A 497 20.97 20.65 41.42
C LEU A 497 20.59 19.78 40.22
N ALA A 498 19.43 19.12 40.33
CA ALA A 498 18.99 18.16 39.32
C ALA A 498 18.87 18.80 37.94
N ASN A 499 18.54 20.09 37.89
CA ASN A 499 18.41 20.81 36.63
C ASN A 499 19.72 21.52 36.24
N TYR A 500 20.27 22.28 37.18
CA TYR A 500 21.57 22.91 36.99
C TYR A 500 22.67 21.89 36.71
N ILE A 501 22.37 20.60 36.91
CA ILE A 501 23.36 19.54 36.68
C ILE A 501 24.27 19.94 35.54
N LEU A 502 23.71 19.98 34.34
CA LEU A 502 24.52 20.13 33.14
C LEU A 502 24.43 21.53 32.50
N ASP A 503 23.48 22.35 32.96
CA ASP A 503 23.34 23.67 32.36
C ASP A 503 24.55 24.55 32.66
N VAL A 504 25.32 24.16 33.67
CA VAL A 504 26.65 24.74 33.88
C VAL A 504 27.67 23.64 34.16
N HIS A 505 27.47 22.90 35.24
CA HIS A 505 28.47 21.92 35.71
C HIS A 505 28.58 20.77 34.75
N SER A 506 29.81 20.32 34.51
CA SER A 506 30.04 19.07 33.81
C SER A 506 29.74 17.88 34.73
N GLY A 507 30.14 17.99 35.99
CA GLY A 507 29.96 16.91 36.95
C GLY A 507 28.52 16.75 37.39
N LYS A 508 28.10 15.49 37.60
CA LYS A 508 26.79 15.18 38.16
C LYS A 508 26.91 14.18 39.31
N SER A 509 27.42 12.99 38.98
CA SER A 509 27.34 11.84 39.88
C SER A 509 28.74 11.41 40.35
N THR A 510 28.77 10.63 41.44
CA THR A 510 30.04 10.25 42.07
C THR A 510 31.03 9.69 41.05
N LYS A 511 30.55 8.80 40.19
CA LYS A 511 31.39 8.24 39.12
C LYS A 511 31.83 9.34 38.16
N ASN A 512 30.85 9.98 37.55
CA ASN A 512 31.08 11.16 36.71
C ASN A 512 31.79 10.85 35.38
N ILE A 513 32.34 9.65 35.23
CA ILE A 513 32.78 9.18 33.92
C ILE A 513 31.55 8.79 33.10
N ILE A 514 30.61 8.11 33.75
CA ILE A 514 29.30 7.86 33.16
C ILE A 514 29.47 7.02 31.89
N ASP A 515 30.60 6.31 31.81
CA ASP A 515 30.87 5.37 30.73
C ASP A 515 30.79 6.02 29.35
N ILE A 516 31.08 7.32 29.29
CA ILE A 516 31.01 8.06 28.04
C ILE A 516 29.63 7.86 27.41
N ASP A 517 29.59 7.72 26.09
CA ASP A 517 28.34 7.55 25.37
C ASP A 517 28.48 6.37 24.44
N THR A 518 29.51 6.44 23.59
CA THR A 518 29.90 5.29 22.80
C THR A 518 30.35 4.14 23.69
N LEU A 519 31.25 4.41 24.64
CA LEU A 519 31.82 3.34 25.45
C LEU A 519 30.72 2.55 26.17
N ARG A 520 29.77 3.26 26.77
CA ARG A 520 28.63 2.58 27.41
C ARG A 520 27.98 1.60 26.44
N LYS A 521 28.01 1.93 25.16
CA LYS A 521 27.49 1.03 24.13
C LYS A 521 28.51 -0.07 23.78
N TYR A 522 29.79 0.28 23.76
CA TYR A 522 30.84 -0.68 23.41
C TYR A 522 30.88 -1.84 24.40
N ILE A 523 30.36 -1.63 25.60
CA ILE A 523 30.20 -2.72 26.56
C ILE A 523 28.74 -3.16 26.68
N ALA A 524 27.92 -2.32 27.32
CA ALA A 524 26.66 -2.78 27.89
C ALA A 524 25.82 -3.53 26.85
N TYR A 525 25.76 -2.98 25.64
CA TYR A 525 25.06 -3.63 24.55
C TYR A 525 26.03 -4.46 23.71
N ALA A 526 27.03 -3.79 23.14
CA ALA A 526 27.95 -4.45 22.21
C ALA A 526 28.54 -5.72 22.82
N ARG A 527 28.54 -5.80 24.16
CA ARG A 527 28.89 -7.02 24.85
C ARG A 527 27.63 -7.75 25.35
N LYS A 528 27.11 -8.65 24.51
CA LYS A 528 26.44 -9.84 25.00
C LYS A 528 27.25 -11.07 24.56
N TYR A 529 28.31 -11.34 25.30
CA TYR A 529 28.97 -12.64 25.27
C TYR A 529 28.52 -13.45 26.48
N VAL A 530 27.57 -12.89 27.23
CA VAL A 530 27.16 -13.44 28.50
C VAL A 530 25.85 -14.19 28.34
N THR A 531 25.72 -15.32 29.04
CA THR A 531 24.50 -16.12 28.99
C THR A 531 24.16 -16.65 30.37
N PRO A 532 23.61 -15.78 31.23
CA PRO A 532 23.53 -16.06 32.66
C PRO A 532 22.28 -16.86 33.05
N LYS A 533 22.37 -18.18 32.96
CA LYS A 533 21.32 -19.05 33.51
C LYS A 533 21.35 -18.99 35.03
N ILE A 534 20.25 -18.57 35.64
CA ILE A 534 20.20 -18.36 37.09
C ILE A 534 19.87 -19.68 37.79
N THR A 535 20.30 -19.80 39.04
CA THR A 535 20.16 -21.07 39.77
C THR A 535 20.00 -20.88 41.28
N SER A 536 19.79 -22.01 41.97
CA SER A 536 19.82 -22.07 43.43
C SER A 536 18.93 -21.00 44.08
N GLU A 537 19.44 -20.31 45.10
CA GLU A 537 18.59 -19.51 45.99
C GLU A 537 17.69 -18.56 45.19
N ALA A 538 18.20 -18.05 44.08
CA ALA A 538 17.41 -17.19 43.20
C ALA A 538 16.13 -17.89 42.80
N LYS A 539 16.25 -19.14 42.36
CA LYS A 539 15.10 -19.94 41.95
C LYS A 539 14.00 -19.95 43.03
N ASN A 540 14.41 -19.90 44.30
CA ASN A 540 13.44 -19.93 45.39
C ASN A 540 12.87 -18.54 45.68
N LEU A 541 13.73 -17.53 45.79
CA LEU A 541 13.29 -16.19 46.20
C LEU A 541 12.23 -15.65 45.24
N ILE A 542 12.33 -16.02 43.98
CA ILE A 542 11.32 -15.68 42.99
C ILE A 542 10.03 -16.45 43.24
N THR A 543 10.16 -17.72 43.63
CA THR A 543 8.99 -18.56 43.82
C THR A 543 8.16 -18.11 45.02
N ASP A 544 8.80 -17.92 46.16
CA ASP A 544 8.11 -17.43 47.35
C ASP A 544 7.39 -16.11 47.03
N PHE A 545 7.95 -15.36 46.07
CA PHE A 545 7.29 -14.17 45.55
C PHE A 545 6.10 -14.54 44.66
N PHE A 546 6.23 -15.60 43.89
CA PHE A 546 5.15 -16.05 43.02
C PHE A 546 3.93 -16.47 43.85
N VAL A 547 4.15 -17.36 44.81
CA VAL A 547 3.06 -17.89 45.63
C VAL A 547 2.43 -16.79 46.50
N GLU A 548 3.25 -15.87 47.00
CA GLU A 548 2.74 -14.80 47.87
C GLU A 548 1.92 -13.78 47.09
N MET A 549 2.38 -13.43 45.89
CA MET A 549 1.64 -12.50 45.02
C MET A 549 0.32 -13.12 44.58
N ARG A 550 0.40 -14.38 44.11
CA ARG A 550 -0.79 -15.10 43.69
C ARG A 550 -1.79 -15.21 44.84
N LYS A 551 -1.40 -15.93 45.89
CA LYS A 551 -2.28 -16.18 47.02
C LYS A 551 -2.80 -14.88 47.63
N LYS A 552 -1.98 -13.83 47.59
CA LYS A 552 -2.42 -12.53 48.07
C LYS A 552 -3.70 -12.11 47.33
N SER A 553 -3.74 -12.36 46.03
CA SER A 553 -4.91 -12.03 45.23
C SER A 553 -5.99 -13.10 45.34
N SER A 554 -5.59 -14.37 45.26
CA SER A 554 -6.55 -15.47 45.15
C SER A 554 -7.19 -15.81 46.50
N GLU A 555 -6.66 -15.23 47.58
CA GLU A 555 -7.26 -15.39 48.91
C GLU A 555 -8.60 -14.66 49.01
N THR A 556 -8.74 -13.58 48.24
CA THR A 556 -9.97 -12.76 48.27
C THR A 556 -10.96 -13.26 47.21
N PRO A 557 -12.13 -13.78 47.66
CA PRO A 557 -13.09 -14.34 46.69
C PRO A 557 -13.64 -13.31 45.70
N ASP A 558 -13.38 -12.03 45.97
CA ASP A 558 -13.90 -10.95 45.11
C ASP A 558 -13.37 -11.04 43.68
N SER A 559 -12.40 -11.92 43.44
CA SER A 559 -11.78 -12.06 42.12
C SER A 559 -11.15 -10.74 41.68
N PRO A 560 -10.07 -10.31 42.35
CA PRO A 560 -9.36 -9.09 41.95
C PRO A 560 -8.46 -9.30 40.73
N ILE A 561 -9.02 -9.91 39.68
CA ILE A 561 -8.34 -10.08 38.38
C ILE A 561 -7.06 -10.96 38.46
N LEU A 562 -6.74 -11.43 39.67
CA LEU A 562 -5.64 -12.39 39.89
C LEU A 562 -4.26 -11.71 39.98
N ILE A 563 -4.20 -10.41 39.69
CA ILE A 563 -2.94 -9.66 39.74
C ILE A 563 -2.02 -10.08 38.57
N THR A 564 -2.49 -11.04 37.77
CA THR A 564 -1.91 -11.37 36.46
C THR A 564 -0.41 -11.74 36.50
N PRO A 565 -0.01 -12.63 37.43
CA PRO A 565 1.38 -13.06 37.30
C PRO A 565 1.56 -14.21 36.30
N ARG A 566 0.48 -14.92 36.00
CA ARG A 566 0.57 -16.27 35.48
C ARG A 566 1.51 -16.39 34.26
N GLN A 567 1.27 -15.56 33.24
CA GLN A 567 2.20 -15.46 32.11
C GLN A 567 3.41 -14.61 32.46
N LEU A 568 3.21 -13.66 33.37
CA LEU A 568 4.25 -12.70 33.70
C LEU A 568 5.38 -13.33 34.53
N GLU A 569 5.06 -14.33 35.35
CA GLU A 569 6.09 -15.08 36.09
C GLU A 569 7.18 -15.54 35.11
N ALA A 570 6.81 -15.72 33.85
CA ALA A 570 7.77 -16.05 32.80
C ALA A 570 8.75 -14.90 32.56
N LEU A 571 8.20 -13.71 32.30
CA LEU A 571 9.02 -12.59 31.82
C LEU A 571 9.64 -11.73 32.92
N ILE A 572 9.17 -11.89 34.16
CA ILE A 572 9.97 -11.46 35.33
C ILE A 572 11.24 -12.28 35.40
N ARG A 573 11.10 -13.58 35.20
CA ARG A 573 12.20 -14.52 35.35
C ARG A 573 13.08 -14.50 34.11
N ILE A 574 12.66 -13.68 33.13
CA ILE A 574 13.55 -13.20 32.09
C ILE A 574 14.24 -11.93 32.56
N SER A 575 13.44 -10.95 32.97
CA SER A 575 13.95 -9.64 33.35
C SER A 575 15.14 -9.78 34.31
N GLU A 576 14.87 -10.21 35.55
CA GLU A 576 15.93 -10.33 36.56
C GLU A 576 17.15 -11.06 36.00
N ALA A 577 16.96 -12.33 35.64
CA ALA A 577 18.04 -13.19 35.22
C ALA A 577 18.88 -12.49 34.16
N TYR A 578 18.20 -11.81 33.25
CA TYR A 578 18.84 -11.24 32.07
C TYR A 578 18.89 -9.72 32.17
N ALA A 579 18.45 -9.19 33.31
CA ALA A 579 18.69 -7.79 33.68
C ALA A 579 20.09 -7.65 34.21
N LYS A 580 20.48 -8.63 35.02
CA LYS A 580 21.82 -8.65 35.58
C LYS A 580 22.68 -9.61 34.76
N MET A 581 22.29 -9.78 33.49
CA MET A 581 23.21 -10.10 32.41
C MET A 581 24.32 -9.05 32.26
N ALA A 582 24.26 -8.00 33.07
CA ALA A 582 25.21 -6.90 32.95
C ALA A 582 26.58 -7.29 33.52
N LEU A 583 27.43 -7.83 32.66
CA LEU A 583 28.70 -8.48 33.05
C LEU A 583 28.60 -9.23 34.36
N LYS A 584 27.59 -10.07 34.45
CA LYS A 584 27.53 -11.11 35.47
C LYS A 584 27.42 -12.47 34.79
N ALA A 585 28.46 -13.28 34.90
CA ALA A 585 28.53 -14.54 34.16
C ALA A 585 27.86 -15.65 34.96
N GLU A 586 26.63 -15.97 34.58
CA GLU A 586 25.88 -17.06 35.20
C GLU A 586 25.47 -16.78 36.66
N VAL A 587 26.04 -15.74 37.26
CA VAL A 587 25.87 -15.49 38.68
C VAL A 587 24.62 -14.64 38.92
N THR A 588 23.70 -15.17 39.72
CA THR A 588 22.46 -14.46 40.03
C THR A 588 22.03 -14.74 41.49
N ARG A 589 22.04 -13.70 42.33
CA ARG A 589 21.56 -13.81 43.71
C ARG A 589 20.58 -12.68 44.05
N GLU A 590 21.10 -11.48 44.28
CA GLU A 590 20.27 -10.36 44.77
C GLU A 590 19.62 -9.64 43.59
N ASP A 591 20.05 -9.99 42.39
CA ASP A 591 19.40 -9.51 41.17
C ASP A 591 17.89 -9.73 41.26
N ALA A 592 17.51 -10.91 41.73
CA ALA A 592 16.11 -11.22 41.98
C ALA A 592 15.44 -10.09 42.75
N GLU A 593 16.04 -9.70 43.87
CA GLU A 593 15.47 -8.66 44.73
C GLU A 593 15.07 -7.42 43.91
N ARG A 594 15.96 -7.00 43.03
CA ARG A 594 15.70 -5.82 42.19
C ARG A 594 14.47 -6.03 41.33
N ALA A 595 14.41 -7.16 40.61
CA ALA A 595 13.29 -7.43 39.71
C ALA A 595 11.98 -7.63 40.47
N ILE A 596 11.97 -8.58 41.41
CA ILE A 596 10.76 -8.84 42.18
C ILE A 596 10.22 -7.53 42.77
N ASN A 597 11.12 -6.65 43.18
CA ASN A 597 10.72 -5.34 43.67
C ASN A 597 9.92 -4.56 42.62
N ILE A 598 10.54 -4.31 41.46
CA ILE A 598 9.91 -3.47 40.44
C ILE A 598 8.64 -4.12 39.86
N MET A 599 8.56 -5.44 39.93
CA MET A 599 7.38 -6.14 39.44
C MET A 599 6.25 -6.11 40.47
N ARG A 600 6.59 -6.25 41.74
CA ARG A 600 5.63 -6.06 42.83
C ARG A 600 5.18 -4.61 42.83
N LEU A 601 6.07 -3.72 42.42
CA LEU A 601 5.73 -2.33 42.22
C LEU A 601 4.80 -2.19 41.02
N PHE A 602 5.02 -3.02 40.01
CA PHE A 602 4.24 -2.95 38.78
C PHE A 602 2.85 -3.56 38.95
N LEU A 603 2.79 -4.78 39.48
CA LEU A 603 1.54 -5.52 39.52
C LEU A 603 0.46 -4.73 40.26
N GLU A 604 0.89 -3.79 41.10
CA GLU A 604 -0.02 -3.00 41.91
C GLU A 604 0.11 -1.52 41.58
N GLN B 13 7.06 -46.82 -38.04
CA GLN B 13 7.97 -47.69 -38.86
C GLN B 13 7.93 -49.13 -38.35
N ILE B 14 8.63 -49.39 -37.24
CA ILE B 14 8.70 -50.74 -36.68
C ILE B 14 7.44 -51.09 -35.91
N ASP B 15 7.09 -52.38 -35.90
CA ASP B 15 5.73 -52.83 -35.56
C ASP B 15 5.77 -53.88 -34.44
N TYR B 16 5.03 -53.61 -33.37
CA TYR B 16 5.06 -54.46 -32.18
C TYR B 16 3.77 -55.26 -31.98
N ARG B 17 2.88 -55.22 -32.98
CA ARG B 17 1.71 -56.10 -32.98
C ARG B 17 2.14 -57.54 -32.70
N ASP B 18 3.21 -57.97 -33.37
CA ASP B 18 3.81 -59.27 -33.12
C ASP B 18 4.00 -59.48 -31.61
N VAL B 19 4.82 -58.64 -31.00
CA VAL B 19 5.16 -58.81 -29.59
C VAL B 19 3.90 -58.74 -28.73
N PHE B 20 2.97 -57.88 -29.14
CA PHE B 20 1.79 -57.58 -28.33
C PHE B 20 0.91 -58.82 -28.15
N ILE B 21 0.43 -59.37 -29.26
CA ILE B 21 -0.46 -60.53 -29.20
C ILE B 21 0.31 -61.80 -28.81
N GLU B 22 1.62 -61.80 -29.06
CA GLU B 22 2.48 -62.92 -28.64
C GLU B 22 2.92 -62.75 -27.18
N PHE B 23 2.46 -61.69 -26.54
CA PHE B 23 2.77 -61.43 -25.14
C PHE B 23 1.56 -61.72 -24.26
N LEU B 24 0.48 -60.99 -24.47
CA LEU B 24 -0.74 -61.13 -23.67
C LEU B 24 -1.17 -62.59 -23.58
N THR B 25 -1.08 -63.31 -24.70
CA THR B 25 -1.59 -64.67 -24.78
C THR B 25 -0.54 -65.69 -24.27
N THR B 26 0.73 -65.39 -24.49
CA THR B 26 1.80 -66.35 -24.22
C THR B 26 2.48 -66.11 -22.86
N PHE B 27 2.10 -65.03 -22.17
CA PHE B 27 2.75 -64.67 -20.90
C PHE B 27 2.41 -65.67 -19.80
N LYS B 28 3.42 -66.05 -19.01
CA LYS B 28 3.25 -67.07 -17.98
C LYS B 28 2.55 -66.48 -16.74
N GLY B 29 3.25 -65.60 -16.02
CA GLY B 29 2.63 -64.83 -14.95
C GLY B 29 2.91 -65.39 -13.56
N ASN B 30 2.25 -64.80 -12.56
CA ASN B 30 2.47 -65.17 -11.16
C ASN B 30 2.38 -66.68 -10.94
N ASN B 31 1.22 -67.25 -11.26
CA ASN B 31 0.97 -68.67 -11.05
C ASN B 31 1.65 -69.54 -12.11
N ASN B 32 2.39 -68.89 -13.01
CA ASN B 32 2.87 -69.55 -14.24
C ASN B 32 1.69 -70.11 -15.04
N GLN B 33 0.50 -69.57 -14.78
CA GLN B 33 -0.69 -69.91 -15.54
C GLN B 33 -1.09 -68.71 -16.40
N ASN B 34 -1.46 -68.98 -17.66
CA ASN B 34 -1.66 -67.91 -18.63
C ASN B 34 -2.54 -66.80 -18.06
N LYS B 35 -2.02 -65.58 -18.08
CA LYS B 35 -2.77 -64.39 -17.68
C LYS B 35 -2.84 -63.44 -18.88
N TYR B 36 -3.62 -62.37 -18.75
CA TYR B 36 -3.73 -61.36 -19.82
C TYR B 36 -4.55 -61.86 -21.01
N ILE B 37 -4.65 -63.19 -21.16
CA ILE B 37 -5.75 -63.78 -21.91
C ILE B 37 -6.98 -63.91 -21.01
N GLU B 38 -6.74 -64.15 -19.72
CA GLU B 38 -7.83 -64.26 -18.76
C GLU B 38 -8.41 -62.90 -18.43
N ARG B 39 -7.54 -61.90 -18.24
CA ARG B 39 -7.98 -60.51 -18.12
C ARG B 39 -8.80 -60.11 -19.35
N ILE B 40 -8.30 -60.49 -20.53
CA ILE B 40 -9.02 -60.27 -21.77
C ILE B 40 -10.43 -60.90 -21.70
N ASN B 41 -10.50 -62.12 -21.17
CA ASN B 41 -11.79 -62.84 -21.08
C ASN B 41 -12.78 -62.08 -20.20
N GLU B 42 -12.38 -61.76 -18.98
CA GLU B 42 -13.20 -60.97 -18.06
C GLU B 42 -13.64 -59.67 -18.74
N LEU B 43 -12.72 -59.05 -19.47
CA LEU B 43 -12.98 -57.78 -20.13
C LEU B 43 -14.09 -57.95 -21.17
N VAL B 44 -13.95 -58.95 -22.02
CA VAL B 44 -14.93 -59.18 -23.09
C VAL B 44 -16.24 -59.70 -22.50
N ALA B 45 -16.17 -60.32 -21.32
CA ALA B 45 -17.35 -60.86 -20.66
C ALA B 45 -18.17 -59.74 -19.99
N TYR B 46 -17.49 -58.78 -19.37
CA TYR B 46 -18.15 -57.78 -18.54
C TYR B 46 -18.42 -56.47 -19.29
N ARG B 47 -18.04 -56.42 -20.57
CA ARG B 47 -18.30 -55.24 -21.41
C ARG B 47 -17.54 -54.01 -20.90
N LYS B 48 -16.35 -54.22 -20.35
CA LYS B 48 -15.48 -53.13 -19.91
C LYS B 48 -14.44 -52.85 -20.99
N LYS B 49 -14.09 -51.57 -21.16
CA LYS B 49 -12.96 -51.21 -22.00
C LYS B 49 -11.85 -50.55 -21.18
N SER B 50 -11.00 -51.39 -20.60
CA SER B 50 -9.69 -50.97 -20.14
C SER B 50 -8.84 -52.22 -20.07
N LEU B 51 -7.58 -52.12 -20.46
CA LEU B 51 -6.65 -53.20 -20.24
C LEU B 51 -5.52 -52.74 -19.34
N ILE B 52 -5.55 -53.19 -18.10
CA ILE B 52 -4.52 -52.81 -17.16
C ILE B 52 -3.40 -53.83 -17.17
N ILE B 53 -2.23 -53.39 -17.64
CA ILE B 53 -1.05 -54.24 -17.74
C ILE B 53 0.06 -53.67 -16.85
N GLU B 54 0.71 -54.55 -16.09
CA GLU B 54 1.81 -54.13 -15.23
C GLU B 54 3.08 -53.94 -16.07
N PHE B 55 3.85 -52.91 -15.73
CA PHE B 55 5.10 -52.63 -16.43
C PHE B 55 6.19 -53.61 -16.02
N SER B 56 6.13 -54.10 -14.78
CA SER B 56 7.08 -55.10 -14.29
C SER B 56 6.89 -56.45 -15.00
N ASP B 57 5.67 -56.70 -15.49
CA ASP B 57 5.42 -57.92 -16.26
C ASP B 57 5.95 -57.79 -17.68
N VAL B 58 6.03 -56.56 -18.18
CA VAL B 58 6.62 -56.31 -19.50
C VAL B 58 8.15 -56.34 -19.43
N LEU B 59 8.70 -55.76 -18.38
CA LEU B 59 10.15 -55.70 -18.22
C LEU B 59 10.72 -57.10 -17.92
N SER B 60 9.88 -57.98 -17.39
CA SER B 60 10.26 -59.38 -17.18
C SER B 60 10.09 -60.20 -18.45
N PHE B 61 9.65 -59.55 -19.52
CA PHE B 61 9.40 -60.22 -20.80
C PHE B 61 10.22 -59.56 -21.91
N ASN B 62 9.96 -58.28 -22.16
CA ASN B 62 10.70 -57.51 -23.17
C ASN B 62 11.02 -56.10 -22.64
N GLU B 63 12.29 -55.72 -22.69
CA GLU B 63 12.73 -54.44 -22.12
C GLU B 63 12.55 -53.29 -23.12
N ASN B 64 12.91 -53.51 -24.39
CA ASN B 64 12.84 -52.45 -25.40
C ASN B 64 11.42 -51.93 -25.58
N LEU B 65 10.44 -52.82 -25.38
CA LEU B 65 9.04 -52.42 -25.30
C LEU B 65 8.88 -51.18 -24.44
N ALA B 66 9.42 -51.26 -23.22
CA ALA B 66 9.36 -50.14 -22.28
C ALA B 66 9.77 -48.83 -22.95
N TYR B 67 11.05 -48.71 -23.29
CA TYR B 67 11.61 -47.46 -23.79
C TYR B 67 10.72 -46.88 -24.89
N GLU B 68 10.35 -47.72 -25.86
CA GLU B 68 9.57 -47.26 -27.00
C GLU B 68 8.21 -46.74 -26.56
N ILE B 69 7.56 -47.44 -25.65
CA ILE B 69 6.25 -47.01 -25.18
C ILE B 69 6.42 -45.72 -24.41
N ILE B 70 7.13 -45.79 -23.30
CA ILE B 70 7.22 -44.70 -22.35
C ILE B 70 7.69 -43.39 -23.00
N ASN B 71 8.66 -43.45 -23.90
CA ASN B 71 9.18 -42.23 -24.52
C ASN B 71 8.44 -41.83 -25.80
N ASN B 72 7.96 -42.80 -26.57
CA ASN B 72 7.16 -42.50 -27.78
C ASN B 72 5.66 -42.64 -27.54
N THR B 73 5.26 -42.76 -26.27
CA THR B 73 3.87 -43.05 -25.90
C THR B 73 2.88 -42.30 -26.77
N LYS B 74 3.16 -41.02 -26.99
CA LYS B 74 2.26 -40.15 -27.72
C LYS B 74 1.66 -40.89 -28.91
N ILE B 75 2.51 -41.27 -29.87
CA ILE B 75 2.04 -41.90 -31.09
C ILE B 75 1.83 -43.41 -30.93
N ILE B 76 2.67 -44.07 -30.14
CA ILE B 76 2.68 -45.53 -30.14
C ILE B 76 1.39 -46.11 -29.55
N LEU B 77 0.89 -45.52 -28.47
CA LEU B 77 -0.18 -46.16 -27.70
C LEU B 77 -1.46 -46.41 -28.53
N PRO B 78 -2.06 -45.34 -29.11
CA PRO B 78 -3.28 -45.58 -29.89
C PRO B 78 -3.12 -46.70 -30.93
N ILE B 79 -1.92 -46.81 -31.51
CA ILE B 79 -1.64 -47.90 -32.44
C ILE B 79 -1.87 -49.25 -31.77
N LEU B 80 -1.23 -49.46 -30.63
CA LEU B 80 -1.41 -50.70 -29.87
C LEU B 80 -2.87 -50.91 -29.48
N GLU B 81 -3.59 -49.83 -29.19
CA GLU B 81 -4.98 -49.93 -28.76
C GLU B 81 -5.87 -50.50 -29.88
N GLY B 82 -5.84 -49.86 -31.05
CA GLY B 82 -6.56 -50.38 -32.22
C GLY B 82 -6.13 -51.80 -32.57
N ALA B 83 -4.82 -52.03 -32.56
CA ALA B 83 -4.28 -53.37 -32.83
C ALA B 83 -4.84 -54.43 -31.87
N LEU B 84 -5.17 -54.01 -30.65
CA LEU B 84 -5.78 -54.92 -29.67
C LEU B 84 -7.24 -55.18 -30.03
N TYR B 85 -7.99 -54.11 -30.29
CA TYR B 85 -9.42 -54.24 -30.60
C TYR B 85 -9.65 -55.29 -31.69
N ASP B 86 -8.74 -55.33 -32.67
CA ASP B 86 -8.81 -56.32 -33.73
C ASP B 86 -8.83 -57.74 -33.17
N HIS B 87 -7.90 -58.05 -32.28
CA HIS B 87 -7.86 -59.36 -31.61
C HIS B 87 -9.10 -59.58 -30.78
N ILE B 88 -9.68 -58.51 -30.27
CA ILE B 88 -10.85 -58.62 -29.39
C ILE B 88 -12.13 -58.92 -30.18
N LEU B 89 -12.25 -58.38 -31.39
CA LEU B 89 -13.44 -58.64 -32.22
C LEU B 89 -13.52 -60.11 -32.63
N GLN B 90 -12.37 -60.77 -32.74
CA GLN B 90 -12.33 -62.14 -33.26
C GLN B 90 -12.28 -63.19 -32.13
N LEU B 91 -12.30 -62.73 -30.88
CA LEU B 91 -12.73 -63.58 -29.76
C LEU B 91 -14.25 -63.52 -29.60
N ASP B 92 -14.82 -62.33 -29.70
CA ASP B 92 -16.26 -62.12 -29.55
C ASP B 92 -16.75 -61.03 -30.50
N PRO B 93 -17.10 -61.40 -31.74
CA PRO B 93 -17.45 -60.38 -32.75
C PRO B 93 -18.62 -59.49 -32.33
N THR B 94 -19.48 -59.99 -31.43
CA THR B 94 -20.60 -59.19 -30.92
C THR B 94 -20.14 -58.10 -29.96
N TYR B 95 -18.84 -58.05 -29.70
CA TYR B 95 -18.24 -56.95 -28.95
C TYR B 95 -18.37 -55.61 -29.69
N GLN B 96 -18.81 -55.66 -30.95
CA GLN B 96 -19.12 -54.44 -31.70
C GLN B 96 -20.39 -53.79 -31.15
N ARG B 97 -20.67 -52.58 -31.63
CA ARG B 97 -21.87 -51.82 -31.24
C ARG B 97 -21.79 -51.32 -29.79
N ASP B 98 -21.12 -52.07 -28.92
CA ASP B 98 -21.03 -51.72 -27.50
C ASP B 98 -19.85 -50.77 -27.25
N ILE B 99 -18.69 -51.13 -27.82
CA ILE B 99 -17.47 -50.36 -27.60
C ILE B 99 -16.86 -49.99 -28.95
N GLU B 100 -16.14 -48.88 -29.00
CA GLU B 100 -15.42 -48.46 -30.22
C GLU B 100 -13.93 -48.78 -30.14
N LYS B 101 -13.24 -48.22 -29.15
CA LYS B 101 -11.82 -48.51 -28.92
C LYS B 101 -11.56 -48.80 -27.45
N VAL B 102 -11.12 -50.02 -27.17
CA VAL B 102 -10.69 -50.38 -25.82
C VAL B 102 -9.38 -49.66 -25.50
N HIS B 103 -9.09 -49.55 -24.20
CA HIS B 103 -7.95 -48.74 -23.76
C HIS B 103 -6.85 -49.58 -23.16
N VAL B 104 -5.62 -49.17 -23.42
CA VAL B 104 -4.45 -49.82 -22.85
C VAL B 104 -3.84 -48.91 -21.80
N ARG B 105 -3.69 -49.42 -20.59
CA ARG B 105 -3.21 -48.62 -19.48
C ARG B 105 -2.13 -49.34 -18.70
N ILE B 106 -1.15 -48.57 -18.25
CA ILE B 106 0.04 -49.13 -17.63
C ILE B 106 0.08 -48.71 -16.16
N VAL B 107 0.36 -49.66 -15.28
CA VAL B 107 0.43 -49.38 -13.84
C VAL B 107 1.85 -49.55 -13.33
N GLY B 108 2.24 -48.70 -12.37
CA GLY B 108 3.53 -48.82 -11.71
C GLY B 108 4.69 -48.84 -12.69
N ILE B 109 4.87 -47.75 -13.42
CA ILE B 109 6.07 -47.56 -14.24
C ILE B 109 7.21 -46.98 -13.39
N PRO B 110 8.47 -47.14 -13.85
CA PRO B 110 9.61 -46.78 -13.00
C PRO B 110 9.73 -45.28 -12.72
N ARG B 111 9.30 -44.44 -13.65
CA ARG B 111 9.54 -42.99 -13.53
C ARG B 111 8.41 -42.31 -12.76
N VAL B 112 8.70 -41.97 -11.50
CA VAL B 112 7.74 -41.35 -10.61
C VAL B 112 8.29 -39.99 -10.19
N ILE B 113 7.71 -38.92 -10.73
CA ILE B 113 8.28 -37.59 -10.55
C ILE B 113 7.38 -36.76 -9.63
N GLU B 114 7.98 -36.18 -8.60
CA GLU B 114 7.23 -35.36 -7.66
C GLU B 114 6.72 -34.10 -8.35
N LEU B 115 5.43 -33.83 -8.20
CA LEU B 115 4.79 -32.72 -8.90
C LEU B 115 5.49 -31.38 -8.62
N ARG B 116 6.26 -31.31 -7.54
CA ARG B 116 7.01 -30.10 -7.18
C ARG B 116 8.08 -29.79 -8.23
N LYS B 117 8.98 -30.74 -8.44
CA LYS B 117 9.99 -30.61 -9.48
C LYS B 117 9.52 -31.33 -10.74
N ILE B 118 9.17 -30.56 -11.76
CA ILE B 118 8.72 -31.13 -13.03
C ILE B 118 9.48 -30.50 -14.18
N ARG B 119 10.24 -31.31 -14.90
CA ARG B 119 10.96 -30.83 -16.07
C ARG B 119 9.96 -30.34 -17.12
N SER B 120 10.28 -29.23 -17.76
CA SER B 120 9.50 -28.74 -18.89
C SER B 120 9.78 -29.58 -20.14
N THR B 121 10.74 -30.48 -20.04
CA THR B 121 11.07 -31.40 -21.13
C THR B 121 10.27 -32.69 -21.01
N ASP B 122 9.37 -32.77 -20.03
CA ASP B 122 8.61 -33.99 -19.77
C ASP B 122 7.20 -33.95 -20.39
N ILE B 123 6.88 -32.87 -21.09
CA ILE B 123 5.63 -32.83 -21.87
C ILE B 123 5.69 -33.86 -23.00
N GLY B 124 4.61 -34.64 -23.14
CA GLY B 124 4.55 -35.67 -24.18
C GLY B 124 5.20 -36.98 -23.76
N LYS B 125 5.77 -37.01 -22.56
CA LYS B 125 6.39 -38.23 -22.02
C LYS B 125 5.49 -38.87 -20.97
N LEU B 126 5.55 -40.19 -20.86
CA LEU B 126 4.74 -40.92 -19.89
C LEU B 126 5.39 -40.83 -18.51
N ILE B 127 4.60 -40.39 -17.52
CA ILE B 127 5.13 -40.25 -16.15
C ILE B 127 4.10 -40.69 -15.13
N THR B 128 4.56 -40.86 -13.89
CA THR B 128 3.68 -41.13 -12.75
C THR B 128 3.83 -39.98 -11.76
N ILE B 129 2.77 -39.68 -11.02
CA ILE B 129 2.84 -38.62 -10.00
C ILE B 129 2.14 -39.07 -8.72
N ASP B 130 2.82 -38.88 -7.60
CA ASP B 130 2.22 -39.04 -6.28
C ASP B 130 1.60 -37.72 -5.85
N GLY B 131 0.45 -37.78 -5.18
CA GLY B 131 -0.16 -36.59 -4.61
C GLY B 131 -1.55 -36.82 -4.04
N ILE B 132 -2.14 -35.75 -3.51
CA ILE B 132 -3.51 -35.79 -3.01
C ILE B 132 -4.42 -35.04 -3.98
N LEU B 133 -5.66 -35.50 -4.08
CA LEU B 133 -6.60 -35.01 -5.08
C LEU B 133 -7.71 -34.24 -4.38
N VAL B 134 -7.91 -32.99 -4.78
CA VAL B 134 -8.66 -32.04 -3.95
C VAL B 134 -9.93 -31.55 -4.64
N LYS B 135 -9.78 -30.90 -5.80
CA LYS B 135 -10.93 -30.36 -6.53
C LYS B 135 -11.27 -31.24 -7.72
N VAL B 136 -12.56 -31.49 -7.91
CA VAL B 136 -13.03 -32.31 -9.03
C VAL B 136 -14.33 -31.74 -9.59
N THR B 137 -14.41 -31.65 -10.91
CA THR B 137 -15.59 -31.08 -11.56
C THR B 137 -16.57 -32.21 -11.88
N PRO B 138 -17.81 -31.84 -12.24
CA PRO B 138 -18.81 -32.87 -12.55
C PRO B 138 -18.55 -33.57 -13.88
N VAL B 139 -19.18 -34.73 -14.07
CA VAL B 139 -19.12 -35.42 -15.36
C VAL B 139 -19.70 -34.54 -16.45
N LYS B 140 -18.97 -34.41 -17.55
CA LYS B 140 -19.46 -33.68 -18.72
C LYS B 140 -19.12 -34.50 -19.97
N GLU B 141 -19.61 -34.07 -21.12
CA GLU B 141 -19.29 -34.75 -22.37
C GLU B 141 -18.49 -33.86 -23.31
N ARG B 142 -18.01 -34.44 -24.39
CA ARG B 142 -17.32 -33.70 -25.42
C ARG B 142 -17.38 -34.54 -26.70
N ILE B 143 -17.15 -33.90 -27.84
CA ILE B 143 -17.14 -34.61 -29.10
C ILE B 143 -15.76 -35.18 -29.38
N TYR B 144 -15.68 -36.49 -29.47
CA TYR B 144 -14.45 -37.15 -29.80
C TYR B 144 -14.12 -36.91 -31.28
N LYS B 145 -14.96 -37.43 -32.16
CA LYS B 145 -14.86 -37.14 -33.60
C LYS B 145 -16.23 -36.68 -34.11
N ALA B 146 -16.26 -35.51 -34.74
CA ALA B 146 -17.51 -34.98 -35.29
C ALA B 146 -17.62 -35.34 -36.77
N THR B 147 -18.79 -35.83 -37.18
CA THR B 147 -19.02 -36.19 -38.57
C THR B 147 -19.91 -35.14 -39.24
N TYR B 148 -19.41 -34.55 -40.32
CA TYR B 148 -20.13 -33.52 -41.05
C TYR B 148 -20.49 -33.97 -42.45
N LYS B 149 -21.55 -33.39 -43.01
CA LYS B 149 -21.95 -33.64 -44.39
C LYS B 149 -22.09 -32.30 -45.11
N HIS B 150 -21.54 -32.22 -46.31
CA HIS B 150 -21.46 -30.96 -47.05
C HIS B 150 -22.63 -30.82 -47.98
N ILE B 151 -23.39 -29.74 -47.81
CA ILE B 151 -24.56 -29.46 -48.66
C ILE B 151 -24.18 -28.58 -49.84
N HIS B 152 -24.21 -29.17 -51.04
CA HIS B 152 -23.94 -28.45 -52.29
C HIS B 152 -23.93 -29.46 -53.40
N PRO B 153 -24.06 -29.00 -54.66
CA PRO B 153 -24.04 -29.96 -55.77
C PRO B 153 -22.70 -30.69 -55.90
N ASP B 154 -21.66 -30.11 -55.31
CA ASP B 154 -20.35 -30.77 -55.25
C ASP B 154 -20.02 -31.14 -53.81
N CYS B 155 -20.66 -32.20 -53.32
CA CYS B 155 -20.19 -32.92 -52.13
C CYS B 155 -21.13 -34.08 -51.78
N MET B 156 -22.25 -33.75 -51.15
CA MET B 156 -23.24 -34.75 -50.74
C MET B 156 -22.58 -36.01 -50.17
N GLN B 157 -21.55 -35.82 -49.36
CA GLN B 157 -20.87 -36.93 -48.70
C GLN B 157 -20.44 -36.58 -47.28
N GLU B 158 -20.08 -37.59 -46.51
CA GLU B 158 -19.84 -37.45 -45.08
C GLU B 158 -18.37 -37.66 -44.77
N PHE B 159 -17.89 -37.03 -43.69
CA PHE B 159 -16.48 -37.11 -43.31
C PHE B 159 -16.30 -36.81 -41.83
N GLU B 160 -15.15 -37.20 -41.29
CA GLU B 160 -14.83 -36.96 -39.88
C GLU B 160 -13.85 -35.79 -39.75
N TRP B 161 -14.09 -34.92 -38.77
CA TRP B 161 -13.40 -33.64 -38.73
C TRP B 161 -11.93 -33.73 -38.30
N PRO B 162 -11.66 -34.33 -37.10
CA PRO B 162 -10.23 -34.36 -36.68
C PRO B 162 -9.43 -35.50 -37.36
N GLU B 163 -8.90 -35.24 -38.55
CA GLU B 163 -8.15 -36.24 -39.31
C GLU B 163 -6.75 -36.42 -38.73
N ASP B 164 -6.41 -37.67 -38.40
CA ASP B 164 -5.06 -38.02 -37.91
C ASP B 164 -4.76 -37.40 -36.54
N GLU B 165 -5.72 -36.63 -36.02
CA GLU B 165 -5.58 -35.97 -34.73
C GLU B 165 -6.93 -36.00 -34.01
N GLU B 166 -7.02 -35.30 -32.89
CA GLU B 166 -8.27 -35.22 -32.14
C GLU B 166 -8.75 -33.77 -32.07
N MET B 167 -10.06 -33.61 -31.88
CA MET B 167 -10.66 -32.27 -31.84
C MET B 167 -10.56 -31.66 -30.43
N PRO B 168 -10.63 -30.31 -30.34
CA PRO B 168 -10.40 -29.64 -29.06
C PRO B 168 -11.67 -29.38 -28.27
N GLU B 169 -11.54 -28.64 -27.18
CA GLU B 169 -12.69 -28.25 -26.35
C GLU B 169 -13.77 -27.61 -27.22
N VAL B 170 -13.45 -26.43 -27.75
CA VAL B 170 -14.35 -25.74 -28.67
C VAL B 170 -14.18 -26.30 -30.07
N LEU B 171 -15.30 -26.62 -30.71
CA LEU B 171 -15.27 -27.31 -32.00
C LEU B 171 -15.08 -26.32 -33.14
N GLU B 172 -14.29 -26.72 -34.14
CA GLU B 172 -14.04 -25.89 -35.30
C GLU B 172 -14.96 -26.28 -36.45
N MET B 173 -14.80 -25.61 -37.58
CA MET B 173 -15.72 -25.76 -38.70
C MET B 173 -15.04 -25.39 -40.02
N PRO B 174 -15.78 -25.50 -41.13
CA PRO B 174 -15.31 -25.10 -42.46
C PRO B 174 -14.70 -23.70 -42.56
N THR B 175 -14.05 -23.44 -43.69
CA THR B 175 -14.76 -23.42 -44.96
C THR B 175 -14.46 -24.67 -45.80
N ILE B 176 -13.18 -24.95 -46.04
CA ILE B 176 -12.80 -25.96 -47.05
C ILE B 176 -12.96 -27.38 -46.50
N CYS B 177 -13.43 -28.29 -47.35
CA CYS B 177 -13.49 -29.71 -47.03
C CYS B 177 -12.81 -30.52 -48.14
N PRO B 178 -12.23 -31.67 -47.78
CA PRO B 178 -11.49 -32.48 -48.77
C PRO B 178 -12.40 -33.13 -49.82
N LYS B 179 -13.55 -33.67 -49.39
CA LYS B 179 -14.43 -34.46 -50.26
C LYS B 179 -14.56 -33.82 -51.65
N CYS B 180 -15.39 -32.79 -51.76
CA CYS B 180 -15.54 -32.06 -53.01
C CYS B 180 -14.31 -31.19 -53.26
N GLY B 181 -13.88 -30.46 -52.23
CA GLY B 181 -12.77 -29.52 -52.36
C GLY B 181 -13.19 -28.06 -52.39
N LYS B 182 -14.37 -27.77 -51.86
CA LYS B 182 -14.90 -26.40 -51.86
C LYS B 182 -15.45 -26.02 -50.49
N PRO B 183 -15.66 -24.71 -50.26
CA PRO B 183 -16.44 -24.22 -49.12
C PRO B 183 -17.94 -24.38 -49.34
N GLY B 184 -18.73 -24.05 -48.31
CA GLY B 184 -20.18 -24.09 -48.43
C GLY B 184 -20.88 -24.41 -47.13
N GLN B 185 -22.09 -24.95 -47.23
CA GLN B 185 -22.90 -25.34 -46.07
C GLN B 185 -22.45 -26.69 -45.54
N PHE B 186 -22.37 -26.82 -44.21
CA PHE B 186 -22.02 -28.09 -43.57
C PHE B 186 -22.97 -28.41 -42.43
N ARG B 187 -23.71 -29.50 -42.57
CA ARG B 187 -24.61 -29.97 -41.52
C ARG B 187 -23.93 -31.03 -40.67
N LEU B 188 -24.02 -30.90 -39.35
CA LEU B 188 -23.52 -31.91 -38.44
C LEU B 188 -24.58 -32.98 -38.24
N ILE B 189 -24.17 -34.24 -38.38
CA ILE B 189 -25.09 -35.36 -38.17
C ILE B 189 -24.67 -36.15 -36.93
N PRO B 190 -25.42 -35.99 -35.81
CA PRO B 190 -25.09 -36.73 -34.60
C PRO B 190 -25.22 -38.24 -34.80
N GLU B 191 -25.92 -38.64 -35.86
CA GLU B 191 -26.08 -40.05 -36.20
C GLU B 191 -24.73 -40.79 -36.22
N LYS B 192 -23.73 -40.20 -36.85
CA LYS B 192 -22.42 -40.84 -36.99
C LYS B 192 -21.36 -40.31 -36.01
N THR B 193 -21.70 -39.26 -35.26
CA THR B 193 -20.70 -38.56 -34.43
C THR B 193 -20.38 -39.36 -33.18
N LYS B 194 -19.10 -39.38 -32.82
CA LYS B 194 -18.63 -40.13 -31.66
C LYS B 194 -18.41 -39.20 -30.47
N LEU B 195 -18.91 -39.61 -29.31
CA LEU B 195 -18.87 -38.77 -28.12
C LEU B 195 -18.01 -39.42 -27.04
N ILE B 196 -17.55 -38.63 -26.08
CA ILE B 196 -16.68 -39.13 -25.03
C ILE B 196 -16.97 -38.45 -23.68
N ASP B 197 -16.88 -39.23 -22.61
CA ASP B 197 -17.09 -38.72 -21.24
C ASP B 197 -15.86 -37.99 -20.74
N TRP B 198 -16.06 -37.08 -19.80
CA TRP B 198 -15.10 -36.02 -19.56
C TRP B 198 -15.16 -35.57 -18.13
N GLN B 199 -14.02 -35.18 -17.58
CA GLN B 199 -13.95 -34.68 -16.20
C GLN B 199 -12.57 -34.10 -15.91
N LYS B 200 -12.49 -33.27 -14.89
CA LYS B 200 -11.31 -32.48 -14.62
C LYS B 200 -11.06 -32.43 -13.11
N ALA B 201 -9.82 -32.60 -12.69
CA ALA B 201 -9.48 -32.66 -11.27
C ALA B 201 -8.21 -31.88 -10.98
N VAL B 202 -7.97 -31.63 -9.69
CA VAL B 202 -6.81 -30.86 -9.26
C VAL B 202 -6.04 -31.64 -8.20
N ILE B 203 -4.83 -32.05 -8.53
CA ILE B 203 -3.97 -32.76 -7.59
C ILE B 203 -3.09 -31.76 -6.86
N GLN B 204 -3.24 -31.70 -5.54
CA GLN B 204 -2.42 -30.83 -4.72
C GLN B 204 -1.27 -31.63 -4.11
N GLU B 205 -0.12 -30.99 -3.98
CA GLU B 205 1.05 -31.62 -3.36
C GLU B 205 0.73 -32.04 -1.93
N ARG B 206 1.37 -33.11 -1.46
CA ARG B 206 1.04 -33.71 -0.17
C ARG B 206 1.51 -32.80 0.97
N PRO B 207 0.70 -32.68 2.04
CA PRO B 207 1.07 -31.78 3.15
C PRO B 207 2.44 -32.10 3.76
N GLU B 208 2.93 -33.32 3.55
CA GLU B 208 4.26 -33.70 4.00
C GLU B 208 5.34 -33.13 3.07
N GLU B 209 5.22 -33.44 1.78
CA GLU B 209 6.14 -32.93 0.76
C GLU B 209 6.35 -31.41 0.84
N VAL B 210 5.31 -30.68 1.27
CA VAL B 210 5.34 -29.22 1.27
C VAL B 210 6.45 -28.71 2.19
N PRO B 211 7.45 -28.01 1.61
CA PRO B 211 8.41 -27.32 2.48
C PRO B 211 7.74 -26.22 3.30
N SER B 212 8.29 -25.93 4.48
CA SER B 212 7.72 -24.91 5.36
C SER B 212 7.48 -23.60 4.60
N GLY B 213 8.30 -23.35 3.58
CA GLY B 213 8.15 -22.15 2.76
C GLY B 213 7.23 -22.36 1.58
N GLN B 214 6.83 -21.27 0.92
CA GLN B 214 5.98 -21.35 -0.26
C GLN B 214 4.67 -22.07 0.06
N LEU B 215 4.09 -22.74 -0.95
CA LEU B 215 2.78 -23.38 -0.80
C LEU B 215 2.78 -24.68 -1.61
N PRO B 216 1.89 -25.63 -1.23
CA PRO B 216 1.75 -26.85 -2.03
C PRO B 216 1.41 -26.55 -3.49
N ARG B 217 2.15 -27.19 -4.40
CA ARG B 217 1.93 -27.04 -5.82
C ARG B 217 0.66 -27.79 -6.24
N GLN B 218 0.10 -27.39 -7.39
CA GLN B 218 -1.13 -28.00 -7.89
C GLN B 218 -1.02 -28.35 -9.36
N LEU B 219 -1.71 -29.42 -9.75
CA LEU B 219 -1.68 -29.90 -11.12
C LEU B 219 -3.08 -30.20 -11.63
N GLU B 220 -3.44 -29.63 -12.77
CA GLU B 220 -4.72 -29.88 -13.39
C GLU B 220 -4.63 -31.12 -14.28
N ILE B 221 -5.61 -32.01 -14.14
CA ILE B 221 -5.58 -33.27 -14.86
C ILE B 221 -6.97 -33.55 -15.45
N ILE B 222 -7.02 -34.45 -16.43
CA ILE B 222 -8.25 -34.73 -17.17
C ILE B 222 -8.55 -36.22 -17.16
N LEU B 223 -9.70 -36.59 -16.62
CA LEU B 223 -10.12 -37.99 -16.56
C LEU B 223 -11.07 -38.30 -17.72
N GLU B 224 -10.68 -39.26 -18.56
CA GLU B 224 -11.42 -39.56 -19.78
C GLU B 224 -12.09 -40.93 -19.70
N ASP B 225 -13.23 -41.06 -20.37
CA ASP B 225 -13.88 -42.35 -20.53
C ASP B 225 -14.16 -42.96 -19.14
N ASP B 226 -13.77 -44.22 -18.91
CA ASP B 226 -14.21 -44.94 -17.71
C ASP B 226 -13.44 -44.52 -16.45
N LEU B 227 -12.43 -43.68 -16.61
CA LEU B 227 -11.70 -43.13 -15.46
C LEU B 227 -12.54 -42.12 -14.68
N VAL B 228 -13.70 -41.75 -15.23
CA VAL B 228 -14.58 -40.80 -14.58
C VAL B 228 -15.17 -41.39 -13.29
N ASP B 229 -15.17 -40.60 -12.22
CA ASP B 229 -15.64 -41.05 -10.90
C ASP B 229 -14.85 -42.28 -10.39
N SER B 230 -13.60 -42.42 -10.87
CA SER B 230 -12.67 -43.41 -10.31
C SER B 230 -12.01 -42.86 -9.05
N ALA B 231 -11.67 -41.57 -9.09
CA ALA B 231 -10.99 -40.90 -7.97
C ALA B 231 -11.93 -39.86 -7.36
N ARG B 232 -12.00 -39.85 -6.03
CA ARG B 232 -12.82 -38.87 -5.32
C ARG B 232 -11.93 -37.95 -4.48
N PRO B 233 -12.30 -36.68 -4.35
CA PRO B 233 -11.42 -35.72 -3.67
C PRO B 233 -11.22 -36.07 -2.20
N GLY B 234 -10.00 -35.88 -1.72
CA GLY B 234 -9.62 -36.30 -0.38
C GLY B 234 -8.85 -37.60 -0.37
N ASP B 235 -8.76 -38.24 -1.54
CA ASP B 235 -8.05 -39.51 -1.67
C ASP B 235 -6.53 -39.28 -1.78
N ARG B 236 -5.77 -40.19 -1.18
CA ARG B 236 -4.33 -40.29 -1.42
C ARG B 236 -4.11 -41.14 -2.68
N VAL B 237 -3.63 -40.52 -3.75
CA VAL B 237 -3.67 -41.17 -5.06
C VAL B 237 -2.32 -41.10 -5.77
N LYS B 238 -2.01 -42.14 -6.53
CA LYS B 238 -0.93 -42.10 -7.52
C LYS B 238 -1.56 -42.16 -8.91
N VAL B 239 -1.11 -41.31 -9.82
CA VAL B 239 -1.62 -41.34 -11.17
C VAL B 239 -0.50 -41.60 -12.16
N THR B 240 -0.87 -42.07 -13.34
CA THR B 240 0.06 -42.22 -14.45
C THR B 240 -0.56 -41.52 -15.64
N GLY B 241 0.16 -40.58 -16.24
CA GLY B 241 -0.40 -39.75 -17.29
C GLY B 241 0.62 -39.31 -18.31
N ILE B 242 0.18 -38.55 -19.30
CA ILE B 242 1.07 -37.93 -20.27
C ILE B 242 0.80 -36.44 -20.27
N LEU B 243 1.79 -35.66 -19.85
CA LEU B 243 1.61 -34.21 -19.74
C LEU B 243 1.46 -33.58 -21.12
N ASP B 244 0.85 -32.40 -21.13
CA ASP B 244 0.53 -31.69 -22.35
C ASP B 244 0.29 -30.23 -21.96
N ILE B 245 0.10 -29.37 -22.96
CA ILE B 245 -0.33 -28.00 -22.68
C ILE B 245 -1.39 -27.58 -23.70
N LYS B 246 -2.35 -26.79 -23.26
CA LYS B 246 -3.41 -26.30 -24.15
C LYS B 246 -3.37 -24.77 -24.24
N GLN B 247 -3.44 -24.12 -23.09
CA GLN B 247 -3.64 -22.67 -23.02
C GLN B 247 -4.87 -22.27 -23.85
N ASP B 248 -4.77 -21.28 -24.74
CA ASP B 248 -5.91 -20.93 -25.60
C ASP B 248 -7.05 -20.51 -24.67
N SER B 249 -7.14 -19.21 -24.44
CA SER B 249 -5.94 -18.40 -24.23
C SER B 249 -5.69 -18.06 -22.76
N PRO B 250 -4.41 -18.00 -22.36
CA PRO B 250 -4.08 -17.52 -21.01
C PRO B 250 -4.43 -16.05 -20.84
N VAL B 251 -5.05 -15.72 -19.72
CA VAL B 251 -5.40 -14.35 -19.39
C VAL B 251 -4.97 -14.11 -17.94
N LYS B 252 -5.12 -12.88 -17.45
CA LYS B 252 -4.71 -12.54 -16.09
C LYS B 252 -3.18 -12.66 -15.96
N ARG B 253 -2.70 -13.56 -15.11
CA ARG B 253 -1.26 -13.75 -14.91
C ARG B 253 -0.53 -14.20 -16.18
N GLY B 254 0.64 -13.62 -16.38
CA GLY B 254 1.65 -13.56 -15.31
C GLY B 254 2.25 -14.88 -14.92
N SER B 255 2.41 -15.07 -13.60
CA SER B 255 3.12 -16.23 -13.07
C SER B 255 2.34 -17.51 -13.41
N ARG B 256 3.08 -18.60 -13.49
CA ARG B 256 4.40 -18.56 -14.06
C ARG B 256 4.66 -19.77 -14.96
N ALA B 257 4.67 -19.53 -16.26
CA ALA B 257 5.30 -20.47 -17.19
C ALA B 257 5.79 -19.70 -18.48
N VAL B 258 4.94 -19.56 -19.49
CA VAL B 258 3.50 -19.37 -19.30
C VAL B 258 2.79 -20.45 -20.13
N PHE B 259 2.49 -21.56 -19.46
CA PHE B 259 2.06 -22.78 -20.10
C PHE B 259 0.98 -23.32 -19.21
N ASP B 260 -0.26 -23.36 -19.68
CA ASP B 260 -1.28 -24.12 -19.01
C ASP B 260 -0.90 -25.60 -19.15
N ILE B 261 -0.81 -26.29 -18.02
CA ILE B 261 -0.45 -27.70 -18.04
C ILE B 261 -1.67 -28.59 -18.15
N TYR B 262 -1.49 -29.68 -18.87
CA TYR B 262 -2.58 -30.59 -19.21
C TYR B 262 -2.07 -31.99 -18.95
N MET B 263 -2.63 -32.68 -17.97
CA MET B 263 -2.32 -34.08 -17.80
C MET B 263 -3.47 -34.95 -18.25
N LYS B 264 -3.27 -35.67 -19.35
CA LYS B 264 -4.24 -36.65 -19.81
C LYS B 264 -3.97 -37.99 -19.15
N VAL B 265 -4.91 -38.43 -18.31
CA VAL B 265 -4.65 -39.52 -17.39
C VAL B 265 -4.88 -40.86 -18.07
N SER B 266 -3.85 -41.72 -18.05
CA SER B 266 -4.02 -43.11 -18.49
C SER B 266 -4.58 -43.97 -17.36
N SER B 267 -4.05 -43.83 -16.15
CA SER B 267 -4.47 -44.68 -15.03
C SER B 267 -4.45 -43.93 -13.70
N ILE B 268 -5.32 -44.35 -12.79
CA ILE B 268 -5.24 -43.89 -11.40
C ILE B 268 -5.29 -45.05 -10.43
N GLU B 269 -4.55 -44.92 -9.34
CA GLU B 269 -4.42 -45.97 -8.35
C GLU B 269 -4.57 -45.36 -6.95
N VAL B 270 -5.56 -45.84 -6.21
CA VAL B 270 -5.82 -45.32 -4.86
C VAL B 270 -5.29 -46.29 -3.79
N SER B 271 -4.52 -47.30 -4.23
CA SER B 271 -4.16 -48.42 -3.36
C SER B 271 -3.15 -48.00 -2.28
N GLN B 272 -3.56 -48.10 -1.02
CA GLN B 272 -2.66 -47.99 0.13
C GLN B 272 -3.48 -48.06 1.42
N LYS B 273 -2.80 -48.23 2.56
CA LYS B 273 -3.46 -48.14 3.87
C LYS B 273 -2.99 -46.90 4.65
N VAL B 274 -1.74 -46.91 5.09
CA VAL B 274 -1.02 -45.68 5.40
C VAL B 274 0.34 -45.72 4.72
N LEU B 275 0.43 -45.07 3.56
CA LEU B 275 1.66 -45.09 2.77
C LEU B 275 2.50 -43.87 3.13
N ASP B 276 1.99 -43.04 4.04
CA ASP B 276 2.71 -41.87 4.54
C ASP B 276 3.80 -42.28 5.52
N GLU B 277 3.81 -43.55 5.90
CA GLU B 277 4.80 -44.08 6.84
C GLU B 277 6.20 -43.63 6.42
N VAL B 278 6.86 -42.87 7.27
CA VAL B 278 8.11 -42.20 6.89
C VAL B 278 9.27 -43.19 6.81
N ILE B 279 9.20 -44.26 7.61
CA ILE B 279 10.18 -45.35 7.54
C ILE B 279 9.83 -46.42 8.56
N ILE B 280 10.30 -47.63 8.31
CA ILE B 280 10.27 -48.68 9.31
C ILE B 280 11.71 -49.18 9.58
N SER B 281 12.23 -49.97 8.65
CA SER B 281 13.69 -50.18 8.55
C SER B 281 14.35 -50.39 9.92
N GLU B 282 15.39 -49.61 10.21
CA GLU B 282 16.09 -49.71 11.49
C GLU B 282 15.19 -49.34 12.66
N GLU B 283 14.30 -48.37 12.45
CA GLU B 283 13.53 -47.79 13.55
C GLU B 283 12.62 -48.81 14.22
N ASP B 284 12.31 -49.90 13.53
CA ASP B 284 11.56 -50.99 14.13
C ASP B 284 12.23 -51.45 15.41
N GLU B 285 13.56 -51.54 15.38
CA GLU B 285 14.32 -51.90 16.57
C GLU B 285 14.14 -50.88 17.69
N LYS B 286 14.09 -49.60 17.33
CA LYS B 286 14.11 -48.52 18.31
C LYS B 286 12.77 -48.38 19.03
N LYS B 287 11.68 -48.52 18.28
CA LYS B 287 10.35 -48.42 18.88
C LYS B 287 9.99 -49.70 19.65
N ILE B 288 10.60 -50.82 19.26
CA ILE B 288 10.46 -52.05 20.01
C ILE B 288 11.32 -52.03 21.28
N LYS B 289 12.48 -51.39 21.21
CA LYS B 289 13.24 -51.11 22.43
C LYS B 289 12.45 -50.11 23.29
N ASP B 290 11.54 -49.38 22.65
CA ASP B 290 10.70 -48.42 23.34
C ASP B 290 9.42 -49.05 23.91
N LEU B 291 9.09 -50.27 23.48
CA LEU B 291 7.91 -50.95 24.03
C LEU B 291 8.23 -51.66 25.35
N ALA B 292 9.42 -51.39 25.88
CA ALA B 292 9.89 -52.06 27.10
C ALA B 292 8.88 -51.96 28.24
N LYS B 293 8.95 -52.92 29.17
CA LYS B 293 7.91 -53.13 30.16
C LYS B 293 7.69 -51.91 31.08
N ASP B 294 8.67 -51.00 31.12
CA ASP B 294 8.61 -49.87 32.05
C ASP B 294 7.28 -49.14 31.90
N PRO B 295 6.88 -48.36 32.93
CA PRO B 295 5.61 -47.62 32.83
C PRO B 295 5.57 -46.72 31.61
N TRP B 296 5.63 -47.33 30.43
CA TRP B 296 5.82 -46.60 29.20
C TRP B 296 4.66 -45.71 28.89
N ILE B 297 3.48 -46.07 29.42
CA ILE B 297 2.28 -45.27 29.21
C ILE B 297 2.46 -43.87 29.79
N ARG B 298 2.80 -43.81 31.08
CA ARG B 298 2.89 -42.52 31.78
C ARG B 298 3.97 -41.63 31.15
N ASP B 299 5.13 -42.20 30.80
CA ASP B 299 6.21 -41.42 30.22
C ASP B 299 5.83 -40.88 28.84
N ARG B 300 5.27 -41.74 28.01
CA ARG B 300 4.79 -41.32 26.69
C ARG B 300 3.80 -40.17 26.84
N ILE B 301 2.99 -40.20 27.89
CA ILE B 301 2.07 -39.12 28.20
C ILE B 301 2.85 -37.86 28.63
N ILE B 302 3.94 -38.05 29.37
CA ILE B 302 4.79 -36.92 29.77
C ILE B 302 5.50 -36.29 28.56
N SER B 303 5.61 -37.03 27.46
CA SER B 303 6.34 -36.54 26.29
C SER B 303 5.58 -35.46 25.50
N SER B 304 4.30 -35.69 25.21
CA SER B 304 3.50 -34.72 24.43
C SER B 304 3.30 -33.41 25.23
N ILE B 305 3.23 -33.54 26.55
CA ILE B 305 3.07 -32.39 27.43
C ILE B 305 4.13 -31.32 27.15
N ALA B 306 5.41 -31.72 27.19
CA ALA B 306 6.51 -30.76 27.28
C ALA B 306 6.34 -29.63 26.26
N PRO B 307 7.19 -28.60 26.37
CA PRO B 307 7.55 -28.02 27.65
C PRO B 307 6.48 -27.09 28.28
N SER B 308 5.40 -27.67 28.81
CA SER B 308 4.46 -26.92 29.69
C SER B 308 3.68 -27.87 30.60
N ILE B 309 3.55 -27.52 31.88
CA ILE B 309 2.70 -28.27 32.81
C ILE B 309 1.69 -27.33 33.47
N TYR B 310 0.41 -27.46 33.08
CA TYR B 310 -0.69 -26.85 33.84
C TYR B 310 -1.95 -27.72 33.84
N GLY B 311 -2.35 -28.17 35.03
CA GLY B 311 -3.65 -28.81 35.24
C GLY B 311 -3.98 -29.82 34.16
N HIS B 312 -2.94 -30.47 33.62
CA HIS B 312 -3.05 -31.17 32.34
C HIS B 312 -3.24 -32.65 32.50
N TRP B 313 -3.26 -33.13 33.75
CA TRP B 313 -3.25 -34.57 34.02
C TRP B 313 -4.29 -35.32 33.22
N GLU B 314 -5.46 -34.70 33.04
CA GLU B 314 -6.51 -35.29 32.21
C GLU B 314 -6.18 -35.16 30.73
N LEU B 315 -5.77 -33.96 30.33
CA LEU B 315 -5.63 -33.65 28.91
C LEU B 315 -4.44 -34.36 28.29
N LYS B 316 -3.30 -34.35 28.98
CA LYS B 316 -2.12 -35.05 28.51
C LYS B 316 -2.51 -36.43 27.99
N GLU B 317 -3.30 -37.14 28.79
CA GLU B 317 -3.87 -38.42 28.37
C GLU B 317 -4.68 -38.20 27.08
N ALA B 318 -5.78 -37.47 27.21
CA ALA B 318 -6.79 -37.40 26.14
C ALA B 318 -6.17 -37.17 24.76
N LEU B 319 -5.11 -36.36 24.70
CA LEU B 319 -4.39 -36.15 23.45
C LEU B 319 -3.60 -37.40 23.06
N ALA B 320 -2.79 -37.90 23.99
CA ALA B 320 -2.06 -39.15 23.78
C ALA B 320 -3.00 -40.22 23.21
N LEU B 321 -4.18 -40.30 23.79
CA LEU B 321 -5.21 -41.23 23.36
C LEU B 321 -5.73 -40.88 21.96
N ALA B 322 -6.07 -39.61 21.76
CA ALA B 322 -6.63 -39.15 20.48
C ALA B 322 -5.70 -39.50 19.31
N LEU B 323 -4.39 -39.42 19.54
CA LEU B 323 -3.41 -39.67 18.49
C LEU B 323 -3.43 -41.12 18.00
N PHE B 324 -4.12 -41.99 18.74
CA PHE B 324 -4.07 -43.45 18.47
C PHE B 324 -5.39 -43.95 17.85
N GLY B 325 -5.47 -45.27 17.64
CA GLY B 325 -6.34 -45.85 16.60
C GLY B 325 -7.64 -46.43 17.15
N GLY B 326 -7.96 -47.64 16.68
CA GLY B 326 -9.17 -48.36 17.13
C GLY B 326 -10.38 -48.15 16.23
N VAL B 327 -10.41 -48.87 15.11
CA VAL B 327 -11.42 -48.66 14.08
C VAL B 327 -12.03 -50.00 13.64
N PRO B 328 -13.08 -50.45 14.35
CA PRO B 328 -13.85 -51.60 13.86
C PRO B 328 -14.76 -51.25 12.68
N LYS B 329 -14.66 -52.01 11.60
CA LYS B 329 -15.45 -51.75 10.40
C LYS B 329 -16.28 -52.99 10.05
N VAL B 330 -17.61 -52.82 10.10
CA VAL B 330 -18.54 -53.93 9.83
C VAL B 330 -19.42 -53.60 8.62
N LEU B 331 -19.57 -54.57 7.72
CA LEU B 331 -20.23 -54.33 6.43
C LEU B 331 -21.73 -54.02 6.63
N GLU B 332 -22.24 -54.31 7.81
CA GLU B 332 -23.59 -53.93 8.20
C GLU B 332 -23.56 -52.68 9.08
N ASP B 333 -23.87 -51.54 8.48
CA ASP B 333 -23.89 -50.26 9.21
C ASP B 333 -22.56 -50.00 9.92
N THR B 334 -21.55 -49.61 9.15
CA THR B 334 -20.21 -49.35 9.71
C THR B 334 -20.29 -48.41 10.90
N ARG B 335 -19.73 -48.83 12.01
CA ARG B 335 -19.69 -48.02 13.22
C ARG B 335 -18.25 -47.92 13.71
N ILE B 336 -17.71 -46.70 13.69
CA ILE B 336 -16.36 -46.46 14.18
C ILE B 336 -16.38 -45.29 15.16
N ARG B 337 -16.59 -44.08 14.63
CA ARG B 337 -16.40 -42.85 15.40
C ARG B 337 -15.25 -43.00 16.39
N GLY B 338 -14.25 -43.78 16.01
CA GLY B 338 -13.04 -43.94 16.80
C GLY B 338 -12.15 -42.75 16.57
N ASP B 339 -10.86 -42.91 16.81
CA ASP B 339 -9.93 -41.82 16.59
C ASP B 339 -10.42 -40.60 17.37
N ILE B 340 -10.27 -40.67 18.69
CA ILE B 340 -11.16 -39.97 19.63
C ILE B 340 -11.14 -38.45 19.40
N HIS B 341 -12.33 -37.84 19.30
CA HIS B 341 -12.44 -36.39 19.06
C HIS B 341 -12.52 -35.65 20.37
N ILE B 342 -11.51 -34.83 20.65
CA ILE B 342 -11.47 -34.08 21.91
C ILE B 342 -11.51 -32.57 21.64
N LEU B 343 -12.12 -31.81 22.56
CA LEU B 343 -12.26 -30.36 22.40
C LEU B 343 -11.87 -29.64 23.67
N ILE B 344 -10.94 -28.70 23.56
CA ILE B 344 -10.51 -27.90 24.69
C ILE B 344 -10.88 -26.43 24.48
N ILE B 345 -11.92 -25.97 25.17
CA ILE B 345 -12.34 -24.58 25.08
C ILE B 345 -11.84 -23.80 26.29
N GLY B 346 -11.09 -22.74 26.04
CA GLY B 346 -10.49 -21.95 27.10
C GLY B 346 -10.36 -20.51 26.68
N ASP B 347 -10.14 -19.63 27.65
CA ASP B 347 -10.01 -18.21 27.35
C ASP B 347 -8.76 -17.98 26.50
N PRO B 348 -8.57 -16.75 26.00
CA PRO B 348 -7.37 -16.51 25.20
C PRO B 348 -6.11 -17.01 25.92
N GLY B 349 -5.26 -17.76 25.20
CA GLY B 349 -4.13 -18.44 25.84
C GLY B 349 -3.60 -17.56 26.97
N THR B 350 -3.03 -18.20 27.99
CA THR B 350 -3.67 -19.35 28.69
C THR B 350 -3.06 -20.62 28.11
N ALA B 351 -2.19 -20.44 27.11
CA ALA B 351 -1.35 -21.51 26.55
C ALA B 351 -2.17 -22.50 25.72
N LYS B 352 -3.44 -22.66 26.08
CA LYS B 352 -4.44 -23.21 25.17
C LYS B 352 -3.84 -24.27 24.23
N SER B 353 -4.20 -24.18 22.94
CA SER B 353 -3.67 -25.09 21.93
C SER B 353 -2.52 -24.42 21.16
N GLN B 354 -2.24 -23.16 21.48
CA GLN B 354 -1.10 -22.48 20.88
C GLN B 354 0.19 -23.26 21.14
N MET B 355 0.16 -24.14 22.14
CA MET B 355 1.26 -25.05 22.41
C MET B 355 0.88 -26.48 22.06
N LEU B 356 -0.18 -26.97 22.70
CA LEU B 356 -0.56 -28.37 22.60
C LEU B 356 -0.93 -28.76 21.16
N GLN B 357 -1.60 -27.85 20.45
CA GLN B 357 -1.87 -28.05 19.02
C GLN B 357 -0.57 -28.18 18.25
N PHE B 358 0.42 -27.35 18.58
CA PHE B 358 1.72 -27.39 17.92
C PHE B 358 2.42 -28.73 18.16
N ILE B 359 2.23 -29.31 19.35
CA ILE B 359 2.74 -30.65 19.66
C ILE B 359 1.94 -31.72 18.91
N SER B 360 0.66 -31.44 18.64
CA SER B 360 -0.18 -32.33 17.84
C SER B 360 -0.02 -32.01 16.35
N ARG B 361 0.88 -31.08 16.04
CA ARG B 361 1.39 -30.92 14.68
C ARG B 361 2.53 -31.87 14.39
N VAL B 362 3.04 -32.55 15.43
CA VAL B 362 4.01 -33.60 15.23
C VAL B 362 3.33 -34.95 15.37
N ALA B 363 3.08 -35.56 14.21
CA ALA B 363 2.10 -36.63 14.04
C ALA B 363 2.08 -36.92 12.55
N PRO B 364 1.55 -38.09 12.14
CA PRO B 364 1.42 -38.35 10.73
C PRO B 364 0.11 -37.79 10.21
N ARG B 365 0.02 -37.63 8.89
CA ARG B 365 -1.21 -37.15 8.26
C ARG B 365 -1.98 -36.22 9.20
N ALA B 366 -1.41 -35.03 9.43
CA ALA B 366 -1.98 -34.06 10.35
C ALA B 366 -2.34 -32.80 9.57
N VAL B 367 -3.62 -32.41 9.64
CA VAL B 367 -4.08 -31.20 8.99
C VAL B 367 -4.33 -30.14 10.05
N TYR B 368 -3.53 -29.07 10.02
CA TYR B 368 -3.75 -27.91 10.87
C TYR B 368 -4.48 -26.83 10.10
N THR B 369 -5.73 -26.58 10.45
CA THR B 369 -6.50 -25.52 9.84
C THR B 369 -6.74 -24.40 10.85
N THR B 370 -6.08 -23.27 10.64
CA THR B 370 -6.05 -22.20 11.63
C THR B 370 -7.27 -21.31 11.47
N GLY B 371 -8.16 -21.36 12.46
CA GLY B 371 -9.44 -20.66 12.37
C GLY B 371 -10.54 -21.55 11.83
N LYS B 372 -11.66 -20.93 11.47
CA LYS B 372 -12.83 -21.64 10.97
C LYS B 372 -12.47 -22.70 9.94
N GLY B 373 -11.98 -22.25 8.79
CA GLY B 373 -11.55 -23.13 7.73
C GLY B 373 -10.92 -22.32 6.62
N SER B 374 -9.95 -22.91 5.93
CA SER B 374 -9.29 -22.26 4.80
C SER B 374 -9.88 -22.79 3.50
N THR B 375 -9.42 -22.24 2.38
CA THR B 375 -9.74 -22.78 1.06
C THR B 375 -11.25 -22.79 0.76
N ALA B 376 -11.99 -21.85 1.37
CA ALA B 376 -13.39 -21.60 0.99
C ALA B 376 -14.32 -22.79 1.26
N ALA B 377 -13.76 -23.89 1.78
CA ALA B 377 -14.57 -24.99 2.28
C ALA B 377 -14.54 -25.03 3.81
N GLY B 378 -13.43 -25.52 4.38
CA GLY B 378 -13.24 -25.58 5.83
C GLY B 378 -13.74 -26.87 6.44
N LEU B 379 -14.76 -27.45 5.82
CA LEU B 379 -15.09 -28.86 6.01
C LEU B 379 -15.34 -29.50 4.64
N THR B 380 -16.24 -28.90 3.86
CA THR B 380 -16.51 -29.36 2.49
C THR B 380 -17.58 -28.47 1.83
N ALA B 381 -17.57 -28.43 0.49
CA ALA B 381 -18.60 -27.67 -0.27
C ALA B 381 -18.34 -27.71 -1.79
N ALA B 382 -19.29 -27.15 -2.57
CA ALA B 382 -19.11 -26.94 -4.01
C ALA B 382 -18.99 -25.44 -4.34
N VAL B 383 -18.20 -25.11 -5.36
CA VAL B 383 -17.72 -23.72 -5.58
C VAL B 383 -18.18 -23.17 -6.95
N VAL B 384 -18.22 -21.83 -7.06
CA VAL B 384 -18.67 -21.16 -8.29
C VAL B 384 -17.45 -20.68 -9.09
N ARG B 385 -17.68 -20.20 -10.32
CA ARG B 385 -16.67 -19.46 -11.10
C ARG B 385 -15.28 -20.09 -10.92
N GLU B 386 -14.28 -19.28 -10.61
CA GLU B 386 -12.96 -19.79 -10.22
C GLU B 386 -12.40 -20.75 -11.28
N LYS B 387 -11.93 -20.16 -12.39
CA LYS B 387 -11.38 -20.93 -13.52
C LYS B 387 -12.41 -21.84 -14.18
N GLY B 388 -13.62 -21.32 -14.33
CA GLY B 388 -13.81 -20.01 -14.93
C GLY B 388 -14.96 -20.03 -15.89
N THR B 389 -15.54 -18.86 -16.15
CA THR B 389 -16.71 -18.76 -17.01
C THR B 389 -17.93 -19.43 -16.35
N GLY B 390 -17.74 -19.99 -15.16
CA GLY B 390 -18.81 -20.72 -14.47
C GLY B 390 -18.56 -22.22 -14.31
N GLU B 391 -17.32 -22.67 -14.51
CA GLU B 391 -16.94 -24.06 -14.18
C GLU B 391 -17.31 -24.35 -12.74
N TYR B 392 -18.03 -25.44 -12.51
CA TYR B 392 -18.37 -25.87 -11.17
C TYR B 392 -17.40 -26.95 -10.70
N TYR B 393 -16.70 -26.67 -9.59
CA TYR B 393 -15.86 -27.67 -8.95
C TYR B 393 -16.51 -28.13 -7.66
N LEU B 394 -16.17 -29.33 -7.25
CA LEU B 394 -16.48 -29.82 -5.91
C LEU B 394 -15.18 -29.97 -5.15
N GLU B 395 -15.03 -29.22 -4.07
CA GLU B 395 -13.78 -29.19 -3.32
C GLU B 395 -14.05 -29.23 -1.83
N ALA B 396 -13.34 -30.11 -1.13
CA ALA B 396 -13.31 -30.08 0.33
C ALA B 396 -11.87 -30.08 0.79
N GLY B 397 -11.43 -28.97 1.38
CA GLY B 397 -10.01 -28.72 1.58
C GLY B 397 -9.55 -28.84 3.02
N ALA B 398 -10.42 -29.31 3.92
CA ALA B 398 -10.12 -29.30 5.35
C ALA B 398 -10.18 -30.68 5.97
N LEU B 399 -11.38 -31.15 6.32
CA LEU B 399 -11.53 -32.26 7.25
C LEU B 399 -11.47 -33.62 6.55
N VAL B 400 -11.71 -33.63 5.23
CA VAL B 400 -11.64 -34.87 4.44
C VAL B 400 -10.26 -35.03 3.78
N LEU B 401 -9.43 -34.00 3.91
CA LEU B 401 -8.00 -34.11 3.61
C LEU B 401 -7.23 -34.80 4.74
N ALA B 402 -7.84 -34.84 5.93
CA ALA B 402 -7.22 -35.47 7.10
C ALA B 402 -7.61 -36.95 7.19
N ASP B 403 -8.26 -37.46 6.14
CA ASP B 403 -8.67 -38.86 6.09
C ASP B 403 -7.54 -39.77 6.53
N GLY B 404 -7.81 -40.63 7.51
CA GLY B 404 -6.77 -41.45 8.12
C GLY B 404 -5.68 -40.61 8.76
N GLY B 405 -6.10 -39.65 9.59
CA GLY B 405 -5.17 -38.74 10.24
C GLY B 405 -5.89 -37.82 11.20
N ILE B 406 -5.18 -36.84 11.75
CA ILE B 406 -5.78 -35.90 12.68
C ILE B 406 -5.92 -34.52 12.05
N ALA B 407 -7.12 -33.97 12.14
CA ALA B 407 -7.36 -32.58 11.75
C ALA B 407 -7.39 -31.72 13.01
N VAL B 408 -6.33 -30.94 13.22
CA VAL B 408 -6.27 -30.06 14.38
C VAL B 408 -6.88 -28.71 14.02
N ILE B 409 -8.05 -28.44 14.59
CA ILE B 409 -8.78 -27.22 14.28
C ILE B 409 -8.74 -26.30 15.49
N ASP B 410 -8.15 -25.12 15.32
CA ASP B 410 -8.11 -24.11 16.37
C ASP B 410 -9.17 -23.04 16.10
N GLU B 411 -9.78 -22.53 17.16
CA GLU B 411 -10.80 -21.49 17.04
C GLU B 411 -12.02 -22.01 16.24
N ILE B 412 -12.69 -22.99 16.83
CA ILE B 412 -13.98 -23.46 16.31
C ILE B 412 -14.99 -22.32 16.42
N ASP B 413 -14.76 -21.42 17.36
CA ASP B 413 -15.68 -20.30 17.61
C ASP B 413 -16.11 -19.66 16.29
N LYS B 414 -15.17 -19.52 15.37
CA LYS B 414 -15.41 -18.73 14.17
C LYS B 414 -15.99 -19.57 13.03
N MET B 415 -16.32 -20.82 13.32
CA MET B 415 -16.73 -21.75 12.26
C MET B 415 -17.85 -21.17 11.41
N ARG B 416 -17.82 -21.47 10.12
CA ARG B 416 -18.81 -20.95 9.19
C ARG B 416 -20.22 -21.39 9.60
N ASP B 417 -21.18 -20.50 9.42
CA ASP B 417 -22.57 -20.78 9.79
C ASP B 417 -23.11 -21.99 9.01
N GLU B 418 -22.68 -22.12 7.75
CA GLU B 418 -23.21 -23.18 6.88
C GLU B 418 -22.65 -24.55 7.24
N ASP B 419 -21.47 -24.57 7.88
CA ASP B 419 -20.72 -25.81 8.06
C ASP B 419 -21.14 -26.62 9.28
N ARG B 420 -21.76 -25.96 10.27
CA ARG B 420 -22.10 -26.66 11.51
C ARG B 420 -23.15 -27.75 11.29
N VAL B 421 -23.80 -27.74 10.12
CA VAL B 421 -24.72 -28.82 9.74
C VAL B 421 -24.01 -29.96 8.99
N ALA B 422 -22.79 -29.69 8.52
CA ALA B 422 -22.00 -30.71 7.84
C ALA B 422 -21.30 -31.64 8.84
N ILE B 423 -20.87 -31.09 9.97
CA ILE B 423 -20.07 -31.87 10.94
C ILE B 423 -20.91 -32.95 11.63
N HIS B 424 -22.21 -32.70 11.79
CA HIS B 424 -23.11 -33.72 12.29
C HIS B 424 -22.88 -35.02 11.56
N GLU B 425 -22.54 -34.93 10.27
CA GLU B 425 -22.30 -36.11 9.44
C GLU B 425 -20.84 -36.57 9.55
N ALA B 426 -19.91 -35.69 9.18
CA ALA B 426 -18.50 -36.05 9.03
C ALA B 426 -17.83 -36.45 10.36
N MET B 427 -18.51 -36.19 11.48
CA MET B 427 -18.00 -36.62 12.79
C MET B 427 -18.79 -37.82 13.34
N GLU B 428 -19.79 -38.29 12.58
CA GLU B 428 -20.67 -39.37 13.05
C GLU B 428 -20.27 -40.72 12.43
N GLN B 429 -20.54 -40.88 11.13
CA GLN B 429 -20.07 -42.05 10.38
C GLN B 429 -18.79 -41.74 9.62
N GLN B 430 -18.28 -40.51 9.79
CA GLN B 430 -17.06 -40.04 9.13
C GLN B 430 -17.21 -39.94 7.61
N THR B 431 -18.43 -39.72 7.16
CA THR B 431 -18.68 -39.39 5.75
C THR B 431 -19.36 -38.04 5.61
N VAL B 432 -19.18 -37.42 4.45
CA VAL B 432 -19.88 -36.19 4.09
C VAL B 432 -20.85 -36.47 2.97
N SER B 433 -22.14 -36.40 3.25
CA SER B 433 -23.15 -36.43 2.21
C SER B 433 -23.21 -35.07 1.53
N ILE B 434 -23.02 -35.06 0.21
CA ILE B 434 -23.09 -33.83 -0.56
C ILE B 434 -23.97 -34.02 -1.79
N ALA B 435 -25.05 -33.24 -1.87
CA ALA B 435 -25.77 -33.03 -3.13
C ALA B 435 -26.04 -31.53 -3.33
N LYS B 436 -25.27 -30.92 -4.23
CA LYS B 436 -25.56 -29.55 -4.68
C LYS B 436 -26.06 -29.54 -6.13
N ALA B 437 -26.39 -30.72 -6.64
CA ALA B 437 -26.85 -30.90 -8.03
C ALA B 437 -25.69 -30.81 -9.04
N GLY B 438 -24.52 -30.42 -8.57
CA GLY B 438 -23.27 -30.65 -9.31
C GLY B 438 -22.93 -32.12 -9.33
N ILE B 439 -23.24 -32.80 -8.23
CA ILE B 439 -22.98 -34.23 -8.09
C ILE B 439 -23.53 -34.67 -6.74
N VAL B 440 -23.75 -35.96 -6.56
CA VAL B 440 -24.07 -36.52 -5.25
C VAL B 440 -22.99 -37.51 -4.85
N ALA B 441 -22.21 -37.16 -3.83
CA ALA B 441 -21.06 -37.96 -3.42
C ALA B 441 -21.01 -38.11 -1.91
N LYS B 442 -20.48 -39.25 -1.46
CA LYS B 442 -20.12 -39.42 -0.07
C LYS B 442 -18.60 -39.29 0.07
N LEU B 443 -18.14 -38.20 0.69
CA LEU B 443 -16.72 -38.01 0.95
C LEU B 443 -16.29 -38.77 2.19
N ASN B 444 -15.08 -39.31 2.16
CA ASN B 444 -14.58 -40.10 3.27
C ASN B 444 -13.63 -39.26 4.13
N ALA B 445 -14.12 -38.79 5.27
CA ALA B 445 -13.26 -38.17 6.29
C ALA B 445 -13.26 -38.99 7.58
N ARG B 446 -12.27 -39.89 7.70
CA ARG B 446 -12.15 -40.74 8.89
C ARG B 446 -11.34 -40.04 9.97
N ALA B 447 -11.02 -38.77 9.72
CA ALA B 447 -10.07 -38.03 10.56
C ALA B 447 -10.57 -37.90 12.01
N ALA B 448 -9.64 -37.96 12.95
CA ALA B 448 -9.89 -37.53 14.33
C ALA B 448 -9.86 -36.02 14.39
N VAL B 449 -10.74 -35.43 15.18
CA VAL B 449 -10.74 -33.98 15.35
C VAL B 449 -10.29 -33.60 16.74
N ILE B 450 -9.18 -32.88 16.82
CA ILE B 450 -8.79 -32.20 18.04
C ILE B 450 -9.06 -30.72 17.88
N ALA B 451 -9.99 -30.20 18.68
CA ALA B 451 -10.54 -28.86 18.46
C ALA B 451 -10.19 -27.93 19.61
N ALA B 452 -10.39 -26.64 19.37
CA ALA B 452 -10.22 -25.62 20.41
C ALA B 452 -11.17 -24.47 20.08
N GLY B 453 -11.54 -23.68 21.08
CA GLY B 453 -12.44 -22.56 20.85
C GLY B 453 -12.44 -21.58 22.00
N ASN B 454 -12.75 -20.32 21.70
CA ASN B 454 -12.88 -19.30 22.74
C ASN B 454 -14.27 -19.33 23.35
N PRO B 455 -14.41 -18.87 24.59
CA PRO B 455 -15.72 -18.76 25.21
C PRO B 455 -16.33 -17.40 24.93
N LYS B 456 -17.59 -17.20 25.33
CA LYS B 456 -18.33 -16.00 24.94
C LYS B 456 -17.63 -14.72 25.44
N PHE B 457 -17.50 -14.57 26.75
CA PHE B 457 -16.77 -13.44 27.33
C PHE B 457 -15.67 -13.94 28.26
N GLY B 458 -14.41 -13.81 27.82
CA GLY B 458 -13.27 -14.27 28.61
C GLY B 458 -13.49 -15.66 29.17
N ARG B 459 -13.18 -15.82 30.45
CA ARG B 459 -13.27 -17.12 31.12
C ARG B 459 -14.63 -17.25 31.82
N TYR B 460 -15.57 -17.96 31.20
CA TYR B 460 -16.94 -18.00 31.73
C TYR B 460 -17.36 -19.38 32.26
N ILE B 461 -16.49 -20.38 32.16
CA ILE B 461 -16.94 -21.77 32.21
C ILE B 461 -16.94 -22.35 33.64
N SER B 462 -16.71 -21.50 34.63
CA SER B 462 -16.79 -21.92 36.03
C SER B 462 -18.25 -22.15 36.44
N GLU B 463 -19.00 -21.06 36.57
CA GLU B 463 -20.38 -21.14 37.06
C GLU B 463 -21.34 -21.59 35.96
N ARG B 464 -21.36 -20.84 34.85
CA ARG B 464 -22.23 -21.16 33.72
C ARG B 464 -21.95 -22.57 33.21
N PRO B 465 -23.00 -23.30 32.77
CA PRO B 465 -22.76 -24.62 32.19
C PRO B 465 -21.79 -24.56 31.03
N VAL B 466 -21.10 -25.67 30.77
CA VAL B 466 -20.08 -25.71 29.73
C VAL B 466 -20.72 -25.63 28.34
N SER B 467 -22.03 -25.80 28.28
CA SER B 467 -22.79 -25.49 27.06
C SER B 467 -23.05 -23.98 26.98
N ASP B 468 -23.53 -23.53 25.83
CA ASP B 468 -23.85 -22.11 25.61
C ASP B 468 -22.60 -21.20 25.72
N ASN B 469 -21.47 -21.77 26.13
CA ASN B 469 -20.22 -21.01 26.26
C ASN B 469 -19.48 -20.91 24.92
N ILE B 470 -19.66 -21.93 24.10
CA ILE B 470 -18.89 -22.09 22.86
C ILE B 470 -19.67 -21.50 21.68
N ASN B 471 -20.75 -20.77 21.98
CA ASN B 471 -21.56 -20.13 20.94
C ASN B 471 -22.16 -21.16 19.96
N LEU B 472 -21.64 -21.19 18.73
CA LEU B 472 -22.33 -21.87 17.61
C LEU B 472 -23.00 -23.19 18.05
N PRO B 473 -22.20 -24.18 18.50
CA PRO B 473 -22.76 -25.51 18.74
C PRO B 473 -23.65 -25.59 19.99
N PRO B 474 -24.90 -26.06 19.82
CA PRO B 474 -25.64 -26.63 20.93
C PRO B 474 -25.38 -28.13 21.11
N THR B 475 -25.22 -28.85 20.00
CA THR B 475 -25.23 -30.32 20.00
C THR B 475 -23.85 -30.88 19.67
N ILE B 476 -23.19 -30.27 18.69
CA ILE B 476 -21.95 -30.83 18.12
C ILE B 476 -21.05 -31.32 19.25
N LEU B 477 -21.17 -30.66 20.40
CA LEU B 477 -20.46 -31.08 21.61
C LEU B 477 -20.73 -32.57 21.91
N SER B 478 -21.98 -32.98 21.86
CA SER B 478 -22.34 -34.38 22.07
C SER B 478 -21.54 -35.29 21.12
N ARG B 479 -21.11 -34.73 19.99
CA ARG B 479 -20.32 -35.47 19.00
C ARG B 479 -18.82 -35.43 19.34
N PHE B 480 -18.47 -34.79 20.45
CA PHE B 480 -17.13 -34.93 21.02
C PHE B 480 -17.13 -35.99 22.11
N ASP B 481 -15.97 -36.60 22.32
CA ASP B 481 -15.84 -37.63 23.33
C ASP B 481 -15.31 -37.05 24.64
N LEU B 482 -14.15 -36.39 24.58
CA LEU B 482 -13.57 -35.74 25.75
C LEU B 482 -13.44 -34.23 25.52
N ILE B 483 -14.25 -33.47 26.25
CA ILE B 483 -14.17 -32.01 26.24
C ILE B 483 -13.60 -31.50 27.56
N PHE B 484 -12.53 -30.72 27.48
CA PHE B 484 -11.92 -30.15 28.68
C PHE B 484 -12.02 -28.63 28.68
N ILE B 485 -11.92 -28.04 29.87
CA ILE B 485 -11.85 -26.58 29.99
C ILE B 485 -10.46 -26.19 30.47
N LEU B 486 -10.07 -24.96 30.18
CA LEU B 486 -8.80 -24.44 30.66
C LEU B 486 -9.00 -23.65 31.95
N LYS B 487 -8.65 -24.29 33.07
CA LYS B 487 -8.72 -23.64 34.39
C LYS B 487 -8.02 -22.30 34.33
N ASP B 488 -8.59 -21.31 35.01
CA ASP B 488 -8.03 -19.97 35.06
C ASP B 488 -6.71 -19.95 35.86
N GLN B 489 -6.41 -21.08 36.48
CA GLN B 489 -5.19 -21.24 37.29
C GLN B 489 -5.16 -20.29 38.49
N PRO B 490 -6.21 -20.30 39.33
CA PRO B 490 -6.15 -19.53 40.56
C PRO B 490 -5.26 -20.20 41.62
N GLY B 491 -5.26 -21.54 41.64
CA GLY B 491 -4.65 -22.29 42.74
C GLY B 491 -3.38 -23.02 42.33
N GLU B 492 -2.67 -22.50 41.33
CA GLU B 492 -1.54 -23.22 40.73
C GLU B 492 -0.54 -23.68 41.81
N GLN B 493 0.27 -22.74 42.29
CA GLN B 493 1.14 -22.96 43.46
C GLN B 493 2.31 -23.95 43.22
N ASP B 494 2.22 -24.78 42.19
CA ASP B 494 3.19 -25.87 41.98
C ASP B 494 4.35 -25.46 41.07
N ARG B 495 4.40 -24.17 40.72
CA ARG B 495 4.99 -23.77 39.44
C ARG B 495 6.50 -23.51 39.50
N GLU B 496 7.13 -23.81 40.65
CA GLU B 496 8.56 -23.54 40.81
C GLU B 496 9.38 -24.42 39.85
N LEU B 497 9.48 -25.71 40.18
CA LEU B 497 10.15 -26.66 39.33
C LEU B 497 9.39 -26.78 38.01
N ALA B 498 8.05 -26.80 38.12
CA ALA B 498 7.19 -27.03 36.97
C ALA B 498 7.42 -25.98 35.87
N ASN B 499 7.79 -24.77 36.27
CA ASN B 499 8.04 -23.70 35.31
C ASN B 499 9.51 -23.61 34.93
N TYR B 500 10.38 -23.57 35.93
CA TYR B 500 11.82 -23.61 35.72
C TYR B 500 12.25 -24.87 34.97
N ILE B 501 11.34 -25.84 34.83
CA ILE B 501 11.65 -27.09 34.13
C ILE B 501 12.65 -26.81 33.03
N LEU B 502 12.18 -26.12 32.00
CA LEU B 502 12.95 -25.98 30.77
C LEU B 502 13.57 -24.59 30.60
N ASP B 503 13.19 -23.62 31.43
CA ASP B 503 13.72 -22.27 31.26
C ASP B 503 15.21 -22.24 31.59
N VAL B 504 15.68 -23.26 32.31
CA VAL B 504 17.12 -23.50 32.43
C VAL B 504 17.45 -24.98 32.21
N HIS B 505 16.90 -25.84 33.04
CA HIS B 505 17.27 -27.26 33.03
C HIS B 505 16.78 -27.92 31.77
N SER B 506 17.61 -28.80 31.21
CA SER B 506 17.17 -29.69 30.14
C SER B 506 16.30 -30.82 30.71
N GLY B 507 16.70 -31.34 31.87
CA GLY B 507 16.01 -32.45 32.49
C GLY B 507 14.69 -32.06 33.11
N LYS B 508 13.70 -32.94 33.01
CA LYS B 508 12.42 -32.76 33.68
C LYS B 508 12.02 -34.02 34.43
N SER B 509 11.86 -35.12 33.71
CA SER B 509 11.20 -36.32 34.22
C SER B 509 12.18 -37.49 34.31
N THR B 510 11.82 -38.50 35.11
CA THR B 510 12.72 -39.63 35.37
C THR B 510 13.29 -40.21 34.07
N LYS B 511 12.43 -40.42 33.08
CA LYS B 511 12.87 -40.92 31.78
C LYS B 511 13.80 -39.91 31.12
N ASN B 512 13.28 -38.70 30.90
CA ASN B 512 14.07 -37.58 30.39
C ASN B 512 14.52 -37.72 28.94
N ILE B 513 14.39 -38.91 28.36
CA ILE B 513 14.53 -39.06 26.90
C ILE B 513 13.27 -38.52 26.24
N ILE B 514 12.11 -38.85 26.82
CA ILE B 514 10.86 -38.22 26.42
C ILE B 514 10.57 -38.57 24.94
N ASP B 515 11.20 -39.65 24.47
CA ASP B 515 10.96 -40.18 23.13
C ASP B 515 11.21 -39.15 22.04
N ILE B 516 12.10 -38.21 22.31
CA ILE B 516 12.42 -37.15 21.36
C ILE B 516 11.12 -36.44 20.95
N ASP B 517 11.02 -36.09 19.67
CA ASP B 517 9.85 -35.40 19.15
C ASP B 517 9.38 -36.13 17.91
N THR B 518 10.28 -36.27 16.94
CA THR B 518 10.04 -37.12 15.81
C THR B 518 9.85 -38.58 16.24
N LEU B 519 10.77 -39.09 17.06
CA LEU B 519 10.73 -40.51 17.42
C LEU B 519 9.39 -40.87 18.06
N ARG B 520 8.91 -40.04 18.98
CA ARG B 520 7.60 -40.27 19.60
C ARG B 520 6.55 -40.44 18.51
N LYS B 521 6.73 -39.75 17.38
CA LYS B 521 5.83 -39.89 16.24
C LYS B 521 6.14 -41.14 15.42
N TYR B 522 7.42 -41.47 15.29
CA TYR B 522 7.83 -42.63 14.50
C TYR B 522 7.30 -43.93 15.09
N ILE B 523 6.95 -43.90 16.37
CA ILE B 523 6.27 -45.04 16.99
C ILE B 523 4.79 -44.74 17.23
N ALA B 524 4.51 -43.89 18.21
CA ALA B 524 3.19 -43.85 18.83
C ALA B 524 2.09 -43.71 17.79
N TYR B 525 2.31 -42.84 16.81
CA TYR B 525 1.37 -42.67 15.72
C TYR B 525 1.79 -43.52 14.53
N ALA B 526 2.98 -43.25 14.00
CA ALA B 526 3.45 -43.91 12.78
C ALA B 526 3.31 -45.44 12.89
N ARG B 527 3.28 -45.94 14.13
CA ARG B 527 2.95 -47.35 14.37
C ARG B 527 1.51 -47.51 14.83
N LYS B 528 0.61 -47.71 13.88
CA LYS B 528 -0.57 -48.53 14.11
C LYS B 528 -0.50 -49.76 13.20
N TYR B 529 0.29 -50.75 13.65
CA TYR B 529 0.20 -52.11 13.12
C TYR B 529 -0.60 -52.95 14.11
N VAL B 530 -1.14 -52.29 15.13
CA VAL B 530 -1.76 -52.97 16.25
C VAL B 530 -3.28 -52.91 16.10
N THR B 531 -3.96 -53.99 16.46
CA THR B 531 -5.42 -54.04 16.39
C THR B 531 -5.98 -54.78 17.59
N PRO B 532 -6.01 -54.10 18.74
CA PRO B 532 -6.21 -54.76 20.03
C PRO B 532 -7.69 -54.95 20.37
N LYS B 533 -8.28 -56.05 19.89
CA LYS B 533 -9.62 -56.44 20.35
C LYS B 533 -9.56 -56.93 21.80
N ILE B 534 -10.29 -56.26 22.68
CA ILE B 534 -10.22 -56.54 24.12
C ILE B 534 -11.17 -57.70 24.46
N THR B 535 -10.87 -58.42 25.53
CA THR B 535 -11.63 -59.63 25.87
C THR B 535 -11.67 -59.91 27.38
N SER B 536 -12.41 -60.96 27.74
CA SER B 536 -12.40 -61.52 29.10
C SER B 536 -12.62 -60.43 30.18
N GLU B 537 -11.83 -60.46 31.24
CA GLU B 537 -12.16 -59.70 32.46
C GLU B 537 -12.46 -58.23 32.13
N ALA B 538 -11.76 -57.69 31.15
CA ALA B 538 -12.01 -56.32 30.69
C ALA B 538 -13.49 -56.15 30.34
N LYS B 539 -14.00 -57.07 29.54
CA LYS B 539 -15.41 -57.04 29.13
C LYS B 539 -16.35 -56.89 30.33
N ASN B 540 -15.96 -57.46 31.47
CA ASN B 540 -16.80 -57.39 32.66
C ASN B 540 -16.61 -56.09 33.43
N LEU B 541 -15.35 -55.72 33.67
CA LEU B 541 -15.05 -54.55 34.52
C LEU B 541 -15.70 -53.29 33.95
N ILE B 542 -15.80 -53.21 32.63
CA ILE B 542 -16.51 -52.12 31.98
C ILE B 542 -18.00 -52.22 32.22
N THR B 543 -18.54 -53.44 32.21
CA THR B 543 -19.96 -53.65 32.35
C THR B 543 -20.46 -53.28 33.73
N ASP B 544 -19.80 -53.81 34.76
CA ASP B 544 -20.15 -53.49 36.14
C ASP B 544 -20.09 -51.97 36.34
N PHE B 545 -19.24 -51.30 35.56
CA PHE B 545 -19.21 -49.84 35.52
C PHE B 545 -20.44 -49.28 34.79
N PHE B 546 -20.85 -49.95 33.73
CA PHE B 546 -22.02 -49.52 32.97
C PHE B 546 -23.27 -49.55 33.84
N VAL B 547 -23.53 -50.71 34.45
CA VAL B 547 -24.74 -50.89 35.25
C VAL B 547 -24.72 -50.00 36.49
N GLU B 548 -23.55 -49.81 37.09
CA GLU B 548 -23.44 -48.98 38.31
C GLU B 548 -23.64 -47.49 38.00
N MET B 549 -23.07 -47.02 36.89
CA MET B 549 -23.26 -45.62 36.47
C MET B 549 -24.71 -45.36 36.10
N ARG B 550 -25.28 -46.26 35.29
CA ARG B 550 -26.66 -46.15 34.88
C ARG B 550 -27.57 -46.14 36.10
N LYS B 551 -27.60 -47.27 36.83
CA LYS B 551 -28.49 -47.43 37.97
C LYS B 551 -28.27 -46.33 39.00
N LYS B 552 -27.04 -45.85 39.14
CA LYS B 552 -26.76 -44.74 40.03
C LYS B 552 -27.65 -43.55 39.67
N SER B 553 -27.83 -43.31 38.37
CA SER B 553 -28.67 -42.21 37.92
C SER B 553 -30.15 -42.61 37.90
N SER B 554 -30.44 -43.81 37.40
CA SER B 554 -31.83 -44.21 37.14
C SER B 554 -32.54 -44.64 38.43
N GLU B 555 -31.79 -44.78 39.51
CA GLU B 555 -32.38 -45.08 40.83
C GLU B 555 -33.17 -43.87 41.36
N THR B 556 -32.75 -42.67 40.98
CA THR B 556 -33.40 -41.44 41.44
C THR B 556 -34.51 -41.03 40.47
N PRO B 557 -35.78 -41.05 40.94
CA PRO B 557 -36.90 -40.72 40.03
C PRO B 557 -36.86 -39.29 39.49
N ASP B 558 -35.98 -38.45 40.06
CA ASP B 558 -35.88 -37.05 39.67
C ASP B 558 -35.50 -36.89 38.19
N SER B 559 -35.10 -37.99 37.56
CA SER B 559 -34.63 -37.95 36.16
C SER B 559 -33.43 -37.02 36.01
N PRO B 560 -32.28 -37.42 36.58
CA PRO B 560 -31.05 -36.62 36.44
C PRO B 560 -30.39 -36.80 35.08
N ILE B 561 -31.18 -36.68 34.01
CA ILE B 561 -30.68 -36.72 32.62
C ILE B 561 -30.03 -38.06 32.23
N LEU B 562 -29.98 -39.00 33.17
CA LEU B 562 -29.51 -40.38 32.92
C LEU B 562 -27.97 -40.50 32.95
N ILE B 563 -27.27 -39.37 33.05
CA ILE B 563 -25.79 -39.38 33.10
C ILE B 563 -25.22 -39.75 31.71
N THR B 564 -26.11 -40.05 30.77
CA THR B 564 -25.77 -40.16 29.33
C THR B 564 -24.67 -41.18 29.01
N PRO B 565 -24.77 -42.40 29.56
CA PRO B 565 -23.79 -43.38 29.09
C PRO B 565 -24.21 -44.06 27.77
N ARG B 566 -25.50 -44.02 27.47
CA ARG B 566 -26.12 -45.01 26.57
C ARG B 566 -25.37 -45.12 25.23
N GLN B 567 -25.16 -44.00 24.55
CA GLN B 567 -24.32 -43.97 23.35
C GLN B 567 -22.84 -43.98 23.72
N LEU B 568 -22.53 -43.41 24.88
CA LEU B 568 -21.15 -43.23 25.30
C LEU B 568 -20.48 -44.56 25.69
N GLU B 569 -21.26 -45.49 26.24
CA GLU B 569 -20.75 -46.84 26.54
C GLU B 569 -20.04 -47.40 25.31
N ALA B 570 -20.45 -46.95 24.12
CA ALA B 570 -19.80 -47.34 22.88
C ALA B 570 -18.38 -46.77 22.82
N LEU B 571 -18.25 -45.46 23.01
CA LEU B 571 -16.98 -44.78 22.72
C LEU B 571 -16.00 -44.75 23.92
N ILE B 572 -16.48 -45.07 25.12
CA ILE B 572 -15.57 -45.48 26.21
C ILE B 572 -14.89 -46.77 25.82
N ARG B 573 -15.68 -47.71 25.28
CA ARG B 573 -15.20 -49.04 24.96
C ARG B 573 -14.44 -49.02 23.65
N ILE B 574 -14.38 -47.84 23.04
CA ILE B 574 -13.38 -47.51 22.03
C ILE B 574 -12.14 -46.96 22.73
N SER B 575 -12.33 -45.92 23.53
CA SER B 575 -11.22 -45.22 24.18
C SER B 575 -10.27 -46.22 24.85
N GLU B 576 -10.70 -46.86 25.94
CA GLU B 576 -9.85 -47.81 26.67
C GLU B 576 -9.17 -48.79 25.72
N ALA B 577 -9.98 -49.61 25.05
CA ALA B 577 -9.48 -50.69 24.22
C ALA B 577 -8.41 -50.16 23.27
N TYR B 578 -8.65 -48.98 22.73
CA TYR B 578 -7.82 -48.43 21.68
C TYR B 578 -7.00 -47.24 22.20
N ALA B 579 -7.11 -46.98 23.51
CA ALA B 579 -6.20 -46.08 24.21
C ALA B 579 -4.92 -46.82 24.52
N LYS B 580 -5.08 -48.07 24.93
CA LYS B 580 -3.94 -48.92 25.22
C LYS B 580 -3.67 -49.83 24.02
N MET B 581 -4.11 -49.35 22.85
CA MET B 581 -3.47 -49.68 21.57
C MET B 581 -1.99 -49.31 21.55
N ALA B 582 -1.50 -48.69 22.63
CA ALA B 582 -0.12 -48.21 22.66
C ALA B 582 0.86 -49.36 22.86
N LEU B 583 1.32 -49.93 21.72
CA LEU B 583 2.10 -51.18 21.70
C LEU B 583 1.63 -52.19 22.73
N LYS B 584 0.32 -52.43 22.74
CA LYS B 584 -0.24 -53.59 23.41
C LYS B 584 -1.04 -54.42 22.40
N ALA B 585 -0.54 -55.61 22.09
CA ALA B 585 -1.12 -56.42 21.02
C ALA B 585 -2.26 -57.26 21.56
N GLU B 586 -3.49 -56.81 21.33
CA GLU B 586 -4.68 -57.55 21.73
C GLU B 586 -4.88 -57.62 23.26
N VAL B 587 -3.86 -57.24 24.02
CA VAL B 587 -3.88 -57.44 25.47
C VAL B 587 -4.52 -56.24 26.16
N THR B 588 -5.58 -56.49 26.92
CA THR B 588 -6.30 -55.43 27.62
C THR B 588 -6.79 -55.95 28.99
N ARG B 589 -6.26 -55.38 30.07
CA ARG B 589 -6.73 -55.71 31.43
C ARG B 589 -7.01 -54.44 32.26
N GLU B 590 -5.94 -53.79 32.73
CA GLU B 590 -6.09 -52.65 33.65
C GLU B 590 -6.29 -51.36 32.86
N ASP B 591 -6.11 -51.44 31.56
CA ASP B 591 -6.43 -50.34 30.66
C ASP B 591 -7.84 -49.82 30.94
N ALA B 592 -8.77 -50.77 31.11
CA ALA B 592 -10.13 -50.43 31.49
C ALA B 592 -10.13 -49.45 32.66
N GLU B 593 -9.40 -49.80 33.72
CA GLU B 593 -9.37 -48.97 34.93
C GLU B 593 -9.09 -47.50 34.58
N ARG B 594 -8.11 -47.27 33.72
CA ARG B 594 -7.74 -45.91 33.30
C ARG B 594 -8.92 -45.20 32.63
N ALA B 595 -9.55 -45.86 31.65
CA ALA B 595 -10.65 -45.24 30.92
C ALA B 595 -11.87 -45.04 31.81
N ILE B 596 -12.36 -46.12 32.42
CA ILE B 596 -13.54 -46.02 33.29
C ILE B 596 -13.34 -44.90 34.30
N ASN B 597 -12.12 -44.74 34.78
CA ASN B 597 -11.79 -43.64 35.70
C ASN B 597 -12.10 -42.28 35.06
N ILE B 598 -11.44 -41.98 33.94
CA ILE B 598 -11.56 -40.65 33.32
C ILE B 598 -12.99 -40.39 32.82
N MET B 599 -13.73 -41.45 32.52
CA MET B 599 -15.11 -41.30 32.06
C MET B 599 -16.06 -41.08 33.23
N ARG B 600 -15.83 -41.79 34.33
CA ARG B 600 -16.56 -41.53 35.56
C ARG B 600 -16.22 -40.14 36.07
N LEU B 601 -15.00 -39.70 35.78
CA LEU B 601 -14.59 -38.34 36.05
C LEU B 601 -15.34 -37.38 35.12
N PHE B 602 -15.57 -37.83 33.89
CA PHE B 602 -16.22 -36.99 32.90
C PHE B 602 -17.71 -36.88 33.11
N LEU B 603 -18.38 -38.02 33.26
CA LEU B 603 -19.84 -38.05 33.31
C LEU B 603 -20.37 -37.13 34.42
N GLU B 604 -19.52 -36.86 35.41
CA GLU B 604 -19.92 -36.06 36.56
C GLU B 604 -19.05 -34.81 36.65
N GLN C 13 54.62 24.31 -21.76
CA GLN C 13 56.07 24.49 -22.06
C GLN C 13 56.92 24.23 -20.82
N ILE C 14 56.95 25.20 -19.92
CA ILE C 14 57.76 25.08 -18.69
C ILE C 14 57.07 24.19 -17.65
N ASP C 15 57.88 23.50 -16.85
CA ASP C 15 57.40 22.33 -16.08
C ASP C 15 57.70 22.50 -14.59
N TYR C 16 56.66 22.39 -13.77
CA TYR C 16 56.78 22.64 -12.33
C TYR C 16 56.67 21.36 -11.50
N ARG C 17 56.66 20.21 -12.16
CA ARG C 17 56.75 18.92 -11.46
C ARG C 17 57.91 18.96 -10.47
N ASP C 18 59.06 19.46 -10.94
CA ASP C 18 60.21 19.68 -10.07
C ASP C 18 59.79 20.38 -8.78
N VAL C 19 59.28 21.61 -8.91
CA VAL C 19 58.95 22.43 -7.75
C VAL C 19 57.90 21.71 -6.91
N PHE C 20 56.99 21.01 -7.57
CA PHE C 20 55.82 20.43 -6.90
C PHE C 20 56.24 19.36 -5.89
N ILE C 21 56.92 18.33 -6.37
CA ILE C 21 57.34 17.22 -5.50
C ILE C 21 58.49 17.65 -4.59
N GLU C 22 59.24 18.66 -5.01
CA GLU C 22 60.31 19.21 -4.17
C GLU C 22 59.75 20.25 -3.17
N PHE C 23 58.43 20.45 -3.20
CA PHE C 23 57.77 21.37 -2.28
C PHE C 23 57.01 20.59 -1.22
N LEU C 24 56.01 19.81 -1.64
CA LEU C 24 55.18 19.05 -0.70
C LEU C 24 56.04 18.26 0.28
N THR C 25 57.10 17.66 -0.21
CA THR C 25 57.93 16.77 0.61
C THR C 25 58.96 17.55 1.43
N THR C 26 59.46 18.65 0.86
CA THR C 26 60.58 19.38 1.47
C THR C 26 60.13 20.58 2.30
N PHE C 27 58.83 20.88 2.29
CA PHE C 27 58.31 22.07 2.97
C PHE C 27 58.40 21.91 4.49
N LYS C 28 58.83 22.97 5.17
CA LYS C 28 59.04 22.93 6.62
C LYS C 28 57.72 23.02 7.37
N GLY C 29 57.08 24.19 7.32
CA GLY C 29 55.71 24.34 7.82
C GLY C 29 55.64 24.98 9.21
N ASN C 30 54.44 25.00 9.77
CA ASN C 30 54.20 25.64 11.07
C ASN C 30 55.19 25.17 12.13
N ASN C 31 55.18 23.87 12.39
CA ASN C 31 56.03 23.30 13.43
C ASN C 31 57.49 23.18 12.99
N ASN C 32 57.78 23.66 11.78
CA ASN C 32 59.04 23.35 11.10
C ASN C 32 59.26 21.84 10.98
N GLN C 33 58.16 21.09 11.06
CA GLN C 33 58.18 19.65 10.85
C GLN C 33 57.47 19.34 9.54
N ASN C 34 58.05 18.43 8.76
CA ASN C 34 57.57 18.20 7.39
C ASN C 34 56.06 18.01 7.34
N LYS C 35 55.41 18.84 6.53
CA LYS C 35 53.98 18.73 6.29
C LYS C 35 53.77 18.49 4.80
N TYR C 36 52.53 18.20 4.41
CA TYR C 36 52.18 17.99 2.99
C TYR C 36 52.69 16.64 2.47
N ILE C 37 53.70 16.08 3.13
CA ILE C 37 53.95 14.64 3.06
C ILE C 37 53.04 13.93 4.05
N GLU C 38 52.76 14.58 5.19
CA GLU C 38 51.90 14.00 6.20
C GLU C 38 50.45 14.07 5.78
N ARG C 39 50.04 15.20 5.20
CA ARG C 39 48.72 15.30 4.56
C ARG C 39 48.58 14.23 3.49
N ILE C 40 49.62 14.05 2.69
CA ILE C 40 49.66 12.99 1.69
C ILE C 40 49.41 11.63 2.35
N ASN C 41 50.06 11.39 3.49
CA ASN C 41 49.93 10.11 4.19
C ASN C 41 48.49 9.85 4.62
N GLU C 42 47.91 10.80 5.35
CA GLU C 42 46.50 10.71 5.75
C GLU C 42 45.61 10.46 4.54
N LEU C 43 45.92 11.15 3.44
CA LEU C 43 45.13 11.05 2.22
C LEU C 43 45.17 9.62 1.68
N VAL C 44 46.38 9.08 1.54
CA VAL C 44 46.55 7.74 1.00
C VAL C 44 46.03 6.69 1.99
N ALA C 45 46.00 7.04 3.27
CA ALA C 45 45.54 6.12 4.31
C ALA C 45 44.01 6.05 4.34
N TYR C 46 43.36 7.19 4.15
CA TYR C 46 41.90 7.27 4.35
C TYR C 46 41.12 7.15 3.04
N ARG C 47 41.84 6.97 1.93
CA ARG C 47 41.20 6.78 0.61
C ARG C 47 40.41 8.01 0.18
N LYS C 48 40.92 9.19 0.54
CA LYS C 48 40.33 10.46 0.10
C LYS C 48 41.10 11.00 -1.08
N LYS C 49 40.39 11.63 -2.02
CA LYS C 49 41.04 12.37 -3.10
C LYS C 49 40.72 13.86 -3.01
N SER C 50 41.51 14.57 -2.21
CA SER C 50 41.63 16.01 -2.30
C SER C 50 42.94 16.37 -1.67
N LEU C 51 43.65 17.34 -2.24
CA LEU C 51 44.82 17.88 -1.59
C LEU C 51 44.62 19.36 -1.34
N ILE C 52 44.39 19.70 -0.08
CA ILE C 52 44.19 21.09 0.29
C ILE C 52 45.51 21.73 0.68
N ILE C 53 45.95 22.67 -0.15
CA ILE C 53 47.21 23.37 0.07
C ILE C 53 46.93 24.86 0.25
N GLU C 54 47.57 25.45 1.26
CA GLU C 54 47.42 26.89 1.53
C GLU C 54 48.25 27.69 0.53
N PHE C 55 47.71 28.81 0.08
CA PHE C 55 48.41 29.69 -0.85
C PHE C 55 49.51 30.49 -0.14
N SER C 56 49.28 30.79 1.14
CA SER C 56 50.28 31.49 1.95
C SER C 56 51.52 30.61 2.20
N ASP C 57 51.34 29.29 2.17
CA ASP C 57 52.46 28.36 2.30
C ASP C 57 53.27 28.28 1.00
N VAL C 58 52.61 28.54 -0.12
CA VAL C 58 53.29 28.58 -1.42
C VAL C 58 54.02 29.91 -1.61
N LEU C 59 53.39 31.00 -1.19
CA LEU C 59 53.98 32.32 -1.35
C LEU C 59 55.17 32.50 -0.39
N SER C 60 55.19 31.71 0.69
CA SER C 60 56.33 31.69 1.60
C SER C 60 57.43 30.77 1.09
N PHE C 61 57.20 30.15 -0.06
CA PHE C 61 58.15 29.21 -0.65
C PHE C 61 58.55 29.66 -2.06
N ASN C 62 57.57 29.74 -2.96
CA ASN C 62 57.80 30.20 -4.32
C ASN C 62 56.67 31.13 -4.78
N GLU C 63 57.02 32.32 -5.25
CA GLU C 63 56.02 33.33 -5.63
C GLU C 63 55.51 33.13 -7.05
N ASN C 64 56.42 32.84 -7.99
CA ASN C 64 56.04 32.71 -9.40
C ASN C 64 55.04 31.58 -9.60
N LEU C 65 55.14 30.54 -8.77
CA LEU C 65 54.13 29.49 -8.71
C LEU C 65 52.73 30.12 -8.71
N ALA C 66 52.50 31.04 -7.78
CA ALA C 66 51.22 31.73 -7.67
C ALA C 66 50.72 32.22 -9.02
N TYR C 67 51.42 33.21 -9.58
CA TYR C 67 50.96 33.87 -10.80
C TYR C 67 50.58 32.84 -11.87
N GLU C 68 51.47 31.88 -12.10
CA GLU C 68 51.26 30.87 -13.13
C GLU C 68 50.00 30.06 -12.86
N ILE C 69 49.81 29.66 -11.62
CA ILE C 69 48.64 28.85 -11.27
C ILE C 69 47.41 29.72 -11.44
N ILE C 70 47.32 30.77 -10.64
CA ILE C 70 46.12 31.58 -10.52
C ILE C 70 45.64 32.12 -11.87
N ASN C 71 46.56 32.57 -12.71
CA ASN C 71 46.17 33.13 -14.01
C ASN C 71 46.07 32.10 -15.14
N ASN C 72 46.92 31.07 -15.11
CA ASN C 72 46.83 29.99 -16.12
C ASN C 72 46.10 28.75 -15.60
N THR C 73 45.44 28.89 -14.45
CA THR C 73 44.82 27.76 -13.74
C THR C 73 44.15 26.80 -14.71
N LYS C 74 43.44 27.35 -15.67
CA LYS C 74 42.67 26.55 -16.61
C LYS C 74 43.46 25.31 -17.03
N ILE C 75 44.58 25.54 -17.71
CA ILE C 75 45.36 24.43 -18.25
C ILE C 75 46.33 23.84 -17.21
N ILE C 76 46.89 24.69 -16.34
CA ILE C 76 47.99 24.23 -15.49
C ILE C 76 47.54 23.18 -14.47
N LEU C 77 46.37 23.38 -13.87
CA LEU C 77 45.97 22.58 -12.70
C LEU C 77 45.92 21.07 -13.01
N PRO C 78 45.08 20.65 -13.99
CA PRO C 78 45.02 19.21 -14.27
C PRO C 78 46.40 18.57 -14.47
N ILE C 79 47.32 19.32 -15.07
CA ILE C 79 48.70 18.85 -15.24
C ILE C 79 49.29 18.49 -13.88
N LEU C 80 49.26 19.45 -12.95
CA LEU C 80 49.77 19.22 -11.60
C LEU C 80 49.05 18.05 -10.92
N GLU C 81 47.75 17.89 -11.20
CA GLU C 81 46.96 16.84 -10.56
C GLU C 81 47.45 15.45 -10.97
N GLY C 82 47.51 15.19 -12.28
CA GLY C 82 48.08 13.93 -12.79
C GLY C 82 49.50 13.72 -12.31
N ALA C 83 50.31 14.77 -12.40
CA ALA C 83 51.70 14.71 -11.93
C ALA C 83 51.80 14.29 -10.46
N LEU C 84 50.79 14.64 -9.67
CA LEU C 84 50.74 14.22 -8.26
C LEU C 84 50.39 12.74 -8.15
N TYR C 85 49.33 12.32 -8.84
CA TYR C 85 48.88 10.94 -8.78
C TYR C 85 50.04 9.98 -9.01
N ASP C 86 50.94 10.34 -9.91
CA ASP C 86 52.13 9.54 -10.17
C ASP C 86 52.94 9.30 -8.90
N HIS C 87 53.22 10.37 -8.16
CA HIS C 87 53.93 10.27 -6.88
C HIS C 87 53.13 9.47 -5.87
N ILE C 88 51.80 9.51 -6.00
CA ILE C 88 50.91 8.84 -5.03
C ILE C 88 50.87 7.33 -5.28
N LEU C 89 50.96 6.90 -6.53
CA LEU C 89 50.94 5.46 -6.84
C LEU C 89 52.18 4.77 -6.30
N GLN C 90 53.29 5.49 -6.19
CA GLN C 90 54.56 4.89 -5.83
C GLN C 90 54.88 5.06 -4.33
N LEU C 91 53.97 5.71 -3.60
CA LEU C 91 53.90 5.53 -2.14
C LEU C 91 53.05 4.31 -1.78
N ASP C 92 51.92 4.15 -2.47
CA ASP C 92 50.99 3.04 -2.22
C ASP C 92 50.35 2.57 -3.53
N PRO C 93 51.02 1.65 -4.24
CA PRO C 93 50.53 1.26 -5.57
C PRO C 93 49.10 0.71 -5.56
N THR C 94 48.66 0.18 -4.42
CA THR C 94 47.29 -0.33 -4.29
C THR C 94 46.26 0.81 -4.23
N TYR C 95 46.74 2.04 -4.28
CA TYR C 95 45.87 3.21 -4.42
C TYR C 95 45.13 3.21 -5.76
N GLN C 96 45.53 2.31 -6.66
CA GLN C 96 44.79 2.11 -7.91
C GLN C 96 43.43 1.45 -7.64
N ARG C 97 42.60 1.40 -8.67
CA ARG C 97 41.27 0.76 -8.59
C ARG C 97 40.29 1.57 -7.74
N ASP C 98 40.79 2.27 -6.73
CA ASP C 98 39.94 3.04 -5.82
C ASP C 98 39.70 4.45 -6.37
N ILE C 99 40.77 5.10 -6.81
CA ILE C 99 40.71 6.48 -7.29
C ILE C 99 41.32 6.56 -8.69
N GLU C 100 40.85 7.51 -9.50
CA GLU C 100 41.43 7.75 -10.82
C GLU C 100 42.37 8.97 -10.83
N LYS C 101 41.83 10.13 -10.47
CA LYS C 101 42.64 11.36 -10.37
C LYS C 101 42.34 12.10 -9.07
N VAL C 102 43.34 12.20 -8.21
CA VAL C 102 43.22 13.02 -7.01
C VAL C 102 43.16 14.49 -7.38
N HIS C 103 42.66 15.32 -6.46
CA HIS C 103 42.41 16.73 -6.76
C HIS C 103 43.31 17.64 -5.98
N VAL C 104 43.72 18.73 -6.64
CA VAL C 104 44.52 19.77 -6.00
C VAL C 104 43.67 21.00 -5.80
N ARG C 105 43.59 21.47 -4.56
CA ARG C 105 42.72 22.58 -4.22
C ARG C 105 43.44 23.60 -3.36
N ILE C 106 43.13 24.86 -3.61
CA ILE C 106 43.85 25.96 -2.99
C ILE C 106 42.90 26.72 -2.07
N VAL C 107 43.36 27.02 -0.86
CA VAL C 107 42.54 27.75 0.12
C VAL C 107 43.14 29.14 0.38
N GLY C 108 42.26 30.12 0.58
CA GLY C 108 42.69 31.46 0.98
C GLY C 108 43.71 32.05 0.02
N ILE C 109 43.29 32.25 -1.24
CA ILE C 109 44.11 33.00 -2.20
C ILE C 109 43.84 34.51 -2.05
N PRO C 110 44.77 35.35 -2.54
CA PRO C 110 44.68 36.79 -2.25
C PRO C 110 43.48 37.48 -2.91
N ARG C 111 43.06 36.99 -4.08
CA ARG C 111 42.04 37.69 -4.85
C ARG C 111 40.64 37.26 -4.44
N VAL C 112 39.96 38.12 -3.68
CA VAL C 112 38.63 37.85 -3.18
C VAL C 112 37.69 38.93 -3.72
N ILE C 113 36.84 38.55 -4.66
CA ILE C 113 36.04 39.52 -5.38
C ILE C 113 34.57 39.38 -4.99
N GLU C 114 33.95 40.51 -4.60
CA GLU C 114 32.55 40.51 -4.20
C GLU C 114 31.67 40.19 -5.39
N LEU C 115 30.76 39.23 -5.21
CA LEU C 115 29.94 38.73 -6.31
C LEU C 115 29.15 39.87 -6.99
N ARG C 116 28.99 40.99 -6.28
CA ARG C 116 28.28 42.15 -6.83
C ARG C 116 29.05 42.74 -8.02
N LYS C 117 30.30 43.13 -7.78
CA LYS C 117 31.16 43.61 -8.87
C LYS C 117 32.02 42.48 -9.36
N ILE C 118 31.73 42.01 -10.57
CA ILE C 118 32.50 40.92 -11.17
C ILE C 118 32.92 41.31 -12.58
N ARG C 119 34.22 41.41 -12.80
CA ARG C 119 34.74 41.70 -14.15
C ARG C 119 34.34 40.58 -15.10
N SER C 120 33.95 40.95 -16.31
CA SER C 120 33.70 39.98 -17.36
C SER C 120 35.02 39.44 -17.92
N THR C 121 36.12 40.03 -17.48
CA THR C 121 37.45 39.57 -17.88
C THR C 121 37.99 38.52 -16.90
N ASP C 122 37.17 38.13 -15.92
CA ASP C 122 37.60 37.18 -14.89
C ASP C 122 37.17 35.74 -15.17
N ILE C 123 36.52 35.50 -16.30
CA ILE C 123 36.22 34.14 -16.74
C ILE C 123 37.52 33.41 -17.05
N GLY C 124 37.64 32.18 -16.53
CA GLY C 124 38.84 31.38 -16.75
C GLY C 124 39.96 31.69 -15.77
N LYS C 125 39.73 32.67 -14.89
CA LYS C 125 40.70 33.02 -13.86
C LYS C 125 40.27 32.47 -12.50
N LEU C 126 41.24 32.15 -11.66
CA LEU C 126 40.98 31.63 -10.33
C LEU C 126 40.61 32.78 -9.39
N ILE C 127 39.46 32.65 -8.71
CA ILE C 127 39.00 33.71 -7.80
C ILE C 127 38.38 33.10 -6.54
N THR C 128 38.18 33.95 -5.54
CA THR C 128 37.44 33.57 -4.33
C THR C 128 36.21 34.47 -4.23
N ILE C 129 35.13 33.96 -3.64
CA ILE C 129 33.92 34.76 -3.44
C ILE C 129 33.33 34.54 -2.05
N ASP C 130 33.04 35.64 -1.38
CA ASP C 130 32.28 35.61 -0.13
C ASP C 130 30.78 35.66 -0.45
N GLY C 131 29.98 34.93 0.31
CA GLY C 131 28.53 35.01 0.17
C GLY C 131 27.78 33.99 1.00
N ILE C 132 26.45 34.04 0.90
CA ILE C 132 25.59 33.04 1.54
C ILE C 132 25.01 32.10 0.49
N LEU C 133 24.81 30.85 0.89
CA LEU C 133 24.42 29.80 -0.04
C LEU C 133 22.99 29.37 0.26
N VAL C 134 22.12 29.43 -0.76
CA VAL C 134 20.68 29.42 -0.53
C VAL C 134 19.99 28.21 -1.16
N LYS C 135 20.10 28.07 -2.47
CA LYS C 135 19.46 26.95 -3.18
C LYS C 135 20.49 25.90 -3.57
N VAL C 136 20.14 24.63 -3.35
CA VAL C 136 21.03 23.52 -3.68
C VAL C 136 20.23 22.35 -4.24
N THR C 137 20.71 21.77 -5.34
CA THR C 137 19.99 20.69 -5.99
C THR C 137 20.50 19.36 -5.42
N PRO C 138 19.78 18.25 -5.72
CA PRO C 138 20.21 16.95 -5.19
C PRO C 138 21.46 16.42 -5.90
N VAL C 139 22.11 15.45 -5.28
CA VAL C 139 23.23 14.76 -5.91
C VAL C 139 22.75 14.08 -7.20
N LYS C 140 23.50 14.30 -8.28
CA LYS C 140 23.24 13.63 -9.54
C LYS C 140 24.58 13.16 -10.11
N GLU C 141 24.53 12.40 -11.21
CA GLU C 141 25.75 11.94 -11.86
C GLU C 141 25.88 12.53 -13.26
N ARG C 142 27.04 12.31 -13.87
CA ARG C 142 27.28 12.71 -15.24
C ARG C 142 28.44 11.89 -15.75
N ILE C 143 28.59 11.83 -17.08
CA ILE C 143 29.68 11.08 -17.67
C ILE C 143 30.91 11.99 -17.79
N TYR C 144 31.98 11.60 -17.11
CA TYR C 144 33.23 12.32 -17.20
C TYR C 144 33.87 12.08 -18.57
N LYS C 145 34.23 10.83 -18.83
CA LYS C 145 34.71 10.41 -20.16
C LYS C 145 33.93 9.18 -20.60
N ALA C 146 33.32 9.25 -21.78
CA ALA C 146 32.55 8.12 -22.32
C ALA C 146 33.43 7.32 -23.27
N THR C 147 33.41 6.00 -23.12
CA THR C 147 34.18 5.11 -23.98
C THR C 147 33.26 4.41 -24.98
N TYR C 148 33.55 4.58 -26.27
CA TYR C 148 32.74 3.99 -27.33
C TYR C 148 33.54 2.97 -28.12
N LYS C 149 32.83 2.03 -28.72
CA LYS C 149 33.44 1.05 -29.61
C LYS C 149 32.68 1.05 -30.95
N HIS C 150 33.44 1.06 -32.05
CA HIS C 150 32.85 1.22 -33.38
C HIS C 150 32.59 -0.13 -34.01
N ILE C 151 31.33 -0.38 -34.37
CA ILE C 151 30.93 -1.63 -35.01
C ILE C 151 30.98 -1.50 -36.53
N HIS C 152 31.95 -2.20 -37.14
CA HIS C 152 32.09 -2.26 -38.59
C HIS C 152 33.35 -3.03 -38.90
N PRO C 153 33.50 -3.50 -40.15
CA PRO C 153 34.73 -4.24 -40.48
C PRO C 153 35.99 -3.38 -40.38
N ASP C 154 35.81 -2.06 -40.43
CA ASP C 154 36.90 -1.12 -40.21
C ASP C 154 36.70 -0.37 -38.90
N CYS C 155 36.97 -1.05 -37.79
CA CYS C 155 37.21 -0.39 -36.50
C CYS C 155 37.46 -1.42 -35.40
N MET C 156 36.39 -2.01 -34.90
CA MET C 156 36.47 -3.01 -33.81
C MET C 156 37.48 -2.60 -32.75
N GLN C 157 37.48 -1.32 -32.38
CA GLN C 157 38.36 -0.83 -31.32
C GLN C 157 37.66 0.23 -30.47
N GLU C 158 38.27 0.54 -29.32
CA GLU C 158 37.63 1.36 -28.30
C GLU C 158 38.37 2.70 -28.19
N PHE C 159 37.65 3.74 -27.78
CA PHE C 159 38.23 5.07 -27.66
C PHE C 159 37.43 5.93 -26.68
N GLU C 160 38.05 7.01 -26.21
CA GLU C 160 37.38 7.94 -25.27
C GLU C 160 36.92 9.19 -26.01
N TRP C 161 35.73 9.66 -25.70
CA TRP C 161 35.08 10.68 -26.52
C TRP C 161 35.66 12.08 -26.37
N PRO C 162 35.72 12.62 -25.12
CA PRO C 162 36.25 13.99 -25.00
C PRO C 162 37.78 14.06 -25.01
N GLU C 163 38.37 14.10 -26.20
CA GLU C 163 39.83 14.13 -26.34
C GLU C 163 40.41 15.51 -26.00
N ASP C 164 41.36 15.53 -25.07
CA ASP C 164 42.06 16.78 -24.69
C ASP C 164 41.13 17.79 -24.01
N GLU C 165 39.85 17.42 -23.89
CA GLU C 165 38.86 18.29 -23.26
C GLU C 165 37.89 17.41 -22.46
N GLU C 166 36.82 18.01 -21.95
CA GLU C 166 35.82 17.27 -21.21
C GLU C 166 34.47 17.34 -21.91
N MET C 167 33.62 16.34 -21.64
CA MET C 167 32.31 16.26 -22.28
C MET C 167 31.28 17.12 -21.54
N PRO C 168 30.19 17.52 -22.24
CA PRO C 168 29.23 18.45 -21.66
C PRO C 168 28.06 17.76 -20.97
N GLU C 169 27.08 18.56 -20.54
CA GLU C 169 25.86 18.02 -19.92
C GLU C 169 25.24 16.95 -20.81
N VAL C 170 24.75 17.37 -21.98
CA VAL C 170 24.20 16.45 -22.96
C VAL C 170 25.33 15.84 -23.77
N LEU C 171 25.31 14.52 -23.91
CA LEU C 171 26.41 13.80 -24.53
C LEU C 171 26.28 13.82 -26.05
N GLU C 172 27.39 13.95 -26.74
CA GLU C 172 27.40 13.95 -28.20
C GLU C 172 27.77 12.57 -28.73
N MET C 173 27.86 12.46 -30.05
CA MET C 173 28.02 11.16 -30.70
C MET C 173 28.66 11.33 -32.08
N PRO C 174 28.88 10.22 -32.78
CA PRO C 174 29.40 10.19 -34.15
C PRO C 174 28.69 11.13 -35.14
N THR C 175 29.32 11.30 -36.30
CA THR C 175 29.51 10.17 -37.21
C THR C 175 30.98 9.69 -37.20
N ILE C 176 31.92 10.60 -37.45
CA ILE C 176 33.30 10.21 -37.72
C ILE C 176 34.05 9.84 -36.44
N CYS C 177 34.89 8.81 -36.51
CA CYS C 177 35.79 8.46 -35.42
C CYS C 177 37.22 8.32 -35.94
N PRO C 178 38.21 8.63 -35.09
CA PRO C 178 39.61 8.58 -35.53
C PRO C 178 40.12 7.17 -35.84
N LYS C 179 39.78 6.20 -34.98
CA LYS C 179 40.34 4.84 -35.08
C LYS C 179 40.41 4.36 -36.53
N CYS C 180 39.28 3.91 -37.07
CA CYS C 180 39.22 3.52 -38.48
C CYS C 180 39.27 4.74 -39.39
N GLY C 181 38.48 5.75 -39.07
CA GLY C 181 38.38 6.95 -39.90
C GLY C 181 37.08 7.03 -40.70
N LYS C 182 36.05 6.32 -40.25
CA LYS C 182 34.76 6.31 -40.95
C LYS C 182 33.60 6.51 -39.99
N PRO C 183 32.41 6.83 -40.54
CA PRO C 183 31.16 6.79 -39.78
C PRO C 183 30.64 5.35 -39.61
N GLY C 184 29.56 5.20 -38.86
CA GLY C 184 28.93 3.90 -38.68
C GLY C 184 28.24 3.73 -37.34
N GLN C 185 28.11 2.47 -36.91
CA GLN C 185 27.48 2.14 -35.62
C GLN C 185 28.49 2.32 -34.48
N PHE C 186 28.03 2.89 -33.37
CA PHE C 186 28.87 3.05 -32.18
C PHE C 186 28.13 2.60 -30.92
N ARG C 187 28.66 1.56 -30.28
CA ARG C 187 28.10 1.08 -29.01
C ARG C 187 28.86 1.68 -27.83
N LEU C 188 28.12 2.18 -26.86
CA LEU C 188 28.72 2.66 -25.62
C LEU C 188 28.92 1.50 -24.67
N ILE C 189 30.13 1.39 -24.11
CA ILE C 189 30.43 0.35 -23.15
C ILE C 189 30.67 0.95 -21.76
N PRO C 190 29.69 0.82 -20.84
CA PRO C 190 29.87 1.37 -19.50
C PRO C 190 31.03 0.71 -18.76
N GLU C 191 31.46 -0.45 -19.25
CA GLU C 191 32.58 -1.18 -18.68
C GLU C 191 33.81 -0.26 -18.47
N LYS C 192 34.13 0.53 -19.50
CA LYS C 192 35.32 1.38 -19.45
C LYS C 192 35.00 2.87 -19.16
N THR C 193 33.71 3.21 -19.11
CA THR C 193 33.30 4.61 -19.03
C THR C 193 33.49 5.16 -17.62
N LYS C 194 33.98 6.40 -17.54
CA LYS C 194 34.25 7.02 -16.25
C LYS C 194 33.13 8.00 -15.88
N LEU C 195 32.67 7.91 -14.64
CA LEU C 195 31.53 8.71 -14.19
C LEU C 195 31.95 9.66 -13.09
N ILE C 196 31.16 10.70 -12.87
CA ILE C 196 31.49 11.73 -11.88
C ILE C 196 30.24 12.23 -11.15
N ASP C 197 30.38 12.50 -9.85
CA ASP C 197 29.30 13.05 -9.02
C ASP C 197 29.13 14.55 -9.26
N TRP C 198 27.93 15.05 -9.00
CA TRP C 198 27.49 16.29 -9.59
C TRP C 198 26.49 16.96 -8.70
N GLN C 199 26.51 18.30 -8.69
CA GLN C 199 25.54 19.07 -7.89
C GLN C 199 25.65 20.55 -8.23
N LYS C 200 24.60 21.29 -7.91
CA LYS C 200 24.48 22.67 -8.34
C LYS C 200 23.89 23.50 -7.20
N ALA C 201 24.44 24.69 -6.98
CA ALA C 201 24.01 25.53 -5.87
C ALA C 201 23.90 27.00 -6.29
N VAL C 202 23.27 27.80 -5.45
CA VAL C 202 23.05 29.21 -5.75
C VAL C 202 23.54 30.06 -4.57
N ILE C 203 24.59 30.83 -4.81
CA ILE C 203 25.12 31.73 -3.79
C ILE C 203 24.48 33.10 -3.93
N GLN C 204 23.78 33.53 -2.88
CA GLN C 204 23.15 34.84 -2.87
C GLN C 204 24.03 35.82 -2.11
N GLU C 205 24.05 37.06 -2.57
CA GLU C 205 24.82 38.12 -1.91
C GLU C 205 24.35 38.30 -0.47
N ARG C 206 25.26 38.70 0.40
CA ARG C 206 24.96 38.77 1.84
C ARG C 206 24.00 39.92 2.14
N PRO C 207 23.03 39.70 3.06
CA PRO C 207 22.04 40.74 3.36
C PRO C 207 22.67 42.07 3.81
N GLU C 208 23.93 42.02 4.26
CA GLU C 208 24.66 43.22 4.62
C GLU C 208 25.18 43.95 3.38
N GLU C 209 25.91 43.22 2.53
CA GLU C 209 26.44 43.76 1.28
C GLU C 209 25.35 44.45 0.42
N VAL C 210 24.12 43.95 0.52
CA VAL C 210 23.03 44.44 -0.34
C VAL C 210 22.78 45.93 -0.09
N PRO C 211 22.99 46.77 -1.13
CA PRO C 211 22.55 48.17 -0.99
C PRO C 211 21.04 48.27 -0.87
N SER C 212 20.56 49.32 -0.20
CA SER C 212 19.13 49.51 0.01
C SER C 212 18.36 49.39 -1.31
N GLY C 213 19.02 49.74 -2.41
CA GLY C 213 18.41 49.66 -3.74
C GLY C 213 18.66 48.32 -4.40
N GLN C 214 17.93 48.06 -5.49
CA GLN C 214 18.11 46.83 -6.24
C GLN C 214 17.87 45.60 -5.35
N LEU C 215 18.54 44.49 -5.66
CA LEU C 215 18.33 43.22 -4.95
C LEU C 215 19.65 42.48 -4.84
N PRO C 216 19.78 41.59 -3.84
CA PRO C 216 20.98 40.75 -3.75
C PRO C 216 21.25 39.95 -5.01
N ARG C 217 22.49 40.03 -5.49
CA ARG C 217 22.91 39.31 -6.68
C ARG C 217 23.04 37.81 -6.37
N GLN C 218 22.98 36.99 -7.42
CA GLN C 218 23.05 35.54 -7.26
C GLN C 218 24.05 34.92 -8.24
N LEU C 219 24.68 33.84 -7.82
CA LEU C 219 25.66 33.16 -8.65
C LEU C 219 25.42 31.65 -8.64
N GLU C 220 25.33 31.06 -9.82
CA GLU C 220 25.17 29.62 -9.95
C GLU C 220 26.54 28.95 -9.97
N ILE C 221 26.68 27.90 -9.18
CA ILE C 221 27.97 27.22 -9.02
C ILE C 221 27.77 25.71 -9.10
N ILE C 222 28.85 25.00 -9.36
CA ILE C 222 28.79 23.55 -9.59
C ILE C 222 29.78 22.82 -8.66
N LEU C 223 29.25 21.94 -7.82
CA LEU C 223 30.06 21.17 -6.89
C LEU C 223 30.36 19.78 -7.47
N GLU C 224 31.64 19.48 -7.65
CA GLU C 224 32.04 18.24 -8.33
C GLU C 224 32.71 17.28 -7.36
N ASP C 225 32.56 15.99 -7.63
CA ASP C 225 33.28 14.96 -6.91
C ASP C 225 32.98 15.10 -5.39
N ASP C 226 34.01 15.13 -4.55
CA ASP C 226 33.82 15.01 -3.09
C ASP C 226 33.31 16.32 -2.46
N LEU C 227 33.23 17.38 -3.26
CA LEU C 227 32.67 18.66 -2.78
C LEU C 227 31.15 18.58 -2.60
N VAL C 228 30.57 17.47 -3.05
CA VAL C 228 29.13 17.27 -2.94
C VAL C 228 28.73 17.11 -1.47
N ASP C 229 27.65 17.81 -1.08
CA ASP C 229 27.17 17.80 0.32
C ASP C 229 28.24 18.30 1.30
N SER C 230 29.17 19.12 0.80
CA SER C 230 30.12 19.83 1.66
C SER C 230 29.46 21.09 2.23
N ALA C 231 28.68 21.76 1.41
CA ALA C 231 28.00 23.00 1.80
C ALA C 231 26.49 22.77 1.84
N ARG C 232 25.85 23.25 2.90
CA ARG C 232 24.40 23.15 3.04
C ARG C 232 23.78 24.54 3.02
N PRO C 233 22.57 24.67 2.44
CA PRO C 233 21.98 26.01 2.29
C PRO C 233 21.69 26.66 3.64
N GLY C 234 21.93 27.98 3.70
CA GLY C 234 21.82 28.72 4.96
C GLY C 234 23.18 28.97 5.58
N ASP C 235 24.22 28.37 5.01
CA ASP C 235 25.58 28.53 5.52
C ASP C 235 26.19 29.86 5.05
N ARG C 236 26.98 30.47 5.93
CA ARG C 236 27.86 31.57 5.55
C ARG C 236 29.16 30.99 5.01
N VAL C 237 29.41 31.15 3.72
CA VAL C 237 30.47 30.38 3.05
C VAL C 237 31.38 31.28 2.22
N LYS C 238 32.66 30.91 2.17
CA LYS C 238 33.60 31.44 1.17
C LYS C 238 33.95 30.32 0.21
N VAL C 239 33.93 30.60 -1.08
CA VAL C 239 34.32 29.60 -2.07
C VAL C 239 35.50 30.08 -2.90
N THR C 240 36.20 29.14 -3.50
CA THR C 240 37.25 29.44 -4.45
C THR C 240 36.96 28.63 -5.71
N GLY C 241 36.88 29.31 -6.85
CA GLY C 241 36.44 28.66 -8.07
C GLY C 241 37.06 29.25 -9.31
N ILE C 242 36.71 28.71 -10.46
CA ILE C 242 37.11 29.28 -11.75
C ILE C 242 35.85 29.52 -12.56
N LEU C 243 35.56 30.78 -12.85
CA LEU C 243 34.34 31.11 -13.56
C LEU C 243 34.40 30.63 -15.00
N ASP C 244 33.23 30.48 -15.60
CA ASP C 244 33.09 29.93 -16.93
C ASP C 244 31.71 30.33 -17.43
N ILE C 245 31.41 30.05 -18.69
CA ILE C 245 30.05 30.22 -19.19
C ILE C 245 29.68 29.02 -20.07
N LYS C 246 28.41 28.62 -20.02
CA LYS C 246 27.95 27.52 -20.85
C LYS C 246 26.86 27.98 -21.81
N GLN C 247 25.82 28.60 -21.26
CA GLN C 247 24.61 28.91 -22.02
C GLN C 247 24.08 27.63 -22.70
N ASP C 248 23.78 27.67 -24.01
CA ASP C 248 23.35 26.46 -24.70
C ASP C 248 22.06 25.98 -24.01
N SER C 249 20.94 26.40 -24.58
CA SER C 249 20.81 27.77 -25.08
C SER C 249 20.03 28.68 -24.13
N PRO C 250 20.43 29.98 -24.07
CA PRO C 250 19.62 30.94 -23.33
C PRO C 250 18.27 31.18 -23.99
N VAL C 251 17.22 31.20 -23.18
CA VAL C 251 15.87 31.48 -23.65
C VAL C 251 15.26 32.51 -22.71
N LYS C 252 14.04 32.97 -23.01
CA LYS C 252 13.39 33.98 -22.19
C LYS C 252 14.17 35.31 -22.28
N ARG C 253 14.69 35.78 -21.14
CA ARG C 253 15.45 37.04 -21.11
C ARG C 253 16.71 37.01 -21.97
N GLY C 254 16.93 38.12 -22.67
CA GLY C 254 16.89 39.43 -22.03
C GLY C 254 18.00 39.71 -21.04
N SER C 255 17.63 40.30 -19.91
CA SER C 255 18.61 40.77 -18.92
C SER C 255 19.35 39.56 -18.33
N ARG C 256 20.56 39.83 -17.86
CA ARG C 256 21.43 40.75 -18.58
C ARG C 256 22.87 40.23 -18.63
N ALA C 257 23.28 39.78 -19.81
CA ALA C 257 24.70 39.64 -20.11
C ALA C 257 24.94 39.79 -21.65
N VAL C 258 24.87 38.68 -22.40
CA VAL C 258 23.94 37.59 -22.13
C VAL C 258 24.77 36.32 -22.05
N PHE C 259 25.16 35.98 -20.82
CA PHE C 259 26.15 34.96 -20.56
C PHE C 259 25.62 34.22 -19.35
N ASP C 260 25.27 32.96 -19.51
CA ASP C 260 25.05 32.11 -18.36
C ASP C 260 26.39 31.91 -17.68
N ILE C 261 26.45 32.22 -16.39
CA ILE C 261 27.69 32.09 -15.65
C ILE C 261 27.82 30.71 -15.02
N TYR C 262 29.05 30.22 -14.99
CA TYR C 262 29.34 28.87 -14.55
C TYR C 262 30.54 28.98 -13.62
N MET C 263 30.34 28.69 -12.34
CA MET C 263 31.47 28.58 -11.44
C MET C 263 31.76 27.14 -11.10
N LYS C 264 32.89 26.63 -11.59
CA LYS C 264 33.36 25.31 -11.24
C LYS C 264 34.20 25.39 -9.98
N VAL C 265 33.71 24.80 -8.90
CA VAL C 265 34.24 25.05 -7.57
C VAL C 265 35.45 24.16 -7.30
N SER C 266 36.57 24.77 -6.97
CA SER C 266 37.74 24.02 -6.48
C SER C 266 37.61 23.72 -4.99
N SER C 267 37.21 24.72 -4.19
CA SER C 267 37.16 24.53 -2.74
C SER C 267 36.01 25.33 -2.12
N ILE C 268 35.50 24.84 -1.00
CA ILE C 268 34.57 25.61 -0.16
C ILE C 268 34.99 25.60 1.30
N GLU C 269 34.76 26.72 1.96
CA GLU C 269 35.18 26.91 3.35
C GLU C 269 34.03 27.53 4.13
N VAL C 270 33.57 26.84 5.16
CA VAL C 270 32.46 27.33 5.98
C VAL C 270 32.96 27.92 7.31
N SER C 271 34.28 28.07 7.42
CA SER C 271 34.92 28.40 8.70
C SER C 271 34.62 29.83 9.14
N GLN C 272 33.92 29.95 10.27
CA GLN C 272 33.76 31.24 10.98
C GLN C 272 32.85 31.04 12.20
N LYS C 273 32.80 32.04 13.09
CA LYS C 273 31.83 32.03 14.19
C LYS C 273 30.78 33.15 14.01
N VAL C 274 31.19 34.39 14.16
CA VAL C 274 30.47 35.52 13.57
C VAL C 274 31.47 36.40 12.81
N LEU C 275 31.55 36.20 11.51
CA LEU C 275 32.49 36.93 10.68
C LEU C 275 31.83 38.18 10.12
N ASP C 276 30.56 38.38 10.45
CA ASP C 276 29.81 39.55 10.03
C ASP C 276 30.20 40.77 10.88
N GLU C 277 31.00 40.53 11.91
CA GLU C 277 31.45 41.59 12.80
C GLU C 277 31.98 42.76 11.97
N VAL C 278 31.35 43.92 12.10
CA VAL C 278 31.62 45.05 11.20
C VAL C 278 32.98 45.69 11.51
N ILE C 279 33.38 45.63 12.78
CA ILE C 279 34.70 46.10 13.19
C ILE C 279 34.88 45.89 14.69
N ILE C 280 36.13 45.81 15.12
CA ILE C 280 36.46 45.86 16.53
C ILE C 280 37.41 47.05 16.78
N SER C 281 38.69 46.88 16.42
CA SER C 281 39.60 48.01 16.21
C SER C 281 39.45 49.08 17.31
N GLU C 282 39.24 50.34 16.92
CA GLU C 282 39.09 51.44 17.87
C GLU C 282 37.85 51.24 18.75
N GLU C 283 36.78 50.71 18.17
CA GLU C 283 35.49 50.67 18.84
C GLU C 283 35.51 49.85 20.12
N ASP C 284 36.50 48.96 20.25
CA ASP C 284 36.68 48.21 21.49
C ASP C 284 36.79 49.17 22.66
N GLU C 285 37.51 50.27 22.47
CA GLU C 285 37.63 51.31 23.51
C GLU C 285 36.26 51.91 23.83
N LYS C 286 35.44 52.12 22.80
CA LYS C 286 34.21 52.88 22.96
C LYS C 286 33.13 52.06 23.68
N LYS C 287 33.02 50.78 23.34
CA LYS C 287 32.04 49.91 23.99
C LYS C 287 32.49 49.52 25.40
N ILE C 288 33.80 49.53 25.63
CA ILE C 288 34.32 49.34 26.99
C ILE C 288 34.16 50.60 27.84
N LYS C 289 34.28 51.77 27.22
CA LYS C 289 33.88 53.00 27.90
C LYS C 289 32.38 52.99 28.13
N ASP C 290 31.67 52.18 27.35
CA ASP C 290 30.23 52.05 27.48
C ASP C 290 29.83 50.98 28.53
N LEU C 291 30.78 50.13 28.95
CA LEU C 291 30.48 49.13 29.98
C LEU C 291 30.58 49.72 31.39
N ALA C 292 30.72 51.04 31.46
CA ALA C 292 30.91 51.73 32.74
C ALA C 292 29.83 51.36 33.75
N LYS C 293 30.16 51.51 35.03
CA LYS C 293 29.37 50.95 36.13
C LYS C 293 27.94 51.51 36.18
N ASP C 294 27.71 52.65 35.52
CA ASP C 294 26.42 53.34 35.61
C ASP C 294 25.29 52.37 35.28
N PRO C 295 24.05 52.69 35.72
CA PRO C 295 22.92 51.80 35.43
C PRO C 295 22.76 51.54 33.93
N TRP C 296 23.78 50.93 33.34
CA TRP C 296 23.88 50.82 31.90
C TRP C 296 22.78 49.97 31.34
N ILE C 297 22.24 49.07 32.17
CA ILE C 297 21.15 48.21 31.75
C ILE C 297 19.92 49.04 31.36
N ARG C 298 19.47 49.87 32.29
CA ARG C 298 18.24 50.64 32.08
C ARG C 298 18.37 51.59 30.87
N ASP C 299 19.52 52.24 30.74
CA ASP C 299 19.72 53.19 29.63
C ASP C 299 19.73 52.47 28.30
N ARG C 300 20.49 51.38 28.22
CA ARG C 300 20.52 50.56 27.02
C ARG C 300 19.11 50.14 26.63
N ILE C 301 18.28 49.86 27.62
CA ILE C 301 16.88 49.54 27.39
C ILE C 301 16.12 50.76 26.87
N ILE C 302 16.47 51.95 27.39
CA ILE C 302 15.85 53.20 26.91
C ILE C 302 16.25 53.50 25.46
N SER C 303 17.35 52.91 25.00
CA SER C 303 17.87 53.22 23.67
C SER C 303 17.03 52.59 22.54
N SER C 304 16.72 51.30 22.65
CA SER C 304 15.95 50.61 21.60
C SER C 304 14.51 51.16 21.51
N ILE C 305 13.98 51.61 22.64
CA ILE C 305 12.65 52.19 22.71
C ILE C 305 12.48 53.31 21.69
N ALA C 306 13.38 54.31 21.74
CA ALA C 306 13.16 55.58 21.07
C ALA C 306 12.68 55.37 19.63
N PRO C 307 12.28 56.47 18.98
CA PRO C 307 11.44 57.47 19.60
C PRO C 307 9.94 57.11 19.74
N SER C 308 9.61 56.22 20.68
CA SER C 308 8.21 56.01 21.10
C SER C 308 8.13 55.41 22.51
N ILE C 309 7.23 55.94 23.34
CA ILE C 309 6.97 55.35 24.66
C ILE C 309 5.48 55.05 24.82
N TYR C 310 5.12 53.76 24.80
CA TYR C 310 3.79 53.31 25.22
C TYR C 310 3.83 51.95 25.95
N GLY C 311 3.45 51.96 27.23
CA GLY C 311 3.21 50.73 27.98
C GLY C 311 4.29 49.68 27.77
N HIS C 312 5.51 50.16 27.53
CA HIS C 312 6.55 49.31 26.93
C HIS C 312 7.52 48.76 27.96
N TRP C 313 7.31 49.11 29.23
CA TRP C 313 8.28 48.77 30.29
C TRP C 313 8.69 47.32 30.26
N GLU C 314 7.74 46.44 29.95
CA GLU C 314 8.04 45.02 29.82
C GLU C 314 8.75 44.73 28.50
N LEU C 315 8.24 45.29 27.41
CA LEU C 315 8.69 44.93 26.07
C LEU C 315 10.09 45.48 25.80
N LYS C 316 10.33 46.74 26.16
CA LYS C 316 11.64 47.34 25.99
C LYS C 316 12.72 46.36 26.44
N GLU C 317 12.52 45.78 27.62
CA GLU C 317 13.38 44.73 28.12
C GLU C 317 13.40 43.59 27.11
N ALA C 318 12.26 42.92 26.96
CA ALA C 318 12.18 41.64 26.24
C ALA C 318 12.92 41.67 24.91
N LEU C 319 12.86 42.80 24.21
CA LEU C 319 13.62 42.97 22.97
C LEU C 319 15.11 43.09 23.26
N ALA C 320 15.47 44.02 24.16
CA ALA C 320 16.87 44.17 24.58
C ALA C 320 17.46 42.80 24.91
N LEU C 321 16.69 42.00 25.62
CA LEU C 321 17.08 40.65 26.00
C LEU C 321 17.19 39.74 24.77
N ALA C 322 16.15 39.77 23.92
CA ALA C 322 16.11 38.90 22.73
C ALA C 322 17.33 39.12 21.83
N LEU C 323 17.82 40.36 21.76
CA LEU C 323 18.95 40.71 20.91
C LEU C 323 20.25 40.03 21.37
N PHE C 324 20.24 39.47 22.59
CA PHE C 324 21.47 38.94 23.20
C PHE C 324 21.49 37.40 23.23
N GLY C 325 22.55 36.84 23.83
CA GLY C 325 23.01 35.49 23.48
C GLY C 325 22.58 34.41 24.47
N GLY C 326 23.53 33.57 24.87
CA GLY C 326 23.28 32.48 25.83
C GLY C 326 22.94 31.16 25.19
N VAL C 327 23.96 30.45 24.73
CA VAL C 327 23.77 29.21 23.95
C VAL C 327 24.68 28.10 24.48
N PRO C 328 24.19 27.34 25.49
CA PRO C 328 24.91 26.13 25.89
C PRO C 328 24.72 24.98 24.89
N LYS C 329 25.83 24.39 24.46
CA LYS C 329 25.79 23.30 23.49
C LYS C 329 26.46 22.05 24.07
N VAL C 330 25.69 20.99 24.24
CA VAL C 330 26.19 19.76 24.83
C VAL C 330 26.07 18.60 23.81
N LEU C 331 27.13 17.82 23.68
CA LEU C 331 27.21 16.79 22.63
C LEU C 331 26.19 15.69 22.86
N GLU C 332 25.62 15.63 24.07
CA GLU C 332 24.51 14.75 24.36
C GLU C 332 23.18 15.51 24.33
N ASP C 333 22.43 15.35 23.25
CA ASP C 333 21.13 16.02 23.09
C ASP C 333 21.26 17.54 23.28
N THR C 334 21.80 18.22 22.27
CA THR C 334 21.99 19.67 22.35
C THR C 334 20.70 20.38 22.76
N ARG C 335 20.80 21.19 23.81
CA ARG C 335 19.66 21.97 24.28
C ARG C 335 20.06 23.43 24.37
N ILE C 336 19.41 24.27 23.57
CA ILE C 336 19.67 25.70 23.59
C ILE C 336 18.34 26.44 23.69
N ARG C 337 17.58 26.44 22.60
CA ARG C 337 16.40 27.30 22.47
C ARG C 337 16.63 28.64 23.16
N GLY C 338 17.88 29.10 23.12
CA GLY C 338 18.23 30.41 23.66
C GLY C 338 17.86 31.45 22.63
N ASP C 339 18.52 32.60 22.70
CA ASP C 339 18.24 33.65 21.74
C ASP C 339 16.73 33.93 21.73
N ILE C 340 16.27 34.57 22.80
CA ILE C 340 14.90 34.42 23.29
C ILE C 340 13.88 34.82 22.21
N HIS C 341 12.89 33.94 21.97
CA HIS C 341 11.84 34.21 20.96
C HIS C 341 10.67 34.91 21.60
N ILE C 342 10.40 36.14 21.17
CA ILE C 342 9.30 36.93 21.74
C ILE C 342 8.27 37.26 20.65
N LEU C 343 7.01 37.35 21.04
CA LEU C 343 5.92 37.62 20.09
C LEU C 343 4.98 38.69 20.62
N ILE C 344 4.77 39.73 19.83
CA ILE C 344 3.88 40.83 20.20
C ILE C 344 2.69 40.87 19.24
N ILE C 345 1.54 40.40 19.69
CA ILE C 345 0.33 40.45 18.89
C ILE C 345 -0.54 41.62 19.32
N GLY C 346 -0.87 42.49 18.37
CA GLY C 346 -1.65 43.68 18.66
C GLY C 346 -2.48 44.06 17.45
N ASP C 347 -3.46 44.93 17.67
CA ASP C 347 -4.34 45.37 16.60
C ASP C 347 -3.51 46.16 15.58
N PRO C 348 -4.11 46.52 14.43
CA PRO C 348 -3.35 47.30 13.46
C PRO C 348 -2.68 48.50 14.11
N GLY C 349 -1.40 48.71 13.83
CA GLY C 349 -0.62 49.72 14.55
C GLY C 349 -1.52 50.93 14.84
N THR C 350 -1.22 51.62 15.93
CA THR C 350 -0.98 51.00 17.26
C THR C 350 0.54 50.89 17.44
N ALA C 351 1.26 51.28 16.39
CA ALA C 351 2.72 51.43 16.44
C ALA C 351 3.43 50.08 16.48
N LYS C 352 2.78 49.09 17.07
CA LYS C 352 3.11 47.68 16.85
C LYS C 352 4.61 47.48 16.61
N SER C 353 4.94 46.69 15.59
CA SER C 353 6.34 46.44 15.22
C SER C 353 6.74 47.31 14.03
N GLN C 354 5.79 48.07 13.51
CA GLN C 354 6.09 49.03 12.44
C GLN C 354 7.19 49.99 12.87
N MET C 355 7.39 50.10 14.19
CA MET C 355 8.49 50.87 14.74
C MET C 355 9.54 49.95 15.36
N LEU C 356 9.10 49.14 16.34
CA LEU C 356 10.01 48.34 17.14
C LEU C 356 10.77 47.31 16.29
N GLN C 357 10.08 46.73 15.31
CA GLN C 357 10.74 45.87 14.33
C GLN C 357 11.82 46.63 13.57
N PHE C 358 11.52 47.87 13.18
CA PHE C 358 12.48 48.69 12.46
C PHE C 358 13.71 48.98 13.32
N ILE C 359 13.53 49.12 14.63
CA ILE C 359 14.65 49.27 15.56
C ILE C 359 15.40 47.94 15.72
N SER C 360 14.68 46.83 15.56
CA SER C 360 15.30 45.50 15.57
C SER C 360 15.80 45.12 14.17
N ARG C 361 15.68 46.06 13.25
CA ARG C 361 16.42 46.00 11.99
C ARG C 361 17.82 46.55 12.12
N VAL C 362 18.10 47.20 13.24
CA VAL C 362 19.45 47.63 13.55
C VAL C 362 20.07 46.67 14.55
N ALA C 363 20.93 45.79 14.03
CA ALA C 363 21.33 44.55 14.67
C ALA C 363 22.22 43.83 13.65
N PRO C 364 23.01 42.85 14.11
CA PRO C 364 23.77 42.08 13.15
C PRO C 364 22.94 40.92 12.63
N ARG C 365 23.37 40.35 11.50
CA ARG C 365 22.70 39.18 10.93
C ARG C 365 21.20 39.20 11.27
N ALA C 366 20.49 40.16 10.66
CA ALA C 366 19.07 40.34 10.92
C ALA C 366 18.29 40.10 9.63
N VAL C 367 17.35 39.16 9.67
CA VAL C 367 16.50 38.88 8.52
C VAL C 367 15.11 39.43 8.80
N TYR C 368 14.71 40.44 8.02
CA TYR C 368 13.35 40.97 8.07
C TYR C 368 12.54 40.37 6.94
N THR C 369 11.59 39.52 7.30
CA THR C 369 10.68 38.94 6.31
C THR C 369 9.27 39.49 6.52
N THR C 370 8.84 40.34 5.57
CA THR C 370 7.61 41.10 5.73
C THR C 370 6.41 40.26 5.29
N GLY C 371 5.57 39.89 6.25
CA GLY C 371 4.47 38.97 5.99
C GLY C 371 4.85 37.54 6.25
N LYS C 372 3.99 36.62 5.81
CA LYS C 372 4.18 35.18 6.02
C LYS C 372 5.62 34.74 5.76
N GLY C 373 6.02 34.83 4.49
CA GLY C 373 7.37 34.50 4.09
C GLY C 373 7.57 34.83 2.63
N SER C 374 8.78 35.21 2.27
CA SER C 374 9.13 35.52 0.88
C SER C 374 9.82 34.32 0.25
N THR C 375 10.12 34.42 -1.03
CA THR C 375 10.97 33.45 -1.72
C THR C 375 10.36 32.02 -1.69
N ALA C 376 9.04 31.93 -1.63
CA ALA C 376 8.34 30.66 -1.86
C ALA C 376 8.66 29.60 -0.79
N ALA C 377 9.53 29.94 0.16
CA ALA C 377 9.74 29.10 1.34
C ALA C 377 9.10 29.75 2.58
N GLY C 378 9.75 30.78 3.12
CA GLY C 378 9.22 31.51 4.27
C GLY C 378 9.68 30.92 5.61
N LEU C 379 9.90 29.61 5.61
CA LEU C 379 10.71 28.95 6.64
C LEU C 379 11.69 27.99 5.97
N THR C 380 11.16 27.09 5.15
CA THR C 380 11.98 26.16 4.37
C THR C 380 11.09 25.24 3.50
N ALA C 381 11.66 24.71 2.40
CA ALA C 381 10.92 23.77 1.53
C ALA C 381 11.75 23.35 0.29
N ALA C 382 11.21 22.42 -0.50
CA ALA C 382 11.80 22.05 -1.80
C ALA C 382 10.86 22.48 -2.95
N VAL C 383 11.47 22.85 -4.08
CA VAL C 383 10.74 23.59 -5.14
C VAL C 383 10.72 22.83 -6.48
N VAL C 384 9.75 23.16 -7.33
CA VAL C 384 9.57 22.49 -8.63
C VAL C 384 10.15 23.36 -9.75
N ARG C 385 10.23 22.81 -10.96
CA ARG C 385 10.51 23.59 -12.18
C ARG C 385 11.59 24.66 -11.91
N GLU C 386 11.32 25.90 -12.30
CA GLU C 386 12.18 27.03 -11.91
C GLU C 386 13.64 26.77 -12.30
N LYS C 387 13.93 26.91 -13.60
CA LYS C 387 15.27 26.67 -14.14
C LYS C 387 15.75 25.23 -13.98
N GLY C 388 14.83 24.30 -14.19
CA GLY C 388 14.03 24.31 -15.39
C GLY C 388 13.90 22.92 -15.96
N THR C 389 12.85 22.69 -16.75
CA THR C 389 12.59 21.36 -17.29
C THR C 389 12.21 20.37 -16.17
N GLY C 390 12.19 20.85 -14.93
CA GLY C 390 11.92 19.98 -13.78
C GLY C 390 13.10 19.79 -12.82
N GLU C 391 14.13 20.63 -12.94
CA GLU C 391 15.20 20.66 -11.93
C GLU C 391 14.62 20.85 -10.54
N TYR C 392 14.98 19.97 -9.61
CA TYR C 392 14.53 20.10 -8.23
C TYR C 392 15.60 20.78 -7.39
N TYR C 393 15.25 21.92 -6.80
CA TYR C 393 16.11 22.59 -5.85
C TYR C 393 15.57 22.42 -4.44
N LEU C 394 16.47 22.49 -3.47
CA LEU C 394 16.09 22.60 -2.07
C LEU C 394 16.49 23.98 -1.59
N GLU C 395 15.52 24.79 -1.18
CA GLU C 395 15.78 26.18 -0.82
C GLU C 395 15.00 26.53 0.44
N ALA C 396 15.70 27.15 1.40
CA ALA C 396 15.04 27.78 2.53
C ALA C 396 15.53 29.22 2.67
N GLY C 397 14.64 30.17 2.42
CA GLY C 397 15.05 31.55 2.18
C GLY C 397 14.72 32.50 3.33
N ALA C 398 14.26 31.96 4.45
CA ALA C 398 13.76 32.81 5.53
C ALA C 398 14.50 32.57 6.85
N LEU C 399 14.10 31.54 7.60
CA LEU C 399 14.45 31.45 9.01
C LEU C 399 15.82 30.79 9.24
N VAL C 400 16.29 30.04 8.24
CA VAL C 400 17.61 29.39 8.32
C VAL C 400 18.69 30.27 7.66
N LEU C 401 18.26 31.36 7.02
CA LEU C 401 19.18 32.41 6.59
C LEU C 401 19.56 33.32 7.77
N ALA C 402 18.77 33.27 8.84
CA ALA C 402 19.02 34.08 10.03
C ALA C 402 19.91 33.32 11.03
N ASP C 403 20.44 32.18 10.60
CA ASP C 403 21.31 31.36 11.44
C ASP C 403 22.36 32.23 12.13
N GLY C 404 22.45 32.13 13.46
CA GLY C 404 23.29 33.01 14.25
C GLY C 404 22.89 34.47 14.10
N GLY C 405 21.60 34.75 14.25
CA GLY C 405 21.07 36.09 14.08
C GLY C 405 19.60 36.15 14.43
N ILE C 406 18.97 37.29 14.18
CA ILE C 406 17.55 37.47 14.49
C ILE C 406 16.73 37.53 13.22
N ALA C 407 15.68 36.71 13.17
CA ALA C 407 14.71 36.77 12.09
C ALA C 407 13.49 37.53 12.58
N VAL C 408 13.33 38.76 12.12
CA VAL C 408 12.18 39.56 12.53
C VAL C 408 11.02 39.32 11.57
N ILE C 409 9.99 38.64 12.06
CA ILE C 409 8.86 38.27 11.22
C ILE C 409 7.65 39.08 11.64
N ASP C 410 7.13 39.88 10.72
CA ASP C 410 5.93 40.66 10.96
C ASP C 410 4.74 39.98 10.31
N GLU C 411 3.57 40.05 10.96
CA GLU C 411 2.35 39.45 10.42
C GLU C 411 2.52 37.93 10.30
N ILE C 412 2.66 37.28 11.44
CA ILE C 412 2.60 35.82 11.52
C ILE C 412 1.21 35.34 11.11
N ASP C 413 0.22 36.22 11.30
CA ASP C 413 -1.16 35.88 11.01
C ASP C 413 -1.28 35.19 9.66
N LYS C 414 -0.50 35.64 8.68
CA LYS C 414 -0.68 35.20 7.31
C LYS C 414 0.17 33.97 6.98
N MET C 415 0.82 33.41 7.99
CA MET C 415 1.79 32.33 7.77
C MET C 415 1.18 31.21 6.94
N ARG C 416 2.01 30.61 6.08
CA ARG C 416 1.55 29.54 5.19
C ARG C 416 1.01 28.37 6.00
N ASP C 417 -0.05 27.75 5.51
CA ASP C 417 -0.68 26.62 6.20
C ASP C 417 0.32 25.47 6.37
N GLU C 418 1.19 25.28 5.38
CA GLU C 418 2.11 24.14 5.38
C GLU C 418 3.25 24.35 6.38
N ASP C 419 3.55 25.61 6.70
CA ASP C 419 4.77 25.93 7.44
C ASP C 419 4.62 25.81 8.96
N ARG C 420 3.39 25.90 9.46
CA ARG C 420 3.19 25.89 10.92
C ARG C 420 3.60 24.55 11.55
N VAL C 421 3.80 23.53 10.71
CA VAL C 421 4.33 22.25 11.19
C VAL C 421 5.87 22.20 11.14
N ALA C 422 6.47 23.13 10.41
CA ALA C 422 7.93 23.21 10.34
C ALA C 422 8.52 23.93 11.55
N ILE C 423 7.81 24.93 12.06
CA ILE C 423 8.36 25.77 13.15
C ILE C 423 8.45 24.99 14.46
N HIS C 424 7.56 24.03 14.66
CA HIS C 424 7.67 23.13 15.81
C HIS C 424 9.07 22.63 15.94
N GLU C 425 9.74 22.42 14.81
CA GLU C 425 11.12 21.92 14.80
C GLU C 425 12.13 23.07 14.91
N ALA C 426 12.09 23.98 13.95
CA ALA C 426 13.11 25.02 13.80
C ALA C 426 13.14 26.01 14.97
N MET C 427 12.13 25.97 15.83
CA MET C 427 12.11 26.80 17.04
C MET C 427 12.39 25.98 18.30
N GLU C 428 12.60 24.67 18.14
CA GLU C 428 12.76 23.77 19.28
C GLU C 428 14.24 23.43 19.50
N GLN C 429 14.81 22.61 18.61
CA GLN C 429 16.25 22.33 18.62
C GLN C 429 16.98 23.22 17.60
N GLN C 430 16.22 24.11 16.95
CA GLN C 430 16.77 25.04 15.96
C GLN C 430 17.31 24.31 14.72
N THR C 431 16.74 23.14 14.43
CA THR C 431 16.99 22.48 13.16
C THR C 431 15.71 22.26 12.37
N VAL C 432 15.85 22.13 11.06
CA VAL C 432 14.74 21.78 10.17
C VAL C 432 14.98 20.40 9.59
N SER C 433 14.16 19.44 10.00
CA SER C 433 14.16 18.14 9.35
C SER C 433 13.42 18.23 8.02
N ILE C 434 14.09 17.85 6.94
CA ILE C 434 13.48 17.87 5.62
C ILE C 434 13.74 16.56 4.89
N ALA C 435 12.66 15.86 4.55
CA ALA C 435 12.72 14.78 3.55
C ALA C 435 11.57 14.95 2.56
N LYS C 436 11.88 15.43 1.37
CA LYS C 436 10.91 15.42 0.26
C LYS C 436 11.31 14.39 -0.80
N ALA C 437 12.26 13.52 -0.47
CA ALA C 437 12.79 12.51 -1.40
C ALA C 437 13.74 13.12 -2.44
N GLY C 438 13.81 14.45 -2.50
CA GLY C 438 14.91 15.12 -3.17
C GLY C 438 16.20 14.96 -2.39
N ILE C 439 16.06 14.94 -1.07
CA ILE C 439 17.20 14.75 -0.16
C ILE C 439 16.65 14.71 1.27
N VAL C 440 17.44 14.18 2.18
CA VAL C 440 17.11 14.28 3.60
C VAL C 440 18.20 15.06 4.32
N ALA C 441 17.85 16.26 4.80
CA ALA C 441 18.83 17.15 5.40
C ALA C 441 18.31 17.77 6.69
N LYS C 442 19.21 18.04 7.62
CA LYS C 442 18.90 18.88 8.78
C LYS C 442 19.49 20.26 8.56
N LEU C 443 18.62 21.24 8.34
CA LEU C 443 19.05 22.62 8.19
C LEU C 443 19.27 23.26 9.56
N ASN C 444 20.29 24.12 9.65
CA ASN C 444 20.63 24.77 10.89
C ASN C 444 20.09 26.19 10.94
N ALA C 445 18.99 26.38 11.68
CA ALA C 445 18.48 27.73 11.97
C ALA C 445 18.52 28.00 13.48
N ARG C 446 19.61 28.61 13.93
CA ARG C 446 19.79 28.93 15.34
C ARG C 446 19.17 30.29 15.66
N ALA C 447 18.48 30.86 14.68
CA ALA C 447 18.01 32.24 14.76
C ALA C 447 17.04 32.45 15.92
N ALA C 448 17.12 33.62 16.55
CA ALA C 448 16.06 34.11 17.44
C ALA C 448 14.91 34.64 16.60
N VAL C 449 13.68 34.39 17.04
CA VAL C 449 12.52 34.89 16.33
C VAL C 449 11.83 35.98 17.15
N ILE C 450 11.80 37.19 16.60
CA ILE C 450 10.93 38.23 17.12
C ILE C 450 9.75 38.40 16.16
N ALA C 451 8.56 38.08 16.66
CA ALA C 451 7.38 37.93 15.81
C ALA C 451 6.33 39.01 16.12
N ALA C 452 5.37 39.16 15.22
CA ALA C 452 4.23 40.04 15.41
C ALA C 452 3.06 39.44 14.65
N GLY C 453 1.84 39.77 15.06
CA GLY C 453 0.65 39.26 14.36
C GLY C 453 -0.60 40.03 14.72
N ASN C 454 -1.56 40.03 13.79
CA ASN C 454 -2.84 40.68 14.04
C ASN C 454 -3.76 39.73 14.78
N PRO C 455 -4.74 40.27 15.52
CA PRO C 455 -5.73 39.43 16.16
C PRO C 455 -6.93 39.21 15.25
N LYS C 456 -7.86 38.36 15.67
CA LYS C 456 -8.96 37.95 14.77
C LYS C 456 -9.81 39.14 14.31
N PHE C 457 -10.44 39.84 15.24
CA PHE C 457 -11.19 41.06 14.93
C PHE C 457 -10.68 42.23 15.77
N GLY C 458 -9.98 43.17 15.14
CA GLY C 458 -9.44 44.32 15.84
C GLY C 458 -8.75 43.94 17.13
N ARG C 459 -9.05 44.68 18.20
CA ARG C 459 -8.43 44.46 19.51
C ARG C 459 -9.30 43.54 20.36
N TYR C 460 -8.95 42.26 20.44
CA TYR C 460 -9.83 41.28 21.11
C TYR C 460 -9.23 40.71 22.41
N ILE C 461 -8.01 41.10 22.76
CA ILE C 461 -7.21 40.30 23.68
C ILE C 461 -7.40 40.71 25.16
N SER C 462 -8.39 41.57 25.42
CA SER C 462 -8.73 41.94 26.79
C SER C 462 -9.46 40.79 27.49
N GLU C 463 -10.70 40.54 27.09
CA GLU C 463 -11.52 39.52 27.76
C GLU C 463 -11.18 38.11 27.29
N ARG C 464 -11.24 37.87 25.99
CA ARG C 464 -10.92 36.56 25.42
C ARG C 464 -9.49 36.15 25.79
N PRO C 465 -9.27 34.85 26.04
CA PRO C 465 -7.89 34.40 26.31
C PRO C 465 -6.94 34.79 25.19
N VAL C 466 -5.66 34.93 25.51
CA VAL C 466 -4.67 35.37 24.52
C VAL C 466 -4.42 34.27 23.48
N SER C 467 -4.90 33.07 23.75
CA SER C 467 -4.96 32.02 22.73
C SER C 467 -6.18 32.23 21.84
N ASP C 468 -6.23 31.49 20.73
CA ASP C 468 -7.36 31.57 19.78
C ASP C 468 -7.49 32.98 19.13
N ASN C 469 -6.69 33.93 19.60
CA ASN C 469 -6.70 35.30 19.05
C ASN C 469 -5.83 35.41 17.81
N ILE C 470 -4.77 34.61 17.79
CA ILE C 470 -3.74 34.71 16.77
C ILE C 470 -4.02 33.74 15.61
N ASN C 471 -5.22 33.17 15.60
CA ASN C 471 -5.65 32.25 14.54
C ASN C 471 -4.72 31.02 14.46
N LEU C 472 -3.89 30.95 13.41
CA LEU C 472 -3.22 29.68 13.03
C LEU C 472 -2.75 28.88 14.25
N PRO C 473 -1.83 29.43 15.06
CA PRO C 473 -1.20 28.64 16.12
C PRO C 473 -2.13 28.35 17.30
N PRO C 474 -2.30 27.07 17.65
CA PRO C 474 -2.74 26.71 19.01
C PRO C 474 -1.56 26.54 19.96
N THR C 475 -0.45 25.99 19.47
CA THR C 475 0.63 25.53 20.33
C THR C 475 1.87 26.40 20.16
N ILE C 476 2.18 26.77 18.91
CA ILE C 476 3.45 27.41 18.58
C ILE C 476 3.76 28.50 19.61
N LEU C 477 2.70 29.07 20.16
CA LEU C 477 2.82 30.03 21.26
C LEU C 477 3.68 29.47 22.40
N SER C 478 3.40 28.23 22.81
CA SER C 478 4.18 27.58 23.85
C SER C 478 5.67 27.60 23.49
N ARG C 479 5.96 27.67 22.20
CA ARG C 479 7.35 27.71 21.71
C ARG C 479 7.91 29.15 21.72
N PHE C 480 7.09 30.10 22.16
CA PHE C 480 7.60 31.44 22.47
C PHE C 480 7.90 31.56 23.95
N ASP C 481 8.82 32.45 24.27
CA ASP C 481 9.22 32.65 25.66
C ASP C 481 8.45 33.83 26.27
N LEU C 482 8.55 35.00 25.65
CA LEU C 482 7.81 36.17 26.12
C LEU C 482 6.84 36.66 25.03
N ILE C 483 5.55 36.52 25.31
CA ILE C 483 4.51 37.03 24.43
C ILE C 483 3.81 38.21 25.09
N PHE C 484 3.77 39.35 24.40
CA PHE C 484 3.10 40.54 24.93
C PHE C 484 1.91 40.92 24.06
N ILE C 485 0.99 41.67 24.63
CA ILE C 485 -0.11 42.25 23.88
C ILE C 485 0.05 43.76 23.80
N LEU C 486 -0.56 44.37 22.80
CA LEU C 486 -0.55 45.81 22.66
C LEU C 486 -1.81 46.40 23.27
N LYS C 487 -1.66 46.95 24.47
CA LYS C 487 -2.76 47.64 25.15
C LYS C 487 -3.41 48.65 24.20
N ASP C 488 -4.73 48.75 24.27
CA ASP C 488 -5.48 49.67 23.43
C ASP C 488 -5.22 51.12 23.84
N GLN C 489 -4.50 51.29 24.94
CA GLN C 489 -4.14 52.61 25.47
C GLN C 489 -5.38 53.43 25.85
N PRO C 490 -6.25 52.87 26.71
CA PRO C 490 -7.35 53.67 27.23
C PRO C 490 -6.89 54.65 28.31
N GLY C 491 -5.90 54.25 29.11
CA GLY C 491 -5.53 54.99 30.31
C GLY C 491 -4.20 55.69 30.21
N GLU C 492 -3.79 56.05 28.98
CA GLU C 492 -2.43 56.56 28.74
C GLU C 492 -2.10 57.72 29.69
N GLN C 493 -2.62 58.91 29.38
CA GLN C 493 -2.55 60.07 30.28
C GLN C 493 -1.14 60.66 30.50
N ASP C 494 -0.10 59.89 30.17
CA ASP C 494 1.28 60.30 30.50
C ASP C 494 1.95 61.05 29.34
N ARG C 495 1.18 61.35 28.30
CA ARG C 495 1.74 61.45 26.95
C ARG C 495 2.26 62.84 26.60
N GLU C 496 2.28 63.75 27.57
CA GLU C 496 2.71 65.12 27.31
C GLU C 496 4.18 65.16 26.93
N LEU C 497 5.05 64.97 27.92
CA LEU C 497 6.48 64.91 27.68
C LEU C 497 6.78 63.68 26.83
N ALA C 498 6.10 62.58 27.15
CA ALA C 498 6.36 61.28 26.51
C ALA C 498 6.18 61.36 24.99
N ASN C 499 5.27 62.23 24.53
CA ASN C 499 5.03 62.38 23.10
C ASN C 499 5.85 63.52 22.51
N TYR C 500 5.78 64.68 23.14
CA TYR C 500 6.61 65.82 22.76
C TYR C 500 8.10 65.50 22.83
N ILE C 501 8.45 64.35 23.43
CA ILE C 501 9.86 63.93 23.56
C ILE C 501 10.62 64.42 22.33
N LEU C 502 10.32 63.83 21.19
CA LEU C 502 11.14 64.03 20.00
C LEU C 502 10.48 64.93 18.95
N ASP C 503 9.19 65.24 19.12
CA ASP C 503 8.51 66.05 18.11
C ASP C 503 9.07 67.48 18.11
N VAL C 504 9.75 67.85 19.19
CA VAL C 504 10.56 69.06 19.20
C VAL C 504 11.93 68.78 19.82
N HIS C 505 11.95 68.37 21.08
CA HIS C 505 13.20 68.24 21.83
C HIS C 505 14.02 67.11 21.29
N SER C 506 15.33 67.32 21.21
CA SER C 506 16.26 66.22 20.94
C SER C 506 16.43 65.36 22.20
N GLY C 507 16.51 66.01 23.35
CA GLY C 507 16.74 65.32 24.62
C GLY C 507 15.52 64.56 25.09
N LYS C 508 15.75 63.41 25.69
CA LYS C 508 14.69 62.62 26.33
C LYS C 508 15.11 62.21 27.75
N SER C 509 16.19 61.43 27.82
CA SER C 509 16.53 60.70 29.04
C SER C 509 17.85 61.20 29.62
N THR C 510 18.08 60.92 30.90
CA THR C 510 19.25 61.43 31.62
C THR C 510 20.55 61.21 30.83
N LYS C 511 20.73 60.00 30.30
CA LYS C 511 21.89 59.69 29.48
C LYS C 511 21.88 60.53 28.22
N ASN C 512 20.82 60.37 27.43
CA ASN C 512 20.58 61.20 26.25
C ASN C 512 21.56 60.96 25.08
N ILE C 513 22.65 60.23 25.34
CA ILE C 513 23.46 59.70 24.25
C ILE C 513 22.75 58.52 23.62
N ILE C 514 22.17 57.67 24.45
CA ILE C 514 21.28 56.62 23.98
C ILE C 514 22.04 55.66 23.06
N ASP C 515 23.38 55.67 23.21
CA ASP C 515 24.25 54.75 22.49
C ASP C 515 24.09 54.85 20.97
N ILE C 516 23.70 56.02 20.50
CA ILE C 516 23.48 56.23 19.07
C ILE C 516 22.50 55.18 18.55
N ASP C 517 22.75 54.67 17.35
CA ASP C 517 21.90 53.67 16.73
C ASP C 517 22.76 52.54 16.24
N THR C 518 23.74 52.87 15.40
CA THR C 518 24.78 51.94 15.03
C THR C 518 25.58 51.49 16.25
N LEU C 519 26.05 52.45 17.05
CA LEU C 519 26.94 52.11 18.17
C LEU C 519 26.27 51.11 19.11
N ARG C 520 25.00 51.35 19.45
CA ARG C 520 24.27 50.41 20.29
C ARG C 520 24.36 48.99 19.70
N LYS C 521 24.43 48.91 18.37
CA LYS C 521 24.60 47.62 17.70
C LYS C 521 26.07 47.17 17.72
N TYR C 522 26.99 48.11 17.58
CA TYR C 522 28.42 47.79 17.56
C TYR C 522 28.87 47.16 18.87
N ILE C 523 28.11 47.38 19.94
CA ILE C 523 28.36 46.70 21.21
C ILE C 523 27.31 45.63 21.47
N ALA C 524 26.09 46.05 21.80
CA ALA C 524 25.15 45.19 22.49
C ALA C 524 24.97 43.86 21.76
N TYR C 525 24.86 43.92 20.45
CA TYR C 525 24.77 42.72 19.63
C TYR C 525 26.15 42.33 19.11
N ALA C 526 26.76 43.22 18.34
CA ALA C 526 28.02 42.91 17.67
C ALA C 526 29.06 42.38 18.67
N ARG C 527 28.87 42.69 19.95
CA ARG C 527 29.65 42.07 21.01
C ARG C 527 28.86 40.97 21.73
N LYS C 528 29.00 39.74 21.23
CA LYS C 528 28.94 38.56 22.08
C LYS C 528 30.30 37.88 22.06
N TYR C 529 31.23 38.42 22.85
CA TYR C 529 32.44 37.70 23.24
C TYR C 529 32.24 37.15 24.65
N VAL C 530 31.03 37.31 25.18
CA VAL C 530 30.75 37.03 26.57
C VAL C 530 30.03 35.69 26.67
N THR C 531 30.36 34.92 27.69
CA THR C 531 29.72 33.63 27.91
C THR C 531 29.47 33.41 29.41
N PRO C 532 28.42 34.07 29.94
CA PRO C 532 28.24 34.21 31.37
C PRO C 532 27.52 33.02 32.01
N LYS C 533 28.27 31.97 32.37
CA LYS C 533 27.70 30.90 33.18
C LYS C 533 27.45 31.40 34.60
N ILE C 534 26.20 31.34 35.03
CA ILE C 534 25.80 31.88 36.33
C ILE C 534 26.06 30.85 37.44
N THR C 535 26.27 31.32 38.66
CA THR C 535 26.66 30.43 39.76
C THR C 535 26.18 30.92 41.12
N SER C 536 26.44 30.10 42.15
CA SER C 536 26.26 30.49 43.56
C SER C 536 24.86 31.07 43.83
N GLU C 537 24.78 32.17 44.56
CA GLU C 537 23.52 32.62 45.14
C GLU C 537 22.42 32.70 44.08
N ALA C 538 22.79 33.08 42.86
CA ALA C 538 21.84 33.10 41.74
C ALA C 538 21.14 31.75 41.61
N LYS C 539 21.95 30.69 41.60
CA LYS C 539 21.43 29.32 41.48
C LYS C 539 20.31 29.05 42.50
N ASN C 540 20.43 29.66 43.68
CA ASN C 540 19.44 29.45 44.73
C ASN C 540 18.21 30.34 44.55
N LEU C 541 18.43 31.63 44.31
CA LEU C 541 17.32 32.59 44.27
C LEU C 541 16.31 32.22 43.20
N ILE C 542 16.80 31.61 42.12
CA ILE C 542 15.93 31.08 41.08
C ILE C 542 15.16 29.86 41.59
N THR C 543 15.83 29.02 42.36
CA THR C 543 15.22 27.78 42.83
C THR C 543 14.08 28.05 43.81
N ASP C 544 14.36 28.87 44.82
CA ASP C 544 13.33 29.23 45.79
C ASP C 544 12.13 29.83 45.06
N PHE C 545 12.38 30.46 43.92
CA PHE C 545 11.32 30.93 43.03
C PHE C 545 10.63 29.75 42.33
N PHE C 546 11.40 28.75 41.93
CA PHE C 546 10.84 27.57 41.27
C PHE C 546 9.87 26.84 42.19
N VAL C 547 10.34 26.51 43.40
CA VAL C 547 9.54 25.75 44.35
C VAL C 547 8.32 26.55 44.82
N GLU C 548 8.47 27.86 44.98
CA GLU C 548 7.37 28.70 45.45
C GLU C 548 6.29 28.87 44.38
N MET C 549 6.70 29.05 43.12
CA MET C 549 5.76 29.16 42.00
C MET C 549 5.03 27.84 41.80
N ARG C 550 5.77 26.75 41.76
CA ARG C 550 5.20 25.43 41.61
C ARG C 550 4.21 25.15 42.74
N LYS C 551 4.72 25.06 43.96
CA LYS C 551 3.90 24.72 45.13
C LYS C 551 2.72 25.66 45.28
N LYS C 552 2.90 26.93 44.89
CA LYS C 552 1.79 27.87 44.91
C LYS C 552 0.63 27.34 44.08
N SER C 553 0.94 26.75 42.93
CA SER C 553 -0.10 26.17 42.08
C SER C 553 -0.50 24.77 42.54
N SER C 554 0.48 23.95 42.88
CA SER C 554 0.23 22.52 43.14
C SER C 554 -0.38 22.30 44.54
N GLU C 555 -0.39 23.34 45.36
CA GLU C 555 -1.04 23.27 46.67
C GLU C 555 -2.56 23.18 46.52
N THR C 556 -3.09 23.77 45.46
CA THR C 556 -4.54 23.78 45.22
C THR C 556 -4.96 22.56 44.39
N PRO C 557 -5.77 21.65 44.98
CA PRO C 557 -6.15 20.43 44.25
C PRO C 557 -6.98 20.70 42.98
N ASP C 558 -7.43 21.94 42.81
CA ASP C 558 -8.26 22.31 41.66
C ASP C 558 -7.55 22.09 40.33
N SER C 559 -6.23 21.82 40.39
CA SER C 559 -5.42 21.67 39.19
C SER C 559 -5.46 22.94 38.32
N PRO C 560 -4.86 24.04 38.82
CA PRO C 560 -4.80 25.28 38.05
C PRO C 560 -3.72 25.24 36.96
N ILE C 561 -3.72 24.15 36.16
CA ILE C 561 -2.84 24.00 34.99
C ILE C 561 -1.33 23.99 35.35
N LEU C 562 -1.02 24.12 36.65
CA LEU C 562 0.36 23.99 37.17
C LEU C 562 1.18 25.29 37.01
N ILE C 563 0.63 26.28 36.31
CA ILE C 563 1.32 27.56 36.11
C ILE C 563 2.51 27.37 35.13
N THR C 564 2.71 26.12 34.70
CA THR C 564 3.61 25.79 33.56
C THR C 564 5.05 26.29 33.71
N PRO C 565 5.69 26.05 34.88
CA PRO C 565 7.11 26.40 34.90
C PRO C 565 8.00 25.29 34.34
N ARG C 566 7.47 24.06 34.29
CA ARG C 566 8.32 22.87 34.24
C ARG C 566 9.37 22.92 33.11
N GLN C 567 8.93 23.17 31.89
CA GLN C 567 9.85 23.40 30.78
C GLN C 567 10.41 24.83 30.83
N LEU C 568 9.62 25.75 31.38
CA LEU C 568 9.97 27.17 31.36
C LEU C 568 11.11 27.48 32.35
N GLU C 569 11.19 26.73 33.45
CA GLU C 569 12.32 26.88 34.39
C GLU C 569 13.64 26.80 33.61
N ALA C 570 13.62 26.11 32.48
CA ALA C 570 14.78 26.04 31.60
C ALA C 570 15.08 27.41 30.99
N LEU C 571 14.08 28.00 30.35
CA LEU C 571 14.30 29.20 29.53
C LEU C 571 14.22 30.52 30.29
N ILE C 572 13.70 30.51 31.52
CA ILE C 572 13.97 31.60 32.46
C ILE C 572 15.45 31.62 32.79
N ARG C 573 16.00 30.45 33.03
CA ARG C 573 17.37 30.30 33.47
C ARG C 573 18.32 30.43 32.29
N ILE C 574 17.73 30.59 31.11
CA ILE C 574 18.42 31.15 29.96
C ILE C 574 18.30 32.67 29.98
N SER C 575 17.07 33.15 30.07
CA SER C 575 16.80 34.59 29.98
C SER C 575 17.71 35.37 30.93
N GLU C 576 17.49 35.23 32.24
CA GLU C 576 18.29 35.98 33.23
C GLU C 576 19.78 35.85 32.92
N ALA C 577 20.30 34.63 33.00
CA ALA C 577 21.73 34.39 32.88
C ALA C 577 22.28 35.08 31.65
N TYR C 578 21.51 35.02 30.57
CA TYR C 578 21.97 35.47 29.27
C TYR C 578 21.24 36.76 28.86
N ALA C 579 20.41 37.27 29.77
CA ALA C 579 19.86 38.63 29.65
C ALA C 579 20.90 39.63 30.11
N LYS C 580 21.58 39.28 31.20
CA LYS C 580 22.64 40.10 31.73
C LYS C 580 23.99 39.56 31.25
N MET C 581 23.95 38.86 30.11
CA MET C 581 25.08 38.77 29.19
C MET C 581 25.52 40.15 28.70
N ALA C 582 24.83 41.19 29.11
CA ALA C 582 25.11 42.54 28.63
C ALA C 582 26.38 43.10 29.29
N LEU C 583 27.52 42.86 28.65
CA LEU C 583 28.86 43.11 29.22
C LEU C 583 28.93 42.82 30.71
N LYS C 584 28.45 41.64 31.08
CA LYS C 584 28.76 41.07 32.38
C LYS C 584 29.44 39.72 32.20
N ALA C 585 30.72 39.65 32.55
CA ALA C 585 31.53 38.46 32.27
C ALA C 585 31.38 37.44 33.38
N GLU C 586 30.54 36.44 33.14
CA GLU C 586 30.33 35.35 34.09
C GLU C 586 29.61 35.77 35.37
N VAL C 587 29.48 37.08 35.60
CA VAL C 587 28.98 37.59 36.87
C VAL C 587 27.45 37.70 36.82
N THR C 588 26.78 37.02 37.75
CA THR C 588 25.32 37.03 37.83
C THR C 588 24.86 37.00 39.30
N ARG C 589 24.22 38.08 39.74
CA ARG C 589 23.63 38.12 41.08
C ARG C 589 22.18 38.62 41.06
N GLU C 590 21.98 39.92 40.88
CA GLU C 590 20.65 40.53 40.98
C GLU C 590 19.92 40.44 39.63
N ASP C 591 20.66 40.03 38.60
CA ASP C 591 20.07 39.74 37.30
C ASP C 591 18.88 38.81 37.46
N ALA C 592 19.06 37.79 38.30
CA ALA C 592 17.98 36.88 38.63
C ALA C 592 16.73 37.66 39.00
N GLU C 593 16.86 38.61 39.93
CA GLU C 593 15.71 39.39 40.40
C GLU C 593 14.90 39.94 39.21
N ARG C 594 15.60 40.50 38.23
CA ARG C 594 14.93 41.07 37.06
C ARG C 594 14.13 40.01 36.31
N ALA C 595 14.75 38.88 36.02
CA ALA C 595 14.08 37.82 35.26
C ALA C 595 12.93 37.21 36.06
N ILE C 596 13.23 36.69 37.25
CA ILE C 596 12.20 36.06 38.07
C ILE C 596 10.99 37.00 38.21
N ASN C 597 11.26 38.30 38.29
CA ASN C 597 10.19 39.28 38.33
C ASN C 597 9.30 39.20 37.09
N ILE C 598 9.89 39.41 35.91
CA ILE C 598 9.12 39.46 34.67
C ILE C 598 8.45 38.11 34.35
N MET C 599 9.02 37.02 34.86
CA MET C 599 8.43 35.70 34.61
C MET C 599 7.29 35.43 35.58
N ARG C 600 7.44 35.86 36.84
CA ARG C 600 6.34 35.81 37.79
C ARG C 600 5.24 36.75 37.34
N LEU C 601 5.63 37.82 36.65
CA LEU C 601 4.69 38.70 36.00
C LEU C 601 4.03 37.99 34.83
N PHE C 602 4.79 37.15 34.14
CA PHE C 602 4.29 36.45 32.97
C PHE C 602 3.38 35.29 33.32
N LEU C 603 3.84 34.42 34.21
CA LEU C 603 3.13 33.18 34.51
C LEU C 603 1.69 33.47 34.95
N GLU C 604 1.46 34.69 35.43
CA GLU C 604 0.16 35.06 35.96
C GLU C 604 -0.41 36.26 35.17
N GLN D 13 -35.85 -48.81 -52.65
CA GLN D 13 -35.45 -49.67 -53.80
C GLN D 13 -36.15 -51.02 -53.72
N ILE D 14 -35.66 -51.89 -52.85
CA ILE D 14 -36.23 -53.24 -52.70
C ILE D 14 -37.51 -53.21 -51.86
N ASP D 15 -38.43 -54.12 -52.17
CA ASP D 15 -39.83 -53.99 -51.74
C ASP D 15 -40.29 -55.24 -50.98
N TYR D 16 -40.80 -55.02 -49.77
CA TYR D 16 -41.18 -56.14 -48.89
C TYR D 16 -42.69 -56.28 -48.72
N ARG D 17 -43.46 -55.52 -49.51
CA ARG D 17 -44.91 -55.71 -49.57
C ARG D 17 -45.22 -57.20 -49.79
N ASP D 18 -44.49 -57.82 -50.71
CA ASP D 18 -44.59 -59.26 -50.94
C ASP D 18 -44.52 -60.01 -49.61
N VAL D 19 -43.38 -59.89 -48.93
CA VAL D 19 -43.16 -60.64 -47.70
C VAL D 19 -44.23 -60.29 -46.67
N PHE D 20 -44.64 -59.03 -46.66
CA PHE D 20 -45.52 -58.51 -45.61
C PHE D 20 -46.89 -59.20 -45.65
N ILE D 21 -47.57 -59.08 -46.78
CA ILE D 21 -48.91 -59.66 -46.91
C ILE D 21 -48.84 -61.18 -47.02
N GLU D 22 -47.70 -61.69 -47.48
CA GLU D 22 -47.48 -63.15 -47.55
C GLU D 22 -46.99 -63.68 -46.19
N PHE D 23 -46.88 -62.81 -45.20
CA PHE D 23 -46.48 -63.19 -43.85
C PHE D 23 -47.68 -63.19 -42.91
N LEU D 24 -48.28 -62.01 -42.72
CA LEU D 24 -49.40 -61.84 -41.81
C LEU D 24 -50.48 -62.90 -42.07
N THR D 25 -50.76 -63.15 -43.35
CA THR D 25 -51.85 -64.04 -43.72
C THR D 25 -51.43 -65.51 -43.70
N THR D 26 -50.16 -65.77 -44.04
CA THR D 26 -49.69 -67.15 -44.22
C THR D 26 -48.97 -67.70 -42.99
N PHE D 27 -48.77 -66.86 -41.97
CA PHE D 27 -48.02 -67.27 -40.78
C PHE D 27 -48.79 -68.31 -39.97
N LYS D 28 -48.08 -69.33 -39.50
CA LYS D 28 -48.71 -70.45 -38.78
C LYS D 28 -49.03 -70.06 -37.34
N GLY D 29 -47.99 -69.87 -36.52
CA GLY D 29 -48.16 -69.31 -35.18
C GLY D 29 -48.17 -70.35 -34.08
N ASN D 30 -48.46 -69.90 -32.86
CA ASN D 30 -48.44 -70.77 -31.68
C ASN D 30 -49.24 -72.04 -31.89
N ASN D 31 -50.54 -71.88 -32.17
CA ASN D 31 -51.43 -73.02 -32.33
C ASN D 31 -51.26 -73.70 -33.69
N ASN D 32 -50.30 -73.21 -34.47
CA ASN D 32 -50.21 -73.56 -35.90
C ASN D 32 -51.52 -73.23 -36.63
N GLN D 33 -52.30 -72.33 -36.03
CA GLN D 33 -53.52 -71.83 -36.66
C GLN D 33 -53.30 -70.37 -37.06
N ASN D 34 -53.76 -70.01 -38.25
CA ASN D 34 -53.42 -68.71 -38.83
C ASN D 34 -53.66 -67.57 -37.84
N LYS D 35 -52.62 -66.79 -37.59
CA LYS D 35 -52.70 -65.61 -36.75
C LYS D 35 -52.31 -64.40 -37.60
N TYR D 36 -52.49 -63.20 -37.05
CA TYR D 36 -52.11 -61.95 -37.74
C TYR D 36 -53.08 -61.61 -38.88
N ILE D 37 -53.80 -62.60 -39.38
CA ILE D 37 -55.05 -62.36 -40.08
C ILE D 37 -56.18 -62.20 -39.06
N GLU D 38 -56.08 -62.93 -37.96
CA GLU D 38 -57.08 -62.87 -36.91
C GLU D 38 -56.93 -61.58 -36.10
N ARG D 39 -55.69 -61.20 -35.79
CA ARG D 39 -55.41 -59.89 -35.20
C ARG D 39 -55.95 -58.80 -36.11
N ILE D 40 -55.70 -58.95 -37.41
CA ILE D 40 -56.26 -58.02 -38.40
C ILE D 40 -57.77 -57.94 -38.28
N ASN D 41 -58.42 -59.09 -38.12
CA ASN D 41 -59.88 -59.13 -38.02
C ASN D 41 -60.39 -58.34 -36.82
N GLU D 42 -59.87 -58.67 -35.64
CA GLU D 42 -60.21 -57.94 -34.41
C GLU D 42 -59.99 -56.44 -34.61
N LEU D 43 -58.89 -56.11 -35.27
CA LEU D 43 -58.51 -54.72 -35.49
C LEU D 43 -59.57 -54.00 -36.33
N VAL D 44 -59.94 -54.61 -37.46
CA VAL D 44 -60.92 -54.02 -38.36
C VAL D 44 -62.31 -54.05 -37.74
N ALA D 45 -62.52 -54.98 -36.81
CA ALA D 45 -63.82 -55.11 -36.15
C ALA D 45 -64.00 -54.05 -35.06
N TYR D 46 -62.94 -53.76 -34.33
CA TYR D 46 -63.03 -52.90 -33.14
C TYR D 46 -62.64 -51.45 -33.43
N ARG D 47 -62.30 -51.16 -34.69
CA ARG D 47 -61.95 -49.79 -35.10
C ARG D 47 -60.71 -49.28 -34.39
N LYS D 48 -59.76 -50.18 -34.14
CA LYS D 48 -58.47 -49.80 -33.56
C LYS D 48 -57.43 -49.68 -34.66
N LYS D 49 -56.51 -48.74 -34.51
CA LYS D 49 -55.35 -48.66 -35.40
C LYS D 49 -54.06 -48.88 -34.62
N SER D 50 -53.71 -50.15 -34.45
CA SER D 50 -52.35 -50.55 -34.12
C SER D 50 -52.20 -51.99 -34.54
N LEU D 51 -51.05 -52.33 -35.08
CA LEU D 51 -50.75 -53.72 -35.34
C LEU D 51 -49.53 -54.14 -34.55
N ILE D 52 -49.76 -54.92 -33.49
CA ILE D 52 -48.67 -55.38 -32.67
C ILE D 52 -48.17 -56.73 -33.16
N ILE D 53 -46.94 -56.72 -33.67
CA ILE D 53 -46.32 -57.93 -34.19
C ILE D 53 -45.06 -58.25 -33.38
N GLU D 54 -44.90 -59.52 -33.02
CA GLU D 54 -43.74 -59.97 -32.27
C GLU D 54 -42.54 -60.11 -33.21
N PHE D 55 -41.37 -59.71 -32.72
CA PHE D 55 -40.15 -59.81 -33.51
C PHE D 55 -39.65 -61.26 -33.58
N SER D 56 -39.93 -62.04 -32.54
CA SER D 56 -39.57 -63.45 -32.51
C SER D 56 -40.38 -64.25 -33.54
N ASP D 57 -41.58 -63.75 -33.88
CA ASP D 57 -42.41 -64.39 -34.91
C ASP D 57 -41.88 -64.06 -36.31
N VAL D 58 -41.21 -62.91 -36.44
CA VAL D 58 -40.60 -62.53 -37.70
C VAL D 58 -39.28 -63.26 -37.90
N LEU D 59 -38.49 -63.38 -36.83
CA LEU D 59 -37.19 -64.04 -36.91
C LEU D 59 -37.36 -65.55 -37.12
N SER D 60 -38.52 -66.09 -36.72
CA SER D 60 -38.85 -67.49 -36.98
C SER D 60 -39.41 -67.67 -38.39
N PHE D 61 -39.50 -66.57 -39.14
CA PHE D 61 -40.05 -66.60 -40.50
C PHE D 61 -39.02 -66.06 -41.50
N ASN D 62 -38.63 -64.80 -41.32
CA ASN D 62 -37.63 -64.17 -42.16
C ASN D 62 -36.67 -63.31 -41.34
N GLU D 63 -35.37 -63.55 -41.48
CA GLU D 63 -34.36 -62.87 -40.66
C GLU D 63 -33.97 -61.50 -41.24
N ASN D 64 -33.77 -61.44 -42.55
CA ASN D 64 -33.33 -60.19 -43.20
C ASN D 64 -34.34 -59.07 -42.99
N LEU D 65 -35.62 -59.43 -42.89
CA LEU D 65 -36.66 -58.49 -42.48
C LEU D 65 -36.19 -57.67 -41.28
N ALA D 66 -35.74 -58.38 -40.23
CA ALA D 66 -35.25 -57.74 -39.02
C ALA D 66 -34.27 -56.61 -39.34
N TYR D 67 -33.09 -56.98 -39.83
CA TYR D 67 -32.01 -56.02 -40.05
C TYR D 67 -32.52 -54.78 -40.77
N GLU D 68 -33.25 -54.99 -41.87
CA GLU D 68 -33.74 -53.88 -42.69
C GLU D 68 -34.67 -52.98 -41.91
N ILE D 69 -35.58 -53.57 -41.13
CA ILE D 69 -36.50 -52.78 -40.35
C ILE D 69 -35.74 -52.03 -39.28
N ILE D 70 -35.13 -52.79 -38.37
CA ILE D 70 -34.52 -52.23 -37.17
C ILE D 70 -33.49 -51.14 -37.48
N ASN D 71 -32.67 -51.34 -38.51
CA ASN D 71 -31.64 -50.34 -38.84
C ASN D 71 -32.10 -49.25 -39.82
N ASN D 72 -33.00 -49.59 -40.74
CA ASN D 72 -33.56 -48.58 -41.66
C ASN D 72 -34.95 -48.09 -41.23
N THR D 73 -35.35 -48.44 -40.01
CA THR D 73 -36.71 -48.18 -39.50
C THR D 73 -37.21 -46.83 -39.95
N LYS D 74 -36.36 -45.82 -39.84
CA LYS D 74 -36.74 -44.45 -40.14
C LYS D 74 -37.63 -44.40 -41.37
N ILE D 75 -37.07 -44.78 -42.51
CA ILE D 75 -37.80 -44.69 -43.78
C ILE D 75 -38.70 -45.90 -44.03
N ILE D 76 -38.28 -47.09 -43.60
CA ILE D 76 -38.98 -48.32 -44.02
C ILE D 76 -40.38 -48.40 -43.42
N LEU D 77 -40.52 -48.03 -42.15
CA LEU D 77 -41.76 -48.33 -41.42
C LEU D 77 -43.00 -47.70 -42.08
N PRO D 78 -43.03 -46.35 -42.23
CA PRO D 78 -44.23 -45.74 -42.82
C PRO D 78 -44.63 -46.40 -44.15
N ILE D 79 -43.63 -46.84 -44.93
CA ILE D 79 -43.91 -47.57 -46.16
C ILE D 79 -44.76 -48.80 -45.88
N LEU D 80 -44.29 -49.64 -44.97
CA LEU D 80 -45.03 -50.84 -44.57
C LEU D 80 -46.42 -50.49 -44.03
N GLU D 81 -46.53 -49.37 -43.33
CA GLU D 81 -47.80 -48.95 -42.73
C GLU D 81 -48.86 -48.66 -43.79
N GLY D 82 -48.54 -47.76 -44.73
CA GLY D 82 -49.42 -47.48 -45.85
C GLY D 82 -49.74 -48.75 -46.65
N ALA D 83 -48.69 -49.53 -46.93
CA ALA D 83 -48.85 -50.79 -47.66
C ALA D 83 -49.84 -51.73 -46.96
N LEU D 84 -49.93 -51.64 -45.64
CA LEU D 84 -50.89 -52.44 -44.88
C LEU D 84 -52.30 -51.88 -45.06
N TYR D 85 -52.46 -50.58 -44.87
CA TYR D 85 -53.77 -49.94 -44.96
C TYR D 85 -54.48 -50.35 -46.26
N ASP D 86 -53.71 -50.47 -47.34
CA ASP D 86 -54.25 -50.91 -48.61
C ASP D 86 -54.95 -52.26 -48.48
N HIS D 87 -54.27 -53.23 -47.88
CA HIS D 87 -54.85 -54.55 -47.64
C HIS D 87 -56.05 -54.46 -46.70
N ILE D 88 -56.04 -53.46 -45.82
CA ILE D 88 -57.12 -53.32 -44.83
C ILE D 88 -58.39 -52.73 -45.45
N LEU D 89 -58.24 -51.84 -46.42
CA LEU D 89 -59.42 -51.24 -47.07
C LEU D 89 -60.19 -52.30 -47.87
N GLN D 90 -59.50 -53.32 -48.36
CA GLN D 90 -60.12 -54.31 -49.24
C GLN D 90 -60.58 -55.56 -48.49
N LEU D 91 -60.37 -55.59 -47.17
CA LEU D 91 -61.14 -56.47 -46.28
C LEU D 91 -62.45 -55.79 -45.86
N ASP D 92 -62.37 -54.51 -45.52
CA ASP D 92 -63.54 -53.75 -45.09
C ASP D 92 -63.45 -52.30 -45.58
N PRO D 93 -63.95 -52.05 -46.81
CA PRO D 93 -63.77 -50.72 -47.41
C PRO D 93 -64.38 -49.58 -46.57
N THR D 94 -65.36 -49.91 -45.73
CA THR D 94 -65.96 -48.90 -44.84
C THR D 94 -65.03 -48.52 -43.68
N TYR D 95 -63.85 -49.15 -43.65
CA TYR D 95 -62.80 -48.75 -42.72
C TYR D 95 -62.27 -47.34 -43.01
N GLN D 96 -62.69 -46.77 -44.15
CA GLN D 96 -62.39 -45.38 -44.45
C GLN D 96 -63.19 -44.44 -43.54
N ARG D 97 -62.86 -43.15 -43.60
CA ARG D 97 -63.55 -42.12 -42.82
C ARG D 97 -63.24 -42.21 -41.32
N ASP D 98 -62.99 -43.42 -40.82
CA ASP D 98 -62.73 -43.63 -39.40
C ASP D 98 -61.24 -43.47 -39.10
N ILE D 99 -60.40 -44.09 -39.92
CA ILE D 99 -58.95 -44.08 -39.70
C ILE D 99 -58.25 -43.60 -40.97
N GLU D 100 -57.08 -42.98 -40.80
CA GLU D 100 -56.27 -42.56 -41.95
C GLU D 100 -55.11 -43.52 -42.22
N LYS D 101 -54.23 -43.70 -41.23
CA LYS D 101 -53.12 -44.64 -41.34
C LYS D 101 -53.02 -45.50 -40.08
N VAL D 102 -53.22 -46.80 -40.24
CA VAL D 102 -52.99 -47.73 -39.13
C VAL D 102 -51.50 -47.81 -38.82
N HIS D 103 -51.17 -48.29 -37.63
CA HIS D 103 -49.79 -48.28 -37.17
C HIS D 103 -49.22 -49.67 -37.03
N VAL D 104 -47.94 -49.81 -37.36
CA VAL D 104 -47.21 -51.06 -37.20
C VAL D 104 -46.23 -50.93 -36.05
N ARG D 105 -46.34 -51.82 -35.08
CA ARG D 105 -45.53 -51.73 -33.88
C ARG D 105 -44.92 -53.07 -33.54
N ILE D 106 -43.68 -53.02 -33.04
CA ILE D 106 -42.90 -54.23 -32.81
C ILE D 106 -42.64 -54.38 -31.31
N VAL D 107 -42.87 -55.58 -30.80
CA VAL D 107 -42.66 -55.85 -29.36
C VAL D 107 -41.49 -56.81 -29.17
N GLY D 108 -40.74 -56.58 -28.10
CA GLY D 108 -39.67 -57.50 -27.71
C GLY D 108 -38.65 -57.72 -28.82
N ILE D 109 -37.99 -56.64 -29.24
CA ILE D 109 -36.85 -56.76 -30.15
C ILE D 109 -35.56 -57.07 -29.37
N PRO D 110 -34.53 -57.60 -30.05
CA PRO D 110 -33.36 -58.11 -29.34
C PRO D 110 -32.54 -57.02 -28.66
N ARG D 111 -32.51 -55.82 -29.23
CA ARG D 111 -31.62 -54.76 -28.73
C ARG D 111 -32.27 -53.95 -27.62
N VAL D 112 -31.84 -54.21 -26.39
CA VAL D 112 -32.38 -53.56 -25.20
C VAL D 112 -31.25 -52.82 -24.52
N ILE D 113 -31.25 -51.50 -24.61
CA ILE D 113 -30.12 -50.72 -24.15
C ILE D 113 -30.50 -49.93 -22.90
N GLU D 114 -29.69 -50.05 -21.86
CA GLU D 114 -29.95 -49.35 -20.60
C GLU D 114 -29.79 -47.84 -20.82
N LEU D 115 -30.79 -47.09 -20.39
CA LEU D 115 -30.83 -45.64 -20.63
C LEU D 115 -29.57 -44.95 -20.10
N ARG D 116 -28.86 -45.60 -19.17
CA ARG D 116 -27.63 -45.05 -18.61
C ARG D 116 -26.54 -44.93 -19.69
N LYS D 117 -26.20 -46.05 -20.31
CA LYS D 117 -25.26 -46.06 -21.42
C LYS D 117 -26.04 -46.03 -22.74
N ILE D 118 -25.97 -44.89 -23.43
CA ILE D 118 -26.65 -44.75 -24.71
C ILE D 118 -25.69 -44.17 -25.75
N ARG D 119 -25.42 -44.96 -26.79
CA ARG D 119 -24.56 -44.50 -27.87
C ARG D 119 -25.20 -43.29 -28.55
N SER D 120 -24.39 -42.31 -28.89
CA SER D 120 -24.84 -41.18 -29.69
C SER D 120 -25.01 -41.58 -31.15
N THR D 121 -24.60 -42.81 -31.47
CA THR D 121 -24.76 -43.33 -32.82
C THR D 121 -26.09 -44.10 -32.95
N ASP D 122 -26.90 -44.08 -31.91
CA ASP D 122 -28.16 -44.83 -31.89
C ASP D 122 -29.38 -43.96 -32.23
N ILE D 123 -29.15 -42.69 -32.54
CA ILE D 123 -30.22 -41.84 -33.05
C ILE D 123 -30.68 -42.34 -34.42
N GLY D 124 -31.99 -42.45 -34.60
CA GLY D 124 -32.55 -42.94 -35.87
C GLY D 124 -32.61 -44.45 -35.96
N LYS D 125 -32.10 -45.14 -34.92
CA LYS D 125 -32.14 -46.60 -34.87
C LYS D 125 -33.25 -47.07 -33.91
N LEU D 126 -33.83 -48.22 -34.20
CA LEU D 126 -34.88 -48.79 -33.36
C LEU D 126 -34.24 -49.45 -32.14
N ILE D 127 -34.71 -49.06 -30.94
CA ILE D 127 -34.18 -49.64 -29.71
C ILE D 127 -35.30 -49.88 -28.68
N THR D 128 -34.97 -50.65 -27.64
CA THR D 128 -35.85 -50.85 -26.50
C THR D 128 -35.16 -50.29 -25.26
N ILE D 129 -35.94 -49.81 -24.30
CA ILE D 129 -35.38 -49.29 -23.04
C ILE D 129 -36.19 -49.77 -21.84
N ASP D 130 -35.50 -50.30 -20.85
CA ASP D 130 -36.10 -50.60 -19.55
C ASP D 130 -36.01 -49.37 -18.65
N GLY D 131 -37.04 -49.13 -17.85
CA GLY D 131 -37.00 -48.04 -16.87
C GLY D 131 -38.33 -47.81 -16.16
N ILE D 132 -38.33 -46.83 -15.26
CA ILE D 132 -39.56 -46.40 -14.59
C ILE D 132 -40.00 -45.05 -15.14
N LEU D 133 -41.32 -44.85 -15.17
CA LEU D 133 -41.90 -43.68 -15.82
C LEU D 133 -42.51 -42.77 -14.76
N VAL D 134 -42.08 -41.51 -14.74
CA VAL D 134 -42.28 -40.66 -13.57
C VAL D 134 -43.17 -39.44 -13.87
N LYS D 135 -42.73 -38.59 -14.81
CA LYS D 135 -43.49 -37.39 -15.15
C LYS D 135 -44.22 -37.57 -16.48
N VAL D 136 -45.48 -37.14 -16.52
CA VAL D 136 -46.29 -37.25 -17.73
C VAL D 136 -47.16 -36.01 -17.89
N THR D 137 -47.20 -35.47 -19.10
CA THR D 137 -47.96 -34.25 -19.35
C THR D 137 -49.36 -34.62 -19.82
N PRO D 138 -50.28 -33.64 -19.87
CA PRO D 138 -51.65 -33.95 -20.28
C PRO D 138 -51.76 -34.20 -21.77
N VAL D 139 -52.87 -34.82 -22.19
CA VAL D 139 -53.16 -34.99 -23.61
C VAL D 139 -53.26 -33.64 -24.29
N LYS D 140 -52.57 -33.49 -25.41
CA LYS D 140 -52.65 -32.28 -26.22
C LYS D 140 -52.75 -32.71 -27.69
N GLU D 141 -53.00 -31.75 -28.58
CA GLU D 141 -53.05 -32.05 -30.01
C GLU D 141 -51.93 -31.36 -30.76
N ARG D 142 -51.78 -31.70 -32.03
CA ARG D 142 -50.83 -31.05 -32.91
C ARG D 142 -51.28 -31.30 -34.34
N ILE D 143 -50.77 -30.50 -35.27
CA ILE D 143 -51.13 -30.68 -36.66
C ILE D 143 -50.19 -31.67 -37.32
N TYR D 144 -50.76 -32.78 -37.79
CA TYR D 144 -49.99 -33.77 -38.50
C TYR D 144 -49.59 -33.24 -39.87
N LYS D 145 -50.59 -32.99 -40.72
CA LYS D 145 -50.38 -32.32 -42.00
C LYS D 145 -51.36 -31.16 -42.13
N ALA D 146 -50.84 -29.96 -42.39
CA ALA D 146 -51.68 -28.77 -42.56
C ALA D 146 -51.97 -28.54 -44.03
N THR D 147 -53.22 -28.29 -44.36
CA THR D 147 -53.62 -28.01 -45.74
C THR D 147 -53.89 -26.53 -45.94
N TYR D 148 -53.17 -25.91 -46.87
CA TYR D 148 -53.32 -24.48 -47.13
C TYR D 148 -53.86 -24.24 -48.54
N LYS D 149 -54.52 -23.10 -48.72
CA LYS D 149 -54.99 -22.68 -50.03
C LYS D 149 -54.48 -21.26 -50.31
N HIS D 150 -53.96 -21.05 -51.51
CA HIS D 150 -53.29 -19.79 -51.87
C HIS D 150 -54.27 -18.83 -52.51
N ILE D 151 -54.43 -17.65 -51.91
CA ILE D 151 -55.32 -16.62 -52.44
C ILE D 151 -54.57 -15.67 -53.37
N HIS D 152 -54.88 -15.76 -54.66
CA HIS D 152 -54.30 -14.86 -55.68
C HIS D 152 -54.79 -15.34 -57.03
N PRO D 153 -54.69 -14.49 -58.07
CA PRO D 153 -55.14 -14.93 -59.39
C PRO D 153 -54.32 -16.10 -59.94
N ASP D 154 -53.12 -16.29 -59.39
CA ASP D 154 -52.30 -17.44 -59.73
C ASP D 154 -52.17 -18.37 -58.54
N CYS D 155 -53.25 -19.12 -58.28
CA CYS D 155 -53.17 -20.32 -57.44
C CYS D 155 -54.54 -20.96 -57.28
N MET D 156 -55.38 -20.39 -56.41
CA MET D 156 -56.72 -20.92 -56.13
C MET D 156 -56.73 -22.44 -56.07
N GLN D 157 -55.73 -23.02 -55.41
CA GLN D 157 -55.67 -24.46 -55.22
C GLN D 157 -55.11 -24.82 -53.85
N GLU D 158 -55.27 -26.09 -53.47
CA GLU D 158 -54.99 -26.55 -52.11
C GLU D 158 -53.78 -27.49 -52.12
N PHE D 159 -53.06 -27.53 -51.01
CA PHE D 159 -51.87 -28.36 -50.90
C PHE D 159 -51.55 -28.69 -49.45
N GLU D 160 -50.72 -29.71 -49.24
CA GLU D 160 -50.31 -30.11 -47.90
C GLU D 160 -48.89 -29.63 -47.60
N TRP D 161 -48.67 -29.12 -46.38
CA TRP D 161 -47.45 -28.39 -46.09
C TRP D 161 -46.20 -29.26 -45.94
N PRO D 162 -46.23 -30.27 -45.04
CA PRO D 162 -45.00 -31.08 -44.89
C PRO D 162 -44.85 -32.16 -45.98
N GLU D 163 -44.26 -31.79 -47.11
CA GLU D 163 -44.09 -32.71 -48.24
C GLU D 163 -42.96 -33.70 -47.97
N ASP D 164 -43.27 -34.99 -48.08
CA ASP D 164 -42.26 -36.07 -47.94
C ASP D 164 -41.69 -36.14 -46.51
N GLU D 165 -42.15 -35.25 -45.64
CA GLU D 165 -41.69 -35.19 -44.27
C GLU D 165 -42.88 -34.84 -43.37
N GLU D 166 -42.62 -34.58 -42.09
CA GLU D 166 -43.66 -34.19 -41.16
C GLU D 166 -43.39 -32.79 -40.60
N MET D 167 -44.45 -32.13 -40.16
CA MET D 167 -44.34 -30.76 -39.64
C MET D 167 -43.95 -30.76 -38.16
N PRO D 168 -43.36 -29.65 -37.68
CA PRO D 168 -42.82 -29.61 -36.31
C PRO D 168 -43.80 -29.08 -35.29
N GLU D 169 -43.33 -28.88 -34.06
CA GLU D 169 -44.15 -28.31 -32.99
C GLU D 169 -44.78 -27.01 -33.45
N VAL D 170 -43.94 -26.00 -33.67
CA VAL D 170 -44.40 -24.71 -34.19
C VAL D 170 -44.55 -24.80 -35.69
N LEU D 171 -45.69 -24.35 -36.20
CA LEU D 171 -46.01 -24.50 -37.62
C LEU D 171 -45.36 -23.39 -38.45
N GLU D 172 -44.89 -23.75 -39.64
CA GLU D 172 -44.27 -22.78 -40.53
C GLU D 172 -45.27 -22.32 -41.58
N MET D 173 -44.82 -21.47 -42.49
CA MET D 173 -45.71 -20.81 -43.43
C MET D 173 -44.94 -20.38 -44.68
N PRO D 174 -45.65 -19.76 -45.65
CA PRO D 174 -45.06 -19.21 -46.87
C PRO D 174 -43.85 -18.31 -46.66
N THR D 175 -43.16 -18.01 -47.76
CA THR D 175 -43.79 -17.24 -48.84
C THR D 175 -44.13 -18.15 -50.04
N ILE D 176 -43.15 -18.88 -50.56
CA ILE D 176 -43.31 -19.55 -51.85
C ILE D 176 -44.13 -20.84 -51.71
N CYS D 177 -44.97 -21.10 -52.70
CA CYS D 177 -45.70 -22.37 -52.80
C CYS D 177 -45.51 -22.98 -54.18
N PRO D 178 -45.55 -24.31 -54.27
CA PRO D 178 -45.31 -25.00 -55.55
C PRO D 178 -46.43 -24.77 -56.58
N LYS D 179 -47.69 -24.84 -56.13
CA LYS D 179 -48.84 -24.82 -57.04
C LYS D 179 -48.65 -23.77 -58.15
N CYS D 180 -48.90 -22.51 -57.83
CA CYS D 180 -48.68 -21.42 -58.77
C CYS D 180 -47.19 -21.17 -58.97
N GLY D 181 -46.45 -21.10 -57.86
CA GLY D 181 -45.03 -20.79 -57.90
C GLY D 181 -44.70 -19.37 -57.44
N LYS D 182 -45.60 -18.76 -56.66
CA LYS D 182 -45.40 -17.39 -56.17
C LYS D 182 -45.69 -17.28 -54.68
N PRO D 183 -45.24 -16.17 -54.06
CA PRO D 183 -45.68 -15.79 -52.72
C PRO D 183 -47.07 -15.17 -52.72
N GLY D 184 -47.60 -14.88 -51.54
CA GLY D 184 -48.89 -14.22 -51.42
C GLY D 184 -49.65 -14.59 -50.16
N GLN D 185 -50.97 -14.46 -50.22
CA GLN D 185 -51.85 -14.79 -49.09
C GLN D 185 -52.11 -16.31 -49.05
N PHE D 186 -52.09 -16.88 -47.85
CA PHE D 186 -52.38 -18.30 -47.66
C PHE D 186 -53.36 -18.50 -46.52
N ARG D 187 -54.55 -19.03 -46.85
CA ARG D 187 -55.54 -19.37 -45.83
C ARG D 187 -55.44 -20.84 -45.44
N LEU D 188 -55.45 -21.11 -44.14
CA LEU D 188 -55.48 -22.48 -43.65
C LEU D 188 -56.93 -22.96 -43.60
N ILE D 189 -57.19 -24.14 -44.16
CA ILE D 189 -58.52 -24.73 -44.13
C ILE D 189 -58.53 -25.98 -43.25
N PRO D 190 -59.11 -25.87 -42.04
CA PRO D 190 -59.16 -27.04 -41.15
C PRO D 190 -60.00 -28.17 -41.74
N GLU D 191 -60.82 -27.83 -42.73
CA GLU D 191 -61.64 -28.80 -43.43
C GLU D 191 -60.82 -30.02 -43.88
N LYS D 192 -59.65 -29.78 -44.48
CA LYS D 192 -58.82 -30.87 -45.02
C LYS D 192 -57.63 -31.23 -44.12
N THR D 193 -57.41 -30.45 -43.05
CA THR D 193 -56.19 -30.59 -42.24
C THR D 193 -56.28 -31.80 -41.34
N LYS D 194 -55.16 -32.52 -41.22
CA LYS D 194 -55.11 -33.74 -40.42
C LYS D 194 -54.45 -33.46 -39.07
N LEU D 195 -55.08 -33.95 -38.00
CA LEU D 195 -54.63 -33.67 -36.65
C LEU D 195 -54.18 -34.96 -35.96
N ILE D 196 -53.38 -34.82 -34.90
CA ILE D 196 -52.85 -35.98 -34.20
C ILE D 196 -52.79 -35.72 -32.68
N ASP D 197 -53.08 -36.76 -31.90
CA ASP D 197 -53.00 -36.70 -30.43
C ASP D 197 -51.56 -36.81 -29.96
N TRP D 198 -51.29 -36.27 -28.77
CA TRP D 198 -49.94 -35.89 -28.40
C TRP D 198 -49.78 -35.97 -26.91
N GLN D 199 -48.57 -36.35 -26.46
CA GLN D 199 -48.27 -36.41 -25.03
C GLN D 199 -46.78 -36.65 -24.82
N LYS D 200 -46.30 -36.34 -23.63
CA LYS D 200 -44.88 -36.30 -23.34
C LYS D 200 -44.66 -36.88 -21.94
N ALA D 201 -43.63 -37.72 -21.80
CA ALA D 201 -43.36 -38.39 -20.52
C ALA D 201 -41.87 -38.42 -20.22
N VAL D 202 -41.53 -38.74 -18.98
CA VAL D 202 -40.13 -38.75 -18.53
C VAL D 202 -39.82 -40.10 -17.87
N ILE D 203 -38.96 -40.88 -18.51
CA ILE D 203 -38.54 -42.16 -17.96
C ILE D 203 -37.27 -41.97 -17.14
N GLN D 204 -37.38 -42.30 -15.86
CA GLN D 204 -36.23 -42.21 -14.94
C GLN D 204 -35.61 -43.59 -14.79
N GLU D 205 -34.28 -43.63 -14.67
CA GLU D 205 -33.55 -44.87 -14.47
C GLU D 205 -34.02 -45.56 -13.18
N ARG D 206 -33.97 -46.89 -13.16
CA ARG D 206 -34.54 -47.67 -12.05
C ARG D 206 -33.69 -47.50 -10.80
N PRO D 207 -34.33 -47.39 -9.62
CA PRO D 207 -33.58 -47.18 -8.38
C PRO D 207 -32.52 -48.25 -8.11
N GLU D 208 -32.67 -49.42 -8.74
CA GLU D 208 -31.68 -50.48 -8.65
C GLU D 208 -30.48 -50.20 -9.54
N GLU D 209 -30.73 -49.97 -10.82
CA GLU D 209 -29.69 -49.62 -11.79
C GLU D 209 -28.78 -48.48 -11.30
N VAL D 210 -29.34 -47.55 -10.53
CA VAL D 210 -28.61 -46.34 -10.12
C VAL D 210 -27.39 -46.72 -9.29
N PRO D 211 -26.18 -46.39 -9.78
CA PRO D 211 -24.99 -46.54 -8.92
C PRO D 211 -25.04 -45.59 -7.73
N SER D 212 -24.40 -45.98 -6.64
CA SER D 212 -24.40 -45.17 -5.41
C SER D 212 -24.00 -43.73 -5.73
N GLY D 213 -23.18 -43.55 -6.75
CA GLY D 213 -22.73 -42.22 -7.15
C GLY D 213 -23.66 -41.60 -8.18
N GLN D 214 -23.49 -40.31 -8.42
CA GLN D 214 -24.28 -39.58 -9.42
C GLN D 214 -25.79 -39.70 -9.11
N LEU D 215 -26.62 -39.67 -10.14
CA LEU D 215 -28.07 -39.66 -9.97
C LEU D 215 -28.70 -40.47 -11.10
N PRO D 216 -29.93 -40.99 -10.87
CA PRO D 216 -30.65 -41.67 -11.96
C PRO D 216 -30.81 -40.80 -13.20
N ARG D 217 -30.47 -41.36 -14.35
CA ARG D 217 -30.61 -40.66 -15.62
C ARG D 217 -32.08 -40.56 -16.02
N GLN D 218 -32.39 -39.61 -16.90
CA GLN D 218 -33.77 -39.40 -17.34
C GLN D 218 -33.85 -39.25 -18.85
N LEU D 219 -34.97 -39.69 -19.42
CA LEU D 219 -35.17 -39.64 -20.86
C LEU D 219 -36.56 -39.10 -21.19
N GLU D 220 -36.60 -38.09 -22.05
CA GLU D 220 -37.86 -37.52 -22.50
C GLU D 220 -38.38 -38.29 -23.70
N ILE D 221 -39.66 -38.64 -23.68
CA ILE D 221 -40.25 -39.46 -24.72
C ILE D 221 -41.60 -38.88 -25.14
N ILE D 222 -42.08 -39.28 -26.31
CA ILE D 222 -43.30 -38.70 -26.88
C ILE D 222 -44.28 -39.81 -27.27
N LEU D 223 -45.46 -39.77 -26.67
CA LEU D 223 -46.50 -40.76 -26.94
C LEU D 223 -47.49 -40.22 -27.97
N GLU D 224 -47.61 -40.92 -29.10
CA GLU D 224 -48.41 -40.42 -30.21
C GLU D 224 -49.65 -41.28 -30.43
N ASP D 225 -50.72 -40.65 -30.91
CA ASP D 225 -51.91 -41.38 -31.32
C ASP D 225 -52.44 -42.22 -30.14
N ASP D 226 -52.71 -43.51 -30.36
CA ASP D 226 -53.43 -44.31 -29.35
C ASP D 226 -52.54 -44.73 -28.16
N LEU D 227 -51.24 -44.42 -28.24
CA LEU D 227 -50.33 -44.68 -27.11
C LEU D 227 -50.57 -43.72 -25.95
N VAL D 228 -51.42 -42.72 -26.17
CA VAL D 228 -51.73 -41.75 -25.15
C VAL D 228 -52.52 -42.40 -24.01
N ASP D 229 -52.14 -42.10 -22.77
CA ASP D 229 -52.75 -42.69 -21.57
C ASP D 229 -52.65 -44.23 -21.58
N SER D 230 -51.64 -44.75 -22.27
CA SER D 230 -51.29 -46.18 -22.18
C SER D 230 -50.43 -46.44 -20.94
N ALA D 231 -49.52 -45.50 -20.66
CA ALA D 231 -48.59 -45.62 -19.53
C ALA D 231 -48.92 -44.54 -18.49
N ARG D 232 -48.96 -44.94 -17.23
CA ARG D 232 -49.21 -43.99 -16.14
C ARG D 232 -47.99 -43.93 -15.22
N PRO D 233 -47.71 -42.73 -14.67
CA PRO D 233 -46.48 -42.56 -13.90
C PRO D 233 -46.46 -43.44 -12.65
N GLY D 234 -45.28 -43.98 -12.35
CA GLY D 234 -45.14 -44.93 -11.26
C GLY D 234 -45.10 -46.37 -11.76
N ASP D 235 -45.33 -46.54 -13.05
CA ASP D 235 -45.31 -47.89 -13.65
C ASP D 235 -43.88 -48.34 -13.93
N ARG D 236 -43.64 -49.64 -13.75
CA ARG D 236 -42.42 -50.28 -14.25
C ARG D 236 -42.64 -50.68 -15.71
N VAL D 237 -41.94 -50.02 -16.63
CA VAL D 237 -42.28 -50.11 -18.04
C VAL D 237 -41.06 -50.42 -18.91
N LYS D 238 -41.29 -51.18 -19.99
CA LYS D 238 -40.34 -51.29 -21.09
C LYS D 238 -40.94 -50.60 -22.30
N VAL D 239 -40.13 -49.81 -23.00
CA VAL D 239 -40.61 -49.15 -24.21
C VAL D 239 -39.75 -49.55 -25.40
N THR D 240 -40.30 -49.38 -26.58
CA THR D 240 -39.56 -49.55 -27.82
C THR D 240 -39.79 -48.29 -28.64
N GLY D 241 -38.70 -47.65 -29.06
CA GLY D 241 -38.80 -46.36 -29.71
C GLY D 241 -37.70 -46.12 -30.72
N ILE D 242 -37.74 -44.96 -31.36
CA ILE D 242 -36.66 -44.53 -32.25
C ILE D 242 -36.18 -43.17 -31.79
N LEU D 243 -34.93 -43.11 -31.32
CA LEU D 243 -34.40 -41.87 -30.77
C LEU D 243 -34.23 -40.82 -31.86
N ASP D 244 -34.20 -39.57 -31.43
CA ASP D 244 -34.16 -38.44 -32.34
C ASP D 244 -33.67 -37.24 -31.51
N ILE D 245 -33.43 -36.11 -32.17
CA ILE D 245 -33.16 -34.87 -31.44
C ILE D 245 -33.88 -33.73 -32.11
N LYS D 246 -34.35 -32.77 -31.31
CA LYS D 246 -35.04 -31.61 -31.85
C LYS D 246 -34.28 -30.32 -31.51
N GLN D 247 -34.01 -30.12 -30.23
CA GLN D 247 -33.50 -28.86 -29.71
C GLN D 247 -34.40 -27.70 -30.19
N ASP D 248 -33.83 -26.63 -30.77
CA ASP D 248 -34.68 -25.55 -31.28
C ASP D 248 -35.47 -24.99 -30.11
N SER D 249 -34.92 -23.94 -29.50
CA SER D 249 -33.48 -23.87 -29.27
C SER D 249 -33.09 -24.19 -27.83
N PRO D 250 -31.92 -24.86 -27.64
CA PRO D 250 -31.40 -25.04 -26.29
C PRO D 250 -30.99 -23.73 -25.64
N VAL D 251 -31.37 -23.55 -24.39
CA VAL D 251 -31.01 -22.36 -23.62
C VAL D 251 -30.52 -22.85 -22.25
N LYS D 252 -30.05 -21.92 -21.42
CA LYS D 252 -29.53 -22.27 -20.11
C LYS D 252 -28.24 -23.11 -20.27
N ARG D 253 -28.25 -24.35 -19.80
CA ARG D 253 -27.09 -25.22 -19.89
C ARG D 253 -26.66 -25.51 -21.33
N GLY D 254 -25.35 -25.48 -21.54
CA GLY D 254 -24.44 -26.23 -20.67
C GLY D 254 -24.54 -27.75 -20.77
N SER D 255 -24.50 -28.40 -19.61
CA SER D 255 -24.43 -29.87 -19.56
C SER D 255 -25.71 -30.46 -20.13
N ARG D 256 -25.58 -31.69 -20.63
CA ARG D 256 -24.40 -32.05 -21.38
C ARG D 256 -24.75 -32.88 -22.61
N ALA D 257 -24.65 -32.26 -23.78
CA ALA D 257 -24.55 -33.01 -25.03
C ALA D 257 -23.77 -32.17 -26.09
N VAL D 258 -24.45 -31.32 -26.88
CA VAL D 258 -25.62 -30.58 -26.41
C VAL D 258 -26.76 -30.88 -27.38
N PHE D 259 -27.55 -31.89 -27.02
CA PHE D 259 -28.53 -32.48 -27.91
C PHE D 259 -29.73 -32.75 -27.04
N ASP D 260 -30.84 -32.05 -27.31
CA ASP D 260 -32.10 -32.44 -26.72
C ASP D 260 -32.48 -33.78 -27.33
N ILE D 261 -32.73 -34.78 -26.48
CA ILE D 261 -33.08 -36.10 -26.96
C ILE D 261 -34.58 -36.24 -27.13
N TYR D 262 -34.96 -37.00 -28.15
CA TYR D 262 -36.35 -37.15 -28.54
C TYR D 262 -36.56 -38.63 -28.79
N MET D 263 -37.38 -39.27 -27.97
CA MET D 263 -37.78 -40.64 -28.26
C MET D 263 -39.21 -40.68 -28.74
N LYS D 264 -39.38 -41.02 -30.02
CA LYS D 264 -40.70 -41.22 -30.59
C LYS D 264 -41.11 -42.68 -30.39
N VAL D 265 -42.14 -42.89 -29.57
CA VAL D 265 -42.43 -44.23 -29.05
C VAL D 265 -43.27 -45.02 -30.04
N SER D 266 -42.77 -46.19 -30.44
CA SER D 266 -43.59 -47.12 -31.22
C SER D 266 -44.49 -47.95 -30.31
N SER D 267 -43.95 -48.47 -29.21
CA SER D 267 -44.73 -49.35 -28.34
C SER D 267 -44.34 -49.19 -26.87
N ILE D 268 -45.29 -49.45 -25.98
CA ILE D 268 -45.00 -49.56 -24.55
C ILE D 268 -45.58 -50.83 -23.96
N GLU D 269 -44.87 -51.41 -23.01
CA GLU D 269 -45.24 -52.68 -22.41
C GLU D 269 -45.08 -52.56 -20.89
N VAL D 270 -46.17 -52.75 -20.16
CA VAL D 270 -46.14 -52.65 -18.69
C VAL D 270 -46.14 -54.05 -18.05
N SER D 271 -45.96 -55.08 -18.88
CA SER D 271 -46.18 -56.46 -18.44
C SER D 271 -45.08 -56.93 -17.47
N GLN D 272 -45.48 -57.24 -16.24
CA GLN D 272 -44.63 -57.94 -15.27
C GLN D 272 -45.38 -58.07 -13.94
N LYS D 273 -44.85 -58.90 -13.02
CA LYS D 273 -45.39 -58.95 -11.65
C LYS D 273 -44.39 -58.39 -10.63
N VAL D 274 -43.28 -59.10 -10.42
CA VAL D 274 -42.05 -58.49 -9.89
C VAL D 274 -40.88 -58.92 -10.77
N LEU D 275 -40.51 -58.04 -11.70
CA LEU D 275 -39.44 -58.34 -12.64
C LEU D 275 -38.11 -57.84 -12.09
N ASP D 276 -38.16 -57.22 -10.91
CA ASP D 276 -36.97 -56.74 -10.23
C ASP D 276 -36.21 -57.89 -9.59
N GLU D 277 -36.80 -59.09 -9.61
CA GLU D 277 -36.18 -60.27 -9.02
C GLU D 277 -34.74 -60.39 -9.52
N VAL D 278 -33.78 -60.35 -8.61
CA VAL D 278 -32.37 -60.23 -8.97
C VAL D 278 -31.83 -61.55 -9.53
N ILE D 279 -32.39 -62.66 -9.07
CA ILE D 279 -32.06 -63.98 -9.60
C ILE D 279 -32.88 -65.05 -8.88
N ILE D 280 -33.05 -66.19 -9.54
CA ILE D 280 -33.58 -67.37 -8.89
C ILE D 280 -32.55 -68.52 -9.02
N SER D 281 -32.47 -69.12 -10.21
CA SER D 281 -31.31 -69.91 -10.61
C SER D 281 -30.81 -70.83 -9.47
N GLU D 282 -29.52 -70.75 -9.15
CA GLU D 282 -28.94 -71.57 -8.08
C GLU D 282 -29.55 -71.24 -6.72
N GLU D 283 -29.86 -69.97 -6.50
CA GLU D 283 -30.25 -69.51 -5.17
C GLU D 283 -31.54 -70.16 -4.68
N ASP D 284 -32.34 -70.71 -5.60
CA ASP D 284 -33.52 -71.46 -5.22
C ASP D 284 -33.14 -72.58 -4.25
N GLU D 285 -32.02 -73.24 -4.52
CA GLU D 285 -31.51 -74.28 -3.63
C GLU D 285 -31.19 -73.71 -2.24
N LYS D 286 -30.63 -72.50 -2.22
CA LYS D 286 -30.08 -71.95 -0.98
C LYS D 286 -31.18 -71.47 -0.04
N LYS D 287 -32.21 -70.83 -0.61
CA LYS D 287 -33.33 -70.35 0.20
C LYS D 287 -34.24 -71.50 0.61
N ILE D 288 -34.25 -72.57 -0.17
CA ILE D 288 -34.97 -73.78 0.21
C ILE D 288 -34.18 -74.56 1.28
N LYS D 289 -32.85 -74.54 1.20
CA LYS D 289 -32.05 -75.05 2.32
C LYS D 289 -32.26 -74.15 3.54
N ASP D 290 -32.70 -72.92 3.29
CA ASP D 290 -32.97 -71.97 4.36
C ASP D 290 -34.40 -72.11 4.93
N LEU D 291 -35.28 -72.83 4.23
CA LEU D 291 -36.65 -73.05 4.74
C LEU D 291 -36.70 -74.21 5.74
N ALA D 292 -35.52 -74.70 6.11
CA ALA D 292 -35.41 -75.87 6.99
C ALA D 292 -36.25 -75.71 8.27
N LYS D 293 -36.63 -76.83 8.86
CA LYS D 293 -37.65 -76.86 9.92
C LYS D 293 -37.24 -76.06 11.17
N ASP D 294 -35.94 -75.76 11.30
CA ASP D 294 -35.43 -75.11 12.51
C ASP D 294 -36.24 -73.84 12.80
N PRO D 295 -36.19 -73.35 14.06
CA PRO D 295 -36.95 -72.13 14.39
C PRO D 295 -36.59 -70.96 13.50
N TRP D 296 -36.84 -71.11 12.21
CA TRP D 296 -36.34 -70.19 11.21
C TRP D 296 -36.94 -68.83 11.37
N ILE D 297 -38.13 -68.77 11.96
CA ILE D 297 -38.81 -67.50 12.18
C ILE D 297 -37.98 -66.61 13.11
N ARG D 298 -37.64 -67.13 14.29
CA ARG D 298 -36.93 -66.32 15.29
C ARG D 298 -35.57 -65.86 14.77
N ASP D 299 -34.84 -66.75 14.09
CA ASP D 299 -33.51 -66.40 13.58
C ASP D 299 -33.60 -65.32 12.50
N ARG D 300 -34.51 -65.51 11.56
CA ARG D 300 -34.74 -64.52 10.52
C ARG D 300 -35.05 -63.16 11.14
N ILE D 301 -35.77 -63.18 12.25
CA ILE D 301 -36.05 -61.96 13.00
C ILE D 301 -34.77 -61.40 13.64
N ILE D 302 -33.90 -62.30 14.12
CA ILE D 302 -32.60 -61.88 14.67
C ILE D 302 -31.70 -61.27 13.60
N SER D 303 -31.97 -61.57 12.33
CA SER D 303 -31.10 -61.13 11.25
C SER D 303 -31.25 -59.63 10.94
N SER D 304 -32.48 -59.14 10.80
CA SER D 304 -32.71 -57.72 10.48
C SER D 304 -32.27 -56.81 11.63
N ILE D 305 -32.37 -57.32 12.86
CA ILE D 305 -31.95 -56.58 14.05
C ILE D 305 -30.51 -56.07 13.91
N ALA D 306 -29.59 -56.99 13.62
CA ALA D 306 -28.16 -56.72 13.80
C ALA D 306 -27.78 -55.37 13.18
N PRO D 307 -26.54 -54.94 13.43
CA PRO D 307 -25.94 -55.04 14.76
C PRO D 307 -26.42 -53.99 15.79
N SER D 308 -27.65 -54.17 16.31
CA SER D 308 -28.10 -53.41 17.50
C SER D 308 -29.23 -54.16 18.22
N ILE D 309 -29.17 -54.22 19.54
CA ILE D 309 -30.26 -54.76 20.36
C ILE D 309 -30.70 -53.74 21.42
N TYR D 310 -31.88 -53.14 21.22
CA TYR D 310 -32.55 -52.39 22.28
C TYR D 310 -34.07 -52.55 22.25
N GLY D 311 -34.63 -53.13 23.32
CA GLY D 311 -36.07 -53.15 23.54
C GLY D 311 -36.86 -53.48 22.29
N HIS D 312 -36.26 -54.30 21.42
CA HIS D 312 -36.70 -54.41 20.03
C HIS D 312 -37.58 -55.63 19.80
N TRP D 313 -37.81 -56.42 20.84
CA TRP D 313 -38.50 -57.70 20.69
C TRP D 313 -39.77 -57.59 19.88
N GLU D 314 -40.50 -56.49 20.07
CA GLU D 314 -41.72 -56.24 19.31
C GLU D 314 -41.37 -55.79 17.89
N LEU D 315 -40.44 -54.84 17.78
CA LEU D 315 -40.18 -54.18 16.52
C LEU D 315 -39.49 -55.11 15.53
N LYS D 316 -38.48 -55.84 16.00
CA LYS D 316 -37.78 -56.80 15.15
C LYS D 316 -38.79 -57.60 14.33
N GLU D 317 -39.83 -58.10 15.01
CA GLU D 317 -40.94 -58.76 14.34
C GLU D 317 -41.54 -57.79 13.33
N ALA D 318 -42.17 -56.73 13.83
CA ALA D 318 -43.03 -55.86 13.02
C ALA D 318 -42.38 -55.49 11.68
N LEU D 319 -41.07 -55.28 11.68
CA LEU D 319 -40.33 -55.02 10.43
C LEU D 319 -40.25 -56.29 9.58
N ALA D 320 -39.77 -57.37 10.19
CA ALA D 320 -39.73 -58.68 9.51
C ALA D 320 -41.06 -58.94 8.82
N LEU D 321 -42.14 -58.67 9.54
CA LEU D 321 -43.50 -58.84 9.03
C LEU D 321 -43.79 -57.86 7.90
N ALA D 322 -43.49 -56.58 8.12
CA ALA D 322 -43.76 -55.52 7.13
C ALA D 322 -43.12 -55.84 5.78
N LEU D 323 -41.94 -56.45 5.81
CA LEU D 323 -41.19 -56.76 4.59
C LEU D 323 -41.92 -57.80 3.71
N PHE D 324 -42.93 -58.46 4.28
CA PHE D 324 -43.59 -59.58 3.61
C PHE D 324 -45.00 -59.21 3.09
N GLY D 325 -45.69 -60.20 2.52
CA GLY D 325 -46.74 -59.93 1.52
C GLY D 325 -48.15 -60.03 2.08
N GLY D 326 -49.03 -60.72 1.36
CA GLY D 326 -50.42 -60.91 1.77
C GLY D 326 -51.38 -59.90 1.17
N VAL D 327 -51.77 -60.12 -0.08
CA VAL D 327 -52.56 -59.14 -0.83
C VAL D 327 -53.74 -59.84 -1.53
N PRO D 328 -54.88 -59.96 -0.82
CA PRO D 328 -56.10 -60.42 -1.49
C PRO D 328 -56.74 -59.33 -2.35
N LYS D 329 -57.01 -59.65 -3.61
CA LYS D 329 -57.60 -58.69 -4.54
C LYS D 329 -58.93 -59.21 -5.08
N VAL D 330 -60.00 -58.51 -4.78
CA VAL D 330 -61.34 -58.93 -5.19
C VAL D 330 -61.96 -57.86 -6.11
N LEU D 331 -62.55 -58.31 -7.22
CA LEU D 331 -63.04 -57.39 -8.25
C LEU D 331 -64.20 -56.53 -7.75
N GLU D 332 -64.79 -56.94 -6.62
CA GLU D 332 -65.80 -56.15 -5.93
C GLU D 332 -65.16 -55.41 -4.75
N ASP D 333 -64.91 -54.11 -4.93
CA ASP D 333 -64.32 -53.28 -3.87
C ASP D 333 -63.01 -53.89 -3.34
N THR D 334 -61.94 -53.76 -4.11
CA THR D 334 -60.65 -54.33 -3.72
C THR D 334 -60.26 -53.90 -2.32
N ARG D 335 -59.95 -54.87 -1.47
CA ARG D 335 -59.52 -54.61 -0.12
C ARG D 335 -58.20 -55.33 0.15
N ILE D 336 -57.15 -54.56 0.39
CA ILE D 336 -55.85 -55.11 0.70
C ILE D 336 -55.30 -54.46 1.97
N ARG D 337 -54.90 -53.19 1.84
CA ARG D 337 -54.14 -52.51 2.89
C ARG D 337 -53.20 -53.49 3.60
N GLY D 338 -52.70 -54.45 2.84
CA GLY D 338 -51.71 -55.39 3.35
C GLY D 338 -50.36 -54.73 3.34
N ASP D 339 -49.30 -55.52 3.29
CA ASP D 339 -47.96 -54.97 3.25
C ASP D 339 -47.79 -53.99 4.41
N ILE D 340 -47.69 -54.55 5.61
CA ILE D 340 -48.13 -53.89 6.85
C ILE D 340 -47.39 -52.55 7.06
N HIS D 341 -48.14 -51.48 7.33
CA HIS D 341 -47.54 -50.15 7.54
C HIS D 341 -47.26 -49.93 9.00
N ILE D 342 -45.98 -49.79 9.34
CA ILE D 342 -45.57 -49.60 10.74
C ILE D 342 -44.87 -48.25 10.92
N LEU D 343 -45.05 -47.65 12.09
CA LEU D 343 -44.48 -46.33 12.38
C LEU D 343 -43.78 -46.32 13.73
N ILE D 344 -42.51 -45.92 13.74
CA ILE D 344 -41.74 -45.82 14.97
C ILE D 344 -41.37 -44.37 15.24
N ILE D 345 -42.06 -43.74 16.19
CA ILE D 345 -41.76 -42.37 16.58
C ILE D 345 -40.93 -42.35 17.86
N GLY D 346 -39.77 -41.72 17.80
CA GLY D 346 -38.86 -41.68 18.94
C GLY D 346 -38.06 -40.41 18.93
N ASP D 347 -37.43 -40.09 20.05
CA ASP D 347 -36.64 -38.88 20.16
C ASP D 347 -35.44 -38.98 19.22
N PRO D 348 -34.68 -37.88 19.07
CA PRO D 348 -33.51 -37.96 18.18
C PRO D 348 -32.65 -39.19 18.51
N GLY D 349 -32.27 -39.94 17.48
CA GLY D 349 -31.59 -41.22 17.71
C GLY D 349 -30.69 -41.11 18.93
N THR D 350 -30.50 -42.24 19.62
CA THR D 350 -31.60 -43.12 20.06
C THR D 350 -31.68 -44.27 19.04
N ALA D 351 -30.83 -44.17 18.01
CA ALA D 351 -30.62 -45.27 17.04
C ALA D 351 -31.83 -45.44 16.11
N LYS D 352 -33.01 -45.11 16.61
CA LYS D 352 -34.17 -44.82 15.75
C LYS D 352 -34.16 -45.66 14.47
N SER D 353 -34.43 -45.01 13.35
CA SER D 353 -34.41 -45.67 12.04
C SER D 353 -33.10 -45.38 11.32
N GLN D 354 -32.25 -44.57 11.93
CA GLN D 354 -30.92 -44.31 11.37
C GLN D 354 -30.16 -45.62 11.17
N MET D 355 -30.60 -46.66 11.88
CA MET D 355 -30.06 -48.00 11.69
C MET D 355 -31.10 -48.90 11.02
N LEU D 356 -32.25 -49.05 11.66
CA LEU D 356 -33.26 -50.02 11.22
C LEU D 356 -33.78 -49.69 9.82
N GLN D 357 -33.95 -48.40 9.51
CA GLN D 357 -34.28 -47.99 8.16
C GLN D 357 -33.20 -48.43 7.17
N PHE D 358 -31.94 -48.29 7.57
CA PHE D 358 -30.82 -48.69 6.71
C PHE D 358 -30.84 -50.21 6.45
N ILE D 359 -31.28 -50.98 7.44
CA ILE D 359 -31.47 -52.42 7.26
C ILE D 359 -32.70 -52.71 6.38
N SER D 360 -33.69 -51.81 6.42
CA SER D 360 -34.85 -51.91 5.55
C SER D 360 -34.58 -51.22 4.20
N ARG D 361 -33.33 -50.76 4.03
CA ARG D 361 -32.82 -50.41 2.70
C ARG D 361 -32.29 -51.62 1.97
N VAL D 362 -32.15 -52.74 2.67
CA VAL D 362 -31.80 -54.00 2.02
C VAL D 362 -33.05 -54.86 1.88
N ALA D 363 -33.56 -54.87 0.66
CA ALA D 363 -34.94 -55.25 0.36
C ALA D 363 -35.10 -54.99 -1.15
N PRO D 364 -36.13 -55.59 -1.76
CA PRO D 364 -36.37 -55.28 -3.14
C PRO D 364 -37.25 -54.05 -3.27
N ARG D 365 -37.26 -53.44 -4.46
CA ARG D 365 -38.13 -52.30 -4.71
C ARG D 365 -38.34 -51.48 -3.42
N ALA D 366 -37.27 -50.84 -2.96
CA ALA D 366 -37.31 -50.07 -1.72
C ALA D 366 -37.02 -48.60 -2.03
N VAL D 367 -37.95 -47.73 -1.65
CA VAL D 367 -37.79 -46.29 -1.85
C VAL D 367 -37.49 -45.64 -0.50
N TYR D 368 -36.28 -45.12 -0.37
CA TYR D 368 -35.92 -44.34 0.82
C TYR D 368 -36.03 -42.86 0.50
N THR D 369 -37.02 -42.21 1.12
CA THR D 369 -37.18 -40.77 0.96
C THR D 369 -36.86 -40.07 2.28
N THR D 370 -35.74 -39.36 2.29
CA THR D 370 -35.19 -38.82 3.52
C THR D 370 -35.84 -37.47 3.83
N GLY D 371 -36.63 -37.43 4.89
CA GLY D 371 -37.42 -36.25 5.21
C GLY D 371 -38.81 -36.31 4.61
N LYS D 372 -39.50 -35.17 4.66
CA LYS D 372 -40.88 -35.07 4.17
C LYS D 372 -41.08 -35.78 2.83
N GLY D 373 -40.43 -35.25 1.80
CA GLY D 373 -40.48 -35.82 0.48
C GLY D 373 -39.54 -35.07 -0.45
N SER D 374 -38.97 -35.78 -1.42
CA SER D 374 -38.10 -35.17 -2.40
C SER D 374 -38.87 -34.92 -3.69
N THR D 375 -38.22 -34.28 -4.66
CA THR D 375 -38.78 -34.16 -6.02
C THR D 375 -40.12 -33.38 -6.05
N ALA D 376 -40.30 -32.47 -5.09
CA ALA D 376 -41.41 -31.50 -5.15
C ALA D 376 -42.80 -32.16 -5.08
N ALA D 377 -42.83 -33.49 -5.00
CA ALA D 377 -44.07 -34.21 -4.70
C ALA D 377 -44.05 -34.77 -3.28
N GLY D 378 -43.30 -35.85 -3.06
CA GLY D 378 -43.16 -36.45 -1.74
C GLY D 378 -44.21 -37.50 -1.45
N LEU D 379 -45.39 -37.31 -2.04
CA LEU D 379 -46.36 -38.39 -2.20
C LEU D 379 -46.89 -38.37 -3.64
N THR D 380 -47.39 -37.21 -4.06
CA THR D 380 -47.86 -37.02 -5.44
C THR D 380 -48.38 -35.59 -5.65
N ALA D 381 -48.36 -35.11 -6.89
CA ALA D 381 -48.90 -33.77 -7.23
C ALA D 381 -48.71 -33.41 -8.71
N ALA D 382 -49.26 -32.27 -9.12
CA ALA D 382 -49.02 -31.70 -10.47
C ALA D 382 -48.20 -30.41 -10.36
N VAL D 383 -47.36 -30.15 -11.36
CA VAL D 383 -46.28 -29.14 -11.24
C VAL D 383 -46.42 -28.02 -12.30
N VAL D 384 -45.82 -26.86 -12.01
CA VAL D 384 -45.90 -25.70 -12.90
C VAL D 384 -44.60 -25.57 -13.72
N ARG D 385 -44.59 -24.66 -14.70
CA ARG D 385 -43.35 -24.25 -15.39
C ARG D 385 -42.43 -25.47 -15.63
N GLU D 386 -41.16 -25.34 -15.28
CA GLU D 386 -40.25 -26.49 -15.27
C GLU D 386 -40.21 -27.18 -16.64
N LYS D 387 -39.53 -26.54 -17.59
CA LYS D 387 -39.42 -27.06 -18.97
C LYS D 387 -40.77 -27.13 -19.70
N GLY D 388 -41.59 -26.11 -19.48
CA GLY D 388 -41.13 -24.74 -19.63
C GLY D 388 -42.16 -23.91 -20.36
N THR D 389 -42.11 -22.60 -20.16
CA THR D 389 -43.10 -21.70 -20.75
C THR D 389 -44.49 -21.93 -20.12
N GLY D 390 -44.58 -22.88 -19.19
CA GLY D 390 -45.86 -23.23 -18.58
C GLY D 390 -46.36 -24.64 -18.90
N GLU D 391 -45.48 -25.49 -19.43
CA GLU D 391 -45.82 -26.92 -19.58
C GLU D 391 -46.26 -27.49 -18.24
N TYR D 392 -47.42 -28.14 -18.23
CA TYR D 392 -47.91 -28.80 -17.02
C TYR D 392 -47.57 -30.28 -17.04
N TYR D 393 -46.81 -30.72 -16.04
CA TYR D 393 -46.55 -32.14 -15.85
C TYR D 393 -47.34 -32.66 -14.68
N LEU D 394 -47.61 -33.95 -14.69
CA LEU D 394 -48.11 -34.65 -13.52
C LEU D 394 -47.03 -35.61 -13.05
N GLU D 395 -46.54 -35.42 -11.83
CA GLU D 395 -45.42 -36.20 -11.32
C GLU D 395 -45.67 -36.60 -9.88
N ALA D 396 -45.47 -37.88 -9.58
CA ALA D 396 -45.42 -38.36 -8.21
C ALA D 396 -44.14 -39.16 -8.01
N GLY D 397 -43.24 -38.62 -7.20
CA GLY D 397 -41.86 -39.12 -7.17
C GLY D 397 -41.50 -39.89 -5.91
N ALA D 398 -42.48 -40.18 -5.07
CA ALA D 398 -42.21 -40.79 -3.76
C ALA D 398 -42.93 -42.12 -3.57
N LEU D 399 -44.19 -42.07 -3.16
CA LEU D 399 -44.85 -43.24 -2.59
C LEU D 399 -45.44 -44.18 -3.66
N VAL D 400 -45.67 -43.64 -4.86
CA VAL D 400 -46.21 -44.44 -5.96
C VAL D 400 -45.08 -44.97 -6.85
N LEU D 401 -43.86 -44.53 -6.56
CA LEU D 401 -42.66 -45.16 -7.12
C LEU D 401 -42.30 -46.44 -6.38
N ALA D 402 -42.86 -46.61 -5.18
CA ALA D 402 -42.60 -47.80 -4.36
C ALA D 402 -43.65 -48.88 -4.63
N ASP D 403 -44.47 -48.66 -5.65
CA ASP D 403 -45.51 -49.62 -6.04
C ASP D 403 -44.94 -51.04 -6.06
N GLY D 404 -45.59 -51.95 -5.34
CA GLY D 404 -45.06 -53.30 -5.17
C GLY D 404 -43.71 -53.31 -4.49
N GLY D 405 -43.61 -52.60 -3.37
CA GLY D 405 -42.35 -52.47 -2.65
C GLY D 405 -42.54 -51.71 -1.36
N ILE D 406 -41.44 -51.38 -0.68
CA ILE D 406 -41.51 -50.65 0.57
C ILE D 406 -40.98 -49.24 0.39
N ALA D 407 -41.77 -48.25 0.83
CA ALA D 407 -41.32 -46.88 0.90
C ALA D 407 -40.93 -46.56 2.33
N VAL D 408 -39.62 -46.46 2.58
CA VAL D 408 -39.13 -46.14 3.92
C VAL D 408 -39.02 -44.63 4.07
N ILE D 409 -39.91 -44.07 4.87
CA ILE D 409 -39.97 -42.63 5.04
C ILE D 409 -39.48 -42.27 6.45
N ASP D 410 -38.41 -41.50 6.52
CA ASP D 410 -37.87 -41.03 7.79
C ASP D 410 -38.31 -39.58 8.01
N GLU D 411 -38.59 -39.23 9.26
CA GLU D 411 -38.98 -37.85 9.60
C GLU D 411 -40.30 -37.49 8.91
N ILE D 412 -41.36 -38.19 9.29
CA ILE D 412 -42.72 -37.82 8.89
C ILE D 412 -43.06 -36.45 9.47
N ASP D 413 -42.42 -36.12 10.58
CA ASP D 413 -42.67 -34.86 11.28
C ASP D 413 -42.75 -33.70 10.30
N LYS D 414 -41.87 -33.71 9.30
CA LYS D 414 -41.71 -32.55 8.44
C LYS D 414 -42.63 -32.60 7.22
N MET D 415 -43.51 -33.59 7.17
CA MET D 415 -44.34 -33.83 5.99
C MET D 415 -45.05 -32.56 5.55
N ARG D 416 -45.18 -32.40 4.23
CA ARG D 416 -45.80 -31.21 3.65
C ARG D 416 -47.24 -31.07 4.14
N ASP D 417 -47.66 -29.84 4.39
CA ASP D 417 -49.01 -29.57 4.89
C ASP D 417 -50.06 -30.07 3.90
N GLU D 418 -49.76 -29.96 2.61
CA GLU D 418 -50.74 -30.30 1.56
C GLU D 418 -50.89 -31.83 1.42
N ASP D 419 -49.88 -32.58 1.83
CA ASP D 419 -49.81 -34.00 1.51
C ASP D 419 -50.56 -34.88 2.51
N ARG D 420 -50.78 -34.39 3.74
CA ARG D 420 -51.41 -35.23 4.77
C ARG D 420 -52.86 -35.58 4.41
N VAL D 421 -53.42 -34.89 3.41
CA VAL D 421 -54.76 -35.25 2.89
C VAL D 421 -54.67 -36.27 1.75
N ALA D 422 -53.49 -36.45 1.18
CA ALA D 422 -53.29 -37.43 0.12
C ALA D 422 -53.12 -38.84 0.69
N ILE D 423 -52.46 -38.96 1.84
CA ILE D 423 -52.12 -40.28 2.39
C ILE D 423 -53.38 -41.03 2.88
N HIS D 424 -54.39 -40.29 3.31
CA HIS D 424 -55.67 -40.89 3.65
C HIS D 424 -56.10 -41.83 2.55
N GLU D 425 -55.77 -41.48 1.31
CA GLU D 425 -56.12 -42.30 0.15
C GLU D 425 -55.07 -43.37 -0.12
N ALA D 426 -53.83 -42.94 -0.37
CA ALA D 426 -52.76 -43.83 -0.85
C ALA D 426 -52.36 -44.89 0.18
N MET D 427 -52.82 -44.75 1.42
CA MET D 427 -52.58 -45.77 2.45
C MET D 427 -53.84 -46.58 2.77
N GLU D 428 -54.95 -46.28 2.08
CA GLU D 428 -56.23 -46.93 2.36
C GLU D 428 -56.54 -48.02 1.32
N GLN D 429 -56.86 -47.60 0.09
CA GLN D 429 -57.02 -48.55 -1.02
C GLN D 429 -55.74 -48.60 -1.86
N GLN D 430 -54.71 -47.88 -1.43
CA GLN D 430 -53.42 -47.83 -2.12
C GLN D 430 -53.52 -47.18 -3.51
N THR D 431 -54.49 -46.29 -3.68
CA THR D 431 -54.55 -45.44 -4.86
C THR D 431 -54.50 -43.96 -4.50
N VAL D 432 -54.05 -43.15 -5.46
CA VAL D 432 -54.08 -41.71 -5.32
C VAL D 432 -55.07 -41.12 -6.32
N SER D 433 -56.17 -40.58 -5.80
CA SER D 433 -57.08 -39.80 -6.64
C SER D 433 -56.49 -38.42 -6.88
N ILE D 434 -56.32 -38.06 -8.15
CA ILE D 434 -55.79 -36.75 -8.52
C ILE D 434 -56.67 -36.11 -9.59
N ALA D 435 -57.24 -34.95 -9.26
CA ALA D 435 -57.77 -34.04 -10.27
C ALA D 435 -57.30 -32.61 -9.99
N LYS D 436 -56.33 -32.15 -10.79
CA LYS D 436 -55.93 -30.73 -10.79
C LYS D 436 -56.40 -30.03 -12.06
N ALA D 437 -57.27 -30.70 -12.83
CA ALA D 437 -57.75 -30.17 -14.11
C ALA D 437 -56.71 -30.31 -15.24
N GLY D 438 -55.47 -30.67 -14.88
CA GLY D 438 -54.51 -31.15 -15.86
C GLY D 438 -54.90 -32.52 -16.35
N ILE D 439 -55.49 -33.31 -15.45
CA ILE D 439 -55.96 -34.66 -15.77
C ILE D 439 -56.63 -35.22 -14.51
N VAL D 440 -57.45 -36.25 -14.69
CA VAL D 440 -57.98 -37.00 -13.56
C VAL D 440 -57.49 -38.44 -13.64
N ALA D 441 -56.63 -38.83 -12.69
CA ALA D 441 -56.01 -40.15 -12.73
C ALA D 441 -56.02 -40.81 -11.35
N LYS D 442 -56.10 -42.13 -11.34
CA LYS D 442 -55.86 -42.90 -10.13
C LYS D 442 -54.47 -43.53 -10.21
N LEU D 443 -53.54 -43.03 -9.39
CA LEU D 443 -52.20 -43.59 -9.33
C LEU D 443 -52.17 -44.83 -8.44
N ASN D 444 -51.37 -45.80 -8.82
CA ASN D 444 -51.29 -47.06 -8.09
C ASN D 444 -50.07 -47.08 -7.19
N ALA D 445 -50.27 -46.85 -5.89
CA ALA D 445 -49.21 -47.05 -4.90
C ALA D 445 -49.59 -48.16 -3.92
N ARG D 446 -49.16 -49.38 -4.21
CA ARG D 446 -49.45 -50.54 -3.36
C ARG D 446 -48.39 -50.68 -2.27
N ALA D 447 -47.49 -49.69 -2.19
CA ALA D 447 -46.32 -49.77 -1.33
C ALA D 447 -46.68 -49.92 0.14
N ALA D 448 -45.88 -50.71 0.86
CA ALA D 448 -45.88 -50.70 2.32
C ALA D 448 -45.12 -49.47 2.81
N VAL D 449 -45.62 -48.85 3.88
CA VAL D 449 -44.94 -47.69 4.44
C VAL D 449 -44.34 -48.03 5.80
N ILE D 450 -43.02 -47.97 5.89
CA ILE D 450 -42.35 -47.99 7.17
C ILE D 450 -41.87 -46.58 7.49
N ALA D 451 -42.44 -46.00 8.54
CA ALA D 451 -42.28 -44.56 8.81
C ALA D 451 -41.51 -44.32 10.11
N ALA D 452 -41.06 -43.08 10.28
CA ALA D 452 -40.42 -42.65 11.52
C ALA D 452 -40.71 -41.16 11.69
N GLY D 453 -40.65 -40.67 12.92
CA GLY D 453 -40.90 -39.25 13.17
C GLY D 453 -40.43 -38.82 14.54
N ASN D 454 -40.10 -37.54 14.67
CA ASN D 454 -39.71 -36.98 15.96
C ASN D 454 -40.95 -36.58 16.74
N PRO D 455 -40.83 -36.55 18.08
CA PRO D 455 -41.92 -36.06 18.91
C PRO D 455 -41.81 -34.56 19.14
N LYS D 456 -42.82 -33.96 19.77
CA LYS D 456 -42.89 -32.50 19.86
C LYS D 456 -41.67 -31.91 20.59
N PHE D 457 -41.46 -32.28 21.85
CA PHE D 457 -40.28 -31.86 22.59
C PHE D 457 -39.54 -33.08 23.15
N GLY D 458 -38.39 -33.39 22.57
CA GLY D 458 -37.60 -34.54 23.00
C GLY D 458 -38.45 -35.79 23.18
N ARG D 459 -38.24 -36.49 24.28
CA ARG D 459 -38.95 -37.74 24.56
C ARG D 459 -40.19 -37.46 25.41
N TYR D 460 -41.36 -37.41 24.77
CA TYR D 460 -42.59 -36.99 25.49
C TYR D 460 -43.62 -38.13 25.67
N ILE D 461 -43.32 -39.31 25.14
CA ILE D 461 -44.39 -40.29 24.86
C ILE D 461 -44.65 -41.25 26.05
N SER D 462 -44.03 -40.96 27.19
CA SER D 462 -44.30 -41.74 28.41
C SER D 462 -45.68 -41.40 28.97
N GLU D 463 -45.82 -40.20 29.53
CA GLU D 463 -47.07 -39.80 30.19
C GLU D 463 -48.14 -39.37 29.17
N ARG D 464 -47.81 -38.38 28.34
CA ARG D 464 -48.74 -37.89 27.33
C ARG D 464 -49.16 -39.03 26.40
N PRO D 465 -50.44 -39.01 25.95
CA PRO D 465 -50.88 -40.02 24.99
C PRO D 465 -49.98 -40.05 23.75
N VAL D 466 -49.91 -41.19 23.08
CA VAL D 466 -49.04 -41.34 21.91
C VAL D 466 -49.58 -40.52 20.73
N SER D 467 -50.82 -40.05 20.83
CA SER D 467 -51.34 -39.06 19.90
C SER D 467 -50.85 -37.67 20.29
N ASP D 468 -51.06 -36.69 19.41
CA ASP D 468 -50.65 -35.30 19.65
C ASP D 468 -49.13 -35.13 19.82
N ASN D 469 -48.40 -36.26 19.87
CA ASN D 469 -46.94 -36.24 19.99
C ASN D 469 -46.25 -36.05 18.64
N ILE D 470 -46.91 -36.56 17.60
CA ILE D 470 -46.32 -36.62 16.26
C ILE D 470 -46.73 -35.39 15.43
N ASN D 471 -47.32 -34.40 16.10
CA ASN D 471 -47.74 -33.16 15.44
C ASN D 471 -48.75 -33.42 14.32
N LEU D 472 -48.33 -33.29 13.06
CA LEU D 472 -49.27 -33.16 11.92
C LEU D 472 -50.49 -34.10 12.07
N PRO D 473 -50.25 -35.42 12.09
CA PRO D 473 -51.39 -36.36 12.03
C PRO D 473 -52.20 -36.43 13.32
N PRO D 474 -53.53 -36.21 13.23
CA PRO D 474 -54.45 -36.72 14.25
C PRO D 474 -54.93 -38.14 13.95
N THR D 475 -55.14 -38.42 12.66
CA THR D 475 -55.85 -39.64 12.25
C THR D 475 -54.91 -40.62 11.55
N ILE D 476 -54.04 -40.09 10.69
CA ILE D 476 -53.23 -40.92 9.79
C ILE D 476 -52.66 -42.10 10.57
N LEU D 477 -52.43 -41.89 11.86
CA LEU D 477 -52.02 -42.96 12.77
C LEU D 477 -52.96 -44.18 12.67
N SER D 478 -54.26 -43.93 12.71
CA SER D 478 -55.25 -45.00 12.56
C SER D 478 -54.99 -45.80 11.28
N ARG D 479 -54.35 -45.16 10.30
CA ARG D 479 -54.02 -45.80 9.03
C ARG D 479 -52.69 -46.57 9.11
N PHE D 480 -52.06 -46.56 10.29
CA PHE D 480 -50.94 -47.47 10.58
C PHE D 480 -51.44 -48.71 11.29
N ASP D 481 -50.72 -49.80 11.13
CA ASP D 481 -51.08 -51.05 11.77
C ASP D 481 -50.33 -51.24 13.09
N LEU D 482 -49.01 -51.20 13.02
CA LEU D 482 -48.18 -51.30 14.23
C LEU D 482 -47.36 -50.03 14.42
N ILE D 483 -47.69 -49.27 15.47
CA ILE D 483 -46.92 -48.09 15.85
C ILE D 483 -46.17 -48.35 17.15
N PHE D 484 -44.85 -48.16 17.13
CA PHE D 484 -44.03 -48.36 18.33
C PHE D 484 -43.40 -47.05 18.77
N ILE D 485 -43.02 -46.99 20.05
CA ILE D 485 -42.25 -45.87 20.57
C ILE D 485 -40.84 -46.32 20.90
N LEU D 486 -39.90 -45.39 20.92
CA LEU D 486 -38.54 -45.69 21.32
C LEU D 486 -38.32 -45.38 22.79
N LYS D 487 -38.33 -46.43 23.61
CA LYS D 487 -38.06 -46.30 25.04
C LYS D 487 -36.79 -45.48 25.26
N ASP D 488 -36.82 -44.62 26.28
CA ASP D 488 -35.67 -43.78 26.60
C ASP D 488 -34.52 -44.61 27.14
N GLN D 489 -34.78 -45.90 27.37
CA GLN D 489 -33.79 -46.85 27.89
C GLN D 489 -33.28 -46.46 29.28
N PRO D 490 -34.21 -46.28 30.24
CA PRO D 490 -33.78 -46.08 31.62
C PRO D 490 -33.30 -47.37 32.28
N GLY D 491 -33.94 -48.48 31.92
CA GLY D 491 -33.75 -49.74 32.65
C GLY D 491 -32.99 -50.79 31.86
N GLU D 492 -32.13 -50.34 30.93
CA GLU D 492 -31.48 -51.26 29.98
C GLU D 492 -30.81 -52.43 30.70
N GLN D 493 -29.64 -52.18 31.29
CA GLN D 493 -28.96 -53.14 32.18
C GLN D 493 -28.43 -54.42 31.50
N ASP D 494 -28.92 -54.72 30.29
CA ASP D 494 -28.60 -56.00 29.63
C ASP D 494 -27.39 -55.88 28.70
N ARG D 495 -26.73 -54.72 28.71
CA ARG D 495 -26.03 -54.23 27.53
C ARG D 495 -24.58 -54.73 27.40
N GLU D 496 -24.17 -55.62 28.29
CA GLU D 496 -22.79 -56.10 28.29
C GLU D 496 -22.52 -56.88 27.01
N LEU D 497 -23.03 -58.11 26.93
CA LEU D 497 -22.90 -58.92 25.74
C LEU D 497 -23.65 -58.24 24.59
N ALA D 498 -24.82 -57.70 24.91
CA ALA D 498 -25.70 -57.11 23.90
C ALA D 498 -25.01 -55.99 23.12
N ASN D 499 -24.09 -55.28 23.78
CA ASN D 499 -23.37 -54.19 23.13
C ASN D 499 -22.04 -54.66 22.55
N TYR D 500 -21.26 -55.35 23.38
CA TYR D 500 -20.02 -55.95 22.93
C TYR D 500 -20.24 -56.96 21.79
N ILE D 501 -21.51 -57.30 21.54
CA ILE D 501 -21.85 -58.25 20.47
C ILE D 501 -20.84 -58.10 19.33
N LEU D 502 -20.92 -56.97 18.63
CA LEU D 502 -20.19 -56.80 17.39
C LEU D 502 -18.98 -55.87 17.52
N ASP D 503 -18.85 -55.17 18.64
CA ASP D 503 -17.74 -54.23 18.78
C ASP D 503 -16.40 -54.99 18.85
N VAL D 504 -16.48 -56.28 19.16
CA VAL D 504 -15.34 -57.17 18.99
C VAL D 504 -15.75 -58.47 18.29
N HIS D 505 -16.64 -59.21 18.93
CA HIS D 505 -17.00 -60.56 18.45
C HIS D 505 -17.75 -60.48 17.15
N SER D 506 -17.45 -61.38 16.23
CA SER D 506 -18.28 -61.58 15.05
C SER D 506 -19.57 -62.31 15.41
N GLY D 507 -19.46 -63.30 16.29
CA GLY D 507 -20.60 -64.13 16.67
C GLY D 507 -21.56 -63.40 17.59
N LYS D 508 -22.85 -63.66 17.41
CA LYS D 508 -23.89 -63.14 18.30
C LYS D 508 -24.84 -64.27 18.73
N SER D 509 -25.51 -64.86 17.75
CA SER D 509 -26.66 -65.73 18.01
C SER D 509 -26.36 -67.17 17.59
N THR D 510 -27.13 -68.11 18.12
CA THR D 510 -26.90 -69.54 17.90
C THR D 510 -26.68 -69.85 16.41
N LYS D 511 -27.54 -69.31 15.56
CA LYS D 511 -27.42 -69.51 14.12
C LYS D 511 -26.13 -68.87 13.62
N ASN D 512 -26.00 -67.56 13.84
CA ASN D 512 -24.76 -66.82 13.56
C ASN D 512 -24.45 -66.66 12.07
N ILE D 513 -25.14 -67.40 11.20
CA ILE D 513 -25.11 -67.10 9.77
C ILE D 513 -25.95 -65.87 9.51
N ILE D 514 -27.12 -65.81 10.14
CA ILE D 514 -27.93 -64.60 10.14
C ILE D 514 -28.36 -64.27 8.70
N ASP D 515 -28.32 -65.30 7.85
CA ASP D 515 -28.81 -65.19 6.46
C ASP D 515 -28.10 -64.09 5.69
N ILE D 516 -26.85 -63.80 6.07
CA ILE D 516 -26.08 -62.75 5.42
C ILE D 516 -26.88 -61.44 5.44
N ASP D 517 -26.82 -60.68 4.35
CA ASP D 517 -27.51 -59.41 4.26
C ASP D 517 -28.28 -59.38 2.95
N THR D 518 -27.57 -59.59 1.85
CA THR D 518 -28.19 -59.82 0.57
C THR D 518 -29.04 -61.09 0.60
N LEU D 519 -28.49 -62.20 1.07
CA LEU D 519 -29.20 -63.47 1.01
C LEU D 519 -30.55 -63.37 1.74
N ARG D 520 -30.56 -62.79 2.93
CA ARG D 520 -31.81 -62.59 3.65
C ARG D 520 -32.84 -61.89 2.76
N LYS D 521 -32.35 -61.03 1.85
CA LYS D 521 -33.22 -60.36 0.89
C LYS D 521 -33.55 -61.28 -0.29
N TYR D 522 -32.58 -62.07 -0.72
CA TYR D 522 -32.77 -62.96 -1.87
C TYR D 522 -33.87 -63.99 -1.59
N ILE D 523 -34.15 -64.24 -0.31
CA ILE D 523 -35.28 -65.09 0.05
C ILE D 523 -36.44 -64.25 0.60
N ALA D 524 -36.27 -63.73 1.81
CA ALA D 524 -37.41 -63.31 2.64
C ALA D 524 -38.32 -62.36 1.87
N TYR D 525 -37.71 -61.41 1.15
CA TYR D 525 -38.46 -60.49 0.32
C TYR D 525 -38.51 -60.99 -1.12
N ALA D 526 -37.34 -61.13 -1.73
CA ALA D 526 -37.25 -61.49 -3.14
C ALA D 526 -38.09 -62.74 -3.45
N ARG D 527 -38.37 -63.53 -2.43
CA ARG D 527 -39.32 -64.64 -2.54
C ARG D 527 -40.66 -64.27 -1.91
N LYS D 528 -41.56 -63.72 -2.72
CA LYS D 528 -42.98 -63.95 -2.54
C LYS D 528 -43.51 -64.70 -3.77
N TYR D 529 -43.29 -66.02 -3.75
CA TYR D 529 -44.04 -66.94 -4.61
C TYR D 529 -45.13 -67.61 -3.79
N VAL D 530 -45.28 -67.16 -2.55
CA VAL D 530 -46.14 -67.80 -1.58
C VAL D 530 -47.44 -67.01 -1.46
N THR D 531 -48.56 -67.72 -1.34
CA THR D 531 -49.86 -67.09 -1.18
C THR D 531 -50.69 -67.85 -0.15
N PRO D 532 -50.38 -67.64 1.14
CA PRO D 532 -50.87 -68.53 2.20
C PRO D 532 -52.27 -68.14 2.71
N LYS D 533 -53.32 -68.62 2.04
CA LYS D 533 -54.67 -68.49 2.58
C LYS D 533 -54.84 -69.39 3.79
N ILE D 534 -55.15 -68.79 4.94
CA ILE D 534 -55.23 -69.53 6.19
C ILE D 534 -56.60 -70.18 6.35
N THR D 535 -56.68 -71.26 7.11
CA THR D 535 -57.92 -72.04 7.21
C THR D 535 -58.08 -72.74 8.55
N SER D 536 -59.24 -73.40 8.72
CA SER D 536 -59.49 -74.31 9.84
C SER D 536 -59.17 -73.67 11.20
N GLU D 537 -58.48 -74.40 12.07
CA GLU D 537 -58.39 -74.02 13.49
C GLU D 537 -57.95 -72.56 13.65
N ALA D 538 -57.07 -72.10 12.76
CA ALA D 538 -56.64 -70.69 12.77
C ALA D 538 -57.86 -69.78 12.73
N LYS D 539 -58.75 -70.04 11.80
CA LYS D 539 -59.98 -69.25 11.63
C LYS D 539 -60.73 -69.10 12.97
N ASN D 540 -60.65 -70.11 13.82
CA ASN D 540 -61.35 -70.07 15.10
C ASN D 540 -60.55 -69.33 16.17
N LEU D 541 -59.26 -69.67 16.30
CA LEU D 541 -58.44 -69.12 17.38
C LEU D 541 -58.40 -67.59 17.32
N ILE D 542 -58.46 -67.05 16.10
CA ILE D 542 -58.57 -65.61 15.92
C ILE D 542 -59.93 -65.10 16.36
N THR D 543 -60.97 -65.87 16.09
CA THR D 543 -62.32 -65.44 16.39
C THR D 543 -62.56 -65.37 17.90
N ASP D 544 -62.24 -66.44 18.60
CA ASP D 544 -62.37 -66.47 20.05
C ASP D 544 -61.60 -65.31 20.66
N PHE D 545 -60.54 -64.88 19.98
CA PHE D 545 -59.82 -63.67 20.36
C PHE D 545 -60.62 -62.41 20.03
N PHE D 546 -61.32 -62.43 18.90
CA PHE D 546 -62.14 -61.28 18.50
C PHE D 546 -63.25 -61.04 19.51
N VAL D 547 -64.03 -62.08 19.80
CA VAL D 547 -65.16 -61.96 20.71
C VAL D 547 -64.71 -61.63 22.13
N GLU D 548 -63.59 -62.19 22.56
CA GLU D 548 -63.09 -61.96 23.92
C GLU D 548 -62.56 -60.53 24.10
N MET D 549 -61.84 -60.03 23.09
CA MET D 549 -61.33 -58.66 23.12
C MET D 549 -62.48 -57.67 23.08
N ARG D 550 -63.41 -57.88 22.16
CA ARG D 550 -64.58 -57.04 22.03
C ARG D 550 -65.38 -57.02 23.33
N LYS D 551 -65.93 -58.17 23.69
CA LYS D 551 -66.78 -58.29 24.87
C LYS D 551 -66.06 -57.81 26.13
N LYS D 552 -64.74 -58.01 26.18
CA LYS D 552 -63.96 -57.51 27.30
C LYS D 552 -64.17 -56.01 27.46
N SER D 553 -64.22 -55.30 26.33
CA SER D 553 -64.44 -53.86 26.35
C SER D 553 -65.93 -53.52 26.45
N SER D 554 -66.75 -54.21 25.68
CA SER D 554 -68.16 -53.84 25.55
C SER D 554 -68.99 -54.30 26.77
N GLU D 555 -68.39 -55.12 27.63
CA GLU D 555 -69.05 -55.52 28.88
C GLU D 555 -69.17 -54.34 29.85
N THR D 556 -68.22 -53.41 29.77
CA THR D 556 -68.19 -52.24 30.66
C THR D 556 -68.98 -51.08 30.04
N PRO D 557 -70.10 -50.68 30.68
CA PRO D 557 -70.94 -49.60 30.10
C PRO D 557 -70.22 -48.26 29.99
N ASP D 558 -69.05 -48.14 30.63
CA ASP D 558 -68.29 -46.89 30.64
C ASP D 558 -67.87 -46.44 29.24
N SER D 559 -68.06 -47.32 28.25
CA SER D 559 -67.64 -47.05 26.87
C SER D 559 -66.13 -46.77 26.81
N PRO D 560 -65.30 -47.81 27.05
CA PRO D 560 -63.84 -47.65 26.94
C PRO D 560 -63.36 -47.66 25.49
N ILE D 561 -64.00 -46.86 24.65
CA ILE D 561 -63.59 -46.65 23.25
C ILE D 561 -63.65 -47.92 22.39
N LEU D 562 -64.07 -49.04 23.00
CA LEU D 562 -64.31 -50.31 22.29
C LEU D 562 -63.03 -51.11 22.03
N ILE D 563 -61.87 -50.53 22.33
CA ILE D 563 -60.58 -51.21 22.14
C ILE D 563 -60.27 -51.33 20.63
N THR D 564 -61.19 -50.86 19.80
CA THR D 564 -60.96 -50.64 18.35
C THR D 564 -60.49 -51.87 17.58
N PRO D 565 -61.16 -53.02 17.76
CA PRO D 565 -60.76 -54.12 16.87
C PRO D 565 -61.47 -54.07 15.52
N ARG D 566 -62.59 -53.34 15.45
CA ARG D 566 -63.60 -53.60 14.42
C ARG D 566 -63.02 -53.59 13.00
N GLN D 567 -62.31 -52.53 12.64
CA GLN D 567 -61.57 -52.50 11.38
C GLN D 567 -60.26 -53.29 11.49
N LEU D 568 -59.71 -53.34 12.69
CA LEU D 568 -58.40 -53.95 12.91
C LEU D 568 -58.46 -55.48 12.80
N GLU D 569 -59.59 -56.08 13.18
CA GLU D 569 -59.78 -57.53 12.99
C GLU D 569 -59.44 -57.91 11.55
N ALA D 570 -59.60 -56.96 10.62
CA ALA D 570 -59.21 -57.16 9.23
C ALA D 570 -57.70 -57.33 9.11
N LEU D 571 -56.95 -56.35 9.63
CA LEU D 571 -55.52 -56.27 9.35
C LEU D 571 -54.64 -57.08 10.33
N ILE D 572 -55.20 -57.52 11.46
CA ILE D 572 -54.59 -58.63 12.21
C ILE D 572 -54.62 -59.88 11.36
N ARG D 573 -55.76 -60.13 10.72
CA ARG D 573 -55.99 -61.34 9.96
C ARG D 573 -55.31 -61.23 8.60
N ILE D 574 -54.71 -60.07 8.35
CA ILE D 574 -53.67 -59.93 7.33
C ILE D 574 -52.31 -60.26 7.94
N SER D 575 -51.98 -59.58 9.04
CA SER D 575 -50.67 -59.72 9.65
C SER D 575 -50.30 -61.19 9.85
N GLU D 576 -50.99 -61.88 10.77
CA GLU D 576 -50.69 -63.30 11.05
C GLU D 576 -50.57 -64.10 9.76
N ALA D 577 -51.68 -64.20 9.02
CA ALA D 577 -51.76 -65.04 7.85
C ALA D 577 -50.57 -64.78 6.92
N TYR D 578 -50.23 -63.50 6.80
CA TYR D 578 -49.24 -63.08 5.82
C TYR D 578 -47.95 -62.63 6.52
N ALA D 579 -47.91 -62.79 7.84
CA ALA D 579 -46.68 -62.70 8.62
C ALA D 579 -45.90 -63.99 8.49
N LYS D 580 -46.64 -65.09 8.55
CA LYS D 580 -46.05 -66.40 8.39
C LYS D 580 -46.25 -66.88 6.95
N MET D 581 -46.41 -65.91 6.06
CA MET D 581 -46.03 -66.05 4.65
C MET D 581 -44.55 -66.40 4.49
N ALA D 582 -43.83 -66.47 5.60
CA ALA D 582 -42.38 -66.69 5.55
C ALA D 582 -42.08 -68.16 5.23
N LEU D 583 -41.95 -68.46 3.94
CA LEU D 583 -41.87 -69.84 3.43
C LEU D 583 -42.75 -70.81 4.20
N LYS D 584 -44.01 -70.43 4.37
CA LYS D 584 -45.06 -71.35 4.76
C LYS D 584 -46.16 -71.36 3.69
N ALA D 585 -46.29 -72.46 2.98
CA ALA D 585 -47.19 -72.53 1.83
C ALA D 585 -48.60 -72.89 2.27
N GLU D 586 -49.46 -71.88 2.39
CA GLU D 586 -50.86 -72.09 2.76
C GLU D 586 -51.06 -72.55 4.20
N VAL D 587 -49.98 -72.96 4.87
CA VAL D 587 -50.08 -73.59 6.19
C VAL D 587 -50.06 -72.52 7.28
N THR D 588 -51.11 -72.50 8.09
CA THR D 588 -51.22 -71.53 9.18
C THR D 588 -51.89 -72.19 10.41
N ARG D 589 -51.15 -72.31 11.51
CA ARG D 589 -51.70 -72.82 12.77
C ARG D 589 -51.34 -71.92 13.96
N GLU D 590 -50.09 -72.01 14.42
CA GLU D 590 -49.66 -71.30 15.63
C GLU D 590 -49.23 -69.89 15.30
N ASP D 591 -49.12 -69.60 14.00
CA ASP D 591 -48.87 -68.25 13.53
C ASP D 591 -49.86 -67.29 14.18
N ALA D 592 -51.12 -67.70 14.21
CA ALA D 592 -52.15 -66.93 14.89
C ALA D 592 -51.68 -66.50 16.28
N GLU D 593 -51.21 -67.47 17.07
CA GLU D 593 -50.77 -67.18 18.43
C GLU D 593 -49.83 -65.98 18.48
N ARG D 594 -48.85 -65.95 17.57
CA ARG D 594 -47.89 -64.85 17.52
C ARG D 594 -48.59 -63.51 17.28
N ALA D 595 -49.46 -63.45 16.27
CA ALA D 595 -50.13 -62.20 15.93
C ALA D 595 -51.10 -61.78 17.03
N ILE D 596 -52.04 -62.65 17.38
CA ILE D 596 -53.02 -62.32 18.41
C ILE D 596 -52.31 -61.81 19.66
N ASN D 597 -51.15 -62.40 19.96
CA ASN D 597 -50.33 -61.92 21.08
C ASN D 597 -49.95 -60.46 20.92
N ILE D 598 -49.24 -60.12 19.84
CA ILE D 598 -48.72 -58.77 19.66
C ILE D 598 -49.84 -57.75 19.49
N MET D 599 -51.00 -58.19 19.02
CA MET D 599 -52.14 -57.29 18.86
C MET D 599 -52.86 -57.07 20.18
N ARG D 600 -52.99 -58.12 20.98
CA ARG D 600 -53.50 -57.99 22.34
C ARG D 600 -52.53 -57.15 23.16
N LEU D 601 -51.25 -57.25 22.82
CA LEU D 601 -50.23 -56.38 23.39
C LEU D 601 -50.44 -54.95 22.91
N PHE D 602 -50.86 -54.82 21.65
CA PHE D 602 -51.04 -53.50 21.06
C PHE D 602 -52.30 -52.80 21.55
N LEU D 603 -53.42 -53.49 21.46
CA LEU D 603 -54.72 -52.86 21.74
C LEU D 603 -54.73 -52.24 23.13
N GLU D 604 -53.85 -52.71 24.01
CA GLU D 604 -53.80 -52.26 25.38
C GLU D 604 -52.44 -51.65 25.69
N GLN E 13 45.12 67.80 -32.14
CA GLN E 13 46.34 68.61 -32.45
C GLN E 13 46.95 69.17 -31.16
N ILE E 14 46.35 70.21 -30.62
CA ILE E 14 46.87 70.86 -29.42
C ILE E 14 46.49 70.06 -28.16
N ASP E 15 47.36 70.13 -27.14
CA ASP E 15 47.34 69.15 -26.05
C ASP E 15 47.24 69.84 -24.68
N TYR E 16 46.24 69.45 -23.90
CA TYR E 16 45.96 70.11 -22.62
C TYR E 16 46.31 69.23 -21.41
N ARG E 17 46.97 68.10 -21.66
CA ARG E 17 47.52 67.29 -20.57
C ARG E 17 48.33 68.18 -19.63
N ASP E 18 49.15 69.05 -20.20
CA ASP E 18 49.88 70.05 -19.43
C ASP E 18 48.96 70.76 -18.45
N VAL E 19 47.97 71.46 -19.00
CA VAL E 19 47.06 72.28 -18.17
C VAL E 19 46.35 71.40 -17.17
N PHE E 20 46.02 70.17 -17.58
CA PHE E 20 45.16 69.30 -16.78
C PHE E 20 45.83 68.91 -15.47
N ILE E 21 47.00 68.28 -15.56
CA ILE E 21 47.71 67.83 -14.37
C ILE E 21 48.32 69.01 -13.61
N GLU E 22 48.58 70.10 -14.33
CA GLU E 22 49.08 71.32 -13.71
C GLU E 22 47.93 72.16 -13.12
N PHE E 23 46.70 71.64 -13.25
CA PHE E 23 45.52 72.31 -12.70
C PHE E 23 45.04 71.59 -11.44
N LEU E 24 44.64 70.33 -11.61
CA LEU E 24 44.10 69.54 -10.49
C LEU E 24 45.01 69.61 -9.28
N THR E 25 46.32 69.52 -9.53
CA THR E 25 47.28 69.44 -8.43
C THR E 25 47.66 70.82 -7.91
N THR E 26 47.67 71.82 -8.79
CA THR E 26 48.19 73.15 -8.43
C THR E 26 47.06 74.13 -8.06
N PHE E 27 45.81 73.71 -8.21
CA PHE E 27 44.67 74.59 -7.97
C PHE E 27 44.54 74.94 -6.48
N LYS E 28 44.27 76.21 -6.19
CA LYS E 28 44.20 76.69 -4.81
C LYS E 28 42.88 76.29 -4.15
N GLY E 29 41.78 76.90 -4.60
CA GLY E 29 40.45 76.47 -4.19
C GLY E 29 39.83 77.33 -3.10
N ASN E 30 38.68 76.90 -2.59
CA ASN E 30 37.93 77.65 -1.59
C ASN E 30 38.81 78.07 -0.41
N ASN E 31 39.38 77.09 0.27
CA ASN E 31 40.19 77.35 1.45
C ASN E 31 41.58 77.86 1.10
N ASN E 32 41.82 78.06 -0.20
CA ASN E 32 43.18 78.27 -0.71
C ASN E 32 44.10 77.11 -0.31
N GLN E 33 43.49 75.97 -0.02
CA GLN E 33 44.23 74.74 0.28
C GLN E 33 44.00 73.75 -0.87
N ASN E 34 45.08 73.08 -1.30
CA ASN E 34 45.04 72.28 -2.52
C ASN E 34 43.83 71.36 -2.54
N LYS E 35 43.02 71.48 -3.59
CA LYS E 35 41.89 70.60 -3.81
C LYS E 35 42.11 69.87 -5.14
N TYR E 36 41.25 68.90 -5.44
CA TYR E 36 41.31 68.16 -6.72
C TYR E 36 42.48 67.18 -6.75
N ILE E 37 43.49 67.42 -5.91
CA ILE E 37 44.40 66.36 -5.50
C ILE E 37 43.78 65.58 -4.34
N GLU E 38 43.02 66.27 -3.51
CA GLU E 38 42.36 65.65 -2.37
C GLU E 38 41.14 64.84 -2.83
N ARG E 39 40.37 65.40 -3.75
CA ARG E 39 39.31 64.65 -4.42
C ARG E 39 39.88 63.40 -5.08
N ILE E 40 41.01 63.56 -5.75
CA ILE E 40 41.75 62.44 -6.34
C ILE E 40 42.06 61.39 -5.27
N ASN E 41 42.51 61.84 -4.11
CA ASN E 41 42.87 60.92 -3.03
C ASN E 41 41.68 60.09 -2.56
N GLU E 42 40.58 60.77 -2.21
CA GLU E 42 39.34 60.09 -1.84
C GLU E 42 38.93 59.10 -2.92
N LEU E 43 39.06 59.51 -4.17
CA LEU E 43 38.66 58.70 -5.31
C LEU E 43 39.47 57.41 -5.35
N VAL E 44 40.80 57.54 -5.26
CA VAL E 44 41.69 56.38 -5.32
C VAL E 44 41.56 55.53 -4.06
N ALA E 45 41.13 56.16 -2.96
CA ALA E 45 40.96 55.46 -1.70
C ALA E 45 39.68 54.62 -1.68
N TYR E 46 38.61 55.16 -2.25
CA TYR E 46 37.28 54.55 -2.13
C TYR E 46 36.92 53.68 -3.35
N ARG E 47 37.84 53.59 -4.31
CA ARG E 47 37.63 52.76 -5.51
C ARG E 47 36.44 53.24 -6.34
N LYS E 48 36.24 54.56 -6.37
CA LYS E 48 35.21 55.17 -7.23
C LYS E 48 35.85 55.68 -8.51
N LYS E 49 35.12 55.59 -9.61
CA LYS E 49 35.53 56.23 -10.86
C LYS E 49 34.53 57.29 -11.27
N SER E 50 34.72 58.50 -10.73
CA SER E 50 34.16 59.72 -11.30
C SER E 50 35.00 60.86 -10.78
N LEU E 51 35.26 61.84 -11.63
CA LEU E 51 35.89 63.06 -11.18
C LEU E 51 34.98 64.23 -11.43
N ILE E 52 34.38 64.75 -10.37
CA ILE E 52 33.48 65.88 -10.50
C ILE E 52 34.24 67.18 -10.30
N ILE E 53 34.33 67.94 -11.38
CA ILE E 53 35.04 69.22 -11.38
C ILE E 53 34.05 70.35 -11.70
N GLU E 54 34.12 71.43 -10.94
CA GLU E 54 33.27 72.59 -11.17
C GLU E 54 33.81 73.40 -12.35
N PHE E 55 32.90 73.92 -13.17
CA PHE E 55 33.26 74.73 -14.32
C PHE E 55 33.68 76.14 -13.88
N SER E 56 33.11 76.61 -12.78
CA SER E 56 33.49 77.92 -12.23
C SER E 56 34.92 77.90 -11.67
N ASP E 57 35.40 76.72 -11.28
CA ASP E 57 36.79 76.58 -10.82
C ASP E 57 37.76 76.56 -11.99
N VAL E 58 37.28 76.12 -13.15
CA VAL E 58 38.09 76.16 -14.36
C VAL E 58 38.13 77.56 -14.96
N LEU E 59 36.99 78.24 -14.95
CA LEU E 59 36.91 79.59 -15.52
C LEU E 59 37.67 80.59 -14.65
N SER E 60 37.86 80.26 -13.37
CA SER E 60 38.67 81.07 -12.47
C SER E 60 40.16 80.72 -12.61
N PHE E 61 40.47 79.79 -13.52
CA PHE E 61 41.83 79.34 -13.73
C PHE E 61 42.24 79.54 -15.20
N ASN E 62 41.52 78.86 -16.09
CA ASN E 62 41.76 78.98 -17.54
C ASN E 62 40.43 79.03 -18.31
N GLU E 63 40.27 80.06 -19.15
CA GLU E 63 39.00 80.27 -19.84
C GLU E 63 38.92 79.45 -21.13
N ASN E 64 40.01 79.43 -21.90
CA ASN E 64 40.02 78.75 -23.20
C ASN E 64 39.72 77.26 -23.03
N LEU E 65 40.13 76.70 -21.89
CA LEU E 65 39.75 75.35 -21.53
C LEU E 65 38.26 75.13 -21.76
N ALA E 66 37.45 76.03 -21.20
CA ALA E 66 36.01 75.97 -21.36
C ALA E 66 35.61 75.74 -22.82
N TYR E 67 35.84 76.76 -23.65
CA TYR E 67 35.37 76.73 -25.04
C TYR E 67 35.73 75.41 -25.70
N GLU E 68 36.99 75.00 -25.57
CA GLU E 68 37.47 73.80 -26.23
C GLU E 68 36.73 72.56 -25.74
N ILE E 69 36.52 72.48 -24.43
CA ILE E 69 35.82 71.33 -23.86
C ILE E 69 34.39 71.35 -24.34
N ILE E 70 33.67 72.39 -23.93
CA ILE E 70 32.23 72.47 -24.13
C ILE E 70 31.82 72.30 -25.60
N ASN E 71 32.56 72.91 -26.52
CA ASN E 71 32.21 72.82 -27.94
C ASN E 71 32.83 71.60 -28.67
N ASN E 72 34.05 71.21 -28.27
CA ASN E 72 34.67 70.01 -28.85
C ASN E 72 34.53 68.77 -27.96
N THR E 73 33.68 68.86 -26.95
CA THR E 73 33.54 67.80 -25.93
C THR E 73 33.61 66.42 -26.54
N LYS E 74 32.91 66.24 -27.65
CA LYS E 74 32.80 64.94 -28.28
C LYS E 74 34.14 64.21 -28.25
N ILE E 75 35.14 64.78 -28.94
CA ILE E 75 36.44 64.13 -29.06
C ILE E 75 37.34 64.43 -27.86
N ILE E 76 37.27 65.63 -27.30
CA ILE E 76 38.26 66.07 -26.32
C ILE E 76 38.18 65.26 -25.01
N LEU E 77 36.96 65.00 -24.54
CA LEU E 77 36.78 64.46 -23.19
C LEU E 77 37.50 63.11 -22.98
N PRO E 78 37.17 62.08 -23.79
CA PRO E 78 37.85 60.79 -23.56
C PRO E 78 39.37 60.92 -23.51
N ILE E 79 39.93 61.85 -24.30
CA ILE E 79 41.36 62.11 -24.27
C ILE E 79 41.79 62.49 -22.85
N LEU E 80 41.13 63.51 -22.30
CA LEU E 80 41.42 63.95 -20.93
C LEU E 80 41.22 62.82 -19.93
N GLU E 81 40.24 61.95 -20.17
CA GLU E 81 39.94 60.86 -19.24
C GLU E 81 41.09 59.86 -19.15
N GLY E 82 41.51 59.33 -20.30
CA GLY E 82 42.68 58.45 -20.35
C GLY E 82 43.93 59.13 -19.79
N ALA E 83 44.14 60.38 -20.20
CA ALA E 83 45.27 61.17 -19.71
C ALA E 83 45.27 61.29 -18.17
N LEU E 84 44.09 61.26 -17.57
CA LEU E 84 43.98 61.28 -16.11
C LEU E 84 44.35 59.92 -15.53
N TYR E 85 43.77 58.86 -16.06
CA TYR E 85 44.03 57.50 -15.55
C TYR E 85 45.52 57.25 -15.41
N ASP E 86 46.29 57.76 -16.37
CA ASP E 86 47.75 57.65 -16.32
C ASP E 86 48.31 58.21 -15.02
N HIS E 87 47.91 59.42 -14.68
CA HIS E 87 48.33 60.05 -13.42
C HIS E 87 47.81 59.27 -12.22
N ILE E 88 46.68 58.60 -12.39
CA ILE E 88 46.07 57.85 -11.27
C ILE E 88 46.79 56.53 -10.99
N LEU E 89 47.30 55.88 -12.04
CA LEU E 89 48.03 54.62 -11.86
C LEU E 89 49.33 54.84 -11.08
N GLN E 90 49.92 56.02 -11.20
CA GLN E 90 51.23 56.29 -10.62
C GLN E 90 51.13 56.99 -9.26
N LEU E 91 49.90 57.25 -8.80
CA LEU E 91 49.65 57.47 -7.37
C LEU E 91 49.44 56.13 -6.65
N ASP E 92 48.66 55.25 -7.28
CA ASP E 92 48.35 53.95 -6.69
C ASP E 92 48.27 52.88 -7.78
N PRO E 93 49.41 52.26 -8.13
CA PRO E 93 49.43 51.33 -9.28
C PRO E 93 48.47 50.15 -9.12
N THR E 94 48.11 49.81 -7.88
CA THR E 94 47.15 48.74 -7.62
C THR E 94 45.72 49.15 -7.97
N TYR E 95 45.56 50.39 -8.41
CA TYR E 95 44.28 50.86 -8.95
C TYR E 95 43.90 50.12 -10.22
N GLN E 96 44.83 49.34 -10.77
CA GLN E 96 44.53 48.47 -11.90
C GLN E 96 43.63 47.31 -11.46
N ARG E 97 43.14 46.55 -12.44
CA ARG E 97 42.29 45.37 -12.19
C ARG E 97 40.89 45.76 -11.69
N ASP E 98 40.81 46.87 -10.95
CA ASP E 98 39.54 47.31 -10.37
C ASP E 98 38.76 48.19 -11.36
N ILE E 99 39.46 49.15 -11.96
CA ILE E 99 38.83 50.11 -12.87
C ILE E 99 39.59 50.11 -14.20
N GLU E 100 38.89 50.41 -15.29
CA GLU E 100 39.53 50.55 -16.61
C GLU E 100 39.75 52.03 -16.99
N LYS E 101 38.68 52.80 -17.06
CA LYS E 101 38.77 54.24 -17.35
C LYS E 101 37.92 55.03 -16.37
N VAL E 102 38.56 55.87 -15.57
CA VAL E 102 37.84 56.80 -14.70
C VAL E 102 37.17 57.87 -15.55
N HIS E 103 36.17 58.53 -14.97
CA HIS E 103 35.35 59.48 -15.72
C HIS E 103 35.54 60.90 -15.28
N VAL E 104 35.51 61.81 -16.24
CA VAL E 104 35.58 63.24 -15.96
C VAL E 104 34.23 63.87 -16.21
N ARG E 105 33.70 64.53 -15.19
CA ARG E 105 32.37 65.10 -15.28
C ARG E 105 32.34 66.54 -14.79
N ILE E 106 31.53 67.34 -15.45
CA ILE E 106 31.51 68.78 -15.21
C ILE E 106 30.16 69.18 -14.63
N VAL E 107 30.19 69.98 -13.58
CA VAL E 107 28.95 70.43 -12.93
C VAL E 107 28.76 71.93 -13.12
N GLY E 108 27.51 72.35 -13.29
CA GLY E 108 27.17 73.76 -13.35
C GLY E 108 27.93 74.51 -14.43
N ILE E 109 27.73 74.11 -15.68
CA ILE E 109 28.25 74.88 -16.82
C ILE E 109 27.29 76.02 -17.18
N PRO E 110 27.78 77.04 -17.90
CA PRO E 110 26.97 78.24 -18.12
C PRO E 110 25.74 78.01 -19.00
N ARG E 111 25.83 77.09 -19.96
CA ARG E 111 24.77 76.92 -20.94
C ARG E 111 23.68 75.96 -20.44
N VAL E 112 22.56 76.54 -20.04
CA VAL E 112 21.43 75.78 -19.50
C VAL E 112 20.23 76.03 -20.40
N ILE E 113 19.85 75.03 -21.19
CA ILE E 113 18.83 75.21 -22.21
C ILE E 113 17.56 74.46 -21.82
N GLU E 114 16.43 75.17 -21.84
CA GLU E 114 15.15 74.56 -21.49
C GLU E 114 14.76 73.52 -22.53
N LEU E 115 14.42 72.33 -22.05
CA LEU E 115 14.13 71.21 -22.95
C LEU E 115 13.04 71.55 -23.98
N ARG E 116 12.24 72.58 -23.69
CA ARG E 116 11.18 73.01 -24.60
C ARG E 116 11.78 73.54 -25.91
N LYS E 117 12.62 74.57 -25.80
CA LYS E 117 13.34 75.10 -26.95
C LYS E 117 14.73 74.47 -27.03
N ILE E 118 14.92 73.62 -28.01
CA ILE E 118 16.21 72.96 -28.20
C ILE E 118 16.65 73.09 -29.66
N ARG E 119 17.76 73.77 -29.87
CA ARG E 119 18.31 73.91 -31.22
C ARG E 119 18.68 72.52 -31.75
N SER E 120 18.40 72.28 -33.03
CA SER E 120 18.85 71.06 -33.69
C SER E 120 20.34 71.16 -34.01
N THR E 121 20.93 72.32 -33.76
CA THR E 121 22.36 72.52 -33.96
C THR E 121 23.15 72.22 -32.67
N ASP E 122 22.44 71.74 -31.65
CA ASP E 122 23.07 71.49 -30.35
C ASP E 122 23.43 70.02 -30.14
N ILE E 123 23.19 69.18 -31.14
CA ILE E 123 23.66 67.79 -31.11
C ILE E 123 25.20 67.77 -31.13
N GLY E 124 25.79 66.98 -30.23
CA GLY E 124 27.24 66.88 -30.14
C GLY E 124 27.87 67.97 -29.28
N LYS E 125 27.04 68.89 -28.79
CA LYS E 125 27.52 69.96 -27.91
C LYS E 125 27.14 69.67 -26.46
N LEU E 126 27.98 70.14 -25.53
CA LEU E 126 27.74 69.94 -24.11
C LEU E 126 26.70 70.94 -23.62
N ILE E 127 25.65 70.44 -22.98
CA ILE E 127 24.58 71.32 -22.48
C ILE E 127 24.09 70.85 -21.10
N THR E 128 23.34 71.72 -20.44
CA THR E 128 22.66 71.37 -19.19
C THR E 128 21.14 71.51 -19.43
N ILE E 129 20.36 70.70 -18.73
CA ILE E 129 18.90 70.77 -18.84
C ILE E 129 18.24 70.69 -17.47
N ASP E 130 17.33 71.62 -17.21
CA ASP E 130 16.47 71.56 -16.03
C ASP E 130 15.22 70.75 -16.38
N GLY E 131 14.73 69.96 -15.44
CA GLY E 131 13.47 69.25 -15.63
C GLY E 131 13.15 68.26 -14.52
N ILE E 132 12.00 67.59 -14.66
CA ILE E 132 11.62 66.53 -13.75
C ILE E 132 11.76 65.17 -14.44
N LEU E 133 12.10 64.16 -13.65
CA LEU E 133 12.44 62.85 -14.19
C LEU E 133 11.36 61.86 -13.79
N VAL E 134 10.77 61.19 -14.78
CA VAL E 134 9.49 60.51 -14.60
C VAL E 134 9.59 58.99 -14.80
N LYS E 135 9.99 58.57 -15.99
CA LYS E 135 10.10 57.14 -16.30
C LYS E 135 11.56 56.70 -16.29
N VAL E 136 11.82 55.55 -15.68
CA VAL E 136 13.17 54.99 -15.60
C VAL E 136 13.13 53.48 -15.77
N THR E 137 14.02 52.95 -16.60
CA THR E 137 14.04 51.51 -16.87
C THR E 137 15.01 50.84 -15.89
N PRO E 138 14.97 49.51 -15.81
CA PRO E 138 15.85 48.81 -14.87
C PRO E 138 17.31 48.80 -15.33
N VAL E 139 18.22 48.51 -14.41
CA VAL E 139 19.63 48.33 -14.76
C VAL E 139 19.77 47.20 -15.75
N LYS E 140 20.52 47.46 -16.83
CA LYS E 140 20.84 46.43 -17.81
C LYS E 140 22.32 46.57 -18.17
N GLU E 141 22.85 45.62 -18.94
CA GLU E 141 24.25 45.70 -19.38
C GLU E 141 24.33 45.85 -20.90
N ARG E 142 25.54 46.10 -21.36
CA ARG E 142 25.82 46.17 -22.80
C ARG E 142 27.31 45.95 -22.98
N ILE E 143 27.71 45.61 -24.19
CA ILE E 143 29.12 45.40 -24.48
C ILE E 143 29.77 46.71 -24.87
N TYR E 144 30.75 47.14 -24.08
CA TYR E 144 31.49 48.34 -24.37
C TYR E 144 32.41 48.09 -25.57
N LYS E 145 33.38 47.18 -25.39
CA LYS E 145 34.22 46.72 -26.49
C LYS E 145 34.23 45.19 -26.52
N ALA E 146 33.88 44.62 -27.67
CA ALA E 146 33.86 43.16 -27.82
C ALA E 146 35.17 42.69 -28.43
N THR E 147 35.75 41.64 -27.84
CA THR E 147 37.00 41.08 -28.35
C THR E 147 36.73 39.75 -29.08
N TYR E 148 37.13 39.69 -30.35
CA TYR E 148 36.91 38.51 -31.16
C TYR E 148 38.23 37.86 -31.56
N LYS E 149 38.18 36.56 -31.81
CA LYS E 149 39.34 35.82 -32.32
C LYS E 149 38.94 35.07 -33.60
N HIS E 150 39.79 35.16 -34.61
CA HIS E 150 39.45 34.62 -35.94
C HIS E 150 39.98 33.22 -36.09
N ILE E 151 39.09 32.28 -36.37
CA ILE E 151 39.45 30.88 -36.57
C ILE E 151 39.72 30.59 -38.04
N HIS E 152 40.99 30.34 -38.37
CA HIS E 152 41.41 29.96 -39.72
C HIS E 152 42.92 29.90 -39.73
N PRO E 153 43.50 29.25 -40.76
CA PRO E 153 44.98 29.18 -40.80
C PRO E 153 45.62 30.56 -40.96
N ASP E 154 44.85 31.53 -41.45
CA ASP E 154 45.32 32.91 -41.53
C ASP E 154 44.55 33.77 -40.54
N CYS E 155 44.89 33.65 -39.26
CA CYS E 155 44.54 34.68 -38.26
C CYS E 155 45.05 34.27 -36.88
N MET E 156 44.31 33.36 -36.22
CA MET E 156 44.65 32.90 -34.88
C MET E 156 45.14 34.05 -33.98
N GLN E 157 44.46 35.19 -34.06
CA GLN E 157 44.78 36.33 -33.20
C GLN E 157 43.52 37.08 -32.76
N GLU E 158 43.68 37.95 -31.77
CA GLU E 158 42.55 38.58 -31.10
C GLU E 158 42.53 40.08 -31.42
N PHE E 159 41.34 40.67 -31.40
CA PHE E 159 41.19 42.09 -31.72
C PHE E 159 39.91 42.66 -31.10
N GLU E 160 39.83 43.98 -31.00
CA GLU E 160 38.66 44.66 -30.45
C GLU E 160 37.81 45.24 -31.57
N TRP E 161 36.49 45.10 -31.45
CA TRP E 161 35.60 45.37 -32.59
C TRP E 161 35.41 46.86 -32.89
N PRO E 162 34.96 47.66 -31.89
CA PRO E 162 34.75 49.10 -32.22
C PRO E 162 36.05 49.92 -32.22
N GLU E 163 36.75 49.94 -33.35
CA GLU E 163 38.02 50.66 -33.47
C GLU E 163 37.80 52.17 -33.58
N ASP E 164 38.44 52.93 -32.69
CA ASP E 164 38.39 54.40 -32.73
C ASP E 164 36.99 54.94 -32.43
N GLU E 165 36.04 54.03 -32.22
CA GLU E 165 34.66 54.41 -31.93
C GLU E 165 34.09 53.43 -30.90
N GLU E 166 32.79 53.51 -30.65
CA GLU E 166 32.13 52.59 -29.73
C GLU E 166 31.07 51.77 -30.45
N MET E 167 30.76 50.60 -29.89
CA MET E 167 29.79 49.69 -30.50
C MET E 167 28.36 50.06 -30.10
N PRO E 168 27.36 49.65 -30.91
CA PRO E 168 25.98 50.09 -30.69
C PRO E 168 25.18 49.12 -29.84
N GLU E 169 23.87 49.38 -29.73
CA GLU E 169 22.95 48.50 -28.99
C GLU E 169 23.10 47.06 -29.49
N VAL E 170 22.69 46.84 -30.74
CA VAL E 170 22.84 45.53 -31.36
C VAL E 170 24.26 45.38 -31.90
N LEU E 171 24.89 44.25 -31.59
CA LEU E 171 26.29 44.06 -31.92
C LEU E 171 26.44 43.59 -33.36
N GLU E 172 27.48 44.07 -34.04
CA GLU E 172 27.76 43.68 -35.41
C GLU E 172 28.82 42.58 -35.44
N MET E 173 29.19 42.17 -36.64
CA MET E 173 30.07 41.01 -36.82
C MET E 173 30.80 41.10 -38.16
N PRO E 174 31.65 40.10 -38.45
CA PRO E 174 32.36 39.97 -39.72
C PRO E 174 31.49 40.10 -40.97
N THR E 175 32.16 40.24 -42.11
CA THR E 175 33.04 39.17 -42.59
C THR E 175 34.53 39.54 -42.38
N ILE E 176 34.95 40.68 -42.90
CA ILE E 176 36.38 40.99 -43.00
C ILE E 176 36.95 41.43 -41.65
N CYS E 177 38.18 41.00 -41.36
CA CYS E 177 38.92 41.46 -40.19
C CYS E 177 40.31 41.93 -40.62
N PRO E 178 40.88 42.92 -39.88
CA PRO E 178 42.18 43.48 -40.25
C PRO E 178 43.35 42.50 -40.06
N LYS E 179 43.35 41.77 -38.94
CA LYS E 179 44.48 40.92 -38.57
C LYS E 179 45.05 40.17 -39.79
N CYS E 180 44.39 39.09 -40.17
CA CYS E 180 44.79 38.34 -41.37
C CYS E 180 44.43 39.12 -42.63
N GLY E 181 43.19 39.63 -42.68
CA GLY E 181 42.69 40.33 -43.86
C GLY E 181 41.69 39.51 -44.67
N LYS E 182 41.06 38.52 -44.03
CA LYS E 182 40.09 37.67 -44.72
C LYS E 182 38.81 37.51 -43.90
N PRO E 183 37.73 37.02 -44.54
CA PRO E 183 36.54 36.55 -43.85
C PRO E 183 36.74 35.17 -43.23
N GLY E 184 35.74 34.69 -42.49
CA GLY E 184 35.80 33.35 -41.91
C GLY E 184 35.04 33.24 -40.60
N GLN E 185 35.43 32.27 -39.78
CA GLN E 185 34.82 32.03 -38.48
C GLN E 185 35.39 33.00 -37.43
N PHE E 186 34.51 33.54 -36.58
CA PHE E 186 34.93 34.44 -35.50
C PHE E 186 34.28 34.03 -34.18
N ARG E 187 35.11 33.64 -33.22
CA ARG E 187 34.63 33.30 -31.88
C ARG E 187 34.78 34.50 -30.95
N LEU E 188 33.72 34.80 -30.21
CA LEU E 188 33.76 35.85 -29.19
C LEU E 188 34.32 35.27 -27.90
N ILE E 189 35.30 35.95 -27.33
CA ILE E 189 35.87 35.51 -26.06
C ILE E 189 35.53 36.51 -24.96
N PRO E 190 34.57 36.15 -24.07
CA PRO E 190 34.23 37.06 -22.97
C PRO E 190 35.40 37.32 -22.04
N GLU E 191 36.41 36.45 -22.10
CA GLU E 191 37.61 36.59 -21.30
C GLU E 191 38.20 38.01 -21.39
N LYS E 192 38.29 38.54 -22.60
CA LYS E 192 38.90 39.86 -22.82
C LYS E 192 37.87 40.98 -23.05
N THR E 193 36.59 40.62 -23.15
CA THR E 193 35.56 41.59 -23.54
C THR E 193 35.20 42.52 -22.39
N LYS E 194 35.01 43.80 -22.70
CA LYS E 194 34.70 44.80 -21.69
C LYS E 194 33.21 45.12 -21.70
N LEU E 195 32.62 45.16 -20.51
CA LEU E 195 31.17 45.35 -20.37
C LEU E 195 30.88 46.65 -19.65
N ILE E 196 29.66 47.15 -19.80
CA ILE E 196 29.28 48.43 -19.20
C ILE E 196 27.83 48.41 -18.71
N ASP E 197 27.59 49.06 -17.57
CA ASP E 197 26.25 49.18 -16.99
C ASP E 197 25.44 50.25 -17.71
N TRP E 198 24.12 50.12 -17.67
CA TRP E 198 23.25 50.75 -18.65
C TRP E 198 21.91 51.03 -18.05
N GLN E 199 21.29 52.13 -18.47
CA GLN E 199 19.94 52.49 -18.01
C GLN E 199 19.41 53.66 -18.82
N LYS E 200 18.09 53.83 -18.78
CA LYS E 200 17.41 54.76 -19.65
C LYS E 200 16.30 55.46 -18.87
N ALA E 201 16.17 56.76 -19.03
CA ALA E 201 15.19 57.55 -18.27
C ALA E 201 14.49 58.57 -19.16
N VAL E 202 13.40 59.14 -18.65
CA VAL E 202 12.60 60.10 -19.41
C VAL E 202 12.41 61.36 -18.56
N ILE E 203 12.99 62.47 -19.03
CA ILE E 203 12.83 63.74 -18.35
C ILE E 203 11.65 64.49 -18.95
N GLN E 204 10.65 64.77 -18.13
CA GLN E 204 9.49 65.52 -18.57
C GLN E 204 9.65 66.99 -18.16
N GLU E 205 9.17 67.89 -19.00
CA GLU E 205 9.20 69.32 -18.71
C GLU E 205 8.44 69.62 -17.42
N ARG E 206 8.87 70.66 -16.70
CA ARG E 206 8.31 70.95 -15.38
C ARG E 206 6.88 71.49 -15.50
N PRO E 207 5.99 71.08 -14.58
CA PRO E 207 4.58 71.50 -14.66
C PRO E 207 4.42 73.03 -14.67
N GLU E 208 5.44 73.75 -14.20
CA GLU E 208 5.42 75.21 -14.24
C GLU E 208 5.76 75.71 -15.64
N GLU E 209 6.89 75.27 -16.18
CA GLU E 209 7.33 75.63 -17.54
C GLU E 209 6.23 75.39 -18.59
N VAL E 210 5.38 74.39 -18.37
CA VAL E 210 4.38 73.99 -19.36
C VAL E 210 3.40 75.15 -19.62
N PRO E 211 3.37 75.67 -20.87
CA PRO E 211 2.31 76.61 -21.22
C PRO E 211 0.94 75.96 -21.18
N SER E 212 -0.09 76.76 -20.91
CA SER E 212 -1.46 76.23 -20.80
C SER E 212 -1.81 75.39 -22.03
N GLY E 213 -1.22 75.71 -23.17
CA GLY E 213 -1.45 74.96 -24.40
C GLY E 213 -0.48 73.81 -24.56
N GLN E 214 -0.78 72.94 -25.51
CA GLN E 214 0.10 71.80 -25.82
C GLN E 214 0.32 70.93 -24.57
N LEU E 215 1.48 70.28 -24.49
CA LEU E 215 1.76 69.33 -23.41
C LEU E 215 3.24 69.44 -23.03
N PRO E 216 3.57 69.04 -21.78
CA PRO E 216 4.99 69.00 -21.39
C PRO E 216 5.84 68.14 -22.32
N ARG E 217 6.95 68.71 -22.77
CA ARG E 217 7.89 68.00 -23.64
C ARG E 217 8.65 66.93 -22.85
N GLN E 218 9.17 65.94 -23.56
CA GLN E 218 9.90 64.84 -22.93
C GLN E 218 11.22 64.57 -23.62
N LEU E 219 12.21 64.12 -22.86
CA LEU E 219 13.52 63.83 -23.40
C LEU E 219 14.04 62.50 -22.89
N GLU E 220 14.45 61.64 -23.82
CA GLU E 220 15.03 60.35 -23.47
C GLU E 220 16.52 60.49 -23.23
N ILE E 221 16.99 59.91 -22.13
CA ILE E 221 18.39 60.07 -21.73
C ILE E 221 18.94 58.71 -21.31
N ILE E 222 20.27 58.61 -21.28
CA ILE E 222 20.93 57.34 -21.02
C ILE E 222 21.96 57.50 -19.88
N LEU E 223 21.76 56.74 -18.81
CA LEU E 223 22.65 56.78 -17.66
C LEU E 223 23.68 55.64 -17.74
N GLU E 224 24.95 55.99 -17.77
CA GLU E 224 26.01 55.01 -17.99
C GLU E 224 26.86 54.82 -16.75
N ASP E 225 27.40 53.62 -16.57
CA ASP E 225 28.36 53.34 -15.53
C ASP E 225 27.76 53.72 -14.16
N ASP E 226 28.48 54.51 -13.35
CA ASP E 226 28.08 54.71 -11.95
C ASP E 226 26.91 55.69 -11.79
N LEU E 227 26.48 56.30 -12.90
CA LEU E 227 25.31 57.18 -12.88
C LEU E 227 24.01 56.40 -12.73
N VAL E 228 24.11 55.07 -12.80
CA VAL E 228 22.95 54.20 -12.65
C VAL E 228 22.41 54.27 -11.23
N ASP E 229 21.07 54.40 -11.11
CA ASP E 229 20.42 54.54 -9.80
C ASP E 229 20.93 55.76 -9.02
N SER E 230 21.43 56.76 -9.74
CA SER E 230 21.74 58.06 -9.14
C SER E 230 20.47 58.92 -9.04
N ALA E 231 19.63 58.85 -10.07
CA ALA E 231 18.40 59.63 -10.13
C ALA E 231 17.20 58.69 -10.04
N ARG E 232 16.22 59.05 -9.21
CA ARG E 232 15.00 58.26 -9.08
C ARG E 232 13.80 59.08 -9.56
N PRO E 233 12.81 58.42 -10.17
CA PRO E 233 11.70 59.16 -10.76
C PRO E 233 10.89 59.93 -9.74
N GLY E 234 10.47 61.14 -10.10
CA GLY E 234 9.79 62.03 -9.17
C GLY E 234 10.72 63.10 -8.64
N ASP E 235 12.01 62.98 -8.96
CA ASP E 235 13.00 63.94 -8.49
C ASP E 235 13.00 65.20 -9.36
N ARG E 236 13.22 66.35 -8.73
CA ARG E 236 13.53 67.59 -9.43
C ARG E 236 15.02 67.64 -9.71
N VAL E 237 15.40 67.53 -10.98
CA VAL E 237 16.79 67.25 -11.34
C VAL E 237 17.31 68.22 -12.40
N LYS E 238 18.59 68.54 -12.30
CA LYS E 238 19.34 69.19 -13.39
C LYS E 238 20.34 68.18 -13.91
N VAL E 239 20.44 68.05 -15.23
CA VAL E 239 21.42 67.15 -15.81
C VAL E 239 22.37 67.93 -16.73
N THR E 240 23.52 67.34 -16.97
CA THR E 240 24.47 67.86 -17.94
C THR E 240 24.83 66.71 -18.86
N GLY E 241 24.64 66.90 -20.16
CA GLY E 241 24.83 65.81 -21.11
C GLY E 241 25.31 66.28 -22.46
N ILE E 242 25.49 65.34 -23.38
CA ILE E 242 25.81 65.65 -24.76
C ILE E 242 24.77 64.98 -25.65
N LEU E 243 23.97 65.79 -26.35
CA LEU E 243 22.89 65.25 -27.16
C LEU E 243 23.44 64.49 -28.35
N ASP E 244 22.61 63.60 -28.89
CA ASP E 244 23.01 62.71 -29.96
C ASP E 244 21.71 62.20 -30.60
N ILE E 245 21.82 61.46 -31.69
CA ILE E 245 20.66 60.77 -32.24
C ILE E 245 21.07 59.36 -32.68
N LYS E 246 20.16 58.40 -32.54
CA LYS E 246 20.43 57.04 -32.95
C LYS E 246 19.46 56.59 -34.03
N GLN E 247 18.16 56.71 -33.74
CA GLN E 247 17.11 56.14 -34.58
C GLN E 247 17.39 54.64 -34.80
N ASP E 248 17.36 54.15 -36.05
CA ASP E 248 17.68 52.74 -36.31
C ASP E 248 16.67 51.91 -35.52
N SER E 249 15.61 51.51 -36.21
CA SER E 249 14.94 52.43 -37.14
C SER E 249 13.66 53.05 -36.58
N PRO E 250 13.38 54.32 -36.94
CA PRO E 250 12.09 54.91 -36.59
C PRO E 250 10.94 54.23 -37.33
N VAL E 251 9.88 53.95 -36.59
CA VAL E 251 8.67 53.35 -37.15
C VAL E 251 7.48 54.14 -36.62
N LYS E 252 6.28 53.81 -37.09
CA LYS E 252 5.07 54.52 -36.67
C LYS E 252 5.13 55.98 -37.18
N ARG E 253 5.15 56.95 -36.27
CA ARG E 253 5.20 58.36 -36.64
C ARG E 253 6.45 58.74 -37.41
N GLY E 254 6.25 59.56 -38.43
CA GLY E 254 5.48 60.79 -38.27
C GLY E 254 6.12 61.85 -37.40
N SER E 255 5.31 62.46 -36.53
CA SER E 255 5.75 63.61 -35.75
C SER E 255 6.84 63.17 -34.77
N ARG E 256 7.67 64.13 -34.39
CA ARG E 256 8.13 65.11 -35.35
C ARG E 256 9.62 65.40 -35.20
N ALA E 257 10.41 64.92 -36.16
CA ALA E 257 11.74 65.45 -36.37
C ALA E 257 12.16 65.26 -37.87
N VAL E 258 12.76 64.12 -38.22
CA VAL E 258 12.43 62.83 -37.60
C VAL E 258 13.75 62.24 -37.08
N PHE E 259 14.02 62.51 -35.81
CA PHE E 259 15.31 62.25 -35.20
C PHE E 259 14.99 61.73 -33.82
N ASP E 260 15.31 60.47 -33.55
CA ASP E 260 15.30 60.00 -32.19
C ASP E 260 16.43 60.71 -31.46
N ILE E 261 16.10 61.35 -30.35
CA ILE E 261 17.09 62.08 -29.58
C ILE E 261 17.74 61.20 -28.53
N TYR E 262 19.02 61.44 -28.31
CA TYR E 262 19.83 60.61 -27.44
C TYR E 262 20.63 61.56 -26.58
N MET E 263 20.36 61.57 -25.29
CA MET E 263 21.22 62.30 -24.38
C MET E 263 22.09 61.36 -23.57
N LYS E 264 23.40 61.39 -23.84
CA LYS E 264 24.36 60.64 -23.06
C LYS E 264 24.81 61.48 -21.87
N VAL E 265 24.46 61.03 -20.67
CA VAL E 265 24.55 61.88 -19.49
C VAL E 265 25.97 61.85 -18.91
N SER E 266 26.58 63.03 -18.78
CA SER E 266 27.84 63.14 -18.03
C SER E 266 27.57 63.23 -16.53
N SER E 267 26.62 64.06 -16.12
CA SER E 267 26.39 64.28 -14.69
C SER E 267 24.91 64.52 -14.40
N ILE E 268 24.49 64.16 -13.19
CA ILE E 268 23.17 64.55 -12.69
C ILE E 268 23.27 65.16 -11.30
N GLU E 269 22.41 66.14 -11.04
CA GLU E 269 22.43 66.89 -9.79
C GLU E 269 20.99 67.02 -9.29
N VAL E 270 20.73 66.51 -8.09
CA VAL E 270 19.40 66.58 -7.51
C VAL E 270 19.32 67.68 -6.44
N SER E 271 20.35 68.50 -6.36
CA SER E 271 20.52 69.44 -5.25
C SER E 271 19.49 70.58 -5.32
N GLN E 272 18.63 70.65 -4.30
CA GLN E 272 17.76 71.82 -4.06
C GLN E 272 16.84 71.53 -2.87
N LYS E 273 16.16 72.57 -2.37
CA LYS E 273 15.12 72.38 -1.35
C LYS E 273 13.73 72.70 -1.90
N VAL E 274 13.47 73.97 -2.17
CA VAL E 274 12.43 74.36 -3.12
C VAL E 274 13.00 75.37 -4.10
N LEU E 275 13.41 74.89 -5.26
CA LEU E 275 14.04 75.74 -6.27
C LEU E 275 12.98 76.27 -7.23
N ASP E 276 11.73 75.87 -7.00
CA ASP E 276 10.61 76.34 -7.80
C ASP E 276 10.21 77.76 -7.39
N GLU E 277 10.82 78.26 -6.32
CA GLU E 277 10.54 79.61 -5.83
C GLU E 277 10.60 80.60 -6.99
N VAL E 278 9.49 81.27 -7.26
CA VAL E 278 9.35 82.07 -8.47
C VAL E 278 10.16 83.37 -8.37
N ILE E 279 10.30 83.87 -7.14
CA ILE E 279 11.13 85.05 -6.88
C ILE E 279 11.12 85.37 -5.39
N ILE E 280 12.15 86.07 -4.94
CA ILE E 280 12.15 86.67 -3.62
C ILE E 280 12.36 88.19 -3.75
N SER E 281 13.59 88.60 -4.01
CA SER E 281 13.88 89.93 -4.57
C SER E 281 13.05 91.03 -3.87
N GLU E 282 12.34 91.83 -4.67
CA GLU E 282 11.53 92.92 -4.14
C GLU E 282 10.37 92.39 -3.28
N GLU E 283 9.82 91.24 -3.67
CA GLU E 283 8.59 90.74 -3.05
C GLU E 283 8.78 90.43 -1.56
N ASP E 284 10.02 90.24 -1.13
CA ASP E 284 10.31 90.07 0.29
C ASP E 284 9.72 91.23 1.09
N GLU E 285 9.85 92.44 0.55
CA GLU E 285 9.28 93.61 1.19
C GLU E 285 7.76 93.52 1.26
N LYS E 286 7.14 92.98 0.21
CA LYS E 286 5.68 93.03 0.07
C LYS E 286 5.01 92.01 1.01
N LYS E 287 5.59 90.81 1.12
CA LYS E 287 5.04 89.78 1.98
C LYS E 287 5.35 90.09 3.45
N ILE E 288 6.42 90.82 3.70
CA ILE E 288 6.71 91.30 5.05
C ILE E 288 5.82 92.49 5.42
N LYS E 289 5.49 93.34 4.45
CA LYS E 289 4.43 94.33 4.68
C LYS E 289 3.10 93.61 4.87
N ASP E 290 3.02 92.37 4.39
CA ASP E 290 1.81 91.56 4.53
C ASP E 290 1.78 90.78 5.86
N LEU E 291 2.92 90.69 6.55
CA LEU E 291 2.94 90.00 7.86
C LEU E 291 2.48 90.93 8.99
N ALA E 292 1.97 92.09 8.62
CA ALA E 292 1.57 93.11 9.59
C ALA E 292 0.63 92.55 10.66
N LYS E 293 0.60 93.20 11.83
CA LYS E 293 -0.04 92.65 13.02
C LYS E 293 -1.54 92.39 12.83
N ASP E 294 -2.15 93.03 11.83
CA ASP E 294 -3.61 92.97 11.66
C ASP E 294 -4.06 91.51 11.64
N PRO E 295 -5.37 91.26 11.91
CA PRO E 295 -5.87 89.87 11.92
C PRO E 295 -5.59 89.16 10.61
N TRP E 296 -4.31 89.00 10.29
CA TRP E 296 -3.90 88.55 8.98
C TRP E 296 -4.33 87.15 8.71
N ILE E 297 -4.52 86.37 9.78
CA ILE E 297 -4.96 84.99 9.64
C ILE E 297 -6.35 84.93 8.99
N ARG E 298 -7.31 85.64 9.57
CA ARG E 298 -8.69 85.58 9.09
C ARG E 298 -8.80 86.09 7.65
N ASP E 299 -8.10 87.18 7.33
CA ASP E 299 -8.18 87.74 5.98
C ASP E 299 -7.58 86.79 4.95
N ARG E 300 -6.39 86.26 5.26
CA ARG E 300 -5.75 85.29 4.40
C ARG E 300 -6.69 84.11 4.14
N ILE E 301 -7.46 83.74 5.15
CA ILE E 301 -8.47 82.70 5.01
C ILE E 301 -9.61 83.17 4.10
N ILE E 302 -9.97 84.45 4.20
CA ILE E 302 -11.00 85.03 3.32
C ILE E 302 -10.54 85.08 1.87
N SER E 303 -9.22 85.03 1.65
CA SER E 303 -8.68 85.18 0.30
C SER E 303 -8.88 83.92 -0.58
N SER E 304 -8.56 82.74 -0.04
CA SER E 304 -8.70 81.49 -0.82
C SER E 304 -10.19 81.19 -1.11
N ILE E 305 -11.06 81.59 -0.20
CA ILE E 305 -12.50 81.41 -0.36
C ILE E 305 -12.99 81.97 -1.70
N ALA E 306 -12.69 83.23 -1.97
CA ALA E 306 -13.36 83.98 -3.03
C ALA E 306 -13.40 83.17 -4.32
N PRO E 307 -14.15 83.67 -5.31
CA PRO E 307 -15.47 84.24 -5.07
C PRO E 307 -16.61 83.22 -4.86
N SER E 308 -16.64 82.58 -3.68
CA SER E 308 -17.83 81.81 -3.23
C SER E 308 -17.87 81.68 -1.71
N ILE E 309 -19.04 81.89 -1.12
CA ILE E 309 -19.24 81.64 0.31
C ILE E 309 -20.41 80.66 0.53
N TYR E 310 -20.09 79.43 0.93
CA TYR E 310 -21.11 78.51 1.46
C TYR E 310 -20.55 77.63 2.60
N GLY E 311 -21.13 77.79 3.79
CA GLY E 311 -20.89 76.87 4.90
C GLY E 311 -19.43 76.51 5.06
N HIS E 312 -18.56 77.45 4.71
CA HIS E 312 -17.15 77.14 4.45
C HIS E 312 -16.25 77.45 5.62
N TRP E 313 -16.82 77.98 6.71
CA TRP E 313 -16.03 78.49 7.83
C TRP E 313 -14.98 77.51 8.29
N GLU E 314 -15.32 76.22 8.27
CA GLU E 314 -14.36 75.19 8.63
C GLU E 314 -13.38 74.95 7.49
N LEU E 315 -13.89 74.84 6.26
CA LEU E 315 -13.08 74.41 5.14
C LEU E 315 -12.07 75.49 4.73
N LYS E 316 -12.54 76.73 4.65
CA LYS E 316 -11.66 77.85 4.32
C LYS E 316 -10.35 77.72 5.09
N GLU E 317 -10.47 77.48 6.40
CA GLU E 317 -9.32 77.20 7.23
C GLU E 317 -8.57 75.99 6.65
N ALA E 318 -9.21 74.82 6.73
CA ALA E 318 -8.52 73.55 6.46
C ALA E 318 -7.67 73.59 5.21
N LEU E 319 -8.12 74.30 4.17
CA LEU E 319 -7.33 74.47 2.95
C LEU E 319 -6.17 75.41 3.21
N ALA E 320 -6.46 76.59 3.75
CA ALA E 320 -5.41 77.54 4.14
C ALA E 320 -4.30 76.81 4.91
N LEU E 321 -4.73 75.97 5.84
CA LEU E 321 -3.81 75.17 6.64
C LEU E 321 -3.05 74.15 5.79
N ALA E 322 -3.80 73.41 4.96
CA ALA E 322 -3.21 72.35 4.13
C ALA E 322 -2.08 72.90 3.24
N LEU E 323 -2.25 74.14 2.77
CA LEU E 323 -1.28 74.76 1.87
C LEU E 323 0.07 75.00 2.55
N PHE E 324 0.11 74.87 3.88
CA PHE E 324 1.31 75.24 4.65
C PHE E 324 2.04 74.00 5.20
N GLY E 325 3.11 74.24 5.97
CA GLY E 325 4.20 73.28 6.10
C GLY E 325 4.15 72.47 7.38
N GLY E 326 5.31 72.37 8.06
CA GLY E 326 5.43 71.63 9.32
C GLY E 326 5.89 70.18 9.15
N VAL E 327 7.19 70.00 8.97
CA VAL E 327 7.76 68.68 8.63
C VAL E 327 8.97 68.38 9.52
N PRO E 328 8.73 67.79 10.71
CA PRO E 328 9.84 67.27 11.51
C PRO E 328 10.41 65.97 10.94
N LYS E 329 11.72 65.93 10.75
CA LYS E 329 12.39 64.74 10.19
C LYS E 329 13.45 64.23 11.16
N VAL E 330 13.25 63.01 11.66
CA VAL E 330 14.16 62.41 12.64
C VAL E 330 14.78 61.15 12.06
N LEU E 331 16.09 60.99 12.22
CA LEU E 331 16.84 59.90 11.58
C LEU E 331 16.42 58.54 12.13
N GLU E 332 15.75 58.55 13.27
CA GLU E 332 15.15 57.34 13.84
C GLU E 332 13.65 57.30 13.53
N ASP E 333 13.27 56.48 12.54
CA ASP E 333 11.86 56.34 12.15
C ASP E 333 11.22 57.69 11.83
N THR E 334 11.55 58.23 10.66
CA THR E 334 11.03 59.55 10.26
C THR E 334 9.52 59.59 10.38
N ARG E 335 9.02 60.59 11.10
CA ARG E 335 7.59 60.78 11.27
C ARG E 335 7.23 62.20 10.88
N ILE E 336 6.42 62.33 9.82
CA ILE E 336 5.96 63.62 9.38
C ILE E 336 4.44 63.59 9.20
N ARG E 337 3.98 62.89 8.16
CA ARG E 337 2.58 62.96 7.72
C ARG E 337 2.02 64.36 7.94
N GLY E 338 2.88 65.36 7.78
CA GLY E 338 2.48 66.75 7.85
C GLY E 338 1.85 67.14 6.54
N ASP E 339 1.86 68.43 6.23
CA ASP E 339 1.30 68.88 4.96
C ASP E 339 -0.14 68.34 4.84
N ILE E 340 -1.04 68.92 5.62
CA ILE E 340 -2.23 68.23 6.11
C ILE E 340 -3.10 67.73 4.95
N HIS E 341 -3.49 66.45 5.00
CA HIS E 341 -4.33 65.86 3.93
C HIS E 341 -5.79 66.00 4.28
N ILE E 342 -6.52 66.76 3.47
CA ILE E 342 -7.95 66.99 3.71
C ILE E 342 -8.79 66.44 2.56
N LEU E 343 -10.00 65.96 2.88
CA LEU E 343 -10.88 65.37 1.87
C LEU E 343 -12.29 65.93 2.01
N ILE E 344 -12.83 66.46 0.90
CA ILE E 344 -14.18 66.98 0.87
C ILE E 344 -15.05 66.15 -0.07
N ILE E 345 -15.90 65.31 0.49
CA ILE E 345 -16.81 64.51 -0.31
C ILE E 345 -18.21 65.14 -0.31
N GLY E 346 -18.72 65.42 -1.49
CA GLY E 346 -20.02 66.07 -1.62
C GLY E 346 -20.70 65.63 -2.90
N ASP E 347 -21.99 65.91 -2.99
CA ASP E 347 -22.75 65.52 -4.18
C ASP E 347 -22.23 66.30 -5.39
N PRO E 348 -22.71 65.96 -6.60
CA PRO E 348 -22.25 66.73 -7.76
C PRO E 348 -22.36 68.22 -7.54
N GLY E 349 -21.30 68.97 -7.84
CA GLY E 349 -21.25 70.39 -7.49
C GLY E 349 -22.64 70.99 -7.62
N THR E 350 -22.92 72.01 -6.81
CA THR E 350 -22.66 71.99 -5.36
C THR E 350 -21.34 72.72 -5.13
N ALA E 351 -20.69 73.13 -6.23
CA ALA E 351 -19.52 74.01 -6.22
C ALA E 351 -18.28 73.29 -5.71
N LYS E 352 -18.49 72.30 -4.84
CA LYS E 352 -17.48 71.26 -4.57
C LYS E 352 -16.05 71.80 -4.71
N SER E 353 -15.20 71.04 -5.39
CA SER E 353 -13.81 71.45 -5.64
C SER E 353 -13.67 72.04 -7.04
N GLN E 354 -14.75 72.02 -7.81
CA GLN E 354 -14.75 72.65 -9.13
C GLN E 354 -14.34 74.12 -9.01
N MET E 355 -14.47 74.67 -7.80
CA MET E 355 -13.98 76.02 -7.52
C MET E 355 -12.75 75.96 -6.61
N LEU E 356 -12.93 75.36 -5.44
CA LEU E 356 -11.91 75.39 -4.39
C LEU E 356 -10.62 74.71 -4.84
N GLN E 357 -10.75 73.61 -5.59
CA GLN E 357 -9.60 72.97 -6.20
C GLN E 357 -8.89 73.93 -7.16
N PHE E 358 -9.66 74.68 -7.94
CA PHE E 358 -9.10 75.66 -8.88
C PHE E 358 -8.32 76.75 -8.13
N ILE E 359 -8.80 77.12 -6.94
CA ILE E 359 -8.08 78.07 -6.09
C ILE E 359 -6.82 77.42 -5.48
N SER E 360 -6.89 76.09 -5.28
CA SER E 360 -5.73 75.34 -4.81
C SER E 360 -4.86 74.90 -6.01
N ARG E 361 -5.24 75.35 -7.19
CA ARG E 361 -4.35 75.33 -8.35
C ARG E 361 -3.42 76.53 -8.38
N VAL E 362 -3.69 77.51 -7.53
CA VAL E 362 -2.78 78.62 -7.36
C VAL E 362 -1.99 78.44 -6.08
N ALA E 363 -0.74 78.02 -6.27
CA ALA E 363 0.08 77.39 -5.24
C ALA E 363 1.37 76.97 -5.94
N PRO E 364 2.43 76.71 -5.18
CA PRO E 364 3.63 76.20 -5.80
C PRO E 364 3.57 74.68 -5.95
N ARG E 365 4.41 74.12 -6.80
CA ARG E 365 4.49 72.68 -6.98
C ARG E 365 3.13 72.02 -6.70
N ALA E 366 2.17 72.27 -7.59
CA ALA E 366 0.82 71.77 -7.43
C ALA E 366 0.49 70.82 -8.59
N VAL E 367 0.13 69.60 -8.26
CA VAL E 367 -0.25 68.61 -9.26
C VAL E 367 -1.76 68.43 -9.22
N TYR E 368 -2.44 68.84 -10.29
CA TYR E 368 -3.87 68.58 -10.44
C TYR E 368 -4.08 67.37 -11.32
N THR E 369 -4.56 66.28 -10.73
CA THR E 369 -4.88 65.09 -11.47
C THR E 369 -6.39 64.87 -11.49
N THR E 370 -6.99 65.08 -12.67
CA THR E 370 -8.44 65.12 -12.80
C THR E 370 -8.98 63.70 -12.96
N GLY E 371 -9.71 63.23 -11.94
CA GLY E 371 -10.17 61.86 -11.91
C GLY E 371 -9.21 60.95 -11.17
N LYS E 372 -9.44 59.64 -11.31
CA LYS E 372 -8.63 58.62 -10.63
C LYS E 372 -7.14 58.92 -10.71
N GLY E 373 -6.61 58.86 -11.93
CA GLY E 373 -5.21 59.17 -12.17
C GLY E 373 -4.94 59.14 -13.65
N SER E 374 -4.00 59.97 -14.10
CA SER E 374 -3.60 60.00 -15.50
C SER E 374 -2.31 59.21 -15.68
N THR E 375 -1.88 59.08 -16.93
CA THR E 375 -0.54 58.52 -17.23
C THR E 375 -0.39 57.06 -16.76
N ALA E 376 -1.51 56.33 -16.70
CA ALA E 376 -1.46 54.87 -16.50
C ALA E 376 -0.89 54.47 -15.13
N ALA E 377 -0.48 55.45 -14.33
CA ALA E 377 -0.11 55.19 -12.93
C ALA E 377 -1.19 55.74 -11.99
N GLY E 378 -1.21 57.06 -11.80
CA GLY E 378 -2.23 57.71 -10.97
C GLY E 378 -1.80 57.83 -9.51
N LEU E 379 -0.99 56.87 -9.06
CA LEU E 379 -0.18 57.04 -7.86
C LEU E 379 1.25 56.56 -8.16
N THR E 380 1.36 55.33 -8.66
CA THR E 380 2.66 54.77 -9.06
C THR E 380 2.48 53.34 -9.60
N ALA E 381 3.41 52.90 -10.46
CA ALA E 381 3.40 51.50 -10.98
C ALA E 381 4.54 51.25 -11.99
N ALA E 382 4.67 49.98 -12.42
CA ALA E 382 5.59 49.61 -13.51
C ALA E 382 4.80 49.17 -14.75
N VAL E 383 5.34 49.47 -15.94
CA VAL E 383 4.55 49.43 -17.19
C VAL E 383 5.13 48.42 -18.21
N VAL E 384 4.29 47.96 -19.14
CA VAL E 384 4.69 46.97 -20.15
C VAL E 384 4.99 47.66 -21.48
N ARG E 385 5.54 46.91 -22.45
CA ARG E 385 5.64 47.36 -23.84
C ARG E 385 6.02 48.85 -23.91
N GLU E 386 5.27 49.62 -24.70
CA GLU E 386 5.41 51.09 -24.70
C GLU E 386 6.86 51.52 -24.95
N LYS E 387 7.28 51.40 -26.21
CA LYS E 387 8.65 51.76 -26.62
C LYS E 387 9.71 50.87 -25.98
N GLY E 388 9.40 49.58 -25.89
CA GLY E 388 8.92 48.84 -27.03
C GLY E 388 9.58 47.49 -27.11
N THR E 389 8.94 46.55 -27.79
CA THR E 389 9.43 45.17 -27.87
C THR E 389 9.37 44.48 -26.50
N GLY E 390 8.89 45.22 -25.48
CA GLY E 390 8.86 44.69 -24.11
C GLY E 390 9.78 45.39 -23.13
N GLU E 391 10.30 46.56 -23.50
CA GLU E 391 11.04 47.41 -22.54
C GLU E 391 10.17 47.65 -21.31
N TYR E 392 10.73 47.38 -20.13
CA TYR E 392 10.04 47.64 -18.88
C TYR E 392 10.48 48.98 -18.30
N TYR E 393 9.53 49.89 -18.13
CA TYR E 393 9.79 51.14 -17.43
C TYR E 393 9.15 51.11 -16.06
N LEU E 394 9.70 51.90 -15.15
CA LEU E 394 9.06 52.18 -13.88
C LEU E 394 8.66 53.65 -13.87
N GLU E 395 7.36 53.92 -13.78
CA GLU E 395 6.86 55.28 -13.89
C GLU E 395 5.79 55.54 -12.83
N ALA E 396 5.92 56.66 -12.13
CA ALA E 396 4.85 57.15 -11.27
C ALA E 396 4.58 58.61 -11.61
N GLY E 397 3.40 58.87 -12.18
CA GLY E 397 3.15 60.14 -12.85
C GLY E 397 2.20 61.05 -12.09
N ALA E 398 1.85 60.69 -10.86
CA ALA E 398 0.82 61.43 -10.13
C ALA E 398 1.32 61.98 -8.80
N LEU E 399 1.32 61.14 -7.75
CA LEU E 399 1.42 61.64 -6.38
C LEU E 399 2.86 61.86 -5.94
N VAL E 400 3.81 61.22 -6.62
CA VAL E 400 5.24 61.37 -6.30
C VAL E 400 5.88 62.45 -7.19
N LEU E 401 5.10 62.94 -8.17
CA LEU E 401 5.47 64.15 -8.91
C LEU E 401 5.15 65.41 -8.08
N ALA E 402 4.30 65.27 -7.08
CA ALA E 402 3.92 66.39 -6.20
C ALA E 402 4.86 66.49 -5.00
N ASP E 403 5.94 65.72 -5.02
CA ASP E 403 6.92 65.72 -3.94
C ASP E 403 7.27 67.16 -3.55
N GLY E 404 7.15 67.48 -2.27
CA GLY E 404 7.31 68.85 -1.80
C GLY E 404 6.32 69.79 -2.44
N GLY E 405 5.04 69.40 -2.39
CA GLY E 405 3.98 70.19 -3.01
C GLY E 405 2.62 69.58 -2.72
N ILE E 406 1.59 70.13 -3.35
CA ILE E 406 0.23 69.63 -3.14
C ILE E 406 -0.26 68.90 -4.38
N ALA E 407 -0.75 67.69 -4.18
CA ALA E 407 -1.44 66.96 -5.23
C ALA E 407 -2.94 67.09 -5.03
N VAL E 408 -3.59 67.89 -5.88
CA VAL E 408 -5.03 68.07 -5.79
C VAL E 408 -5.73 67.01 -6.64
N ILE E 409 -6.37 66.07 -5.96
CA ILE E 409 -7.02 64.96 -6.65
C ILE E 409 -8.54 65.13 -6.55
N ASP E 410 -9.19 65.26 -7.69
CA ASP E 410 -10.64 65.35 -7.75
C ASP E 410 -11.22 64.00 -8.16
N GLU E 411 -12.37 63.65 -7.59
CA GLU E 411 -13.04 62.40 -7.93
C GLU E 411 -12.15 61.20 -7.53
N ILE E 412 -11.94 61.06 -6.23
CA ILE E 412 -11.30 59.86 -5.68
C ILE E 412 -12.21 58.65 -5.93
N ASP E 413 -13.50 58.91 -6.06
CA ASP E 413 -14.49 57.86 -6.27
C ASP E 413 -14.00 56.85 -7.30
N LYS E 414 -13.38 57.35 -8.36
CA LYS E 414 -13.07 56.52 -9.52
C LYS E 414 -11.69 55.87 -9.41
N MET E 415 -11.04 56.02 -8.26
CA MET E 415 -9.67 55.57 -8.09
C MET E 415 -9.50 54.11 -8.52
N ARG E 416 -8.36 53.81 -9.11
CA ARG E 416 -8.07 52.46 -9.60
C ARG E 416 -8.13 51.45 -8.46
N ASP E 417 -8.65 50.27 -8.73
CA ASP E 417 -8.78 49.22 -7.73
C ASP E 417 -7.41 48.83 -7.17
N GLU E 418 -6.40 48.85 -8.02
CA GLU E 418 -5.07 48.40 -7.63
C GLU E 418 -4.36 49.42 -6.73
N ASP E 419 -4.76 50.68 -6.84
CA ASP E 419 -3.99 51.76 -6.23
C ASP E 419 -4.34 52.01 -4.76
N ARG E 420 -5.53 51.60 -4.33
CA ARG E 420 -5.97 51.89 -2.96
C ARG E 420 -5.09 51.18 -1.91
N VAL E 421 -4.28 50.22 -2.36
CA VAL E 421 -3.31 49.57 -1.49
C VAL E 421 -1.95 50.29 -1.49
N ALA E 422 -1.74 51.16 -2.47
CA ALA E 422 -0.50 51.95 -2.54
C ALA E 422 -0.57 53.18 -1.62
N ILE E 423 -1.75 53.78 -1.48
CA ILE E 423 -1.88 55.04 -0.72
C ILE E 423 -1.67 54.82 0.78
N HIS E 424 -2.01 53.62 1.27
CA HIS E 424 -1.71 53.26 2.65
C HIS E 424 -0.28 53.61 2.97
N GLU E 425 0.60 53.47 1.97
CA GLU E 425 2.02 53.75 2.15
C GLU E 425 2.33 55.24 1.90
N ALA E 426 2.03 55.70 0.69
CA ALA E 426 2.45 57.03 0.22
C ALA E 426 1.79 58.17 1.02
N MET E 427 0.77 57.86 1.81
CA MET E 427 0.14 58.87 2.68
C MET E 427 0.52 58.68 4.15
N GLU E 428 1.36 57.68 4.44
CA GLU E 428 1.73 57.34 5.83
C GLU E 428 3.12 57.88 6.17
N GLN E 429 4.16 57.26 5.61
CA GLN E 429 5.52 57.77 5.72
C GLN E 429 5.91 58.58 4.49
N GLN E 430 4.96 58.75 3.57
CA GLN E 430 5.17 59.51 2.34
C GLN E 430 6.21 58.85 1.41
N THR E 431 6.33 57.53 1.50
CA THR E 431 7.10 56.76 0.55
C THR E 431 6.24 55.70 -0.16
N VAL E 432 6.67 55.32 -1.36
CA VAL E 432 6.04 54.22 -2.08
C VAL E 432 7.02 53.06 -2.17
N SER E 433 6.70 51.97 -1.47
CA SER E 433 7.44 50.73 -1.66
C SER E 433 6.98 50.06 -2.95
N ILE E 434 7.94 49.80 -3.85
CA ILE E 434 7.64 49.13 -5.10
C ILE E 434 8.63 47.99 -5.34
N ALA E 435 8.10 46.77 -5.45
CA ALA E 435 8.84 45.65 -6.03
C ALA E 435 7.94 44.91 -7.03
N LYS E 436 8.20 45.13 -8.32
CA LYS E 436 7.58 44.33 -9.38
C LYS E 436 8.59 43.39 -10.05
N ALA E 437 9.77 43.27 -9.42
CA ALA E 437 10.88 42.46 -9.96
C ALA E 437 11.61 43.15 -11.12
N GLY E 438 11.04 44.25 -11.61
CA GLY E 438 11.79 45.18 -12.46
C GLY E 438 12.83 45.91 -11.63
N ILE E 439 12.49 46.19 -10.38
CA ILE E 439 13.39 46.87 -9.45
C ILE E 439 12.68 46.95 -8.10
N VAL E 440 13.44 47.18 -7.04
CA VAL E 440 12.86 47.48 -5.74
C VAL E 440 13.30 48.89 -5.31
N ALA E 441 12.34 49.81 -5.26
CA ALA E 441 12.65 51.20 -4.97
C ALA E 441 11.66 51.79 -3.96
N LYS E 442 12.13 52.74 -3.17
CA LYS E 442 11.26 53.58 -2.37
C LYS E 442 11.14 54.95 -3.02
N LEU E 443 9.97 55.24 -3.57
CA LEU E 443 9.72 56.55 -4.15
C LEU E 443 9.35 57.57 -3.08
N ASN E 444 9.79 58.80 -3.26
CA ASN E 444 9.56 59.86 -2.28
C ASN E 444 8.40 60.75 -2.72
N ALA E 445 7.23 60.54 -2.11
CA ALA E 445 6.11 61.46 -2.29
C ALA E 445 5.74 62.12 -0.95
N ARG E 446 6.31 63.30 -0.71
CA ARG E 446 6.05 64.05 0.52
C ARG E 446 4.81 64.93 0.36
N ALA E 447 4.12 64.77 -0.76
CA ALA E 447 3.05 65.68 -1.16
C ALA E 447 1.88 65.66 -0.16
N ALA E 448 1.29 66.84 0.06
CA ALA E 448 -0.01 66.95 0.72
C ALA E 448 -1.10 66.57 -0.27
N VAL E 449 -2.11 65.86 0.20
CA VAL E 449 -3.23 65.48 -0.65
C VAL E 449 -4.48 66.24 -0.25
N ILE E 450 -4.98 67.05 -1.17
CA ILE E 450 -6.31 67.60 -1.05
C ILE E 450 -7.24 66.88 -2.03
N ALA E 451 -8.21 66.15 -1.47
CA ALA E 451 -8.98 65.21 -2.25
C ALA E 451 -10.46 65.63 -2.34
N ALA E 452 -11.18 65.01 -3.25
CA ALA E 452 -12.63 65.20 -3.37
C ALA E 452 -13.21 63.91 -3.93
N GLY E 453 -14.50 63.67 -3.68
CA GLY E 453 -15.15 62.46 -4.19
C GLY E 453 -16.66 62.56 -4.15
N ASN E 454 -17.32 61.82 -5.03
CA ASN E 454 -18.77 61.75 -5.02
C ASN E 454 -19.24 60.70 -4.03
N PRO E 455 -20.48 60.86 -3.53
CA PRO E 455 -21.05 59.84 -2.66
C PRO E 455 -21.81 58.79 -3.47
N LYS E 456 -22.28 57.75 -2.82
CA LYS E 456 -22.87 56.61 -3.54
C LYS E 456 -24.08 57.02 -4.40
N PHE E 457 -25.13 57.53 -3.75
CA PHE E 457 -26.29 58.05 -4.47
C PHE E 457 -26.57 59.49 -4.04
N GLY E 458 -26.30 60.44 -4.94
CA GLY E 458 -26.50 61.86 -4.65
C GLY E 458 -25.97 62.24 -3.28
N ARG E 459 -26.77 62.99 -2.53
CA ARG E 459 -26.37 63.50 -1.22
C ARG E 459 -26.84 62.54 -0.11
N TYR E 460 -25.95 61.68 0.38
CA TYR E 460 -26.36 60.63 1.32
C TYR E 460 -25.81 60.81 2.74
N ILE E 461 -25.02 61.86 2.97
CA ILE E 461 -24.11 61.87 4.12
C ILE E 461 -24.75 62.50 5.38
N SER E 462 -26.05 62.78 5.32
CA SER E 462 -26.77 63.28 6.48
C SER E 462 -26.98 62.16 7.51
N GLU E 463 -27.85 61.22 7.19
CA GLU E 463 -28.21 60.16 8.15
C GLU E 463 -27.14 59.06 8.18
N ARG E 464 -26.85 58.47 7.02
CA ARG E 464 -25.86 57.41 6.93
C ARG E 464 -24.50 57.91 7.44
N PRO E 465 -23.73 57.02 8.11
CA PRO E 465 -22.39 57.43 8.54
C PRO E 465 -21.55 57.93 7.36
N VAL E 466 -20.57 58.78 7.65
CA VAL E 466 -19.74 59.37 6.60
C VAL E 466 -18.82 58.32 5.98
N SER E 467 -18.71 57.16 6.62
CA SER E 467 -18.07 56.00 6.01
C SER E 467 -19.06 55.31 5.07
N ASP E 468 -18.55 54.37 4.26
CA ASP E 468 -19.38 53.60 3.32
C ASP E 468 -20.04 54.50 2.24
N ASN E 469 -19.90 55.81 2.39
CA ASN E 469 -20.46 56.77 1.42
C ASN E 469 -19.53 56.97 0.22
N ILE E 470 -18.24 56.84 0.48
CA ILE E 470 -17.20 57.17 -0.50
C ILE E 470 -16.78 55.92 -1.27
N ASN E 471 -17.54 54.84 -1.11
CA ASN E 471 -17.27 53.58 -1.82
C ASN E 471 -15.88 53.03 -1.47
N LEU E 472 -14.93 53.10 -2.42
CA LEU E 472 -13.69 52.31 -2.34
C LEU E 472 -13.13 52.22 -0.91
N PRO E 473 -12.75 53.37 -0.32
CA PRO E 473 -12.01 53.33 0.95
C PRO E 473 -12.90 52.95 2.14
N PRO E 474 -12.50 51.92 2.89
CA PRO E 474 -12.95 51.76 4.28
C PRO E 474 -12.04 52.49 5.26
N THR E 475 -10.73 52.48 4.99
CA THR E 475 -9.74 52.89 5.98
C THR E 475 -9.05 54.18 5.56
N ILE E 476 -8.74 54.29 4.26
CA ILE E 476 -7.87 55.36 3.76
C ILE E 476 -8.32 56.69 4.38
N LEU E 477 -9.61 56.78 4.70
CA LEU E 477 -10.16 57.93 5.41
C LEU E 477 -9.38 58.22 6.70
N SER E 478 -9.10 57.18 7.48
CA SER E 478 -8.29 57.33 8.70
C SER E 478 -6.96 58.00 8.38
N ARG E 479 -6.51 57.86 7.14
CA ARG E 479 -5.25 58.47 6.69
C ARG E 479 -5.45 59.92 6.23
N PHE E 480 -6.69 60.41 6.33
CA PHE E 480 -6.95 61.85 6.18
C PHE E 480 -7.01 62.52 7.55
N ASP E 481 -6.70 63.81 7.58
CA ASP E 481 -6.72 64.56 8.82
C ASP E 481 -8.05 65.29 9.00
N LEU E 482 -8.40 66.13 8.03
CA LEU E 482 -9.68 66.84 8.06
C LEU E 482 -10.54 66.44 6.86
N ILE E 483 -11.63 65.74 7.15
CA ILE E 483 -12.62 65.38 6.13
C ILE E 483 -13.89 66.17 6.35
N PHE E 484 -14.34 66.89 5.33
CA PHE E 484 -15.58 67.66 5.40
C PHE E 484 -16.62 67.13 4.44
N ILE E 485 -17.89 67.43 4.72
CA ILE E 485 -18.97 67.13 3.80
C ILE E 485 -19.53 68.42 3.23
N LEU E 486 -20.16 68.32 2.07
CA LEU E 486 -20.81 69.48 1.47
C LEU E 486 -22.30 69.49 1.82
N LYS E 487 -22.65 70.35 2.77
CA LYS E 487 -24.04 70.54 3.17
C LYS E 487 -24.91 70.75 1.93
N ASP E 488 -26.11 70.18 1.94
CA ASP E 488 -27.04 70.32 0.83
C ASP E 488 -27.58 71.75 0.75
N GLN E 489 -27.24 72.57 1.75
CA GLN E 489 -27.66 73.97 1.81
C GLN E 489 -29.18 74.13 1.90
N PRO E 490 -29.80 73.46 2.88
CA PRO E 490 -31.23 73.69 3.11
C PRO E 490 -31.49 75.03 3.80
N GLY E 491 -30.59 75.43 4.69
CA GLY E 491 -30.84 76.56 5.58
C GLY E 491 -30.01 77.79 5.26
N GLU E 492 -29.61 77.93 3.99
CA GLU E 492 -28.64 78.97 3.60
C GLU E 492 -29.07 80.35 4.12
N GLN E 493 -30.02 80.97 3.43
CA GLN E 493 -30.69 82.20 3.90
C GLN E 493 -29.78 83.47 3.91
N ASP E 494 -28.47 83.28 3.88
CA ASP E 494 -27.53 84.40 4.07
C ASP E 494 -27.10 85.01 2.73
N ARG E 495 -27.72 84.58 1.64
CA ARG E 495 -27.05 84.57 0.34
C ARG E 495 -27.21 85.87 -0.45
N GLU E 496 -27.81 86.89 0.16
CA GLU E 496 -28.04 88.15 -0.54
C GLU E 496 -26.70 88.82 -0.88
N LEU E 497 -26.06 89.39 0.13
CA LEU E 497 -24.76 90.01 -0.05
C LEU E 497 -23.75 88.93 -0.43
N ALA E 498 -23.87 87.77 0.23
CA ALA E 498 -22.92 86.67 0.06
C ALA E 498 -22.83 86.21 -1.40
N ASN E 499 -23.94 86.33 -2.13
CA ASN E 499 -23.96 85.93 -3.54
C ASN E 499 -23.68 87.11 -4.46
N TYR E 500 -24.40 88.20 -4.26
CA TYR E 500 -24.16 89.43 -4.99
C TYR E 500 -22.74 89.95 -4.79
N ILE E 501 -22.01 89.36 -3.82
CA ILE E 501 -20.63 89.79 -3.54
C ILE E 501 -19.98 90.23 -4.84
N LEU E 502 -19.73 89.28 -5.73
CA LEU E 502 -18.90 89.53 -6.90
C LEU E 502 -19.71 89.63 -8.20
N ASP E 503 -20.99 89.27 -8.17
CA ASP E 503 -21.77 89.30 -9.40
C ASP E 503 -21.97 90.74 -9.86
N VAL E 504 -21.77 91.70 -8.96
CA VAL E 504 -21.65 93.10 -9.34
C VAL E 504 -20.44 93.75 -8.65
N HIS E 505 -20.48 93.78 -7.32
CA HIS E 505 -19.48 94.52 -6.55
C HIS E 505 -18.13 93.86 -6.65
N SER E 506 -17.09 94.67 -6.78
CA SER E 506 -15.71 94.19 -6.64
C SER E 506 -15.39 93.93 -5.16
N GLY E 507 -15.85 94.82 -4.29
CA GLY E 507 -15.57 94.72 -2.86
C GLY E 507 -16.35 93.62 -2.18
N LYS E 508 -15.71 92.96 -1.21
CA LYS E 508 -16.37 91.95 -0.38
C LYS E 508 -16.07 92.22 1.09
N SER E 509 -14.79 92.15 1.46
CA SER E 509 -14.37 92.07 2.86
C SER E 509 -13.59 93.32 3.26
N THR E 510 -13.49 93.56 4.57
CA THR E 510 -12.85 94.77 5.10
C THR E 510 -11.49 95.03 4.45
N LYS E 511 -10.67 94.00 4.37
CA LYS E 511 -9.37 94.11 3.72
C LYS E 511 -9.55 94.43 2.24
N ASN E 512 -10.23 93.55 1.53
CA ASN E 512 -10.61 93.77 0.13
C ASN E 512 -9.44 93.75 -0.86
N ILE E 513 -8.21 93.78 -0.36
CA ILE E 513 -7.05 93.47 -1.20
C ILE E 513 -6.99 91.97 -1.42
N ILE E 514 -7.23 91.21 -0.35
CA ILE E 514 -7.42 89.76 -0.47
C ILE E 514 -6.13 89.12 -1.01
N ASP E 515 -5.02 89.85 -0.85
CA ASP E 515 -3.68 89.34 -1.20
C ASP E 515 -3.59 88.92 -2.66
N ILE E 516 -4.39 89.55 -3.51
CA ILE E 516 -4.42 89.22 -4.93
C ILE E 516 -4.66 87.72 -5.08
N ASP E 517 -3.98 87.10 -6.05
CA ASP E 517 -4.13 85.68 -6.32
C ASP E 517 -2.76 85.06 -6.39
N THR E 518 -1.93 85.60 -7.27
CA THR E 518 -0.51 85.26 -7.29
C THR E 518 0.16 85.65 -5.97
N LEU E 519 -0.04 86.90 -5.52
CA LEU E 519 0.67 87.37 -4.34
C LEU E 519 0.40 86.47 -3.14
N ARG E 520 -0.86 86.12 -2.92
CA ARG E 520 -1.20 85.21 -1.83
C ARG E 520 -0.34 83.94 -1.91
N LYS E 521 0.00 83.55 -3.14
CA LYS E 521 0.89 82.40 -3.34
C LYS E 521 2.35 82.78 -3.14
N TYR E 522 2.73 83.98 -3.57
CA TYR E 522 4.12 84.43 -3.45
C TYR E 522 4.56 84.51 -2.00
N ILE E 523 3.60 84.60 -1.08
CA ILE E 523 3.91 84.53 0.34
C ILE E 523 3.47 83.19 0.92
N ALA E 524 2.15 83.00 1.07
CA ALA E 524 1.62 82.01 1.99
C ALA E 524 2.24 80.64 1.75
N TYR E 525 2.36 80.27 0.48
CA TYR E 525 3.00 79.02 0.10
C TYR E 525 4.46 79.26 -0.23
N ALA E 526 4.71 80.08 -1.24
CA ALA E 526 6.07 80.29 -1.74
C ALA E 526 7.03 80.65 -0.60
N ARG E 527 6.48 81.16 0.50
CA ARG E 527 7.25 81.35 1.72
C ARG E 527 6.96 80.25 2.73
N LYS E 528 7.75 79.18 2.68
CA LYS E 528 8.11 78.42 3.87
C LYS E 528 9.61 78.56 4.10
N TYR E 529 10.00 79.69 4.69
CA TYR E 529 11.31 79.83 5.33
C TYR E 529 11.14 79.68 6.84
N VAL E 530 9.92 79.35 7.25
CA VAL E 530 9.55 79.35 8.65
C VAL E 530 9.56 77.91 9.18
N THR E 531 10.01 77.73 10.41
CA THR E 531 10.05 76.41 11.03
C THR E 531 9.65 76.52 12.50
N PRO E 532 8.34 76.67 12.76
CA PRO E 532 7.86 77.09 14.07
C PRO E 532 7.68 75.93 15.06
N LYS E 533 8.76 75.56 15.75
CA LYS E 533 8.64 74.60 16.86
C LYS E 533 7.92 75.27 18.04
N ILE E 534 6.79 74.70 18.44
CA ILE E 534 5.95 75.31 19.48
C ILE E 534 6.45 74.91 20.86
N THR E 535 6.18 75.75 21.86
CA THR E 535 6.73 75.53 23.19
C THR E 535 5.83 76.06 24.32
N SER E 536 6.25 75.81 25.56
CA SER E 536 5.65 76.42 26.76
C SER E 536 4.13 76.24 26.78
N GLU E 537 3.40 77.30 27.11
CA GLU E 537 1.99 77.18 27.49
C GLU E 537 1.20 76.38 26.44
N ALA E 538 1.57 76.54 25.16
CA ALA E 538 0.95 75.78 24.08
C ALA E 538 1.02 74.29 24.41
N LYS E 539 2.22 73.81 24.75
CA LYS E 539 2.44 72.42 25.10
C LYS E 539 1.42 71.91 26.13
N ASN E 540 1.01 72.78 27.04
CA ASN E 540 0.06 72.40 28.07
C ASN E 540 -1.39 72.45 27.59
N LEU E 541 -1.77 73.56 26.94
CA LEU E 541 -3.16 73.76 26.55
C LEU E 541 -3.65 72.64 25.64
N ILE E 542 -2.75 72.10 24.84
CA ILE E 542 -3.06 70.92 24.02
C ILE E 542 -3.23 69.69 24.89
N THR E 543 -2.40 69.56 25.92
CA THR E 543 -2.42 68.37 26.76
C THR E 543 -3.71 68.28 27.56
N ASP E 544 -4.05 69.36 28.26
CA ASP E 544 -5.30 69.40 29.02
C ASP E 544 -6.48 69.08 28.11
N PHE E 545 -6.33 69.39 26.83
CA PHE E 545 -7.31 69.00 25.82
C PHE E 545 -7.23 67.50 25.52
N PHE E 546 -6.01 66.96 25.52
CA PHE E 546 -5.80 65.53 25.26
C PHE E 546 -6.47 64.70 26.36
N VAL E 547 -6.12 65.00 27.61
CA VAL E 547 -6.64 64.24 28.75
C VAL E 547 -8.15 64.39 28.89
N GLU E 548 -8.67 65.59 28.62
CA GLU E 548 -10.11 65.84 28.76
C GLU E 548 -10.93 65.13 27.68
N MET E 549 -10.42 65.15 26.44
CA MET E 549 -11.08 64.45 25.34
C MET E 549 -11.05 62.95 25.56
N ARG E 550 -9.88 62.43 25.92
CA ARG E 550 -9.72 61.02 26.20
C ARG E 550 -10.65 60.60 27.33
N LYS E 551 -10.39 61.13 28.53
CA LYS E 551 -11.15 60.75 29.71
C LYS E 551 -12.64 60.96 29.52
N LYS E 552 -13.01 61.98 28.75
CA LYS E 552 -14.42 62.20 28.42
C LYS E 552 -15.01 60.94 27.79
N SER E 553 -14.26 60.30 26.92
CA SER E 553 -14.71 59.07 26.27
C SER E 553 -14.49 57.85 27.16
N SER E 554 -13.31 57.77 27.78
CA SER E 554 -12.91 56.55 28.50
C SER E 554 -13.59 56.44 29.87
N GLU E 555 -14.24 57.52 30.31
CA GLU E 555 -15.02 57.49 31.55
C GLU E 555 -16.26 56.61 31.41
N THR E 556 -16.79 56.51 30.20
CA THR E 556 -18.01 55.73 29.94
C THR E 556 -17.63 54.29 29.55
N PRO E 557 -18.02 53.31 30.40
CA PRO E 557 -17.63 51.91 30.11
C PRO E 557 -18.24 51.37 28.81
N ASP E 558 -19.19 52.10 28.23
CA ASP E 558 -19.86 51.66 26.99
C ASP E 558 -18.89 51.48 25.82
N SER E 559 -17.65 51.95 26.01
CA SER E 559 -16.65 51.90 24.94
C SER E 559 -17.13 52.68 23.70
N PRO E 560 -17.20 54.02 23.81
CA PRO E 560 -17.60 54.85 22.67
C PRO E 560 -16.44 55.05 21.69
N ILE E 561 -15.79 53.95 21.29
CA ILE E 561 -14.74 53.95 20.26
C ILE E 561 -13.50 54.81 20.63
N LEU E 562 -13.54 55.42 21.81
CA LEU E 562 -12.39 56.17 22.37
C LEU E 562 -12.25 57.59 21.82
N ILE E 563 -13.07 57.93 20.81
CA ILE E 563 -13.04 59.27 20.21
C ILE E 563 -11.74 59.45 19.38
N THR E 564 -10.91 58.42 19.39
CA THR E 564 -9.77 58.29 18.45
C THR E 564 -8.78 59.47 18.45
N PRO E 565 -8.34 59.91 19.64
CA PRO E 565 -7.29 60.93 19.58
C PRO E 565 -5.89 60.31 19.43
N ARG E 566 -5.76 59.03 19.77
CA ARG E 566 -4.45 58.48 20.14
C ARG E 566 -3.36 58.74 19.10
N GLN E 567 -3.63 58.39 17.84
CA GLN E 567 -2.74 58.74 16.74
C GLN E 567 -2.94 60.20 16.33
N LEU E 568 -4.16 60.70 16.52
CA LEU E 568 -4.53 62.02 16.04
C LEU E 568 -3.87 63.13 16.88
N GLU E 569 -3.65 62.87 18.18
CA GLU E 569 -2.93 63.83 19.04
C GLU E 569 -1.62 64.22 18.36
N ALA E 570 -1.09 63.33 17.52
CA ALA E 570 0.10 63.63 16.74
C ALA E 570 -0.18 64.73 15.71
N LEU E 571 -1.21 64.53 14.89
CA LEU E 571 -1.42 65.38 13.72
C LEU E 571 -2.27 66.64 14.00
N ILE E 572 -2.94 66.69 15.14
CA ILE E 572 -3.40 67.99 15.68
C ILE E 572 -2.19 68.85 16.02
N ARG E 573 -1.20 68.23 16.66
CA ARG E 573 -0.03 68.93 17.14
C ARG E 573 0.94 69.18 16.00
N ILE E 574 0.57 68.71 14.82
CA ILE E 574 1.12 69.19 13.55
C ILE E 574 0.29 70.37 13.07
N SER E 575 -1.01 70.16 12.96
CA SER E 575 -1.91 71.17 12.40
C SER E 575 -1.67 72.54 13.06
N GLU E 576 -2.04 72.67 14.34
CA GLU E 576 -1.89 73.96 15.04
C GLU E 576 -0.49 74.54 14.82
N ALA E 577 0.52 73.83 15.30
CA ALA E 577 1.89 74.32 15.30
C ALA E 577 2.26 74.83 13.92
N TYR E 578 1.83 74.09 12.90
CA TYR E 578 2.25 74.34 11.54
C TYR E 578 1.08 74.90 10.71
N ALA E 579 -0.04 75.15 11.38
CA ALA E 579 -1.13 75.95 10.81
C ALA E 579 -0.80 77.41 10.94
N LYS E 580 -0.24 77.77 12.08
CA LYS E 580 0.17 79.13 12.33
C LYS E 580 1.68 79.23 12.09
N MET E 581 2.18 78.33 11.25
CA MET E 581 3.37 78.58 10.43
C MET E 581 3.19 79.81 9.53
N ALA E 582 2.01 80.41 9.56
CA ALA E 582 1.71 81.53 8.66
C ALA E 582 2.40 82.81 9.13
N LEU E 583 3.62 83.02 8.61
CA LEU E 583 4.53 84.07 9.10
C LEU E 583 4.47 84.27 10.60
N LYS E 584 4.57 83.17 11.34
CA LYS E 584 4.85 83.22 12.77
C LYS E 584 6.11 82.42 13.05
N ALA E 585 7.17 83.11 13.42
CA ALA E 585 8.48 82.48 13.56
C ALA E 585 8.63 81.87 14.95
N GLU E 586 8.43 80.56 15.04
CA GLU E 586 8.60 79.82 16.29
C GLU E 586 7.54 80.16 17.35
N VAL E 587 6.76 81.22 17.12
CA VAL E 587 5.85 81.73 18.14
C VAL E 587 4.49 81.02 18.04
N THR E 588 4.08 80.38 19.13
CA THR E 588 2.80 79.66 19.16
C THR E 588 2.15 79.81 20.55
N ARG E 589 0.99 80.48 20.60
CA ARG E 589 0.22 80.59 21.84
C ARG E 589 -1.26 80.25 21.62
N GLU E 590 -2.01 81.17 21.02
CA GLU E 590 -3.46 81.01 20.88
C GLU E 590 -3.79 80.20 19.63
N ASP E 591 -2.78 79.96 18.81
CA ASP E 591 -2.90 79.06 17.67
C ASP E 591 -3.51 77.74 18.11
N ALA E 592 -3.03 77.23 19.24
CA ALA E 592 -3.59 76.03 19.83
C ALA E 592 -5.11 76.12 19.90
N GLU E 593 -5.62 77.22 20.46
CA GLU E 593 -7.06 77.41 20.62
C GLU E 593 -7.80 77.13 19.31
N ARG E 594 -7.29 77.66 18.20
CA ARG E 594 -7.91 77.46 16.90
C ARG E 594 -7.97 75.99 16.53
N ALA E 595 -6.84 75.30 16.64
CA ALA E 595 -6.77 73.88 16.26
C ALA E 595 -7.60 73.01 17.19
N ILE E 596 -7.32 73.09 18.50
CA ILE E 596 -8.07 72.28 19.46
C ILE E 596 -9.57 72.46 19.26
N ASN E 597 -9.98 73.67 18.90
CA ASN E 597 -11.38 73.94 18.59
C ASN E 597 -11.87 73.08 17.43
N ILE E 598 -11.24 73.22 16.26
CA ILE E 598 -11.70 72.52 15.06
C ILE E 598 -11.58 71.00 15.18
N MET E 599 -10.66 70.54 16.03
CA MET E 599 -10.50 69.10 16.25
C MET E 599 -11.54 68.56 17.22
N ARG E 600 -11.84 69.34 18.26
CA ARG E 600 -12.94 69.01 19.16
C ARG E 600 -14.25 69.08 18.39
N LEU E 601 -14.29 69.96 17.39
CA LEU E 601 -15.40 70.03 16.47
C LEU E 601 -15.41 68.78 15.60
N PHE E 602 -14.22 68.30 15.25
CA PHE E 602 -14.11 67.15 14.36
C PHE E 602 -14.41 65.84 15.07
N LEU E 603 -13.76 65.61 16.21
CA LEU E 603 -13.85 64.32 16.89
C LEU E 603 -15.30 63.95 17.17
N GLU E 604 -16.16 64.96 17.23
CA GLU E 604 -17.57 64.75 17.56
C GLU E 604 -18.45 65.21 16.41
ZN ZN F . 14.68 -21.71 -41.29
ZN ZN G . -16.93 -30.38 -49.70
ZN ZN H . 35.82 4.21 -36.58
ZN ZN I . -49.13 -20.47 -54.97
ZN ZN J . 41.19 37.67 -39.88
#